data_9MBA
#
_entry.id   9MBA
#
_cell.length_a   1.00
_cell.length_b   1.00
_cell.length_c   1.00
_cell.angle_alpha   90.00
_cell.angle_beta   90.00
_cell.angle_gamma   90.00
#
_symmetry.space_group_name_H-M   'P 1'
#
loop_
_entity.id
_entity.type
_entity.pdbx_description
1 polymer Beta-arrestin-1
2 polymer 'Metabotropic glutamate receptor 8'
3 polymer scFv
4 non-polymer 'GLUTAMIC ACID'
#
loop_
_entity_poly.entity_id
_entity_poly.type
_entity_poly.pdbx_seq_one_letter_code
_entity_poly.pdbx_strand_id
1 'polypeptide(L)'
;MGDKGTRVFKKASPNGKLTVYLGKRDFVDHIDLVDPVDGVVLVDPEYLKERRVYVTLTCAFRYGREDLDVLGLTFRKDLF
VANVQSFPPAPEDKKPLTRLQERLIKKLGEHAYPFTFEIPPNLPCSVTLQPGPEDTGKACGVDYEVKAFCAENLEEKIHK
RNSVRLVIEKVQYAPERPGPQPTAETTRQFLMSDKPLHLEASLDKEIYYHGEPISVNVHVTNNTNKTVKKIKISVRQYAD
ICLFNTAQYKCPVAMEEADDTVAPSSTFCKVYTLTPFLANNREKRGLALDGKLKHEDTNLASSTLLREGANREILGIIVS
YKVKVKLVVSRGGLLGDLASSDVAVELPFTLMHPKPKEEPPHREVPENETPVDTNL
;
B,C
2 'polypeptide(L)'
;MVCEGKRSASCPCFFLLTAKFYWILTMMQRTHSQEYAHSIRVDGDIILGGLFPVHAKGERGVPCGELKKEKGIHRLEAML
YAIDQINKDPDLLSNITLGVRILDTCSRDTYALEQSLTFVQALIEKDASDVKCANGDPPIFTKPDKISGVIGAAASSVSI
MVANILRLFKIPQISYASTAPELSDNTRYDFFSRVVPPDSYQAQAMVDIVTALGWNYVSTLASEGNYGESGVEAFTQISR
EIGGVSIAQSQKIPREPRPGEFEKIIKRLLETPNARAVIMFANEDDIRRILEAAKKLNQSGHFLWIGSDSWGSKIAPVYQ
QEEIAEGAVTILPKRASIDGFDRYFRSRTLANNRRNVWFAEFWEENFGCKLGSHGKRNSHIKKCTGLERIARDSSYEQEG
KVQFVIDAVYSMAYALHNMHKDLCPGYIGLCPRMSTIDGKELLGYIRAVNFNGSAGTPVTFNENGDAPGRYDIFQYQITN
KSTEYKVIGHWTNQLHLKVEDMQWAHREHTHPASVCSLPCKPGERKKTVKGVPCCWHCERCEGYNYQVDELSCELCPLDQ
RPNMNRTGCQLIPIIKLEWHSPWAVVPVFVAILGIIATTFVIVTFVRYNDTPIVRASGRELSYVLLTGIFLCYSITFLMI
AAPDTIICSFRRVFLGLGMCFSYAALLTKTNRIHRIFEQGKKSVTAPKFISPASQLVITFSLISVQLLGVFVWFVVDPPH
IIIDYGEQRTLDPEKARGVLKCDISDLSLICSLGYSILLMVTCTVYAIKTRGVPETFNEAKPIGFTMYTTCIIWLAFIPI
FFGTAQSAEKMYIQTTTLTVSMSLSASVSLGMLYMPKVYIIIFHPEQNVQKRKRSFKAVVTAATMQSKLIQKGNDRPNGE
VKSELCESLETN(TPO)S(SEP)(TPO)KTTYISYSNHSI
;
D,R
3 'polypeptide(L)'
;MGDIQMTQSPSSLSASVGDRVTITCRASQSVSSAVAWYQQKPGKAPKLLIYSASSLYSGVPSRFSGSRSGTDFTLTISSL
QPEDFATYYCQQYKYVPVTFGCGTKVEIGTTAASGSSGGSSSGAEVQLVESGGGLVQPGGSLRLSCAASGFNVYSSSIHW
VRQAPGKCLEWVASISSYYGYTYYADSVKGRFTISADTSKNTAYLQMNSLRAEDTAVYYCARSRQFWYSGLDYWGQGTLV
TVSS
;
S,T
#
# COMPACT_ATOMS: atom_id res chain seq x y z
N THR A 6 6.49 44.41 78.03
CA THR A 6 6.37 45.85 77.82
C THR A 6 6.87 46.25 76.43
N ARG A 7 6.55 45.41 75.45
CA ARG A 7 6.93 45.66 74.06
C ARG A 7 5.89 45.01 73.16
N VAL A 8 5.06 45.82 72.52
CA VAL A 8 4.01 45.33 71.65
C VAL A 8 4.30 45.79 70.22
N PHE A 9 3.58 45.21 69.27
CA PHE A 9 3.74 45.51 67.85
C PHE A 9 2.52 46.28 67.36
N LYS A 10 2.76 47.33 66.59
CA LYS A 10 1.69 48.15 66.06
C LYS A 10 1.85 48.32 64.56
N LYS A 11 0.72 48.49 63.88
CA LYS A 11 0.71 48.80 62.46
C LYS A 11 -0.45 49.73 62.14
N ALA A 12 -0.21 50.70 61.26
CA ALA A 12 -1.18 51.72 60.93
C ALA A 12 -1.60 51.59 59.47
N SER A 13 -2.82 52.05 59.18
CA SER A 13 -3.32 52.06 57.82
C SER A 13 -2.59 53.13 57.01
N PRO A 14 -2.62 53.02 55.67
CA PRO A 14 -1.93 54.02 54.85
C PRO A 14 -2.32 55.46 55.14
N ASN A 15 -3.59 55.72 55.43
CA ASN A 15 -3.98 57.05 55.88
C ASN A 15 -3.36 57.36 57.23
N GLY A 16 -3.37 56.40 58.15
CA GLY A 16 -2.94 56.61 59.51
C GLY A 16 -4.06 56.81 60.50
N LYS A 17 -5.32 56.73 60.06
CA LYS A 17 -6.45 56.93 60.95
C LYS A 17 -6.68 55.72 61.86
N LEU A 18 -6.47 54.52 61.34
CA LEU A 18 -6.75 53.28 62.05
C LEU A 18 -5.44 52.60 62.40
N THR A 19 -5.31 52.17 63.66
CA THR A 19 -4.10 51.50 64.12
C THR A 19 -4.45 50.21 64.84
N VAL A 20 -3.60 49.20 64.69
CA VAL A 20 -3.80 47.89 65.28
C VAL A 20 -2.59 47.56 66.15
N TYR A 21 -2.84 47.13 67.38
CA TYR A 21 -1.83 46.73 68.34
C TYR A 21 -2.02 45.27 68.72
N LEU A 22 -0.93 44.51 68.70
CA LEU A 22 -0.90 43.12 69.14
C LEU A 22 0.27 42.92 70.08
N GLY A 23 0.18 41.89 70.91
CA GLY A 23 1.21 41.62 71.89
C GLY A 23 2.26 40.63 71.44
N LYS A 24 1.89 39.73 70.53
CA LYS A 24 2.79 38.68 70.06
C LYS A 24 2.63 38.49 68.56
N ARG A 25 3.48 37.64 68.00
CA ARG A 25 3.32 37.16 66.63
C ARG A 25 3.23 35.64 66.54
N ASP A 26 3.56 34.92 67.60
CA ASP A 26 3.45 33.46 67.65
C ASP A 26 2.38 33.07 68.65
N PHE A 27 1.54 32.11 68.27
CA PHE A 27 0.46 31.62 69.12
C PHE A 27 0.56 30.11 69.19
N VAL A 28 0.83 29.58 70.37
CA VAL A 28 1.22 28.19 70.54
C VAL A 28 -0.01 27.29 70.57
N ASP A 29 0.10 26.14 69.93
CA ASP A 29 -0.95 25.13 69.91
C ASP A 29 -0.60 24.00 70.87
N HIS A 30 -1.51 23.71 71.78
CA HIS A 30 -1.32 22.66 72.77
C HIS A 30 -2.13 21.40 72.44
N ILE A 31 -2.66 21.31 71.22
CA ILE A 31 -3.53 20.24 70.74
C ILE A 31 -4.93 20.42 71.32
N ASP A 32 -5.03 20.66 72.62
CA ASP A 32 -6.29 21.02 73.26
C ASP A 32 -6.21 22.51 73.63
N LEU A 33 -7.02 23.33 72.95
CA LEU A 33 -7.07 24.77 73.13
C LEU A 33 -5.80 25.45 72.61
N VAL A 34 -5.95 26.65 72.07
CA VAL A 34 -4.84 27.42 71.51
C VAL A 34 -4.86 28.80 72.13
N ASP A 35 -3.70 29.45 72.16
CA ASP A 35 -3.60 30.78 72.73
C ASP A 35 -4.52 31.74 71.98
N PRO A 36 -5.39 32.47 72.68
CA PRO A 36 -6.27 33.42 72.00
C PRO A 36 -5.50 34.60 71.43
N VAL A 37 -6.01 35.13 70.33
CA VAL A 37 -5.40 36.28 69.66
C VAL A 37 -6.03 37.54 70.24
N ASP A 38 -5.29 38.26 71.07
CA ASP A 38 -5.75 39.50 71.68
C ASP A 38 -5.24 40.69 70.87
N GLY A 39 -6.01 41.77 70.88
CA GLY A 39 -5.52 42.96 70.19
C GLY A 39 -6.36 44.17 70.53
N VAL A 40 -5.82 45.33 70.19
CA VAL A 40 -6.48 46.61 70.43
C VAL A 40 -6.48 47.39 69.13
N VAL A 41 -7.56 48.13 68.86
CA VAL A 41 -7.66 48.96 67.67
C VAL A 41 -7.96 50.39 68.08
N LEU A 42 -7.25 51.33 67.47
CA LEU A 42 -7.40 52.75 67.73
C LEU A 42 -7.98 53.41 66.49
N VAL A 43 -9.09 54.12 66.67
CA VAL A 43 -9.89 54.63 65.56
C VAL A 43 -10.02 56.14 65.69
N ASP A 44 -10.57 56.75 64.64
CA ASP A 44 -10.82 58.20 64.59
C ASP A 44 -12.31 58.43 64.36
N PRO A 45 -13.09 58.72 65.41
CA PRO A 45 -14.53 58.93 65.21
C PRO A 45 -14.89 60.00 64.20
N GLU A 46 -14.09 61.06 64.08
CA GLU A 46 -14.41 62.10 63.11
C GLU A 46 -14.20 61.63 61.67
N TYR A 47 -13.24 60.74 61.45
CA TYR A 47 -12.97 60.26 60.10
C TYR A 47 -14.13 59.44 59.56
N LEU A 48 -14.79 58.67 60.42
CA LEU A 48 -15.90 57.81 60.02
C LEU A 48 -17.21 58.44 60.47
N LYS A 49 -18.07 58.77 59.51
CA LYS A 49 -19.34 59.43 59.84
C LYS A 49 -20.32 58.45 60.47
N GLU A 50 -20.68 57.40 59.74
CA GLU A 50 -21.59 56.37 60.25
C GLU A 50 -21.05 54.98 59.96
N ARG A 51 -19.77 54.85 59.65
CA ARG A 51 -19.17 53.56 59.36
C ARG A 51 -18.84 52.82 60.65
N ARG A 52 -18.56 51.54 60.52
CA ARG A 52 -18.18 50.68 61.63
C ARG A 52 -16.78 50.13 61.39
N VAL A 53 -16.17 49.63 62.46
CA VAL A 53 -14.83 49.03 62.39
C VAL A 53 -14.97 47.54 62.67
N TYR A 54 -14.61 46.74 61.68
CA TYR A 54 -14.67 45.29 61.77
C TYR A 54 -13.26 44.72 61.81
N VAL A 55 -13.10 43.61 62.53
CA VAL A 55 -11.85 42.85 62.52
C VAL A 55 -12.17 41.43 62.05
N THR A 56 -11.23 40.82 61.34
CA THR A 56 -11.41 39.47 60.86
C THR A 56 -10.11 38.69 61.00
N LEU A 57 -10.26 37.39 61.21
CA LEU A 57 -9.15 36.44 61.25
C LEU A 57 -9.39 35.38 60.18
N THR A 58 -8.37 35.11 59.37
CA THR A 58 -8.55 34.21 58.24
C THR A 58 -7.36 33.26 58.12
N CYS A 59 -7.66 31.99 57.92
CA CYS A 59 -6.67 30.97 57.60
C CYS A 59 -6.77 30.63 56.12
N ALA A 60 -5.63 30.62 55.44
CA ALA A 60 -5.59 30.43 54.00
C ALA A 60 -4.66 29.28 53.63
N PHE A 61 -5.07 28.49 52.66
CA PHE A 61 -4.29 27.39 52.09
C PHE A 61 -4.16 27.59 50.60
N ARG A 62 -2.94 27.53 50.09
CA ARG A 62 -2.66 27.69 48.66
C ARG A 62 -1.69 26.61 48.22
N TYR A 63 -1.94 26.02 47.06
CA TYR A 63 -1.06 24.97 46.58
C TYR A 63 -0.97 25.00 45.06
N GLY A 64 0.23 24.74 44.55
CA GLY A 64 0.46 24.57 43.13
C GLY A 64 1.72 23.77 42.92
N ARG A 65 1.81 23.13 41.76
CA ARG A 65 2.95 22.28 41.44
C ARG A 65 3.43 22.57 40.03
N GLU A 66 4.64 22.09 39.73
CA GLU A 66 5.28 22.37 38.44
C GLU A 66 4.49 21.76 37.29
N ASP A 67 4.01 20.53 37.43
CA ASP A 67 3.29 19.89 36.36
C ASP A 67 1.91 20.50 36.15
N LEU A 68 1.29 21.00 37.21
CA LEU A 68 -0.02 21.63 37.09
C LEU A 68 0.07 23.05 36.53
N ASP A 69 1.25 23.66 36.54
CA ASP A 69 1.40 25.00 35.99
C ASP A 69 1.29 24.99 34.47
N VAL A 70 1.79 23.94 33.82
CA VAL A 70 1.61 23.81 32.37
C VAL A 70 0.14 23.78 32.02
N LEU A 71 -0.65 23.03 32.78
CA LEU A 71 -2.09 22.94 32.55
C LEU A 71 -2.83 24.20 33.00
N GLY A 72 -2.23 24.97 33.91
CA GLY A 72 -2.86 26.18 34.39
C GLY A 72 -3.85 25.94 35.52
N LEU A 73 -3.42 25.23 36.56
CA LEU A 73 -4.27 24.87 37.68
C LEU A 73 -3.63 25.33 38.98
N THR A 74 -4.42 25.98 39.83
CA THR A 74 -4.02 26.31 41.19
C THR A 74 -5.18 26.00 42.11
N PHE A 75 -4.86 25.74 43.38
CA PHE A 75 -5.86 25.40 44.38
C PHE A 75 -5.81 26.40 45.52
N ARG A 76 -6.99 26.82 45.97
CA ARG A 76 -7.12 27.79 47.05
C ARG A 76 -8.36 27.48 47.87
N LYS A 77 -8.28 27.75 49.17
CA LYS A 77 -9.43 27.56 50.05
C LYS A 77 -9.19 28.33 51.34
N ASP A 78 -10.28 28.74 51.98
CA ASP A 78 -10.24 29.40 53.28
C ASP A 78 -10.75 28.40 54.32
N LEU A 79 -9.86 27.98 55.21
CA LEU A 79 -10.21 26.93 56.16
C LEU A 79 -10.99 27.46 57.35
N PHE A 80 -10.74 28.72 57.75
CA PHE A 80 -11.42 29.30 58.91
C PHE A 80 -11.48 30.80 58.75
N VAL A 81 -12.65 31.39 58.98
CA VAL A 81 -12.86 32.83 58.86
C VAL A 81 -13.74 33.28 60.02
N ALA A 82 -13.29 34.28 60.77
CA ALA A 82 -14.03 34.83 61.89
C ALA A 82 -14.09 36.34 61.79
N ASN A 83 -15.25 36.91 62.11
CA ASN A 83 -15.49 38.35 62.02
C ASN A 83 -16.06 38.86 63.34
N VAL A 84 -15.56 40.02 63.79
CA VAL A 84 -16.09 40.69 64.97
C VAL A 84 -16.27 42.17 64.65
N GLN A 85 -17.19 42.80 65.38
CA GLN A 85 -17.43 44.23 65.29
C GLN A 85 -16.80 44.91 66.49
N SER A 86 -15.94 45.89 66.25
CA SER A 86 -15.05 46.41 67.28
C SER A 86 -15.39 47.80 67.78
N PHE A 87 -15.60 48.77 66.87
CA PHE A 87 -15.74 50.16 67.34
C PHE A 87 -16.96 50.35 68.22
N PRO A 88 -18.18 49.95 67.85
CA PRO A 88 -19.28 49.98 68.80
C PRO A 88 -19.26 48.74 69.67
N PRO A 89 -18.94 48.88 70.98
CA PRO A 89 -18.85 47.72 71.85
C PRO A 89 -20.17 47.39 72.54
N PRO A 96 -14.91 40.19 78.96
CA PRO A 96 -13.69 39.93 79.72
C PRO A 96 -12.45 40.50 79.05
N LEU A 97 -11.82 41.47 79.68
CA LEU A 97 -10.64 42.13 79.16
C LEU A 97 -9.39 41.54 79.80
N THR A 98 -8.43 41.13 78.96
CA THR A 98 -7.15 40.65 79.47
C THR A 98 -6.32 41.82 79.98
N ARG A 99 -5.22 41.49 80.65
CA ARG A 99 -4.37 42.52 81.24
C ARG A 99 -3.76 43.43 80.17
N LEU A 100 -3.30 42.85 79.07
CA LEU A 100 -2.64 43.65 78.03
C LEU A 100 -3.61 44.62 77.38
N GLN A 101 -4.85 44.17 77.11
CA GLN A 101 -5.82 45.04 76.48
C GLN A 101 -6.19 46.21 77.39
N GLU A 102 -6.37 45.95 78.68
CA GLU A 102 -6.64 47.03 79.63
C GLU A 102 -5.46 47.99 79.74
N ARG A 103 -4.23 47.47 79.76
CA ARG A 103 -3.06 48.33 79.86
C ARG A 103 -2.90 49.19 78.61
N LEU A 104 -3.20 48.63 77.44
CA LEU A 104 -3.13 49.41 76.21
C LEU A 104 -4.21 50.47 76.16
N ILE A 105 -5.43 50.12 76.57
CA ILE A 105 -6.53 51.10 76.60
C ILE A 105 -6.21 52.22 77.59
N LYS A 106 -5.54 51.88 78.70
CA LYS A 106 -5.10 52.91 79.63
C LYS A 106 -4.04 53.79 79.01
N LYS A 107 -3.03 53.19 78.36
CA LYS A 107 -1.98 53.98 77.72
C LYS A 107 -2.54 54.81 76.57
N LEU A 108 -3.39 54.21 75.74
CA LEU A 108 -4.04 54.96 74.66
C LEU A 108 -5.23 55.73 75.23
N GLY A 109 -5.96 56.40 74.35
CA GLY A 109 -7.04 57.27 74.75
C GLY A 109 -8.37 56.55 74.89
N GLU A 110 -9.45 57.32 74.70
CA GLU A 110 -10.81 56.78 74.79
C GLU A 110 -11.21 56.05 73.52
N HIS A 111 -10.52 56.30 72.40
CA HIS A 111 -10.88 55.71 71.11
C HIS A 111 -10.21 54.36 70.89
N ALA A 112 -9.76 53.70 71.95
CA ALA A 112 -9.19 52.36 71.87
C ALA A 112 -10.26 51.34 72.22
N TYR A 113 -10.39 50.31 71.37
CA TYR A 113 -11.38 49.27 71.59
C TYR A 113 -10.76 47.90 71.31
N PRO A 114 -11.07 46.91 72.11
CA PRO A 114 -10.38 45.61 72.01
C PRO A 114 -11.08 44.64 71.07
N PHE A 115 -10.31 43.63 70.66
CA PHE A 115 -10.84 42.47 69.97
C PHE A 115 -10.09 41.22 70.42
N THR A 116 -10.77 40.09 70.39
CA THR A 116 -10.20 38.81 70.81
C THR A 116 -10.74 37.70 69.93
N PHE A 117 -9.86 36.80 69.53
CA PHE A 117 -10.18 35.68 68.66
C PHE A 117 -9.82 34.37 69.35
N GLU A 118 -10.64 33.35 69.14
CA GLU A 118 -10.40 32.01 69.65
C GLU A 118 -10.34 31.05 68.47
N ILE A 119 -9.14 30.53 68.20
CA ILE A 119 -8.92 29.62 67.08
C ILE A 119 -9.33 28.21 67.49
N PRO A 120 -10.23 27.57 66.77
CA PRO A 120 -10.64 26.22 67.15
C PRO A 120 -9.46 25.27 67.10
N PRO A 121 -9.42 24.29 68.00
CA PRO A 121 -8.31 23.32 67.98
C PRO A 121 -8.49 22.33 66.84
N ASN A 122 -7.41 21.58 66.59
CA ASN A 122 -7.30 20.62 65.49
C ASN A 122 -7.30 21.30 64.13
N LEU A 123 -6.87 22.59 64.06
CA LEU A 123 -6.64 23.36 62.85
C LEU A 123 -5.16 23.29 62.47
N PRO A 124 -4.84 23.44 61.19
CA PRO A 124 -3.44 23.27 60.76
C PRO A 124 -2.53 24.36 61.28
N CYS A 125 -1.25 24.05 61.30
CA CYS A 125 -0.20 25.00 61.71
C CYS A 125 0.14 25.89 60.52
N SER A 126 1.24 26.64 60.63
CA SER A 126 1.71 27.51 59.56
C SER A 126 2.89 26.84 58.86
N VAL A 127 2.75 26.61 57.56
CA VAL A 127 3.77 25.89 56.78
C VAL A 127 3.93 26.59 55.44
N THR A 128 5.18 26.74 54.99
CA THR A 128 5.46 27.29 53.68
C THR A 128 6.34 26.33 52.89
N LEU A 129 5.96 26.04 51.66
CA LEU A 129 6.74 25.17 50.79
C LEU A 129 7.80 25.99 50.07
N GLN A 130 9.00 25.43 49.96
CA GLN A 130 10.13 26.17 49.43
C GLN A 130 9.84 26.65 48.02
N PRO A 131 10.02 27.93 47.72
CA PRO A 131 9.76 28.43 46.37
C PRO A 131 10.91 28.10 45.42
N GLY A 132 10.65 28.32 44.14
CA GLY A 132 11.64 28.09 43.12
C GLY A 132 12.39 29.35 42.74
N PRO A 133 13.34 29.22 41.82
CA PRO A 133 14.10 30.42 41.39
C PRO A 133 13.23 31.51 40.79
N GLU A 134 12.19 31.14 40.04
CA GLU A 134 11.38 32.12 39.32
C GLU A 134 10.04 32.38 39.97
N ASP A 135 9.79 31.87 41.17
CA ASP A 135 8.56 32.18 41.87
C ASP A 135 8.59 33.64 42.32
N THR A 136 7.48 34.35 42.11
CA THR A 136 7.43 35.79 42.33
C THR A 136 6.53 36.19 43.49
N GLY A 137 5.30 35.71 43.52
CA GLY A 137 4.28 36.23 44.43
C GLY A 137 4.19 35.44 45.71
N LYS A 138 2.96 35.22 46.17
CA LYS A 138 2.73 34.53 47.43
C LYS A 138 3.16 33.07 47.33
N ALA A 139 3.73 32.56 48.41
CA ALA A 139 4.22 31.19 48.42
C ALA A 139 3.06 30.22 48.67
N CYS A 140 3.36 28.93 48.52
CA CYS A 140 2.41 27.88 48.76
C CYS A 140 2.51 27.40 50.21
N GLY A 141 1.38 26.99 50.76
CA GLY A 141 1.33 26.53 52.13
C GLY A 141 0.08 27.05 52.80
N VAL A 142 0.12 27.02 54.13
CA VAL A 142 -1.02 27.42 54.95
C VAL A 142 -0.56 28.47 55.97
N ASP A 143 -1.33 29.55 56.09
CA ASP A 143 -0.96 30.67 56.94
C ASP A 143 -2.21 31.33 57.53
N TYR A 144 -1.99 32.26 58.46
CA TYR A 144 -3.04 32.97 59.17
C TYR A 144 -2.78 34.47 59.11
N GLU A 145 -3.86 35.26 59.02
CA GLU A 145 -3.69 36.71 59.15
C GLU A 145 -4.91 37.36 59.78
N VAL A 146 -4.66 38.50 60.44
CA VAL A 146 -5.71 39.36 60.97
C VAL A 146 -5.81 40.59 60.07
N LYS A 147 -7.04 41.07 59.87
CA LYS A 147 -7.30 42.21 59.00
C LYS A 147 -8.38 43.08 59.63
N ALA A 148 -8.06 44.33 59.88
CA ALA A 148 -8.99 45.29 60.47
C ALA A 148 -9.34 46.36 59.45
N PHE A 149 -10.63 46.59 59.24
CA PHE A 149 -11.09 47.52 58.21
C PHE A 149 -12.27 48.33 58.72
N CYS A 150 -12.57 49.41 57.99
CA CYS A 150 -13.69 50.29 58.29
C CYS A 150 -14.66 50.27 57.12
N ALA A 151 -15.93 49.96 57.40
CA ALA A 151 -16.93 49.89 56.34
C ALA A 151 -18.31 50.13 56.93
N GLU A 152 -19.22 50.60 56.08
CA GLU A 152 -20.61 50.75 56.47
C GLU A 152 -21.25 49.40 56.76
N ASN A 153 -20.94 48.39 55.93
CA ASN A 153 -21.48 47.05 56.11
C ASN A 153 -20.37 46.04 55.88
N LEU A 154 -20.55 44.85 56.44
CA LEU A 154 -19.50 43.84 56.40
C LEU A 154 -19.36 43.21 55.02
N GLU A 155 -20.48 42.96 54.34
CA GLU A 155 -20.48 42.18 53.12
C GLU A 155 -20.16 42.98 51.86
N GLU A 156 -20.13 44.31 51.94
CA GLU A 156 -19.93 45.15 50.75
C GLU A 156 -18.59 45.89 50.86
N LYS A 157 -17.61 45.44 50.07
CA LYS A 157 -16.39 46.19 49.75
C LYS A 157 -15.43 46.32 50.92
N ILE A 158 -14.13 46.27 50.62
CA ILE A 158 -13.07 46.53 51.59
C ILE A 158 -12.01 47.37 50.88
N HIS A 159 -11.90 48.63 51.26
CA HIS A 159 -10.94 49.51 50.62
C HIS A 159 -9.53 49.22 51.11
N LYS A 160 -8.55 49.52 50.26
CA LYS A 160 -7.15 49.30 50.63
C LYS A 160 -6.68 50.33 51.64
N ARG A 161 -7.15 51.58 51.53
CA ARG A 161 -6.72 52.62 52.45
C ARG A 161 -7.20 52.36 53.86
N ASN A 162 -8.44 51.91 54.02
CA ASN A 162 -9.02 51.61 55.33
C ASN A 162 -8.89 50.12 55.64
N SER A 163 -7.65 49.65 55.77
CA SER A 163 -7.41 48.24 56.04
C SER A 163 -5.99 48.06 56.54
N VAL A 164 -5.85 47.24 57.58
CA VAL A 164 -4.54 46.88 58.13
C VAL A 164 -4.48 45.37 58.23
N ARG A 165 -3.40 44.78 57.73
CA ARG A 165 -3.21 43.33 57.70
C ARG A 165 -1.94 42.96 58.43
N LEU A 166 -2.02 41.94 59.29
CA LEU A 166 -0.87 41.42 60.02
C LEU A 166 -0.85 39.90 59.93
N VAL A 167 0.35 39.34 59.78
CA VAL A 167 0.55 37.90 59.69
C VAL A 167 0.90 37.37 61.07
N ILE A 168 0.27 36.27 61.47
CA ILE A 168 0.50 35.64 62.76
C ILE A 168 0.76 34.16 62.53
N GLU A 169 1.64 33.59 63.35
CA GLU A 169 2.05 32.19 63.21
C GLU A 169 1.45 31.35 64.33
N LYS A 170 0.78 30.27 63.96
CA LYS A 170 0.40 29.21 64.89
C LYS A 170 1.47 28.13 64.87
N VAL A 171 1.97 27.77 66.06
CA VAL A 171 3.15 26.92 66.16
C VAL A 171 2.95 25.85 67.23
N GLN A 172 3.80 24.82 67.17
CA GLN A 172 3.89 23.76 68.16
C GLN A 172 5.35 23.59 68.58
N TYR A 173 5.56 23.03 69.76
CA TYR A 173 6.90 22.86 70.31
C TYR A 173 7.07 21.44 70.84
N ALA A 174 8.32 21.09 71.12
CA ALA A 174 8.68 19.70 71.39
C ALA A 174 8.02 19.21 72.68
N PRO A 175 7.47 17.99 72.68
CA PRO A 175 6.92 17.44 73.92
C PRO A 175 7.99 17.27 74.99
N GLU A 176 7.59 17.48 76.24
CA GLU A 176 8.53 17.42 77.35
C GLU A 176 8.92 16.00 77.72
N ARG A 177 8.08 15.02 77.40
CA ARG A 177 8.34 13.64 77.79
C ARG A 177 8.85 12.84 76.60
N PRO A 178 10.04 12.25 76.69
CA PRO A 178 10.55 11.43 75.59
C PRO A 178 9.73 10.16 75.41
N GLY A 179 9.69 9.68 74.17
CA GLY A 179 9.00 8.46 73.86
C GLY A 179 9.92 7.25 73.85
N PRO A 180 9.43 6.12 73.35
CA PRO A 180 10.24 4.91 73.30
C PRO A 180 11.37 5.02 72.27
N GLN A 181 12.40 4.23 72.50
CA GLN A 181 13.53 4.18 71.57
C GLN A 181 13.10 3.59 70.24
N PRO A 182 13.40 4.23 69.11
CA PRO A 182 13.01 3.67 67.81
C PRO A 182 13.93 2.52 67.42
N THR A 183 13.32 1.39 67.04
CA THR A 183 14.06 0.20 66.64
C THR A 183 13.30 -0.50 65.53
N ALA A 184 14.06 -1.26 64.73
CA ALA A 184 13.48 -1.98 63.59
C ALA A 184 14.32 -3.22 63.31
N GLU A 185 13.65 -4.22 62.73
CA GLU A 185 14.25 -5.53 62.53
C GLU A 185 13.64 -6.17 61.30
N THR A 186 14.46 -6.87 60.51
CA THR A 186 13.98 -7.55 59.31
C THR A 186 14.77 -8.82 59.08
N THR A 187 14.12 -9.75 58.39
CA THR A 187 14.68 -11.05 58.05
C THR A 187 14.32 -11.37 56.61
N ARG A 188 15.32 -11.70 55.80
CA ARG A 188 15.12 -11.96 54.37
C ARG A 188 15.79 -13.27 54.01
N GLN A 189 14.99 -14.26 53.60
CA GLN A 189 15.49 -15.53 53.12
C GLN A 189 15.30 -15.62 51.62
N PHE A 190 16.34 -16.05 50.91
CA PHE A 190 16.36 -15.98 49.46
C PHE A 190 15.89 -17.30 48.86
N LEU A 191 15.77 -17.32 47.53
CA LEU A 191 15.12 -18.43 46.85
C LEU A 191 15.90 -19.73 46.98
N LYS A 195 18.49 -20.25 54.78
CA LYS A 195 19.29 -19.48 55.73
C LYS A 195 19.06 -17.99 55.49
N PRO A 196 18.68 -17.23 56.51
CA PRO A 196 18.27 -15.84 56.29
C PRO A 196 19.40 -14.83 56.48
N LEU A 197 19.10 -13.61 56.07
CA LEU A 197 19.91 -12.43 56.35
C LEU A 197 19.11 -11.56 57.31
N HIS A 198 19.69 -11.21 58.45
CA HIS A 198 18.96 -10.53 59.52
C HIS A 198 19.57 -9.16 59.78
N LEU A 199 18.75 -8.13 59.68
CA LEU A 199 19.17 -6.75 59.87
C LEU A 199 18.44 -6.15 61.07
N GLU A 200 19.18 -5.44 61.91
CA GLU A 200 18.62 -4.71 63.03
C GLU A 200 19.14 -3.28 63.00
N ALA A 201 18.26 -2.31 63.30
CA ALA A 201 18.65 -0.92 63.35
C ALA A 201 17.96 -0.24 64.51
N SER A 202 18.63 0.77 65.08
CA SER A 202 18.03 1.52 66.17
C SER A 202 18.59 2.93 66.21
N LEU A 203 17.84 3.83 66.85
CA LEU A 203 18.28 5.19 67.15
C LEU A 203 18.52 5.34 68.64
N ASP A 204 19.11 6.47 69.02
CA ASP A 204 19.43 6.71 70.45
C ASP A 204 18.21 7.32 71.15
N LYS A 205 17.45 8.16 70.47
CA LYS A 205 16.31 8.83 71.08
C LYS A 205 15.25 9.07 70.03
N GLU A 206 14.04 9.39 70.48
CA GLU A 206 12.90 9.57 69.58
C GLU A 206 12.74 11.01 69.11
N ILE A 207 12.88 11.98 70.01
CA ILE A 207 12.69 13.39 69.68
C ILE A 207 14.04 14.05 69.50
N TYR A 208 14.25 14.67 68.35
CA TYR A 208 15.47 15.38 68.03
C TYR A 208 15.18 16.86 67.84
N TYR A 209 16.20 17.68 68.07
CA TYR A 209 16.10 19.12 67.88
C TYR A 209 16.80 19.52 66.59
N HIS A 210 16.38 20.65 66.03
CA HIS A 210 16.95 21.11 64.77
C HIS A 210 18.44 21.39 64.93
N GLY A 211 19.23 20.85 64.01
CA GLY A 211 20.67 20.99 64.04
C GLY A 211 21.41 19.97 64.88
N GLU A 212 20.70 19.10 65.59
CA GLU A 212 21.38 18.10 66.41
C GLU A 212 21.59 16.82 65.60
N PRO A 213 22.70 16.12 65.82
CA PRO A 213 23.00 14.91 65.06
C PRO A 213 22.07 13.76 65.42
N ILE A 214 21.91 12.85 64.46
CA ILE A 214 21.13 11.63 64.60
C ILE A 214 22.09 10.46 64.47
N SER A 215 22.11 9.58 65.46
CA SER A 215 23.01 8.43 65.49
C SER A 215 22.19 7.16 65.32
N VAL A 216 22.53 6.37 64.31
CA VAL A 216 21.83 5.13 63.99
C VAL A 216 22.81 3.97 64.10
N ASN A 217 22.43 2.95 64.87
CA ASN A 217 23.24 1.77 65.09
C ASN A 217 22.66 0.61 64.30
N VAL A 218 23.51 -0.03 63.48
CA VAL A 218 23.10 -1.11 62.59
C VAL A 218 23.87 -2.37 62.96
N HIS A 219 23.17 -3.51 62.90
CA HIS A 219 23.75 -4.82 63.19
C HIS A 219 23.21 -5.82 62.18
N VAL A 220 24.10 -6.38 61.37
CA VAL A 220 23.74 -7.28 60.27
C VAL A 220 24.40 -8.63 60.52
N THR A 221 23.61 -9.70 60.46
CA THR A 221 24.15 -11.05 60.49
C THR A 221 23.75 -11.77 59.20
N ASN A 222 24.74 -12.39 58.54
CA ASN A 222 24.54 -12.98 57.22
C ASN A 222 24.91 -14.46 57.29
N ASN A 223 23.90 -15.31 57.46
CA ASN A 223 24.08 -16.74 57.40
C ASN A 223 24.10 -17.29 55.98
N THR A 224 23.76 -16.45 55.00
CA THR A 224 23.63 -16.88 53.62
C THR A 224 25.00 -17.07 52.99
N ASN A 225 25.02 -17.42 51.70
CA ASN A 225 26.22 -17.38 50.89
C ASN A 225 26.29 -16.11 50.06
N LYS A 226 25.54 -15.09 50.44
CA LYS A 226 25.48 -13.82 49.75
C LYS A 226 26.45 -12.83 50.37
N THR A 227 26.64 -11.69 49.70
CA THR A 227 27.56 -10.67 50.18
C THR A 227 26.92 -9.30 50.01
N VAL A 228 26.77 -8.58 51.11
CA VAL A 228 26.27 -7.21 51.08
C VAL A 228 27.39 -6.31 50.60
N LYS A 229 27.14 -5.55 49.53
CA LYS A 229 28.18 -4.68 48.98
C LYS A 229 28.16 -3.31 49.63
N LYS A 230 27.01 -2.64 49.66
CA LYS A 230 26.92 -1.27 50.13
C LYS A 230 25.79 -1.11 51.14
N ILE A 231 26.00 -0.18 52.07
CA ILE A 231 25.01 0.17 53.09
C ILE A 231 24.66 1.65 52.90
N LYS A 232 23.38 1.92 52.62
CA LYS A 232 22.91 3.27 52.38
C LYS A 232 21.95 3.70 53.50
N ILE A 233 22.26 4.82 54.14
CA ILE A 233 21.46 5.35 55.24
C ILE A 233 20.99 6.74 54.87
N SER A 234 19.72 7.03 55.12
CA SER A 234 19.18 8.32 54.70
C SER A 234 18.13 8.81 55.69
N VAL A 235 17.94 10.12 55.69
CA VAL A 235 16.88 10.79 56.44
C VAL A 235 15.96 11.44 55.43
N ARG A 236 14.66 11.13 55.53
CA ARG A 236 13.66 11.48 54.53
C ARG A 236 12.48 12.19 55.19
N GLN A 237 11.90 13.13 54.45
CA GLN A 237 10.76 13.93 54.88
C GLN A 237 9.53 13.59 54.05
N TYR A 238 8.38 13.49 54.70
CA TYR A 238 7.10 13.25 54.05
C TYR A 238 6.15 14.39 54.35
N ALA A 239 5.44 14.86 53.33
CA ALA A 239 4.48 15.94 53.49
C ALA A 239 3.16 15.55 52.85
N ASP A 240 2.08 15.66 53.61
CA ASP A 240 0.74 15.28 53.17
C ASP A 240 -0.07 16.54 52.92
N ILE A 241 -0.34 16.82 51.64
CA ILE A 241 -1.29 17.86 51.25
C ILE A 241 -2.64 17.18 51.13
N CYS A 242 -3.52 17.41 52.09
CA CYS A 242 -4.73 16.61 52.27
C CYS A 242 -5.97 17.50 52.30
N LEU A 243 -6.06 18.44 51.37
CA LEU A 243 -7.28 19.22 51.19
C LEU A 243 -7.97 18.91 49.88
N PHE A 244 -7.23 18.93 48.77
CA PHE A 244 -7.69 18.40 47.50
C PHE A 244 -7.06 17.03 47.28
N ASN A 245 -7.53 16.34 46.25
CA ASN A 245 -7.00 15.01 45.96
C ASN A 245 -5.60 15.16 45.38
N THR A 246 -4.60 15.12 46.24
CA THR A 246 -3.22 15.45 45.88
C THR A 246 -2.27 14.39 46.41
N ALA A 247 -1.24 14.08 45.64
CA ALA A 247 -0.26 13.10 46.04
C ALA A 247 0.61 13.63 47.19
N GLN A 248 1.19 12.70 47.94
CA GLN A 248 2.07 13.05 49.05
C GLN A 248 3.46 13.38 48.53
N TYR A 249 4.09 14.39 49.13
CA TYR A 249 5.45 14.77 48.79
C TYR A 249 6.44 14.07 49.70
N LYS A 250 7.42 13.40 49.10
CA LYS A 250 8.47 12.71 49.84
C LYS A 250 9.82 13.10 49.25
N CYS A 251 10.83 13.20 50.12
CA CYS A 251 12.12 13.72 49.67
C CYS A 251 13.21 13.35 50.66
N PRO A 252 14.39 12.97 50.20
CA PRO A 252 15.51 12.74 51.13
C PRO A 252 16.18 14.05 51.51
N VAL A 253 16.44 14.22 52.80
CA VAL A 253 17.12 15.41 53.30
C VAL A 253 18.50 15.11 53.88
N ALA A 254 18.87 13.85 54.03
CA ALA A 254 20.25 13.52 54.39
C ALA A 254 20.58 12.13 53.87
N MET A 255 21.86 11.93 53.52
CA MET A 255 22.27 10.68 52.92
C MET A 255 23.70 10.34 53.34
N GLU A 256 24.00 9.05 53.35
CA GLU A 256 25.37 8.55 53.55
C GLU A 256 25.44 7.14 52.98
N GLU A 257 26.33 6.93 52.02
CA GLU A 257 26.56 5.62 51.43
C GLU A 257 27.93 5.11 51.85
N ALA A 258 27.97 3.90 52.39
CA ALA A 258 29.20 3.31 52.89
C ALA A 258 29.49 2.01 52.16
N ASP A 259 30.76 1.82 51.78
CA ASP A 259 31.19 0.61 51.09
C ASP A 259 31.74 -0.37 52.12
N ASP A 260 30.82 -0.97 52.86
CA ASP A 260 31.14 -1.99 53.85
C ASP A 260 30.62 -3.33 53.35
N THR A 261 31.50 -4.32 53.32
CA THR A 261 31.16 -5.65 52.83
C THR A 261 30.94 -6.59 54.01
N VAL A 262 29.81 -7.29 54.00
CA VAL A 262 29.48 -8.28 55.02
C VAL A 262 29.62 -9.64 54.36
N ALA A 263 30.74 -10.31 54.62
CA ALA A 263 31.03 -11.58 53.98
C ALA A 263 30.08 -12.66 54.46
N PRO A 264 29.92 -13.74 53.69
CA PRO A 264 29.05 -14.84 54.12
C PRO A 264 29.54 -15.45 55.43
N SER A 265 28.59 -15.90 56.24
CA SER A 265 28.84 -16.52 57.54
C SER A 265 29.45 -15.55 58.55
N SER A 266 29.11 -14.26 58.46
CA SER A 266 29.72 -13.25 59.30
C SER A 266 28.68 -12.28 59.82
N THR A 267 29.02 -11.62 60.92
CA THR A 267 28.23 -10.56 61.51
C THR A 267 28.98 -9.24 61.40
N PHE A 268 28.27 -8.15 61.68
CA PHE A 268 28.80 -6.80 61.50
C PHE A 268 27.95 -5.85 62.33
N CYS A 269 28.60 -4.82 62.87
CA CYS A 269 27.92 -3.83 63.69
C CYS A 269 28.63 -2.49 63.55
N LYS A 270 27.86 -1.43 63.35
CA LYS A 270 28.46 -0.11 63.16
C LYS A 270 27.48 0.98 63.57
N VAL A 271 28.03 2.19 63.73
CA VAL A 271 27.28 3.37 64.11
C VAL A 271 27.51 4.44 63.05
N TYR A 272 26.43 5.09 62.63
CA TYR A 272 26.49 6.15 61.63
C TYR A 272 25.83 7.40 62.19
N THR A 273 26.28 8.56 61.71
CA THR A 273 25.78 9.84 62.20
C THR A 273 25.39 10.73 61.02
N LEU A 274 24.20 11.30 61.08
CA LEU A 274 23.68 12.15 60.02
C LEU A 274 23.10 13.42 60.62
N THR A 275 23.04 14.47 59.82
CA THR A 275 22.42 15.71 60.26
C THR A 275 21.75 16.43 59.10
N PRO A 276 20.42 16.50 59.07
CA PRO A 276 19.74 17.29 58.04
C PRO A 276 19.84 18.79 58.31
N PHE A 277 20.07 19.55 57.25
CA PHE A 277 20.10 21.00 57.33
C PHE A 277 19.81 21.57 55.96
N LEU A 278 19.62 22.89 55.91
CA LEU A 278 19.12 23.59 54.73
C LEU A 278 20.20 23.97 53.73
N ALA A 279 21.48 23.94 54.12
CA ALA A 279 22.53 24.46 53.25
C ALA A 279 22.62 23.66 51.95
N ASN A 280 22.54 22.34 52.03
CA ASN A 280 22.63 21.49 50.84
C ASN A 280 21.28 21.17 50.22
N ASN A 281 20.18 21.61 50.82
CA ASN A 281 18.84 21.28 50.36
C ASN A 281 18.09 22.49 49.81
N ARG A 282 18.82 23.50 49.33
CA ARG A 282 18.19 24.74 48.90
C ARG A 282 17.64 24.68 47.48
N GLU A 283 17.97 23.64 46.72
CA GLU A 283 17.48 23.53 45.35
C GLU A 283 16.20 22.71 45.25
N LYS A 284 15.74 22.11 46.34
CA LYS A 284 14.60 21.19 46.31
C LYS A 284 13.33 22.01 46.39
N ARG A 285 12.67 22.21 45.25
CA ARG A 285 11.45 23.00 45.19
C ARG A 285 10.28 22.18 45.71
N GLY A 286 9.54 22.75 46.66
CA GLY A 286 8.43 22.09 47.29
C GLY A 286 8.74 21.51 48.66
N LEU A 287 9.97 21.64 49.14
CA LEU A 287 10.31 21.14 50.46
C LEU A 287 9.67 22.01 51.53
N ALA A 288 9.03 21.36 52.50
CA ALA A 288 8.28 22.08 53.52
C ALA A 288 9.23 22.77 54.50
N LEU A 289 8.86 23.99 54.91
CA LEU A 289 9.61 24.78 55.86
C LEU A 289 8.65 25.46 56.82
N ASP A 290 9.20 25.90 57.95
CA ASP A 290 8.41 26.57 58.96
C ASP A 290 7.81 27.87 58.42
N GLY A 291 6.78 28.35 59.10
CA GLY A 291 6.05 29.49 58.60
C GLY A 291 6.92 30.73 58.52
N LYS A 292 6.63 31.58 57.53
CA LYS A 292 7.37 32.80 57.27
C LYS A 292 6.44 34.00 57.38
N LEU A 293 6.89 35.03 58.10
CA LEU A 293 6.22 36.32 58.01
C LEU A 293 6.59 37.06 56.73
N LYS A 294 7.77 36.78 56.19
CA LYS A 294 8.36 37.50 55.06
C LYS A 294 9.20 36.48 54.29
N HIS A 295 10.10 36.97 53.45
CA HIS A 295 10.98 36.11 52.68
C HIS A 295 12.25 35.72 53.42
N GLU A 296 12.24 35.78 54.75
CA GLU A 296 13.40 35.42 55.54
C GLU A 296 13.59 33.91 55.58
N ASP A 297 14.78 33.49 56.02
CA ASP A 297 15.11 32.07 56.09
C ASP A 297 14.46 31.42 57.31
N THR A 298 13.88 30.25 57.10
CA THR A 298 13.41 29.39 58.18
C THR A 298 13.97 28.00 57.96
N ASN A 299 14.10 27.24 59.03
CA ASN A 299 14.69 25.91 58.97
C ASN A 299 13.68 24.93 58.39
N LEU A 300 14.04 23.65 58.37
CA LEU A 300 13.12 22.63 57.91
C LEU A 300 11.89 22.57 58.81
N ALA A 301 10.78 22.13 58.24
CA ALA A 301 9.52 22.13 58.97
C ALA A 301 9.57 21.17 60.14
N SER A 302 8.80 21.49 61.18
CA SER A 302 8.71 20.66 62.36
C SER A 302 7.61 19.61 62.19
N SER A 303 7.75 18.52 62.93
CA SER A 303 6.76 17.46 62.89
C SER A 303 5.42 17.96 63.41
N THR A 304 4.35 17.33 62.94
CA THR A 304 2.99 17.67 63.36
C THR A 304 2.50 16.67 64.41
N LEU A 305 1.87 17.19 65.45
CA LEU A 305 1.26 16.38 66.50
C LEU A 305 -0.26 16.39 66.29
N LEU A 306 -0.84 15.20 66.10
CA LEU A 306 -2.24 15.09 65.72
C LEU A 306 -3.14 14.71 66.87
N ARG A 307 -2.81 13.65 67.61
CA ARG A 307 -3.61 13.17 68.73
C ARG A 307 -5.06 12.91 68.35
N ILE A 314 -4.99 18.38 61.15
CA ILE A 314 -5.36 17.94 59.81
C ILE A 314 -5.80 19.14 58.97
N LEU A 315 -6.44 18.84 57.83
CA LEU A 315 -6.97 19.80 56.86
C LEU A 315 -5.88 20.54 56.10
N GLY A 316 -4.60 20.29 56.38
CA GLY A 316 -3.53 20.95 55.66
C GLY A 316 -2.31 20.06 55.51
N ILE A 317 -1.14 20.66 55.33
CA ILE A 317 0.09 19.89 55.20
C ILE A 317 0.40 19.22 56.53
N ILE A 318 0.74 17.94 56.49
CA ILE A 318 1.16 17.18 57.66
C ILE A 318 2.57 16.66 57.39
N VAL A 319 3.50 16.96 58.29
CA VAL A 319 4.92 16.70 58.09
C VAL A 319 5.36 15.53 58.97
N SER A 320 6.15 14.63 58.39
CA SER A 320 6.69 13.48 59.10
C SER A 320 8.13 13.26 58.66
N TYR A 321 8.90 12.58 59.51
CA TYR A 321 10.31 12.34 59.26
C TYR A 321 10.67 10.91 59.60
N LYS A 322 11.46 10.27 58.72
CA LYS A 322 11.88 8.89 58.93
C LYS A 322 13.34 8.73 58.55
N VAL A 323 13.94 7.66 59.07
CA VAL A 323 15.28 7.22 58.71
C VAL A 323 15.14 5.88 57.99
N LYS A 324 15.96 5.68 56.97
CA LYS A 324 15.92 4.47 56.16
C LYS A 324 17.31 3.86 56.07
N VAL A 325 17.39 2.55 56.30
CA VAL A 325 18.63 1.80 56.19
C VAL A 325 18.45 0.72 55.14
N LYS A 326 19.37 0.66 54.18
CA LYS A 326 19.29 -0.27 53.06
C LYS A 326 20.61 -1.01 52.89
N LEU A 327 20.52 -2.31 52.62
CA LEU A 327 21.65 -3.15 52.29
C LEU A 327 21.50 -3.60 50.83
N VAL A 328 22.60 -3.51 50.08
CA VAL A 328 22.61 -3.89 48.67
C VAL A 328 23.37 -5.22 48.58
N VAL A 329 22.64 -6.32 48.48
CA VAL A 329 23.22 -7.65 48.38
C VAL A 329 22.86 -8.23 47.01
N SER A 330 23.87 -8.56 46.21
CA SER A 330 23.64 -8.94 44.83
C SER A 330 24.03 -10.38 44.52
N ARG A 331 25.30 -10.75 44.70
CA ARG A 331 25.83 -12.01 44.21
C ARG A 331 25.27 -12.40 42.84
N GLY A 332 24.87 -13.66 42.70
CA GLY A 332 24.31 -14.13 41.46
C GLY A 332 25.27 -14.97 40.63
N ALA A 339 22.28 -7.78 38.72
CA ALA A 339 21.12 -8.15 39.54
C ALA A 339 21.43 -8.00 41.02
N SER A 340 20.79 -7.03 41.66
CA SER A 340 21.04 -6.73 43.07
C SER A 340 19.71 -6.61 43.79
N SER A 341 19.63 -7.22 44.97
CA SER A 341 18.47 -7.11 45.85
C SER A 341 18.78 -6.17 47.01
N ASP A 342 17.72 -5.58 47.56
CA ASP A 342 17.84 -4.61 48.64
C ASP A 342 17.07 -5.09 49.85
N VAL A 343 17.67 -4.94 51.03
CA VAL A 343 17.01 -5.26 52.30
C VAL A 343 17.00 -3.99 53.15
N ALA A 344 15.82 -3.52 53.53
CA ALA A 344 15.70 -2.19 54.11
C ALA A 344 14.78 -2.19 55.32
N VAL A 345 15.04 -1.24 56.22
CA VAL A 345 14.19 -0.94 57.37
C VAL A 345 14.02 0.57 57.47
N GLU A 346 12.98 0.97 58.22
CA GLU A 346 12.67 2.38 58.45
C GLU A 346 12.40 2.61 59.93
N LEU A 347 12.70 3.82 60.38
CA LEU A 347 12.50 4.26 61.75
C LEU A 347 11.93 5.67 61.78
N PRO A 348 10.68 5.85 62.20
CA PRO A 348 10.13 7.20 62.31
C PRO A 348 10.76 7.96 63.47
N PHE A 349 10.72 9.30 63.38
CA PHE A 349 11.18 10.11 64.50
C PHE A 349 10.52 11.49 64.41
N THR A 350 10.78 12.30 65.43
CA THR A 350 10.18 13.62 65.58
C THR A 350 11.26 14.68 65.61
N LEU A 351 11.08 15.75 64.83
CA LEU A 351 12.03 16.86 64.75
C LEU A 351 11.28 18.13 65.12
N MET A 352 11.62 18.71 66.27
CA MET A 352 10.92 19.88 66.77
C MET A 352 11.90 20.79 67.49
N HIS A 353 11.43 21.99 67.83
CA HIS A 353 12.02 23.06 68.62
C HIS A 353 11.61 22.92 70.09
N PRO A 354 12.53 23.12 71.03
CA PRO A 354 12.11 23.26 72.42
C PRO A 354 11.42 24.60 72.64
N LYS A 355 10.60 24.66 73.67
CA LYS A 355 9.89 25.90 73.98
C LYS A 355 10.89 26.95 74.45
N PRO A 356 10.96 28.11 73.79
CA PRO A 356 11.94 29.13 74.17
C PRO A 356 11.43 30.03 75.29
N LYS A 357 12.38 30.67 75.97
CA LYS A 357 12.04 31.66 76.98
C LYS A 357 11.66 33.00 76.36
N GLU A 358 12.26 33.34 75.22
CA GLU A 358 11.95 34.56 74.49
C GLU A 358 11.33 34.20 73.14
N GLU A 359 10.37 34.99 72.71
CA GLU A 359 9.70 34.74 71.44
C GLU A 359 10.71 34.80 70.30
N PRO A 360 10.59 33.92 69.31
CA PRO A 360 11.53 33.96 68.19
C PRO A 360 11.45 35.29 67.46
N PRO A 361 12.58 35.76 66.90
CA PRO A 361 12.58 37.09 66.29
C PRO A 361 11.93 37.18 64.93
N HIS A 362 11.77 36.07 64.21
CA HIS A 362 11.27 36.06 62.84
C HIS A 362 12.12 36.95 61.93
N ARG A 363 13.43 36.90 62.15
CA ARG A 363 14.39 37.62 61.32
C ARG A 363 15.77 37.03 61.57
N GLU A 364 16.75 37.50 60.81
CA GLU A 364 18.14 37.15 61.04
C GLU A 364 18.69 38.11 62.09
N VAL A 365 19.01 37.59 63.26
CA VAL A 365 19.33 38.43 64.42
C VAL A 365 20.58 39.26 64.17
N PRO A 366 21.73 38.66 63.81
CA PRO A 366 22.83 39.57 63.52
C PRO A 366 22.90 39.92 62.05
N THR B 6 -2.89 83.24 38.33
CA THR B 6 -2.86 82.03 37.52
C THR B 6 -3.17 80.80 38.34
N ARG B 7 -3.29 79.65 37.68
CA ARG B 7 -3.58 78.39 38.33
C ARG B 7 -2.59 77.35 37.86
N VAL B 8 -1.96 76.65 38.81
CA VAL B 8 -0.97 75.63 38.50
C VAL B 8 -1.44 74.31 39.09
N PHE B 9 -0.96 73.22 38.50
CA PHE B 9 -1.32 71.88 38.93
C PHE B 9 -0.30 71.36 39.94
N LYS B 10 -0.79 70.53 40.86
CA LYS B 10 0.00 70.06 41.98
C LYS B 10 -0.29 68.58 42.22
N LYS B 11 0.71 67.88 42.76
CA LYS B 11 0.54 66.49 43.15
C LYS B 11 1.40 66.23 44.38
N ALA B 12 1.00 65.24 45.17
CA ALA B 12 1.69 64.91 46.41
C ALA B 12 2.05 63.43 46.42
N SER B 13 3.08 63.10 47.21
CA SER B 13 3.55 61.74 47.32
C SER B 13 2.58 60.90 48.15
N PRO B 14 2.52 59.59 47.90
CA PRO B 14 1.68 58.73 48.74
C PRO B 14 1.99 58.84 50.22
N ASN B 15 3.27 58.95 50.59
CA ASN B 15 3.62 59.22 51.97
C ASN B 15 3.41 60.67 52.36
N GLY B 16 3.26 61.56 51.38
CA GLY B 16 2.92 62.95 51.62
C GLY B 16 4.08 63.90 51.80
N LYS B 17 5.30 63.38 51.87
CA LYS B 17 6.45 64.24 52.18
C LYS B 17 7.00 64.94 50.95
N LEU B 18 6.59 64.55 49.75
CA LEU B 18 7.10 65.09 48.50
C LEU B 18 5.95 65.70 47.70
N THR B 19 6.21 66.86 47.08
CA THR B 19 5.18 67.55 46.31
C THR B 19 5.77 68.06 45.01
N VAL B 20 4.99 68.02 43.94
CA VAL B 20 5.42 68.49 42.62
C VAL B 20 4.41 69.50 42.08
N TYR B 21 4.92 70.60 41.54
CA TYR B 21 4.12 71.66 40.93
C TYR B 21 4.50 71.79 39.46
N LEU B 22 3.49 71.88 38.60
CA LEU B 22 3.67 72.16 37.19
C LEU B 22 2.71 73.25 36.74
N GLY B 23 3.06 73.90 35.63
CA GLY B 23 2.26 74.99 35.11
C GLY B 23 1.27 74.59 34.03
N LYS B 24 1.63 73.60 33.22
CA LYS B 24 0.81 73.17 32.10
C LYS B 24 0.71 71.65 32.08
N ARG B 25 -0.13 71.15 31.16
CA ARG B 25 -0.21 69.73 30.87
C ARG B 25 -0.10 69.39 29.39
N ASP B 26 -0.17 70.38 28.49
CA ASP B 26 0.03 70.17 27.08
C ASP B 26 1.18 71.06 26.61
N PHE B 27 2.07 70.48 25.80
CA PHE B 27 3.28 71.17 25.36
C PHE B 27 3.30 71.18 23.84
N VAL B 28 3.03 72.34 23.26
CA VAL B 28 2.91 72.46 21.80
C VAL B 28 4.27 72.26 21.16
N ASP B 29 4.27 71.61 20.00
CA ASP B 29 5.48 71.33 19.24
C ASP B 29 5.36 71.99 17.87
N HIS B 30 6.08 73.09 17.68
CA HIS B 30 6.12 73.77 16.40
C HIS B 30 7.30 73.23 15.59
N ILE B 31 7.60 73.88 14.46
CA ILE B 31 8.87 73.63 13.78
C ILE B 31 10.03 74.06 14.66
N ASP B 32 9.80 75.01 15.57
CA ASP B 32 10.80 75.47 16.52
C ASP B 32 10.85 74.51 17.70
N LEU B 33 11.55 74.90 18.75
CA LEU B 33 11.72 74.04 19.91
C LEU B 33 10.39 73.78 20.60
N VAL B 34 10.21 72.53 21.07
CA VAL B 34 9.04 72.20 21.88
C VAL B 34 9.06 73.04 23.14
N ASP B 35 7.87 73.41 23.60
CA ASP B 35 7.73 74.23 24.81
C ASP B 35 8.44 73.54 25.98
N PRO B 36 9.37 74.22 26.64
CA PRO B 36 10.15 73.55 27.70
C PRO B 36 9.27 73.20 28.90
N VAL B 37 9.53 72.03 29.48
CA VAL B 37 8.86 71.63 30.70
C VAL B 37 9.57 72.30 31.87
N ASP B 38 8.82 73.04 32.67
CA ASP B 38 9.38 73.72 33.83
C ASP B 38 8.47 73.50 35.04
N GLY B 39 9.07 73.17 36.18
CA GLY B 39 8.26 72.91 37.36
C GLY B 39 9.09 73.02 38.62
N VAL B 40 8.43 72.69 39.74
CA VAL B 40 9.02 72.86 41.06
C VAL B 40 8.82 71.58 41.86
N VAL B 41 9.83 71.21 42.66
CA VAL B 41 9.75 70.09 43.57
C VAL B 41 9.93 70.60 44.98
N LEU B 42 9.12 70.07 45.91
CA LEU B 42 9.10 70.54 47.30
C LEU B 42 9.27 69.35 48.22
N VAL B 43 10.36 69.35 48.98
CA VAL B 43 10.54 68.46 50.13
C VAL B 43 10.36 69.32 51.37
N ASP B 44 9.14 69.34 51.89
CA ASP B 44 8.85 70.19 53.05
C ASP B 44 9.64 69.78 54.29
N PRO B 45 9.65 68.52 54.72
CA PRO B 45 10.51 68.13 55.84
C PRO B 45 11.86 67.62 55.37
N GLU B 46 12.82 67.67 56.27
CA GLU B 46 14.15 67.10 56.00
C GLU B 46 14.24 65.66 56.48
N TYR B 47 13.30 64.82 56.04
CA TYR B 47 13.42 63.39 56.26
C TYR B 47 14.50 62.78 55.38
N LEU B 48 14.87 63.47 54.31
CA LEU B 48 15.91 63.06 53.40
C LEU B 48 17.25 63.53 53.98
N LYS B 49 17.93 62.61 54.69
CA LYS B 49 19.17 62.98 55.37
C LYS B 49 20.26 63.34 54.36
N GLU B 50 20.50 62.45 53.39
CA GLU B 50 21.36 62.74 52.27
C GLU B 50 20.76 62.36 50.93
N ARG B 51 19.80 61.44 50.89
CA ARG B 51 19.13 61.07 49.65
C ARG B 51 18.50 62.29 48.99
N ARG B 52 18.77 62.47 47.70
CA ARG B 52 18.26 63.62 46.96
C ARG B 52 17.07 63.22 46.09
N VAL B 53 16.44 64.23 45.50
CA VAL B 53 15.25 64.05 44.69
C VAL B 53 15.65 64.14 43.23
N TYR B 54 15.34 63.09 42.47
CA TYR B 54 15.67 62.99 41.05
C TYR B 54 14.39 63.16 40.24
N VAL B 55 14.50 63.91 39.13
CA VAL B 55 13.37 64.17 38.25
C VAL B 55 13.69 63.60 36.87
N THR B 56 12.81 62.75 36.37
CA THR B 56 13.01 62.07 35.10
C THR B 56 11.85 62.35 34.15
N LEU B 57 12.19 62.61 32.89
CA LEU B 57 11.23 62.74 31.82
C LEU B 57 11.40 61.55 30.88
N THR B 58 10.32 60.82 30.64
CA THR B 58 10.38 59.60 29.85
C THR B 58 9.31 59.62 28.75
N CYS B 59 9.64 58.98 27.64
CA CYS B 59 8.72 58.75 26.53
C CYS B 59 8.67 57.25 26.26
N ALA B 60 7.47 56.71 26.13
CA ALA B 60 7.27 55.28 26.01
C ALA B 60 6.41 54.95 24.81
N PHE B 61 6.79 53.91 24.09
CA PHE B 61 6.05 53.37 22.96
C PHE B 61 5.66 51.94 23.28
N ARG B 62 4.37 51.63 23.16
CA ARG B 62 3.83 50.33 23.53
C ARG B 62 2.89 49.85 22.43
N TYR B 63 3.06 48.60 22.01
CA TYR B 63 2.24 48.06 20.93
C TYR B 63 1.91 46.60 21.22
N GLY B 64 0.76 46.18 20.75
CA GLY B 64 0.31 44.81 20.87
C GLY B 64 -0.93 44.56 20.05
N ARG B 65 -1.02 43.39 19.40
CA ARG B 65 -2.11 43.07 18.50
C ARG B 65 -2.64 41.69 18.86
N GLU B 66 -3.87 41.41 18.41
CA GLU B 66 -4.57 40.21 18.85
C GLU B 66 -3.80 38.95 18.48
N ASP B 67 -3.32 38.86 17.23
CA ASP B 67 -2.52 37.71 16.84
C ASP B 67 -1.25 37.61 17.66
N LEU B 68 -0.55 38.72 17.84
CA LEU B 68 0.65 38.71 18.65
C LEU B 68 0.34 38.42 20.10
N ASP B 69 -0.88 38.73 20.54
CA ASP B 69 -1.29 38.39 21.90
C ASP B 69 -1.52 36.89 22.06
N VAL B 70 -2.17 36.26 21.08
CA VAL B 70 -2.41 34.82 21.19
C VAL B 70 -1.10 34.05 21.06
N LEU B 71 -0.19 34.51 20.20
CA LEU B 71 1.16 33.95 20.22
C LEU B 71 1.89 34.31 21.51
N GLY B 72 1.75 35.54 21.97
CA GLY B 72 2.37 35.96 23.21
C GLY B 72 3.47 36.99 23.04
N LEU B 73 3.39 37.80 21.99
CA LEU B 73 4.42 38.77 21.66
C LEU B 73 3.89 40.19 21.85
N THR B 74 4.60 40.98 22.65
CA THR B 74 4.29 42.39 22.85
C THR B 74 5.57 43.21 22.66
N PHE B 75 5.40 44.45 22.23
CA PHE B 75 6.51 45.34 21.93
C PHE B 75 6.47 46.54 22.85
N ARG B 76 7.55 46.75 23.60
CA ARG B 76 7.71 47.89 24.50
C ARG B 76 9.08 48.52 24.27
N LYS B 77 9.11 49.85 24.24
CA LYS B 77 10.35 50.57 23.98
C LYS B 77 10.32 51.92 24.67
N ASP B 78 11.50 52.44 25.02
CA ASP B 78 11.66 53.72 25.68
C ASP B 78 12.48 54.63 24.77
N LEU B 79 11.81 55.56 24.09
CA LEU B 79 12.48 56.40 23.10
C LEU B 79 13.38 57.45 23.76
N PHE B 80 12.88 58.13 24.79
CA PHE B 80 13.55 59.28 25.37
C PHE B 80 13.56 59.15 26.89
N VAL B 81 14.74 59.26 27.49
CA VAL B 81 14.88 59.24 28.95
C VAL B 81 15.87 60.34 29.36
N ALA B 82 15.43 61.22 30.27
CA ALA B 82 16.28 62.28 30.80
C ALA B 82 16.13 62.33 32.31
N ASN B 83 17.24 62.57 33.02
CA ASN B 83 17.24 62.66 34.47
C ASN B 83 17.98 63.91 34.92
N VAL B 84 17.51 64.48 36.03
CA VAL B 84 18.06 65.72 36.58
C VAL B 84 18.11 65.62 38.10
N GLN B 85 19.22 66.09 38.67
CA GLN B 85 19.41 66.21 40.12
C GLN B 85 19.03 67.62 40.57
N SER B 86 17.72 67.85 40.73
CA SER B 86 17.25 69.19 41.05
C SER B 86 17.64 69.64 42.46
N PHE B 87 17.53 68.72 43.45
CA PHE B 87 17.56 69.09 44.87
C PHE B 87 18.82 69.90 45.20
N PRO B 88 20.03 69.48 44.75
CA PRO B 88 21.25 70.29 44.81
C PRO B 88 21.05 71.81 44.74
N PRO B 96 19.02 79.57 33.76
CA PRO B 96 18.13 80.69 34.05
C PRO B 96 16.73 80.24 34.45
N LEU B 97 16.06 81.01 35.29
CA LEU B 97 14.72 80.69 35.77
C LEU B 97 13.69 81.53 35.04
N THR B 98 12.61 80.89 34.59
CA THR B 98 11.50 81.61 34.00
C THR B 98 10.68 82.32 35.08
N ARG B 99 9.77 83.19 34.64
CA ARG B 99 8.96 83.96 35.57
C ARG B 99 8.11 83.04 36.45
N LEU B 100 7.51 82.01 35.85
CA LEU B 100 6.65 81.11 36.61
C LEU B 100 7.43 80.39 37.70
N GLN B 101 8.64 79.93 37.38
CA GLN B 101 9.45 79.25 38.38
C GLN B 101 9.81 80.17 39.54
N GLU B 102 10.15 81.43 39.23
CA GLU B 102 10.49 82.38 40.30
C GLU B 102 9.28 82.69 41.16
N ARG B 103 8.10 82.85 40.55
CA ARG B 103 6.89 83.10 41.34
C ARG B 103 6.54 81.90 42.21
N LEU B 104 6.72 80.69 41.67
CA LEU B 104 6.47 79.48 42.45
C LEU B 104 7.43 79.39 43.63
N ILE B 105 8.71 79.69 43.40
CA ILE B 105 9.69 79.65 44.49
C ILE B 105 9.34 80.70 45.55
N LYS B 106 8.97 81.90 45.12
CA LYS B 106 8.63 82.96 46.07
C LYS B 106 7.40 82.59 46.89
N LYS B 107 6.39 82.00 46.26
CA LYS B 107 5.19 81.59 46.99
C LYS B 107 5.49 80.43 47.93
N LEU B 108 6.29 79.46 47.49
CA LEU B 108 6.54 78.27 48.29
C LEU B 108 7.56 78.53 49.38
N GLY B 109 8.78 78.93 49.01
CA GLY B 109 9.80 79.22 49.98
C GLY B 109 11.15 78.62 49.68
N GLU B 110 11.93 78.33 50.73
CA GLU B 110 13.29 77.83 50.53
C GLU B 110 13.31 76.39 50.03
N HIS B 111 12.33 75.58 50.43
CA HIS B 111 12.34 74.16 50.07
C HIS B 111 12.12 73.96 48.57
N ALA B 112 11.36 74.84 47.94
CA ALA B 112 11.09 74.74 46.51
C ALA B 112 12.39 74.74 45.70
N TYR B 113 12.52 73.76 44.80
CA TYR B 113 13.65 73.70 43.89
C TYR B 113 13.16 73.49 42.46
N PRO B 114 13.72 74.22 41.49
CA PRO B 114 13.20 74.14 40.12
C PRO B 114 13.83 73.02 39.30
N PHE B 115 13.02 72.47 38.40
CA PHE B 115 13.49 71.50 37.42
C PHE B 115 13.01 71.91 36.03
N THR B 116 13.80 71.57 35.03
CA THR B 116 13.51 71.96 33.65
C THR B 116 13.98 70.86 32.70
N PHE B 117 13.17 70.63 31.66
CA PHE B 117 13.46 69.68 30.60
C PHE B 117 13.21 70.35 29.26
N GLU B 118 14.03 70.00 28.27
CA GLU B 118 13.89 70.52 26.91
C GLU B 118 13.67 69.35 25.95
N ILE B 119 12.44 69.23 25.45
CA ILE B 119 12.11 68.15 24.53
C ILE B 119 12.69 68.48 23.16
N PRO B 120 13.57 67.65 22.61
CA PRO B 120 14.11 67.92 21.28
C PRO B 120 13.04 67.74 20.23
N PRO B 121 13.17 68.42 19.09
CA PRO B 121 12.19 68.22 18.00
C PRO B 121 12.31 66.85 17.37
N ASN B 122 11.42 66.54 16.43
CA ASN B 122 11.40 65.26 15.71
C ASN B 122 11.23 64.09 16.69
N LEU B 123 10.21 64.19 17.54
CA LEU B 123 9.82 63.12 18.44
C LEU B 123 8.33 62.87 18.31
N PRO B 124 7.87 61.65 18.58
CA PRO B 124 6.46 61.33 18.39
C PRO B 124 5.57 62.08 19.38
N CYS B 125 4.34 62.34 18.94
CA CYS B 125 3.33 62.95 19.79
C CYS B 125 2.59 61.88 20.59
N SER B 126 1.77 62.33 21.53
CA SER B 126 1.00 61.42 22.37
C SER B 126 -0.17 60.86 21.59
N VAL B 127 -0.19 59.54 21.40
CA VAL B 127 -1.23 58.85 20.65
C VAL B 127 -1.63 57.60 21.41
N THR B 128 -2.92 57.27 21.42
CA THR B 128 -3.39 56.06 22.06
C THR B 128 -4.31 55.30 21.13
N LEU B 129 -4.16 53.97 21.12
CA LEU B 129 -4.98 53.10 20.28
C LEU B 129 -6.15 52.59 21.10
N GLN B 130 -7.35 52.62 20.51
CA GLN B 130 -8.59 52.33 21.20
C GLN B 130 -8.63 50.90 21.74
N PRO B 131 -8.57 50.73 23.06
CA PRO B 131 -8.64 49.37 23.62
C PRO B 131 -10.02 48.77 23.45
N GLY B 132 -10.06 47.44 23.41
CA GLY B 132 -11.31 46.72 23.32
C GLY B 132 -11.90 46.47 24.69
N PRO B 133 -12.88 45.57 24.76
CA PRO B 133 -13.47 45.26 26.08
C PRO B 133 -12.60 44.35 26.93
N GLU B 134 -11.82 43.46 26.30
CA GLU B 134 -11.08 42.46 27.05
C GLU B 134 -9.91 43.09 27.82
N ASP B 135 -9.14 43.96 27.18
CA ASP B 135 -7.98 44.55 27.85
C ASP B 135 -8.42 45.62 28.84
N THR B 136 -7.95 45.49 30.08
CA THR B 136 -8.27 46.44 31.14
C THR B 136 -7.00 46.98 31.79
N GLY B 137 -5.90 47.01 31.04
CA GLY B 137 -4.65 47.51 31.57
C GLY B 137 -4.20 48.80 30.93
N LYS B 138 -2.90 48.97 30.76
CA LYS B 138 -2.37 50.18 30.13
C LYS B 138 -2.69 50.18 28.64
N ALA B 139 -2.96 51.37 28.11
CA ALA B 139 -3.27 51.52 26.69
C ALA B 139 -2.00 51.49 25.86
N CYS B 140 -2.15 51.19 24.58
CA CYS B 140 -1.04 51.15 23.65
C CYS B 140 -0.91 52.48 22.93
N GLY B 141 0.31 52.85 22.60
CA GLY B 141 0.57 54.08 21.89
C GLY B 141 1.88 54.70 22.36
N VAL B 142 1.98 56.01 22.16
CA VAL B 142 3.14 56.79 22.55
C VAL B 142 2.70 57.79 23.61
N ASP B 143 3.40 57.81 24.74
CA ASP B 143 3.02 58.66 25.87
C ASP B 143 4.25 59.18 26.58
N TYR B 144 4.07 60.29 27.29
CA TYR B 144 5.13 60.93 28.04
C TYR B 144 4.81 60.90 29.53
N GLU B 145 5.85 61.04 30.35
CA GLU B 145 5.67 61.00 31.79
C GLU B 145 6.78 61.76 32.49
N VAL B 146 6.44 62.37 33.61
CA VAL B 146 7.38 63.07 34.49
C VAL B 146 7.31 62.41 35.85
N LYS B 147 8.42 61.83 36.30
CA LYS B 147 8.48 61.06 37.53
C LYS B 147 9.52 61.64 38.47
N ALA B 148 9.11 61.97 39.69
CA ALA B 148 10.01 62.51 40.70
C ALA B 148 10.12 61.53 41.85
N PHE B 149 11.34 61.12 42.18
CA PHE B 149 11.53 60.09 43.19
C PHE B 149 12.67 60.46 44.13
N CYS B 150 12.55 60.01 45.38
CA CYS B 150 13.53 60.28 46.43
C CYS B 150 14.53 59.14 46.49
N ALA B 151 15.54 59.22 45.62
CA ALA B 151 16.62 58.24 45.58
C ALA B 151 17.95 58.96 45.48
N GLU B 152 18.91 58.54 46.31
CA GLU B 152 20.21 59.22 46.32
C GLU B 152 21.04 58.88 45.09
N LYS B 157 16.74 51.99 42.89
CA LYS B 157 15.37 51.50 42.85
C LYS B 157 14.38 52.64 43.14
N ILE B 158 13.19 52.55 42.57
CA ILE B 158 12.16 53.57 42.72
C ILE B 158 11.06 53.00 43.60
N HIS B 159 10.71 53.72 44.66
CA HIS B 159 9.70 53.27 45.62
C HIS B 159 8.39 53.99 45.36
N LYS B 160 7.29 53.24 45.42
CA LYS B 160 5.98 53.83 45.18
C LYS B 160 5.63 54.88 46.22
N ARG B 161 6.18 54.75 47.44
CA ARG B 161 5.93 55.75 48.47
C ARG B 161 6.51 57.10 48.06
N ASN B 162 7.79 57.13 47.70
CA ASN B 162 8.48 58.38 47.47
C ASN B 162 8.10 59.02 46.14
N SER B 163 7.93 58.21 45.10
CA SER B 163 7.83 58.73 43.74
C SER B 163 6.44 59.25 43.44
N VAL B 164 6.37 60.20 42.50
CA VAL B 164 5.13 60.72 41.96
C VAL B 164 5.24 60.78 40.45
N ARG B 165 4.16 60.43 39.77
CA ARG B 165 4.09 60.40 38.32
C ARG B 165 3.03 61.38 37.83
N LEU B 166 3.40 62.24 36.89
CA LEU B 166 2.49 63.17 36.25
C LEU B 166 2.57 62.98 34.75
N VAL B 167 1.42 62.77 34.11
CA VAL B 167 1.36 62.48 32.69
C VAL B 167 1.20 63.79 31.93
N ILE B 168 2.16 64.08 31.05
CA ILE B 168 2.11 65.23 30.18
C ILE B 168 1.85 64.76 28.76
N GLU B 169 1.51 65.70 27.87
CA GLU B 169 1.14 65.37 26.50
C GLU B 169 1.70 66.41 25.55
N LYS B 170 2.58 65.99 24.65
CA LYS B 170 3.04 66.87 23.58
C LYS B 170 2.07 66.79 22.42
N VAL B 171 1.58 67.96 21.99
CA VAL B 171 0.54 68.03 20.96
C VAL B 171 0.94 69.07 19.91
N GLN B 172 0.31 68.96 18.75
CA GLN B 172 0.43 69.92 17.68
C GLN B 172 -0.95 70.45 17.31
N TYR B 173 -0.97 71.62 16.68
CA TYR B 173 -2.23 72.28 16.34
C TYR B 173 -2.20 72.70 14.87
N ALA B 174 -3.39 72.99 14.35
CA ALA B 174 -3.54 73.24 12.93
C ALA B 174 -2.71 74.47 12.51
N PRO B 175 -2.02 74.39 11.38
CA PRO B 175 -1.27 75.57 10.91
C PRO B 175 -2.20 76.73 10.58
N GLU B 176 -1.66 77.94 10.73
CA GLU B 176 -2.48 79.13 10.54
C GLU B 176 -2.93 79.29 9.09
N ARG B 177 -2.07 78.94 8.14
CA ARG B 177 -2.36 79.14 6.72
C ARG B 177 -2.58 77.81 6.05
N PRO B 178 -3.71 77.59 5.39
CA PRO B 178 -3.96 76.32 4.70
C PRO B 178 -3.22 76.26 3.36
N GLY B 179 -3.15 75.04 2.82
CA GLY B 179 -2.46 74.80 1.58
C GLY B 179 -3.40 74.78 0.39
N PRO B 180 -2.94 74.20 -0.72
CA PRO B 180 -3.75 74.19 -1.94
C PRO B 180 -4.94 73.27 -1.83
N GLN B 181 -5.84 73.40 -2.80
CA GLN B 181 -7.05 72.59 -2.84
C GLN B 181 -6.72 71.17 -3.31
N PRO B 182 -7.09 70.14 -2.54
CA PRO B 182 -6.82 68.76 -2.96
C PRO B 182 -7.76 68.33 -4.07
N THR B 183 -7.20 68.06 -5.24
CA THR B 183 -7.95 67.64 -6.41
C THR B 183 -7.19 66.53 -7.13
N ALA B 184 -7.91 65.55 -7.66
CA ALA B 184 -7.26 64.44 -8.35
C ALA B 184 -8.22 63.84 -9.37
N GLU B 185 -7.63 63.26 -10.42
CA GLU B 185 -8.42 62.72 -11.53
C GLU B 185 -7.70 61.53 -12.13
N THR B 186 -8.46 60.70 -12.85
CA THR B 186 -7.93 59.55 -13.56
C THR B 186 -8.73 59.29 -14.82
N THR B 187 -8.11 58.59 -15.76
CA THR B 187 -8.73 58.19 -17.01
C THR B 187 -8.43 56.72 -17.25
N ARG B 188 -9.39 56.01 -17.85
CA ARG B 188 -9.21 54.58 -18.08
C ARG B 188 -9.84 54.19 -19.41
N GLN B 189 -9.08 53.51 -20.25
CA GLN B 189 -9.54 53.04 -21.55
C GLN B 189 -9.88 51.56 -21.50
N PHE B 190 -10.90 51.17 -22.26
CA PHE B 190 -11.29 49.78 -22.42
C PHE B 190 -11.03 49.38 -23.86
N PRO B 196 -13.11 55.88 -23.70
CA PRO B 196 -12.71 55.66 -22.30
C PRO B 196 -13.66 56.30 -21.30
N LEU B 197 -13.34 56.16 -20.01
CA LEU B 197 -14.10 56.73 -18.92
C LEU B 197 -13.19 57.65 -18.11
N HIS B 198 -13.74 58.78 -17.66
CA HIS B 198 -12.97 59.80 -16.97
C HIS B 198 -13.59 60.08 -15.61
N LEU B 199 -12.75 60.14 -14.58
CA LEU B 199 -13.21 60.49 -13.23
C LEU B 199 -12.35 61.63 -12.70
N GLU B 200 -12.98 62.54 -11.96
CA GLU B 200 -12.25 63.59 -11.26
C GLU B 200 -13.00 64.00 -10.01
N ALA B 201 -12.26 64.52 -9.04
CA ALA B 201 -12.84 64.85 -7.75
C ALA B 201 -11.98 65.91 -7.07
N SER B 202 -12.60 66.64 -6.15
CA SER B 202 -11.94 67.71 -5.43
C SER B 202 -12.57 67.87 -4.06
N LEU B 203 -11.82 68.49 -3.15
CA LEU B 203 -12.28 68.80 -1.81
C LEU B 203 -12.31 70.31 -1.63
N ASP B 204 -13.12 70.77 -0.67
CA ASP B 204 -13.26 72.21 -0.44
C ASP B 204 -11.97 72.81 0.10
N LYS B 205 -11.37 72.16 1.09
CA LYS B 205 -10.10 72.62 1.65
C LYS B 205 -9.29 71.41 2.08
N GLU B 206 -8.04 71.67 2.50
CA GLU B 206 -7.15 70.60 2.93
C GLU B 206 -7.11 70.41 4.44
N ILE B 207 -7.55 71.40 5.22
CA ILE B 207 -7.54 71.31 6.68
C ILE B 207 -8.98 71.32 7.16
N TYR B 208 -9.36 70.27 7.88
CA TYR B 208 -10.70 70.13 8.44
C TYR B 208 -10.61 69.98 9.95
N TYR B 209 -11.49 70.67 10.66
CA TYR B 209 -11.57 70.58 12.10
C TYR B 209 -12.48 69.42 12.53
N HIS B 210 -12.32 69.00 13.77
CA HIS B 210 -13.02 67.82 14.26
C HIS B 210 -14.51 68.11 14.39
N GLY B 211 -15.32 67.22 13.81
CA GLY B 211 -16.77 67.36 13.82
C GLY B 211 -17.33 68.17 12.67
N GLU B 212 -16.49 68.79 11.86
CA GLU B 212 -16.96 69.56 10.72
C GLU B 212 -17.19 68.64 9.51
N PRO B 213 -18.30 68.80 8.80
CA PRO B 213 -18.55 67.95 7.63
C PRO B 213 -17.55 68.20 6.52
N ILE B 214 -17.26 67.15 5.76
CA ILE B 214 -16.33 67.17 4.65
C ILE B 214 -17.15 67.10 3.36
N SER B 215 -16.97 68.10 2.49
CA SER B 215 -17.72 68.20 1.25
C SER B 215 -16.80 67.91 0.08
N VAL B 216 -17.16 66.89 -0.71
CA VAL B 216 -16.36 66.46 -1.85
C VAL B 216 -17.19 66.60 -3.12
N ASN B 217 -16.54 67.12 -4.17
CA ASN B 217 -17.15 67.27 -5.49
C ASN B 217 -16.63 66.17 -6.39
N VAL B 218 -17.55 65.41 -7.00
CA VAL B 218 -17.19 64.33 -7.91
C VAL B 218 -17.79 64.63 -9.28
N HIS B 219 -17.07 64.27 -10.33
CA HIS B 219 -17.49 64.50 -11.70
C HIS B 219 -16.97 63.36 -12.58
N VAL B 220 -17.86 62.74 -13.35
CA VAL B 220 -17.52 61.57 -14.14
C VAL B 220 -18.06 61.76 -15.56
N THR B 221 -17.28 61.33 -16.54
CA THR B 221 -17.67 61.31 -17.94
C THR B 221 -17.61 59.88 -18.44
N ASN B 222 -18.75 59.34 -18.86
CA ASN B 222 -18.88 57.95 -19.26
C ASN B 222 -19.31 57.91 -20.72
N ASN B 223 -18.43 57.40 -21.59
CA ASN B 223 -18.73 57.26 -23.00
C ASN B 223 -18.76 55.81 -23.46
N THR B 224 -18.18 54.88 -22.70
CA THR B 224 -18.28 53.46 -23.04
C THR B 224 -19.71 52.98 -22.88
N ASN B 225 -20.04 51.91 -23.61
CA ASN B 225 -21.41 51.39 -23.60
C ASN B 225 -21.83 50.99 -22.19
N LYS B 226 -20.96 50.32 -21.45
CA LYS B 226 -21.28 49.92 -20.09
C LYS B 226 -21.36 51.14 -19.17
N THR B 227 -22.28 51.09 -18.22
CA THR B 227 -22.52 52.19 -17.30
C THR B 227 -21.86 51.91 -15.95
N VAL B 228 -22.11 52.78 -14.98
CA VAL B 228 -21.65 52.60 -13.61
C VAL B 228 -22.89 52.50 -12.71
N LYS B 229 -22.81 51.68 -11.67
CA LYS B 229 -23.97 51.36 -10.86
C LYS B 229 -23.88 51.81 -9.41
N LYS B 230 -22.68 51.95 -8.86
CA LYS B 230 -22.54 52.38 -7.47
C LYS B 230 -21.36 53.34 -7.34
N ILE B 231 -21.49 54.26 -6.38
CA ILE B 231 -20.44 55.21 -6.05
C ILE B 231 -20.25 55.19 -4.54
N LYS B 232 -19.03 54.93 -4.10
CA LYS B 232 -18.72 54.79 -2.68
C LYS B 232 -17.67 55.81 -2.28
N ILE B 233 -17.93 56.54 -1.20
CA ILE B 233 -17.00 57.53 -0.67
C ILE B 233 -16.68 57.16 0.78
N SER B 234 -15.40 57.06 1.10
CA SER B 234 -15.00 56.57 2.41
C SER B 234 -13.86 57.41 2.96
N VAL B 235 -13.81 57.51 4.29
CA VAL B 235 -12.71 58.17 4.99
C VAL B 235 -11.87 57.09 5.65
N ARG B 236 -10.60 57.02 5.28
CA ARG B 236 -9.69 55.99 5.74
C ARG B 236 -8.57 56.60 6.57
N GLN B 237 -8.26 55.96 7.69
CA GLN B 237 -7.18 56.36 8.57
C GLN B 237 -6.03 55.38 8.44
N TYR B 238 -4.81 55.91 8.29
CA TYR B 238 -3.60 55.10 8.18
C TYR B 238 -2.67 55.45 9.33
N ALA B 239 -2.42 54.48 10.20
CA ALA B 239 -1.51 54.65 11.32
C ALA B 239 -0.26 53.81 11.03
N ASP B 240 0.84 54.48 10.69
CA ASP B 240 2.11 53.83 10.41
C ASP B 240 2.85 53.64 11.72
N ILE B 241 2.98 52.39 12.16
CA ILE B 241 3.77 52.04 13.34
C ILE B 241 5.20 51.79 12.87
N CYS B 242 6.08 52.75 13.11
CA CYS B 242 7.43 52.68 12.54
C CYS B 242 8.29 51.66 13.27
N LEU B 243 8.43 51.80 14.59
CA LEU B 243 9.33 50.95 15.34
C LEU B 243 8.77 49.53 15.44
N PHE B 244 9.68 48.55 15.44
CA PHE B 244 9.33 47.13 15.51
C PHE B 244 8.38 46.77 14.36
N ASN B 245 8.94 46.87 13.16
CA ASN B 245 8.20 46.99 11.90
C ASN B 245 6.97 46.09 11.84
N THR B 246 5.82 46.72 11.60
CA THR B 246 4.54 46.04 11.43
C THR B 246 3.74 46.79 10.38
N ALA B 247 2.79 46.09 9.78
CA ALA B 247 1.95 46.71 8.76
C ALA B 247 1.10 47.82 9.36
N GLN B 248 0.79 48.81 8.53
CA GLN B 248 0.01 49.95 8.99
C GLN B 248 -1.45 49.56 9.21
N TYR B 249 -2.16 50.42 9.92
CA TYR B 249 -3.55 50.19 10.28
C TYR B 249 -4.45 50.99 9.35
N LYS B 250 -5.29 50.30 8.58
CA LYS B 250 -6.24 50.92 7.68
C LYS B 250 -7.65 50.73 8.24
N CYS B 251 -8.46 51.79 8.20
CA CYS B 251 -9.78 51.69 8.79
C CYS B 251 -10.80 52.60 8.11
N PRO B 252 -11.94 52.06 7.66
CA PRO B 252 -13.00 52.90 7.10
C PRO B 252 -13.81 53.62 8.16
N VAL B 253 -13.31 54.79 8.60
CA VAL B 253 -13.94 55.51 9.71
C VAL B 253 -15.39 55.84 9.39
N ALA B 254 -15.67 56.32 8.18
CA ALA B 254 -17.02 56.70 7.80
C ALA B 254 -17.22 56.49 6.31
N MET B 255 -18.35 55.88 5.96
CA MET B 255 -18.65 55.49 4.58
C MET B 255 -19.99 56.03 4.14
N GLU B 256 -20.09 56.32 2.84
CA GLU B 256 -21.35 56.74 2.21
C GLU B 256 -21.44 56.04 0.86
N GLU B 257 -22.49 55.24 0.68
CA GLU B 257 -22.70 54.47 -0.53
C GLU B 257 -23.94 55.00 -1.26
N ALA B 258 -23.80 55.25 -2.55
CA ALA B 258 -24.87 55.84 -3.35
C ALA B 258 -25.10 55.00 -4.60
N ASP B 259 -26.38 54.85 -4.95
CA ASP B 259 -26.78 54.15 -6.17
C ASP B 259 -27.02 55.20 -7.25
N ASP B 260 -26.05 55.35 -8.14
CA ASP B 260 -26.12 56.34 -9.19
C ASP B 260 -25.65 55.72 -10.50
N THR B 261 -26.29 56.11 -11.60
CA THR B 261 -25.99 55.57 -12.92
C THR B 261 -25.63 56.70 -13.87
N VAL B 262 -24.60 56.48 -14.67
CA VAL B 262 -24.15 57.43 -15.68
C VAL B 262 -24.28 56.77 -17.04
N ALA B 263 -25.10 57.36 -17.90
CA ALA B 263 -25.36 56.79 -19.21
C ALA B 263 -24.12 56.93 -20.10
N PRO B 264 -24.00 56.09 -21.13
CA PRO B 264 -22.90 56.29 -22.09
C PRO B 264 -23.03 57.64 -22.78
N SER B 265 -21.87 58.24 -23.07
CA SER B 265 -21.78 59.56 -23.69
C SER B 265 -22.40 60.64 -22.80
N SER B 266 -22.44 60.40 -21.49
CA SER B 266 -23.07 61.32 -20.56
C SER B 266 -22.14 61.61 -19.39
N THR B 267 -22.36 62.76 -18.77
CA THR B 267 -21.60 63.19 -17.62
C THR B 267 -22.48 63.21 -16.37
N PHE B 268 -21.84 63.28 -15.21
CA PHE B 268 -22.56 63.26 -13.95
C PHE B 268 -21.71 63.95 -12.89
N CYS B 269 -22.26 64.97 -12.24
CA CYS B 269 -21.56 65.73 -11.22
C CYS B 269 -22.39 65.76 -9.95
N LYS B 270 -21.72 65.67 -8.81
CA LYS B 270 -22.43 65.65 -7.53
C LYS B 270 -21.53 66.16 -6.42
N VAL B 271 -22.17 66.52 -5.30
CA VAL B 271 -21.49 67.00 -4.11
C VAL B 271 -21.97 66.16 -2.93
N TYR B 272 -21.03 65.57 -2.19
CA TYR B 272 -21.35 64.70 -1.08
C TYR B 272 -20.76 65.28 0.22
N THR B 273 -21.43 64.99 1.33
CA THR B 273 -20.99 65.44 2.64
C THR B 273 -20.87 64.24 3.57
N LEU B 274 -19.73 64.15 4.26
CA LEU B 274 -19.43 63.02 5.12
C LEU B 274 -18.68 63.51 6.35
N THR B 275 -19.06 63.01 7.53
CA THR B 275 -18.54 63.50 8.80
C THR B 275 -18.07 62.32 9.65
N PRO B 276 -16.80 62.27 10.03
CA PRO B 276 -16.35 61.25 10.98
C PRO B 276 -16.67 61.63 12.42
N PHE B 277 -16.84 60.60 13.25
CA PHE B 277 -17.04 60.79 14.69
C PHE B 277 -16.88 59.43 15.36
N LEU B 278 -16.83 59.46 16.69
CA LEU B 278 -16.50 58.28 17.49
C LEU B 278 -17.71 57.48 17.93
N ALA B 279 -18.93 57.99 17.75
CA ALA B 279 -20.11 57.29 18.24
C ALA B 279 -20.27 55.92 17.58
N ASN B 280 -20.11 55.86 16.26
CA ASN B 280 -20.29 54.61 15.52
C ASN B 280 -19.01 53.77 15.45
N ASN B 281 -17.86 54.31 15.84
CA ASN B 281 -16.59 53.61 15.71
C ASN B 281 -16.07 53.08 17.05
N ARG B 282 -16.94 52.99 18.06
CA ARG B 282 -16.50 52.58 19.39
C ARG B 282 -16.06 51.13 19.41
N GLU B 283 -16.71 50.27 18.63
CA GLU B 283 -16.39 48.85 18.66
C GLU B 283 -15.06 48.52 18.01
N LYS B 284 -14.53 49.40 17.17
CA LYS B 284 -13.27 49.14 16.49
C LYS B 284 -12.11 49.16 17.47
N ARG B 285 -11.19 48.21 17.31
CA ARG B 285 -10.01 48.11 18.15
C ARG B 285 -8.78 48.49 17.34
N GLY B 286 -7.91 49.30 17.95
CA GLY B 286 -6.71 49.77 17.28
C GLY B 286 -6.85 51.14 16.64
N LEU B 287 -8.03 51.75 16.71
CA LEU B 287 -8.21 53.09 16.15
C LEU B 287 -7.35 54.10 16.88
N ALA B 288 -6.66 54.94 16.13
CA ALA B 288 -5.78 55.94 16.71
C ALA B 288 -6.59 57.12 17.23
N LEU B 289 -6.25 57.57 18.45
CA LEU B 289 -6.97 58.64 19.13
C LEU B 289 -5.96 59.54 19.83
N ASP B 290 -6.39 60.76 20.09
CA ASP B 290 -5.55 61.72 20.79
C ASP B 290 -5.23 61.22 22.19
N GLY B 291 -4.11 61.68 22.73
CA GLY B 291 -3.63 61.16 24.00
C GLY B 291 -4.62 61.40 25.12
N LYS B 292 -4.82 60.37 25.94
CA LYS B 292 -5.68 60.45 27.11
C LYS B 292 -4.82 60.53 28.36
N LEU B 293 -5.30 61.30 29.35
CA LEU B 293 -4.58 61.37 30.62
C LEU B 293 -4.76 60.08 31.41
N LYS B 294 -6.01 59.76 31.79
CA LYS B 294 -6.28 58.47 32.41
C LYS B 294 -7.26 57.63 31.61
N HIS B 295 -8.50 58.09 31.43
CA HIS B 295 -9.49 57.30 30.69
C HIS B 295 -10.46 58.13 29.88
N GLU B 296 -10.31 59.46 29.82
CA GLU B 296 -11.37 60.31 29.30
C GLU B 296 -11.59 60.07 27.81
N ASP B 297 -12.82 60.32 27.36
CA ASP B 297 -13.14 60.20 25.94
C ASP B 297 -12.33 61.19 25.14
N THR B 298 -11.71 60.71 24.06
CA THR B 298 -10.92 61.55 23.17
C THR B 298 -11.35 61.27 21.73
N ASN B 299 -11.27 62.31 20.90
CA ASN B 299 -11.71 62.22 19.53
C ASN B 299 -10.69 61.41 18.71
N LEU B 300 -10.95 61.34 17.41
CA LEU B 300 -10.03 60.67 16.50
C LEU B 300 -8.69 61.42 16.46
N ALA B 301 -7.63 60.67 16.20
CA ALA B 301 -6.28 61.24 16.22
C ALA B 301 -6.12 62.29 15.13
N SER B 302 -5.22 63.23 15.37
CA SER B 302 -4.95 64.31 14.44
C SER B 302 -3.75 63.96 13.58
N SER B 303 -3.82 64.34 12.31
CA SER B 303 -2.75 64.02 11.36
C SER B 303 -1.42 64.60 11.83
N THR B 304 -0.38 63.76 11.79
CA THR B 304 0.95 64.18 12.18
C THR B 304 1.60 65.01 11.07
N LEU B 305 2.22 66.13 11.45
CA LEU B 305 2.98 66.95 10.51
C LEU B 305 4.35 66.32 10.33
N LEU B 306 4.60 65.80 9.12
CA LEU B 306 5.88 65.14 8.84
C LEU B 306 7.05 66.11 8.98
N ARG B 307 6.91 67.31 8.43
CA ARG B 307 7.92 68.36 8.53
C ARG B 307 9.29 67.89 8.08
N ILE B 314 6.99 60.57 13.81
CA ILE B 314 8.40 60.22 13.70
C ILE B 314 8.77 59.27 14.82
N LEU B 315 9.39 58.13 14.45
CA LEU B 315 9.79 57.10 15.41
C LEU B 315 8.62 56.60 16.23
N GLY B 316 7.43 56.58 15.64
CA GLY B 316 6.24 56.19 16.37
C GLY B 316 5.04 56.17 15.46
N ILE B 317 3.87 56.11 16.07
CA ILE B 317 2.61 56.04 15.33
C ILE B 317 2.44 57.36 14.57
N ILE B 318 2.48 57.28 13.24
CA ILE B 318 2.23 58.43 12.38
C ILE B 318 0.84 58.29 11.80
N VAL B 319 -0.05 59.23 12.12
CA VAL B 319 -1.45 59.16 11.73
C VAL B 319 -1.67 60.04 10.50
N SER B 320 -2.37 59.49 9.51
CA SER B 320 -2.72 60.23 8.31
C SER B 320 -4.13 59.85 7.90
N TYR B 321 -4.79 60.77 7.18
CA TYR B 321 -6.16 60.57 6.75
C TYR B 321 -6.25 60.74 5.23
N LYS B 322 -7.14 59.96 4.61
CA LYS B 322 -7.39 60.09 3.18
C LYS B 322 -8.87 59.82 2.92
N VAL B 323 -9.33 60.27 1.76
CA VAL B 323 -10.70 60.02 1.32
C VAL B 323 -10.64 59.31 -0.03
N LYS B 324 -11.40 58.23 -0.14
CA LYS B 324 -11.39 57.37 -1.32
C LYS B 324 -12.76 57.43 -1.98
N VAL B 325 -12.78 57.76 -3.28
CA VAL B 325 -13.99 57.76 -4.09
C VAL B 325 -13.86 56.66 -5.13
N LYS B 326 -14.88 55.81 -5.22
CA LYS B 326 -14.84 54.62 -6.06
C LYS B 326 -16.11 54.52 -6.89
N LEU B 327 -15.95 54.26 -8.18
CA LEU B 327 -17.05 54.00 -9.10
C LEU B 327 -17.00 52.53 -9.50
N VAL B 328 -18.09 51.82 -9.27
CA VAL B 328 -18.16 50.39 -9.57
C VAL B 328 -18.70 50.26 -11.00
N VAL B 329 -17.79 50.14 -11.95
CA VAL B 329 -18.14 50.27 -13.36
C VAL B 329 -18.68 48.95 -13.87
N SER B 330 -19.92 48.97 -14.39
CA SER B 330 -20.48 47.89 -15.18
C SER B 330 -20.79 46.63 -14.37
N ARG B 331 -20.99 45.51 -15.07
CA ARG B 331 -21.36 44.21 -14.53
C ARG B 331 -20.89 43.92 -13.11
N ALA B 339 -15.80 39.72 -13.36
CA ALA B 339 -16.93 40.33 -14.03
C ALA B 339 -16.63 41.79 -14.39
N SER B 340 -16.63 42.65 -13.38
CA SER B 340 -16.41 44.08 -13.57
C SER B 340 -15.38 44.55 -12.56
N SER B 341 -15.03 45.83 -12.65
CA SER B 341 -13.99 46.42 -11.79
C SER B 341 -14.47 47.79 -11.31
N ASP B 342 -13.56 48.52 -10.68
CA ASP B 342 -13.86 49.83 -10.13
C ASP B 342 -12.75 50.80 -10.51
N VAL B 343 -13.11 52.08 -10.54
CA VAL B 343 -12.17 53.17 -10.77
C VAL B 343 -12.15 54.03 -9.51
N ALA B 344 -10.96 54.28 -8.98
CA ALA B 344 -10.82 54.88 -7.66
C ALA B 344 -9.87 56.07 -7.69
N VAL B 345 -10.13 57.02 -6.79
CA VAL B 345 -9.29 58.21 -6.61
C VAL B 345 -9.16 58.47 -5.11
N GLU B 346 -7.93 58.76 -4.68
CA GLU B 346 -7.64 59.03 -3.27
C GLU B 346 -7.14 60.46 -3.11
N LEU B 347 -7.69 61.16 -2.12
CA LEU B 347 -7.38 62.55 -1.84
C LEU B 347 -6.91 62.70 -0.40
N PRO B 348 -5.71 63.23 -0.15
CA PRO B 348 -5.25 63.42 1.22
C PRO B 348 -5.62 64.79 1.79
N PHE B 349 -6.07 64.79 3.03
CA PHE B 349 -6.42 66.01 3.74
C PHE B 349 -5.93 65.93 5.18
N THR B 350 -5.75 67.09 5.80
CA THR B 350 -5.25 67.20 7.16
C THR B 350 -6.41 67.46 8.11
N LEU B 351 -6.43 66.74 9.23
CA LEU B 351 -7.47 66.86 10.24
C LEU B 351 -6.83 67.21 11.57
N MET B 352 -7.10 68.41 12.07
CA MET B 352 -6.53 68.88 13.33
C MET B 352 -7.55 69.78 14.03
N HIS B 353 -7.12 70.32 15.17
CA HIS B 353 -7.70 71.30 16.09
C HIS B 353 -7.06 72.67 15.87
N PRO B 354 -7.87 73.74 15.85
CA PRO B 354 -7.29 75.08 15.88
C PRO B 354 -6.65 75.36 17.22
N LYS B 355 -5.69 76.29 17.22
CA LYS B 355 -4.98 76.63 18.43
C LYS B 355 -5.93 77.28 19.43
N PRO B 356 -6.07 76.73 20.64
CA PRO B 356 -7.04 77.27 21.60
C PRO B 356 -6.43 78.33 22.51
N LYS B 357 -7.28 79.29 22.89
CA LYS B 357 -6.86 80.32 23.82
C LYS B 357 -6.66 79.77 25.23
N GLU B 358 -7.47 78.80 25.62
CA GLU B 358 -7.38 78.18 26.93
C GLU B 358 -6.90 76.75 26.82
N GLU B 359 -6.31 76.24 27.90
CA GLU B 359 -5.83 74.87 27.91
C GLU B 359 -7.01 73.90 27.84
N PRO B 360 -6.89 72.80 27.10
CA PRO B 360 -7.94 71.79 27.09
C PRO B 360 -8.17 71.23 28.47
N PRO B 361 -9.43 71.00 28.85
CA PRO B 361 -9.72 70.46 30.18
C PRO B 361 -9.17 69.05 30.40
N HIS B 362 -9.05 68.26 29.34
CA HIS B 362 -8.64 66.86 29.43
C HIS B 362 -9.59 66.04 30.29
N ARG B 363 -10.87 66.43 30.31
CA ARG B 363 -11.93 65.70 31.00
C ARG B 363 -13.20 65.84 30.16
N GLU B 364 -14.33 65.43 30.73
CA GLU B 364 -15.62 65.72 30.15
C GLU B 364 -16.16 66.99 30.82
N VAL B 365 -16.41 68.02 30.01
CA VAL B 365 -16.72 69.34 30.56
C VAL B 365 -18.02 69.37 31.37
N PRO B 366 -19.13 68.72 30.96
CA PRO B 366 -20.26 68.89 31.89
C PRO B 366 -20.02 68.19 33.22
N ALA C 37 8.18 -74.78 -79.01
CA ALA C 37 8.99 -75.13 -80.17
C ALA C 37 10.14 -76.03 -79.77
N HIS C 38 11.22 -75.44 -79.28
CA HIS C 38 12.40 -76.16 -78.84
C HIS C 38 12.39 -76.33 -77.33
N SER C 39 13.03 -77.41 -76.86
CA SER C 39 13.08 -77.70 -75.44
C SER C 39 14.18 -78.74 -75.20
N ILE C 40 14.55 -78.88 -73.93
CA ILE C 40 15.51 -79.89 -73.48
C ILE C 40 14.80 -80.76 -72.45
N ARG C 41 14.69 -82.05 -72.73
CA ARG C 41 14.04 -83.00 -71.84
C ARG C 41 15.01 -84.14 -71.52
N VAL C 42 15.81 -83.94 -70.48
CA VAL C 42 16.59 -85.03 -69.91
C VAL C 42 15.78 -85.67 -68.79
N ASP C 43 15.98 -86.97 -68.59
CA ASP C 43 15.19 -87.73 -67.63
C ASP C 43 16.05 -88.11 -66.43
N GLY C 44 15.40 -88.17 -65.26
CA GLY C 44 16.09 -88.50 -64.04
C GLY C 44 15.09 -88.67 -62.92
N ASP C 45 15.62 -89.09 -61.76
CA ASP C 45 14.76 -89.31 -60.59
C ASP C 45 14.06 -88.02 -60.17
N ILE C 46 14.79 -86.91 -60.18
CA ILE C 46 14.23 -85.59 -59.85
C ILE C 46 14.52 -84.66 -61.03
N ILE C 47 13.50 -83.93 -61.45
CA ILE C 47 13.59 -83.05 -62.62
C ILE C 47 13.38 -81.61 -62.18
N LEU C 48 14.23 -80.72 -62.67
CA LEU C 48 14.13 -79.29 -62.43
C LEU C 48 13.79 -78.57 -63.72
N GLY C 49 13.34 -77.33 -63.58
CA GLY C 49 12.97 -76.55 -64.75
C GLY C 49 13.77 -75.27 -64.88
N GLY C 50 13.87 -74.75 -66.09
CA GLY C 50 14.62 -73.53 -66.32
C GLY C 50 13.93 -72.65 -67.35
N LEU C 51 14.12 -71.34 -67.19
CA LEU C 51 13.55 -70.34 -68.09
C LEU C 51 14.62 -69.32 -68.41
N PHE C 52 15.07 -69.29 -69.66
CA PHE C 52 16.15 -68.42 -70.08
C PHE C 52 15.77 -67.66 -71.34
N PRO C 53 16.20 -66.41 -71.48
CA PRO C 53 15.90 -65.61 -72.69
C PRO C 53 16.87 -65.90 -73.82
N VAL C 54 16.71 -67.07 -74.43
CA VAL C 54 17.61 -67.47 -75.52
C VAL C 54 17.41 -66.57 -76.75
N HIS C 55 16.21 -66.04 -76.94
CA HIS C 55 15.90 -65.22 -78.10
C HIS C 55 15.64 -63.78 -77.67
N ALA C 56 15.98 -62.84 -78.55
CA ALA C 56 15.83 -61.42 -78.30
C ALA C 56 15.23 -60.75 -79.53
N LYS C 57 14.75 -59.53 -79.34
CA LYS C 57 14.14 -58.77 -80.42
C LYS C 57 15.18 -58.35 -81.46
N GLY C 65 14.15 -63.21 -83.59
CA GLY C 65 14.91 -62.10 -84.13
C GLY C 65 16.40 -62.34 -84.12
N GLU C 66 16.94 -62.69 -82.95
CA GLU C 66 18.36 -62.96 -82.79
C GLU C 66 18.54 -63.74 -81.50
N LEU C 67 19.73 -64.31 -81.34
CA LEU C 67 20.05 -65.14 -80.19
C LEU C 67 20.82 -64.34 -79.16
N LYS C 68 20.31 -64.30 -77.93
CA LYS C 68 21.04 -63.70 -76.82
C LYS C 68 22.25 -64.57 -76.50
N LYS C 69 23.43 -64.09 -76.87
CA LYS C 69 24.64 -64.92 -76.78
C LYS C 69 25.31 -64.86 -75.42
N GLU C 70 24.92 -63.94 -74.54
CA GLU C 70 25.58 -63.79 -73.24
C GLU C 70 24.65 -64.02 -72.06
N LYS C 71 23.41 -63.55 -72.12
CA LYS C 71 22.41 -63.86 -71.11
C LYS C 71 21.47 -64.95 -71.57
N GLY C 72 21.81 -65.63 -72.66
CA GLY C 72 21.07 -66.76 -73.19
C GLY C 72 21.86 -68.03 -73.04
N ILE C 73 22.59 -68.39 -74.10
CA ILE C 73 23.32 -69.66 -74.17
C ILE C 73 24.25 -69.84 -72.98
N HIS C 74 24.94 -68.77 -72.57
CA HIS C 74 25.85 -68.87 -71.43
C HIS C 74 25.15 -69.46 -70.21
N ARG C 75 23.93 -69.00 -69.92
CA ARG C 75 23.23 -69.46 -68.73
C ARG C 75 22.66 -70.86 -68.88
N LEU C 76 22.21 -71.23 -70.09
CA LEU C 76 21.81 -72.61 -70.34
C LEU C 76 22.98 -73.56 -70.06
N GLU C 77 24.15 -73.22 -70.59
CA GLU C 77 25.32 -74.07 -70.39
C GLU C 77 25.76 -74.07 -68.94
N ALA C 78 25.61 -72.94 -68.24
CA ALA C 78 25.93 -72.91 -66.82
C ALA C 78 25.03 -73.85 -66.02
N MET C 79 23.72 -73.84 -66.33
CA MET C 79 22.80 -74.72 -65.63
C MET C 79 23.11 -76.19 -65.94
N LEU C 80 23.40 -76.51 -67.20
CA LEU C 80 23.72 -77.88 -67.55
C LEU C 80 25.02 -78.34 -66.91
N TYR C 81 26.02 -77.44 -66.86
CA TYR C 81 27.28 -77.75 -66.19
C TYR C 81 27.07 -78.00 -64.70
N ALA C 82 26.24 -77.17 -64.06
CA ALA C 82 25.95 -77.38 -62.64
C ALA C 82 25.25 -78.71 -62.41
N ILE C 83 24.30 -79.07 -63.29
CA ILE C 83 23.61 -80.35 -63.14
C ILE C 83 24.59 -81.51 -63.29
N ASP C 84 25.47 -81.43 -64.30
CA ASP C 84 26.45 -82.49 -64.51
C ASP C 84 27.41 -82.61 -63.32
N GLN C 85 27.85 -81.48 -62.77
CA GLN C 85 28.72 -81.52 -61.62
C GLN C 85 28.01 -82.10 -60.39
N ILE C 86 26.73 -81.75 -60.21
CA ILE C 86 25.98 -82.29 -59.08
C ILE C 86 25.84 -83.80 -59.20
N ASN C 87 25.54 -84.30 -60.40
CA ASN C 87 25.34 -85.74 -60.55
C ASN C 87 26.65 -86.49 -60.76
N LYS C 88 27.66 -86.17 -59.94
CA LYS C 88 28.82 -87.05 -59.77
C LYS C 88 29.35 -87.07 -58.34
N ASP C 89 28.78 -86.29 -57.42
CA ASP C 89 29.34 -86.14 -56.09
C ASP C 89 28.74 -87.16 -55.14
N PRO C 90 29.54 -88.01 -54.50
CA PRO C 90 28.98 -88.96 -53.52
C PRO C 90 28.33 -88.29 -52.33
N ASP C 91 28.82 -87.12 -51.92
CA ASP C 91 28.30 -86.41 -50.76
C ASP C 91 27.18 -85.44 -51.11
N LEU C 92 26.49 -85.66 -52.23
CA LEU C 92 25.40 -84.78 -52.64
C LEU C 92 24.50 -85.53 -53.61
N LEU C 93 23.25 -85.73 -53.22
CA LEU C 93 22.24 -86.39 -54.04
C LEU C 93 22.75 -87.73 -54.57
N SER C 94 23.25 -88.55 -53.65
CA SER C 94 23.74 -89.87 -54.04
C SER C 94 22.56 -90.78 -54.38
N ASN C 95 22.64 -91.44 -55.53
CA ASN C 95 21.63 -92.34 -56.09
C ASN C 95 20.39 -91.61 -56.62
N ILE C 96 20.39 -90.28 -56.62
CA ILE C 96 19.30 -89.50 -57.23
C ILE C 96 19.93 -88.63 -58.31
N THR C 97 19.89 -89.11 -59.54
CA THR C 97 20.31 -88.29 -60.67
C THR C 97 19.26 -87.23 -60.96
N LEU C 98 19.72 -86.09 -61.50
CA LEU C 98 18.84 -84.96 -61.77
C LEU C 98 18.55 -84.84 -63.25
N GLY C 99 17.38 -84.26 -63.56
CA GLY C 99 17.02 -83.97 -64.92
C GLY C 99 16.64 -82.51 -65.07
N VAL C 100 16.48 -82.08 -66.31
CA VAL C 100 16.21 -80.68 -66.62
C VAL C 100 15.02 -80.57 -67.56
N ARG C 101 14.30 -79.46 -67.43
CA ARG C 101 13.24 -79.07 -68.35
C ARG C 101 13.46 -77.60 -68.65
N ILE C 102 14.24 -77.31 -69.69
CA ILE C 102 14.68 -75.96 -70.01
C ILE C 102 13.91 -75.46 -71.21
N LEU C 103 13.37 -74.25 -71.11
CA LEU C 103 12.54 -73.66 -72.14
C LEU C 103 13.00 -72.24 -72.44
N ASP C 104 12.33 -71.58 -73.36
CA ASP C 104 12.65 -70.23 -73.80
C ASP C 104 11.50 -69.30 -73.45
N THR C 105 11.84 -68.16 -72.84
CA THR C 105 10.85 -67.14 -72.52
C THR C 105 10.73 -66.08 -73.60
N CYS C 106 11.72 -65.97 -74.49
CA CYS C 106 11.73 -65.01 -75.58
C CYS C 106 11.59 -63.58 -75.08
N SER C 107 12.06 -63.33 -73.85
CA SER C 107 12.08 -62.00 -73.24
C SER C 107 10.69 -61.39 -73.08
N ARG C 108 9.64 -62.21 -73.09
CA ARG C 108 8.27 -61.73 -72.96
C ARG C 108 7.58 -62.47 -71.82
N ASP C 109 6.83 -61.72 -71.01
CA ASP C 109 6.13 -62.31 -69.87
C ASP C 109 4.98 -63.21 -70.33
N THR C 110 4.22 -62.78 -71.34
CA THR C 110 3.10 -63.58 -71.83
C THR C 110 3.60 -64.89 -72.45
N TYR C 111 4.66 -64.82 -73.25
CA TYR C 111 5.21 -66.02 -73.86
C TYR C 111 5.70 -67.00 -72.81
N ALA C 112 6.40 -66.50 -71.78
CA ALA C 112 6.87 -67.36 -70.71
C ALA C 112 5.71 -67.95 -69.92
N LEU C 113 4.66 -67.16 -69.69
CA LEU C 113 3.49 -67.68 -68.98
C LEU C 113 2.83 -68.81 -69.76
N GLU C 114 2.68 -68.64 -71.08
CA GLU C 114 2.12 -69.69 -71.91
C GLU C 114 3.06 -70.89 -72.06
N GLN C 115 4.36 -70.68 -71.85
CA GLN C 115 5.34 -71.77 -71.95
C GLN C 115 5.52 -72.52 -70.64
N SER C 116 5.15 -71.92 -69.52
CA SER C 116 5.35 -72.55 -68.22
C SER C 116 4.17 -73.44 -67.80
N LEU C 117 3.12 -73.51 -68.61
CA LEU C 117 2.02 -74.43 -68.31
C LEU C 117 2.46 -75.89 -68.36
N THR C 118 3.52 -76.19 -69.12
CA THR C 118 4.04 -77.55 -69.14
C THR C 118 4.55 -77.97 -67.77
N PHE C 119 5.04 -77.02 -66.98
CA PHE C 119 5.49 -77.33 -65.63
C PHE C 119 4.34 -77.85 -64.77
N VAL C 120 3.19 -77.18 -64.83
CA VAL C 120 2.07 -77.58 -63.97
C VAL C 120 1.34 -78.80 -64.54
N GLN C 121 1.33 -78.96 -65.86
CA GLN C 121 0.66 -80.11 -66.45
C GLN C 121 1.31 -81.43 -66.04
N ALA C 122 2.57 -81.41 -65.63
CA ALA C 122 3.25 -82.63 -65.21
C ALA C 122 2.69 -83.13 -63.89
N ILE C 147 8.62 -82.20 -61.73
CA ILE C 147 9.19 -80.88 -61.54
C ILE C 147 9.27 -80.54 -60.06
N SER C 148 10.44 -80.81 -59.45
CA SER C 148 10.64 -80.45 -58.07
C SER C 148 10.72 -78.93 -57.90
N GLY C 149 11.41 -78.25 -58.81
CA GLY C 149 11.51 -76.81 -58.76
C GLY C 149 11.79 -76.23 -60.13
N VAL C 150 11.61 -74.91 -60.23
CA VAL C 150 11.86 -74.16 -61.45
C VAL C 150 12.93 -73.13 -61.16
N ILE C 151 13.98 -73.11 -61.98
CA ILE C 151 15.11 -72.20 -61.74
C ILE C 151 14.78 -70.89 -62.47
N GLY C 152 13.96 -70.09 -61.82
CA GLY C 152 13.82 -68.66 -62.07
C GLY C 152 13.63 -68.15 -63.47
N ALA C 153 13.97 -66.88 -63.64
CA ALA C 153 13.92 -66.18 -64.91
C ALA C 153 14.87 -64.99 -64.82
N ALA C 154 15.20 -64.42 -65.98
CA ALA C 154 16.15 -63.32 -66.05
C ALA C 154 15.50 -61.95 -66.11
N ALA C 155 14.18 -61.87 -66.00
CA ALA C 155 13.48 -60.60 -66.06
C ALA C 155 12.41 -60.55 -64.98
N SER C 156 12.17 -59.35 -64.46
CA SER C 156 11.24 -59.21 -63.35
C SER C 156 9.81 -59.54 -63.77
N SER C 157 9.40 -59.10 -64.96
CA SER C 157 8.04 -59.38 -65.42
C SER C 157 7.83 -60.87 -65.64
N VAL C 158 8.82 -61.53 -66.25
CA VAL C 158 8.73 -62.97 -66.46
C VAL C 158 8.67 -63.71 -65.14
N SER C 159 9.51 -63.30 -64.18
CA SER C 159 9.51 -63.95 -62.87
C SER C 159 8.17 -63.77 -62.16
N ILE C 160 7.59 -62.56 -62.24
CA ILE C 160 6.32 -62.31 -61.58
C ILE C 160 5.22 -63.16 -62.19
N MET C 161 5.15 -63.18 -63.53
CA MET C 161 4.08 -63.92 -64.19
C MET C 161 4.23 -65.43 -63.97
N VAL C 162 5.47 -65.93 -63.95
CA VAL C 162 5.67 -67.34 -63.68
C VAL C 162 5.35 -67.68 -62.23
N ALA C 163 5.71 -66.80 -61.30
CA ALA C 163 5.43 -67.05 -59.89
C ALA C 163 3.93 -67.07 -59.61
N ASN C 164 3.17 -66.21 -60.28
CA ASN C 164 1.73 -66.20 -60.07
C ASN C 164 1.09 -67.54 -60.42
N ILE C 165 1.48 -68.14 -61.54
CA ILE C 165 0.91 -69.44 -61.91
C ILE C 165 1.50 -70.55 -61.05
N LEU C 166 2.78 -70.44 -60.66
CA LEU C 166 3.43 -71.55 -59.96
C LEU C 166 2.97 -71.66 -58.52
N ARG C 167 2.64 -70.53 -57.87
CA ARG C 167 2.21 -70.60 -56.48
C ARG C 167 0.90 -71.35 -56.33
N LEU C 168 0.04 -71.31 -57.35
CA LEU C 168 -1.25 -72.01 -57.26
C LEU C 168 -1.06 -73.52 -57.17
N PHE C 169 -0.05 -74.05 -57.86
CA PHE C 169 0.24 -75.48 -57.85
C PHE C 169 1.39 -75.85 -56.91
N LYS C 170 1.88 -74.88 -56.13
CA LYS C 170 2.87 -75.12 -55.08
C LYS C 170 4.16 -75.73 -55.64
N ILE C 171 4.79 -74.99 -56.55
CA ILE C 171 6.10 -75.35 -57.09
C ILE C 171 7.10 -74.28 -56.67
N PRO C 172 8.13 -74.62 -55.92
CA PRO C 172 9.14 -73.61 -55.53
C PRO C 172 9.89 -73.06 -56.73
N GLN C 173 10.27 -71.79 -56.64
CA GLN C 173 10.97 -71.09 -57.71
C GLN C 173 12.15 -70.32 -57.14
N ILE C 174 13.27 -70.33 -57.87
CA ILE C 174 14.49 -69.62 -57.47
C ILE C 174 14.99 -68.84 -58.67
N SER C 175 14.85 -67.52 -58.63
CA SER C 175 15.35 -66.65 -59.69
C SER C 175 16.80 -66.27 -59.44
N TYR C 176 17.58 -66.20 -60.51
CA TYR C 176 18.99 -65.89 -60.42
C TYR C 176 19.33 -64.47 -60.85
N ALA C 177 18.42 -63.75 -61.52
CA ALA C 177 18.74 -62.43 -62.04
C ALA C 177 17.63 -61.40 -61.90
N SER C 178 16.57 -61.68 -61.15
CA SER C 178 15.48 -60.72 -60.99
C SER C 178 15.73 -59.88 -59.75
N THR C 179 15.82 -58.55 -59.94
CA THR C 179 16.16 -57.64 -58.86
C THR C 179 15.03 -56.68 -58.50
N ALA C 180 13.82 -56.93 -58.98
CA ALA C 180 12.70 -56.07 -58.64
C ALA C 180 12.36 -56.19 -57.15
N PRO C 181 11.92 -55.11 -56.52
CA PRO C 181 11.45 -55.19 -55.14
C PRO C 181 9.96 -55.47 -54.96
N GLU C 182 9.21 -55.60 -56.05
CA GLU C 182 7.83 -56.05 -55.96
C GLU C 182 7.75 -57.51 -55.50
N LEU C 183 8.74 -58.32 -55.87
CA LEU C 183 8.77 -59.72 -55.51
C LEU C 183 9.19 -59.96 -54.07
N SER C 184 9.66 -58.93 -53.36
CA SER C 184 10.01 -59.09 -51.95
C SER C 184 8.79 -59.37 -51.09
N ASP C 185 7.59 -59.00 -51.55
CA ASP C 185 6.37 -59.34 -50.85
C ASP C 185 6.21 -60.85 -50.79
N ASN C 186 5.95 -61.38 -49.59
CA ASN C 186 5.73 -62.80 -49.41
C ASN C 186 4.25 -63.13 -49.22
N THR C 187 3.39 -62.12 -49.19
CA THR C 187 1.95 -62.37 -49.13
C THR C 187 1.41 -62.82 -50.49
N ARG C 188 1.92 -62.22 -51.57
CA ARG C 188 1.46 -62.55 -52.92
C ARG C 188 2.40 -63.49 -53.66
N TYR C 189 3.65 -63.65 -53.21
CA TYR C 189 4.61 -64.56 -53.82
C TYR C 189 5.14 -65.45 -52.70
N ASP C 190 4.42 -66.55 -52.44
CA ASP C 190 4.77 -67.41 -51.32
C ASP C 190 6.01 -68.26 -51.61
N PHE C 191 6.10 -68.82 -52.81
CA PHE C 191 7.10 -69.82 -53.14
C PHE C 191 8.29 -69.26 -53.91
N PHE C 192 8.39 -67.93 -54.03
CA PHE C 192 9.47 -67.32 -54.79
C PHE C 192 10.68 -67.04 -53.89
N SER C 193 11.87 -67.34 -54.42
CA SER C 193 13.12 -66.99 -53.77
C SER C 193 14.07 -66.48 -54.85
N ARG C 194 15.11 -65.76 -54.42
CA ARG C 194 16.06 -65.18 -55.36
C ARG C 194 17.47 -65.26 -54.78
N VAL C 195 18.46 -65.21 -55.67
CA VAL C 195 19.87 -65.27 -55.27
C VAL C 195 20.56 -63.91 -55.40
N VAL C 196 19.81 -62.86 -55.72
CA VAL C 196 20.38 -61.53 -55.94
C VAL C 196 19.65 -60.52 -55.07
N PRO C 197 20.27 -59.39 -54.72
CA PRO C 197 19.58 -58.38 -53.90
C PRO C 197 18.52 -57.65 -54.71
N PRO C 198 17.56 -57.02 -54.04
CA PRO C 198 16.59 -56.18 -54.75
C PRO C 198 17.18 -54.81 -55.09
N ASP C 199 16.35 -53.99 -55.75
CA ASP C 199 16.77 -52.70 -56.28
C ASP C 199 16.82 -51.60 -55.22
N SER C 200 16.37 -51.88 -53.99
CA SER C 200 16.39 -50.86 -52.95
C SER C 200 17.80 -50.39 -52.66
N TYR C 201 18.76 -51.31 -52.62
CA TYR C 201 20.15 -50.93 -52.41
C TYR C 201 20.75 -50.30 -53.67
N GLN C 202 20.31 -50.75 -54.84
CA GLN C 202 20.84 -50.20 -56.09
C GLN C 202 20.48 -48.73 -56.24
N ALA C 203 19.25 -48.36 -55.88
CA ALA C 203 18.86 -46.96 -55.95
C ALA C 203 19.69 -46.11 -55.00
N GLN C 204 19.95 -46.62 -53.79
CA GLN C 204 20.79 -45.90 -52.84
C GLN C 204 22.19 -45.73 -53.38
N ALA C 205 22.74 -46.77 -54.00
CA ALA C 205 24.08 -46.67 -54.58
C ALA C 205 24.13 -45.64 -55.69
N MET C 206 23.11 -45.61 -56.55
CA MET C 206 23.07 -44.64 -57.63
C MET C 206 22.97 -43.21 -57.10
N VAL C 207 22.15 -43.01 -56.06
CA VAL C 207 22.02 -41.68 -55.48
C VAL C 207 23.32 -41.26 -54.79
N ASP C 208 24.00 -42.21 -54.14
CA ASP C 208 25.29 -41.90 -53.50
C ASP C 208 26.32 -41.50 -54.55
N ILE C 209 26.37 -42.19 -55.68
CA ILE C 209 27.29 -41.80 -56.75
C ILE C 209 26.93 -40.42 -57.28
N VAL C 210 25.63 -40.14 -57.43
CA VAL C 210 25.22 -38.85 -57.96
C VAL C 210 25.61 -37.72 -57.02
N THR C 211 25.38 -37.90 -55.72
CA THR C 211 25.64 -36.82 -54.76
C THR C 211 27.13 -36.68 -54.42
N ALA C 212 27.91 -37.76 -54.49
CA ALA C 212 29.32 -37.67 -54.16
C ALA C 212 30.07 -36.75 -55.12
N LEU C 213 29.67 -36.74 -56.39
CA LEU C 213 30.31 -35.90 -57.41
C LEU C 213 29.58 -34.57 -57.61
N GLY C 214 28.59 -34.26 -56.77
CA GLY C 214 28.00 -32.94 -56.78
C GLY C 214 26.94 -32.69 -57.83
N TRP C 215 26.27 -33.72 -58.32
CA TRP C 215 25.26 -33.58 -59.36
C TRP C 215 23.89 -33.42 -58.73
N ASN C 216 23.26 -32.26 -58.95
CA ASN C 216 21.94 -31.98 -58.39
C ASN C 216 20.87 -31.71 -59.44
N TYR C 217 21.23 -31.61 -60.71
CA TYR C 217 20.29 -31.33 -61.80
C TYR C 217 20.46 -32.42 -62.85
N VAL C 218 19.72 -33.52 -62.69
CA VAL C 218 19.85 -34.68 -63.56
C VAL C 218 18.48 -35.01 -64.14
N SER C 219 18.50 -35.73 -65.25
CA SER C 219 17.28 -36.21 -65.90
C SER C 219 17.24 -37.73 -65.82
N THR C 220 16.07 -38.27 -65.51
CA THR C 220 15.91 -39.71 -65.31
C THR C 220 15.06 -40.30 -66.41
N LEU C 221 15.41 -41.50 -66.83
CA LEU C 221 14.72 -42.23 -67.88
C LEU C 221 14.48 -43.66 -67.41
N ALA C 222 13.36 -44.23 -67.81
CA ALA C 222 12.98 -45.55 -67.33
C ALA C 222 12.24 -46.29 -68.42
N SER C 223 12.16 -47.60 -68.26
CA SER C 223 11.46 -48.48 -69.18
C SER C 223 10.15 -48.95 -68.56
N GLU C 224 9.10 -48.99 -69.37
CA GLU C 224 7.80 -49.43 -68.87
C GLU C 224 7.87 -50.89 -68.40
N GLY C 225 7.32 -51.14 -67.22
CA GLY C 225 7.34 -52.47 -66.65
C GLY C 225 7.51 -52.43 -65.15
N ASN C 226 7.65 -53.59 -64.51
CA ASN C 226 7.86 -53.62 -63.07
C ASN C 226 9.23 -53.07 -62.71
N TYR C 227 10.27 -53.56 -63.38
CA TYR C 227 11.65 -53.26 -62.99
C TYR C 227 11.96 -51.78 -63.14
N GLY C 228 11.71 -51.23 -64.33
CA GLY C 228 12.08 -49.84 -64.58
C GLY C 228 11.29 -48.88 -63.72
N GLU C 229 9.98 -49.08 -63.61
CA GLU C 229 9.15 -48.16 -62.83
C GLU C 229 9.48 -48.22 -61.35
N SER C 230 9.61 -49.44 -60.80
CA SER C 230 9.95 -49.56 -59.39
C SER C 230 11.33 -48.97 -59.09
N GLY C 231 12.30 -49.23 -59.98
CA GLY C 231 13.63 -48.69 -59.76
C GLY C 231 13.67 -47.18 -59.82
N VAL C 232 12.98 -46.58 -60.79
CA VAL C 232 13.01 -45.13 -60.91
C VAL C 232 12.26 -44.48 -59.76
N GLU C 233 11.17 -45.09 -59.28
CA GLU C 233 10.47 -44.55 -58.13
C GLU C 233 11.34 -44.59 -56.88
N ALA C 234 12.02 -45.72 -56.65
CA ALA C 234 12.92 -45.83 -55.50
C ALA C 234 14.06 -44.83 -55.62
N PHE C 235 14.62 -44.67 -56.82
CA PHE C 235 15.71 -43.73 -57.00
C PHE C 235 15.28 -42.30 -56.70
N THR C 236 14.11 -41.89 -57.20
CA THR C 236 13.64 -40.54 -56.94
C THR C 236 13.39 -40.33 -55.45
N GLN C 237 12.75 -41.30 -54.80
CA GLN C 237 12.45 -41.17 -53.37
C GLN C 237 13.74 -41.04 -52.55
N ILE C 238 14.73 -41.88 -52.85
CA ILE C 238 15.99 -41.80 -52.11
C ILE C 238 16.71 -40.50 -52.40
N SER C 239 16.77 -40.08 -53.67
CA SER C 239 17.55 -38.91 -54.05
C SER C 239 17.00 -37.64 -53.42
N ARG C 240 15.68 -37.51 -53.38
CA ARG C 240 15.08 -36.31 -52.80
C ARG C 240 15.55 -36.10 -51.37
N GLU C 241 15.57 -37.17 -50.57
CA GLU C 241 16.00 -37.04 -49.19
C GLU C 241 17.52 -36.95 -49.06
N ILE C 242 18.27 -37.61 -49.94
CA ILE C 242 19.73 -37.61 -49.82
C ILE C 242 20.30 -36.22 -50.12
N GLY C 243 19.99 -35.70 -51.30
CA GLY C 243 20.69 -34.49 -51.71
C GLY C 243 19.85 -33.42 -52.36
N GLY C 244 18.53 -33.51 -52.24
CA GLY C 244 17.68 -32.58 -52.93
C GLY C 244 17.84 -32.62 -54.44
N VAL C 245 18.26 -33.77 -54.97
CA VAL C 245 18.41 -33.92 -56.41
C VAL C 245 17.05 -33.79 -57.08
N SER C 246 16.97 -32.95 -58.10
CA SER C 246 15.70 -32.64 -58.74
C SER C 246 15.74 -33.08 -60.20
N ILE C 247 14.67 -33.75 -60.63
CA ILE C 247 14.60 -34.37 -61.95
C ILE C 247 14.03 -33.35 -62.92
N ALA C 248 14.83 -32.91 -63.88
CA ALA C 248 14.34 -32.01 -64.91
C ALA C 248 13.25 -32.67 -65.75
N GLN C 249 13.51 -33.89 -66.22
CA GLN C 249 12.55 -34.63 -67.02
C GLN C 249 12.62 -36.11 -66.68
N SER C 250 11.46 -36.73 -66.54
CA SER C 250 11.34 -38.17 -66.31
C SER C 250 10.55 -38.77 -67.46
N GLN C 251 11.13 -39.78 -68.10
CA GLN C 251 10.56 -40.35 -69.32
C GLN C 251 10.39 -41.85 -69.18
N LYS C 252 9.45 -42.40 -69.94
CA LYS C 252 9.18 -43.83 -69.97
C LYS C 252 9.12 -44.28 -71.42
N ILE C 253 9.78 -45.41 -71.72
CA ILE C 253 9.91 -45.92 -73.07
C ILE C 253 9.26 -47.29 -73.14
N PRO C 254 8.36 -47.54 -74.08
CA PRO C 254 7.86 -48.91 -74.29
C PRO C 254 8.78 -49.72 -75.19
N ARG C 255 8.36 -50.93 -75.54
CA ARG C 255 9.20 -51.83 -76.33
C ARG C 255 9.19 -51.52 -77.82
N GLU C 256 8.44 -50.52 -78.26
CA GLU C 256 8.37 -50.20 -79.68
C GLU C 256 9.49 -49.23 -80.05
N PRO C 257 10.39 -49.60 -80.95
CA PRO C 257 11.50 -48.72 -81.33
C PRO C 257 11.14 -47.67 -82.37
N ARG C 258 9.85 -47.44 -82.62
CA ARG C 258 9.43 -46.52 -83.65
C ARG C 258 10.04 -45.14 -83.41
N PRO C 259 10.47 -44.43 -84.47
CA PRO C 259 11.04 -43.09 -84.29
C PRO C 259 10.12 -42.14 -83.56
N GLY C 260 8.82 -42.43 -83.56
CA GLY C 260 7.88 -41.57 -82.86
C GLY C 260 8.17 -41.48 -81.37
N GLU C 261 8.62 -42.58 -80.76
CA GLU C 261 8.84 -42.60 -79.32
C GLU C 261 10.28 -42.29 -78.93
N PHE C 262 11.23 -43.12 -79.38
CA PHE C 262 12.60 -43.02 -78.87
C PHE C 262 13.28 -41.74 -79.35
N GLU C 263 13.10 -41.38 -80.62
CA GLU C 263 13.63 -40.12 -81.12
C GLU C 263 12.99 -38.95 -80.39
N LYS C 264 11.70 -39.06 -80.07
CA LYS C 264 11.05 -38.01 -79.29
C LYS C 264 11.60 -37.92 -77.88
N ILE C 265 11.97 -39.05 -77.27
CA ILE C 265 12.61 -39.01 -75.96
C ILE C 265 13.94 -38.29 -76.04
N ILE C 266 14.74 -38.63 -77.05
CA ILE C 266 16.03 -37.99 -77.22
C ILE C 266 15.87 -36.49 -77.46
N LYS C 267 14.87 -36.11 -78.27
CA LYS C 267 14.65 -34.69 -78.57
C LYS C 267 14.11 -33.95 -77.36
N ARG C 268 13.28 -34.59 -76.54
CA ARG C 268 12.78 -33.93 -75.35
C ARG C 268 13.86 -33.78 -74.29
N LEU C 269 14.84 -34.69 -74.26
CA LEU C 269 16.01 -34.50 -73.40
C LEU C 269 17.04 -33.58 -74.02
N LEU C 270 16.90 -33.26 -75.31
CA LEU C 270 17.74 -32.23 -75.93
C LEU C 270 17.57 -30.88 -75.24
N GLU C 271 16.36 -30.57 -74.81
CA GLU C 271 16.13 -29.36 -74.04
C GLU C 271 16.74 -29.51 -72.65
N THR C 272 16.65 -28.45 -71.86
CA THR C 272 17.27 -28.39 -70.55
C THR C 272 18.76 -28.76 -70.64
N PRO C 273 19.57 -27.97 -71.35
CA PRO C 273 20.98 -28.33 -71.52
C PRO C 273 21.77 -28.35 -70.22
N ASN C 274 21.28 -27.67 -69.18
CA ASN C 274 21.99 -27.66 -67.90
C ASN C 274 22.11 -29.05 -67.30
N ALA C 275 21.11 -29.91 -67.50
CA ALA C 275 21.15 -31.27 -67.00
C ALA C 275 21.93 -32.13 -67.98
N ARG C 276 23.20 -32.39 -67.65
CA ARG C 276 24.10 -33.14 -68.51
C ARG C 276 24.35 -34.56 -68.03
N ALA C 277 23.60 -35.03 -67.04
CA ALA C 277 23.68 -36.41 -66.57
C ALA C 277 22.30 -37.04 -66.66
N VAL C 278 22.24 -38.26 -67.17
CA VAL C 278 20.99 -39.00 -67.31
C VAL C 278 21.10 -40.30 -66.52
N ILE C 279 20.19 -40.51 -65.59
CA ILE C 279 20.10 -41.72 -64.77
C ILE C 279 19.01 -42.60 -65.35
N MET C 280 19.36 -43.85 -65.70
CA MET C 280 18.41 -44.70 -66.43
C MET C 280 18.18 -46.04 -65.76
N PHE C 281 16.90 -46.41 -65.63
CA PHE C 281 16.42 -47.74 -65.26
C PHE C 281 15.71 -48.31 -66.48
N ALA C 282 16.46 -48.97 -67.35
CA ALA C 282 15.92 -49.46 -68.61
C ALA C 282 16.37 -50.90 -68.84
N ASN C 283 15.60 -51.62 -69.65
CA ASN C 283 15.84 -53.03 -69.88
C ASN C 283 17.13 -53.24 -70.67
N GLU C 284 17.46 -54.51 -70.89
CA GLU C 284 18.67 -54.84 -71.66
C GLU C 284 18.50 -54.53 -73.14
N ASP C 285 17.26 -54.62 -73.64
CA ASP C 285 17.03 -54.38 -75.07
C ASP C 285 16.64 -52.93 -75.35
N ASP C 286 16.02 -52.24 -74.39
CA ASP C 286 15.67 -50.84 -74.58
C ASP C 286 16.92 -49.96 -74.69
N ILE C 287 17.94 -50.25 -73.90
CA ILE C 287 19.17 -49.45 -73.93
C ILE C 287 19.82 -49.50 -75.30
N ARG C 288 19.68 -50.61 -76.02
CA ARG C 288 20.23 -50.68 -77.37
C ARG C 288 19.55 -49.69 -78.30
N ARG C 289 18.22 -49.62 -78.23
CA ARG C 289 17.49 -48.67 -79.06
C ARG C 289 17.80 -47.24 -78.68
N ILE C 290 17.93 -46.96 -77.38
CA ILE C 290 18.23 -45.58 -76.99
C ILE C 290 19.66 -45.21 -77.37
N LEU C 291 20.60 -46.16 -77.34
CA LEU C 291 21.95 -45.88 -77.81
C LEU C 291 21.96 -45.58 -79.30
N GLU C 292 21.22 -46.34 -80.09
CA GLU C 292 21.17 -46.08 -81.52
C GLU C 292 20.53 -44.72 -81.80
N ALA C 293 19.46 -44.38 -81.06
CA ALA C 293 18.84 -43.07 -81.23
C ALA C 293 19.80 -41.95 -80.85
N ALA C 294 20.55 -42.12 -79.76
CA ALA C 294 21.53 -41.10 -79.36
C ALA C 294 22.62 -40.96 -80.39
N LYS C 295 23.07 -42.08 -80.96
CA LYS C 295 24.10 -42.03 -82.00
C LYS C 295 23.61 -41.27 -83.23
N LYS C 296 22.36 -41.50 -83.62
CA LYS C 296 21.83 -40.82 -84.80
C LYS C 296 21.90 -39.30 -84.66
N LEU C 297 21.68 -38.79 -83.44
CA LEU C 297 21.73 -37.35 -83.19
C LEU C 297 23.06 -36.90 -82.60
N ASN C 298 23.79 -37.78 -81.91
CA ASN C 298 25.09 -37.47 -81.30
C ASN C 298 24.95 -36.47 -80.15
N GLN C 299 23.84 -36.52 -79.43
CA GLN C 299 23.48 -35.46 -78.51
C GLN C 299 22.45 -35.99 -77.51
N SER C 300 21.77 -35.08 -76.83
CA SER C 300 20.78 -35.39 -75.79
C SER C 300 21.39 -36.04 -74.56
N GLY C 301 22.25 -35.31 -73.85
CA GLY C 301 22.77 -35.77 -72.58
C GLY C 301 23.71 -36.95 -72.69
N HIS C 302 24.40 -37.10 -73.82
CA HIS C 302 25.30 -38.22 -74.01
C HIS C 302 26.41 -38.25 -72.96
N PHE C 303 26.69 -37.12 -72.33
CA PHE C 303 27.62 -37.11 -71.22
C PHE C 303 27.02 -37.91 -70.05
N LEU C 304 27.77 -38.91 -69.59
CA LEU C 304 27.51 -39.57 -68.30
C LEU C 304 26.10 -40.15 -68.23
N TRP C 305 25.87 -41.13 -69.11
CA TRP C 305 24.79 -42.08 -68.86
C TRP C 305 25.14 -42.89 -67.62
N ILE C 306 24.19 -43.03 -66.70
CA ILE C 306 24.39 -43.88 -65.53
C ILE C 306 23.30 -44.94 -65.54
N GLY C 307 23.67 -46.15 -65.95
CA GLY C 307 22.74 -47.25 -66.05
C GLY C 307 22.84 -48.22 -64.87
N SER C 308 21.79 -49.02 -64.71
CA SER C 308 21.73 -50.03 -63.67
C SER C 308 22.29 -51.35 -64.21
N ASP C 309 22.09 -52.44 -63.47
CA ASP C 309 22.66 -53.73 -63.84
C ASP C 309 22.15 -54.23 -65.19
N SER C 310 20.98 -53.75 -65.65
CA SER C 310 20.49 -54.14 -66.96
C SER C 310 21.44 -53.69 -68.06
N TRP C 311 21.97 -52.46 -67.96
CA TRP C 311 23.15 -52.13 -68.75
C TRP C 311 24.35 -52.96 -68.31
N GLY C 312 24.64 -52.96 -67.00
CA GLY C 312 25.74 -53.77 -66.50
C GLY C 312 27.04 -53.46 -67.20
N SER C 313 27.79 -54.51 -67.51
CA SER C 313 29.00 -54.42 -68.31
C SER C 313 28.82 -55.08 -69.67
N LYS C 314 27.59 -55.08 -70.19
CA LYS C 314 27.32 -55.67 -71.49
C LYS C 314 27.99 -54.85 -72.58
N ILE C 315 28.90 -55.48 -73.31
CA ILE C 315 29.57 -54.80 -74.41
C ILE C 315 28.72 -54.81 -75.67
N ALA C 316 27.79 -55.76 -75.80
CA ALA C 316 26.99 -55.89 -77.01
C ALA C 316 26.17 -54.64 -77.34
N PRO C 317 25.48 -53.98 -76.40
CA PRO C 317 24.65 -52.82 -76.79
C PRO C 317 25.42 -51.70 -77.46
N VAL C 318 26.67 -51.46 -77.04
CA VAL C 318 27.43 -50.30 -77.53
C VAL C 318 28.09 -50.55 -78.88
N TYR C 319 27.95 -51.74 -79.47
CA TYR C 319 28.51 -51.99 -80.79
C TYR C 319 27.91 -51.04 -81.81
N GLN C 320 28.79 -50.45 -82.63
CA GLN C 320 28.50 -49.40 -83.61
C GLN C 320 28.06 -48.10 -82.93
N GLN C 321 28.05 -48.04 -81.61
CA GLN C 321 27.61 -46.87 -80.86
C GLN C 321 28.60 -46.53 -79.75
N GLU C 322 29.88 -46.89 -79.94
CA GLU C 322 30.82 -46.91 -78.83
C GLU C 322 31.10 -45.52 -78.28
N GLU C 323 31.44 -44.57 -79.15
CA GLU C 323 31.82 -43.24 -78.70
C GLU C 323 30.66 -42.51 -78.03
N ILE C 324 29.43 -42.95 -78.25
CA ILE C 324 28.28 -42.39 -77.54
C ILE C 324 28.37 -42.71 -76.05
N ALA C 325 28.79 -43.92 -75.71
CA ALA C 325 28.75 -44.43 -74.35
C ALA C 325 30.02 -44.15 -73.55
N GLU C 326 30.97 -43.41 -74.12
CA GLU C 326 32.23 -43.17 -73.42
C GLU C 326 32.01 -42.41 -72.12
N GLY C 327 32.67 -42.86 -71.06
CA GLY C 327 32.61 -42.22 -69.77
C GLY C 327 31.43 -42.62 -68.90
N ALA C 328 30.57 -43.52 -69.37
CA ALA C 328 29.39 -43.91 -68.60
C ALA C 328 29.78 -44.69 -67.36
N VAL C 329 28.98 -44.55 -66.31
CA VAL C 329 29.17 -45.26 -65.05
C VAL C 329 28.02 -46.23 -64.88
N THR C 330 28.34 -47.52 -64.72
CA THR C 330 27.34 -48.57 -64.60
C THR C 330 27.60 -49.38 -63.34
N ILE C 331 26.56 -50.06 -62.86
CA ILE C 331 26.58 -50.79 -61.60
C ILE C 331 26.21 -52.24 -61.87
N LEU C 332 26.92 -53.16 -61.22
CA LEU C 332 26.59 -54.58 -61.28
C LEU C 332 26.61 -55.19 -59.90
N PRO C 333 25.87 -56.28 -59.69
CA PRO C 333 26.11 -57.10 -58.49
C PRO C 333 27.55 -57.56 -58.43
N LYS C 334 28.07 -57.66 -57.20
CA LYS C 334 29.45 -58.08 -57.00
C LYS C 334 29.57 -59.60 -57.15
N ARG C 335 30.38 -60.04 -58.08
CA ARG C 335 30.50 -61.46 -58.40
C ARG C 335 31.96 -61.83 -58.60
N ALA C 336 32.24 -63.12 -58.43
CA ALA C 336 33.56 -63.70 -58.68
C ALA C 336 33.46 -64.71 -59.81
N SER C 337 34.41 -64.66 -60.73
CA SER C 337 34.39 -65.54 -61.89
C SER C 337 34.56 -67.00 -61.48
N ILE C 338 33.94 -67.89 -62.24
CA ILE C 338 34.02 -69.33 -62.03
C ILE C 338 35.01 -69.91 -63.05
N ASP C 339 36.12 -70.46 -62.54
CA ASP C 339 37.10 -71.06 -63.43
C ASP C 339 36.59 -72.38 -64.01
N GLY C 340 35.83 -73.14 -63.23
CA GLY C 340 35.38 -74.45 -63.69
C GLY C 340 34.47 -74.37 -64.91
N PHE C 341 33.56 -73.40 -64.93
CA PHE C 341 32.65 -73.26 -66.06
C PHE C 341 33.39 -72.85 -67.33
N ASP C 342 34.53 -72.16 -67.19
CA ASP C 342 35.26 -71.69 -68.35
C ASP C 342 35.69 -72.84 -69.25
N ARG C 343 36.32 -73.87 -68.68
CA ARG C 343 36.79 -74.99 -69.49
C ARG C 343 35.62 -75.72 -70.14
N TYR C 344 34.52 -75.86 -69.41
CA TYR C 344 33.33 -76.50 -69.99
C TYR C 344 32.83 -75.73 -71.20
N PHE C 345 32.82 -74.39 -71.12
CA PHE C 345 32.36 -73.61 -72.27
C PHE C 345 33.37 -73.65 -73.41
N ARG C 346 34.68 -73.70 -73.09
CA ARG C 346 35.68 -73.87 -74.14
C ARG C 346 35.45 -75.17 -74.91
N SER C 347 35.15 -76.26 -74.19
CA SER C 347 35.00 -77.55 -74.83
C SER C 347 33.79 -77.63 -75.75
N ARG C 348 32.81 -76.73 -75.59
CA ARG C 348 31.59 -76.81 -76.38
C ARG C 348 31.86 -76.43 -77.84
N THR C 349 31.47 -77.32 -78.75
CA THR C 349 31.53 -77.07 -80.18
C THR C 349 30.27 -77.65 -80.82
N LEU C 350 30.12 -77.45 -82.13
CA LEU C 350 28.94 -77.95 -82.83
C LEU C 350 28.88 -79.48 -82.79
N ALA C 351 30.02 -80.14 -82.96
CA ALA C 351 30.03 -81.61 -83.01
C ALA C 351 29.73 -82.20 -81.64
N ASN C 352 30.38 -81.69 -80.59
CA ASN C 352 30.22 -82.28 -79.26
C ASN C 352 28.85 -81.96 -78.66
N ASN C 353 28.40 -80.71 -78.78
CA ASN C 353 27.19 -80.26 -78.09
C ASN C 353 25.97 -80.45 -78.98
N ARG C 354 25.50 -81.70 -79.01
CA ARG C 354 24.21 -82.01 -79.61
C ARG C 354 23.06 -81.90 -78.63
N ARG C 355 23.37 -81.79 -77.33
CA ARG C 355 22.31 -81.69 -76.32
C ARG C 355 21.50 -80.42 -76.47
N ASN C 356 22.17 -79.29 -76.75
CA ASN C 356 21.50 -78.01 -76.87
C ASN C 356 21.05 -77.81 -78.30
N VAL C 357 19.74 -77.66 -78.50
CA VAL C 357 19.20 -77.55 -79.85
C VAL C 357 19.53 -76.20 -80.48
N TRP C 358 19.59 -75.13 -79.68
CA TRP C 358 19.86 -73.80 -80.21
C TRP C 358 21.33 -73.58 -80.56
N PHE C 359 22.23 -74.44 -80.08
CA PHE C 359 23.66 -74.14 -80.13
C PHE C 359 24.14 -73.91 -81.55
N ALA C 360 23.66 -74.72 -82.51
CA ALA C 360 24.07 -74.54 -83.90
C ALA C 360 23.83 -73.11 -84.36
N GLU C 361 22.64 -72.58 -84.10
CA GLU C 361 22.36 -71.20 -84.50
C GLU C 361 23.31 -70.22 -83.82
N PHE C 362 23.61 -70.46 -82.54
CA PHE C 362 24.59 -69.61 -81.86
C PHE C 362 25.91 -69.61 -82.59
N TRP C 363 26.34 -70.79 -83.05
CA TRP C 363 27.61 -70.88 -83.79
C TRP C 363 27.59 -70.00 -85.02
N GLU C 364 26.43 -69.87 -85.67
CA GLU C 364 26.34 -69.00 -86.83
C GLU C 364 26.54 -67.54 -86.44
N GLU C 365 25.97 -67.12 -85.31
CA GLU C 365 26.06 -65.71 -84.94
C GLU C 365 27.44 -65.37 -84.37
N ASN C 366 27.97 -66.22 -83.49
CA ASN C 366 29.21 -65.88 -82.78
C ASN C 366 30.38 -65.78 -83.74
N PHE C 367 30.52 -66.73 -84.66
CA PHE C 367 31.68 -66.78 -85.54
C PHE C 367 31.42 -66.23 -86.93
N GLY C 368 30.15 -66.10 -87.33
CA GLY C 368 29.83 -65.60 -88.65
C GLY C 368 29.88 -66.62 -89.77
N CYS C 369 30.30 -67.85 -89.47
CA CYS C 369 30.34 -68.90 -90.47
C CYS C 369 28.99 -69.60 -90.57
N LYS C 370 28.57 -69.87 -91.80
CA LYS C 370 27.28 -70.52 -92.03
C LYS C 370 27.42 -71.71 -92.97
N LYS C 382 29.05 -68.36 -96.37
CA LYS C 382 30.16 -69.24 -96.70
C LYS C 382 30.23 -70.43 -95.74
N LYS C 383 30.79 -71.53 -96.22
CA LYS C 383 30.93 -72.71 -95.39
C LYS C 383 31.90 -72.45 -94.24
N CYS C 384 31.61 -73.05 -93.09
CA CYS C 384 32.43 -72.82 -91.91
C CYS C 384 33.79 -73.49 -92.07
N THR C 385 34.78 -72.94 -91.37
CA THR C 385 36.15 -73.44 -91.48
C THR C 385 36.26 -74.88 -90.99
N GLY C 386 35.55 -75.21 -89.92
CA GLY C 386 35.64 -76.52 -89.32
C GLY C 386 36.68 -76.65 -88.24
N LEU C 387 37.47 -75.61 -87.99
CA LEU C 387 38.48 -75.61 -86.94
C LEU C 387 38.28 -74.48 -85.94
N GLU C 388 37.30 -73.61 -86.15
CA GLU C 388 37.04 -72.52 -85.22
C GLU C 388 36.59 -73.07 -83.87
N ARG C 389 37.08 -72.46 -82.79
CA ARG C 389 36.71 -72.85 -81.45
C ARG C 389 36.44 -71.60 -80.63
N ILE C 390 35.51 -71.72 -79.68
CA ILE C 390 35.22 -70.61 -78.78
C ILE C 390 36.39 -70.41 -77.84
N ALA C 391 36.61 -69.16 -77.44
CA ALA C 391 37.52 -68.81 -76.34
C ALA C 391 38.96 -69.22 -76.64
N ARG C 392 39.50 -68.63 -77.70
CA ARG C 392 40.94 -68.59 -77.93
C ARG C 392 41.58 -67.39 -77.24
N ASP C 393 40.94 -66.89 -76.19
CA ASP C 393 41.17 -65.62 -75.49
C ASP C 393 40.58 -64.46 -76.28
N SER C 394 39.92 -64.72 -77.40
CA SER C 394 39.23 -63.71 -78.19
C SER C 394 37.75 -64.06 -78.26
N SER C 395 36.90 -63.06 -78.03
CA SER C 395 35.44 -63.09 -78.13
C SER C 395 34.77 -63.80 -76.96
N TYR C 396 35.51 -64.27 -75.96
CA TYR C 396 34.93 -64.95 -74.81
C TYR C 396 35.08 -64.09 -73.57
N GLU C 397 33.95 -63.68 -73.00
CA GLU C 397 33.92 -62.98 -71.72
C GLU C 397 32.79 -63.56 -70.91
N GLN C 398 33.11 -64.09 -69.73
CA GLN C 398 32.10 -64.73 -68.90
C GLN C 398 31.08 -63.70 -68.43
N GLU C 399 29.81 -64.10 -68.45
CA GLU C 399 28.73 -63.21 -68.02
C GLU C 399 28.82 -62.99 -66.51
N GLY C 400 28.32 -61.84 -66.07
CA GLY C 400 28.48 -61.46 -64.67
C GLY C 400 27.72 -62.38 -63.72
N LYS C 401 26.50 -62.76 -64.08
CA LYS C 401 25.60 -63.42 -63.15
C LYS C 401 25.70 -64.94 -63.17
N VAL C 402 26.74 -65.49 -63.81
CA VAL C 402 26.80 -66.93 -64.01
C VAL C 402 26.82 -67.67 -62.67
N GLN C 403 27.59 -67.17 -61.69
CA GLN C 403 27.62 -67.83 -60.40
C GLN C 403 26.25 -67.82 -59.75
N PHE C 404 25.49 -66.73 -59.94
CA PHE C 404 24.15 -66.67 -59.36
C PHE C 404 23.23 -67.71 -59.96
N VAL C 405 23.57 -68.25 -61.14
CA VAL C 405 22.89 -69.43 -61.63
C VAL C 405 23.29 -70.66 -60.82
N ILE C 406 24.60 -70.89 -60.71
CA ILE C 406 25.10 -72.12 -60.13
C ILE C 406 24.59 -72.29 -58.71
N ASP C 407 24.71 -71.24 -57.89
CA ASP C 407 24.22 -71.30 -56.52
C ASP C 407 22.77 -71.76 -56.48
N ALA C 408 21.93 -71.17 -57.32
CA ALA C 408 20.52 -71.57 -57.33
C ALA C 408 20.40 -73.05 -57.63
N VAL C 409 21.09 -73.53 -58.66
CA VAL C 409 21.01 -74.95 -59.02
C VAL C 409 21.51 -75.80 -57.86
N TYR C 410 22.49 -75.31 -57.11
CA TYR C 410 22.95 -76.05 -55.95
C TYR C 410 21.97 -75.95 -54.79
N SER C 411 21.40 -74.76 -54.57
CA SER C 411 20.64 -74.53 -53.35
C SER C 411 19.47 -75.50 -53.24
N MET C 412 18.65 -75.59 -54.28
CA MET C 412 17.54 -76.54 -54.27
C MET C 412 18.05 -77.96 -54.03
N ALA C 413 19.17 -78.33 -54.65
CA ALA C 413 19.72 -79.65 -54.41
C ALA C 413 19.99 -79.86 -52.93
N TYR C 414 20.62 -78.89 -52.29
CA TYR C 414 20.82 -78.98 -50.84
C TYR C 414 19.47 -79.05 -50.12
N ALA C 415 18.52 -78.21 -50.53
CA ALA C 415 17.18 -78.27 -49.97
C ALA C 415 16.59 -79.65 -50.19
N LEU C 416 16.84 -80.25 -51.35
CA LEU C 416 16.42 -81.63 -51.56
C LEU C 416 17.20 -82.59 -50.67
N HIS C 417 18.52 -82.41 -50.59
CA HIS C 417 19.35 -83.39 -49.90
C HIS C 417 18.98 -83.51 -48.43
N ASN C 418 18.90 -82.38 -47.74
CA ASN C 418 18.49 -82.38 -46.33
C ASN C 418 17.14 -83.06 -46.17
N MET C 419 16.24 -82.88 -47.14
CA MET C 419 14.96 -83.57 -47.08
C MET C 419 15.13 -85.08 -47.25
N HIS C 420 15.94 -85.50 -48.22
CA HIS C 420 15.98 -86.92 -48.56
C HIS C 420 16.58 -87.74 -47.44
N LYS C 421 17.50 -87.15 -46.68
CA LYS C 421 18.09 -87.85 -45.54
C LYS C 421 17.11 -87.94 -44.38
N ASP C 422 16.18 -86.98 -44.28
CA ASP C 422 15.24 -86.98 -43.16
C ASP C 422 14.02 -87.86 -43.45
N LEU C 423 13.36 -87.64 -44.58
CA LEU C 423 12.12 -88.35 -44.87
C LEU C 423 12.36 -89.82 -45.19
N CYS C 424 13.53 -90.17 -45.70
CA CYS C 424 13.82 -91.54 -46.13
C CYS C 424 15.08 -92.03 -45.44
N PRO C 425 15.02 -92.33 -44.14
CA PRO C 425 16.21 -92.80 -43.43
C PRO C 425 16.61 -94.20 -43.87
N GLY C 426 17.92 -94.41 -44.03
CA GLY C 426 18.46 -95.72 -44.31
C GLY C 426 18.44 -96.12 -45.77
N TYR C 427 17.78 -95.35 -46.63
CA TYR C 427 17.67 -95.67 -48.06
C TYR C 427 17.99 -94.41 -48.85
N ILE C 428 19.07 -94.45 -49.62
CA ILE C 428 19.46 -93.29 -50.40
C ILE C 428 18.45 -93.03 -51.52
N GLY C 429 18.00 -94.10 -52.17
CA GLY C 429 17.07 -93.96 -53.27
C GLY C 429 15.71 -93.45 -52.83
N LEU C 430 14.83 -93.27 -53.81
CA LEU C 430 13.49 -92.79 -53.54
C LEU C 430 12.74 -93.81 -52.68
N CYS C 431 12.12 -93.33 -51.61
CA CYS C 431 11.36 -94.18 -50.71
C CYS C 431 9.87 -93.89 -50.85
N PRO C 432 9.00 -94.84 -50.45
CA PRO C 432 7.55 -94.63 -50.65
C PRO C 432 7.01 -93.36 -50.00
N ARG C 433 7.54 -92.96 -48.84
CA ARG C 433 7.07 -91.73 -48.20
C ARG C 433 7.26 -90.52 -49.10
N MET C 434 8.25 -90.56 -49.99
CA MET C 434 8.52 -89.47 -50.91
C MET C 434 7.84 -89.68 -52.27
N SER C 435 6.82 -90.55 -52.32
CA SER C 435 6.06 -90.72 -53.56
C SER C 435 5.51 -89.38 -54.06
N THR C 436 5.01 -88.55 -53.14
CA THR C 436 4.52 -87.22 -53.45
C THR C 436 5.31 -86.20 -52.65
N ILE C 437 5.99 -85.29 -53.35
CA ILE C 437 6.77 -84.25 -52.70
C ILE C 437 5.86 -83.12 -52.28
N ASP C 438 6.11 -82.56 -51.09
CA ASP C 438 5.33 -81.46 -50.56
C ASP C 438 6.05 -80.15 -50.87
N GLY C 439 5.38 -79.26 -51.62
CA GLY C 439 5.99 -77.97 -51.94
C GLY C 439 6.21 -77.12 -50.70
N LYS C 440 5.24 -77.10 -49.80
CA LYS C 440 5.37 -76.31 -48.58
C LYS C 440 6.53 -76.81 -47.71
N GLU C 441 6.65 -78.13 -47.57
CA GLU C 441 7.74 -78.68 -46.76
C GLU C 441 9.10 -78.40 -47.40
N LEU C 442 9.19 -78.53 -48.73
CA LEU C 442 10.45 -78.21 -49.40
C LEU C 442 10.80 -76.74 -49.23
N LEU C 443 9.81 -75.86 -49.36
CA LEU C 443 10.08 -74.43 -49.18
C LEU C 443 10.48 -74.11 -47.75
N GLY C 444 9.91 -74.81 -46.77
CA GLY C 444 10.36 -74.68 -45.40
C GLY C 444 11.74 -75.27 -45.16
N TYR C 445 12.16 -76.21 -46.02
CA TYR C 445 13.53 -76.72 -46.01
C TYR C 445 14.51 -75.84 -46.76
N ILE C 446 14.02 -74.89 -47.57
CA ILE C 446 14.92 -74.12 -48.42
C ILE C 446 15.21 -72.71 -47.88
N ARG C 447 14.32 -72.15 -47.07
CA ARG C 447 14.62 -70.87 -46.44
C ARG C 447 15.58 -71.00 -45.27
N ALA C 448 15.88 -72.20 -44.82
CA ALA C 448 16.72 -72.42 -43.64
C ALA C 448 17.98 -73.22 -44.01
N VAL C 449 18.59 -72.87 -45.13
CA VAL C 449 19.84 -73.49 -45.56
C VAL C 449 20.90 -72.41 -45.71
N ASN C 450 22.15 -72.81 -45.53
CA ASN C 450 23.30 -71.96 -45.79
C ASN C 450 24.50 -72.86 -46.04
N PHE C 451 25.37 -72.45 -46.94
CA PHE C 451 26.51 -73.29 -47.31
C PHE C 451 27.55 -72.46 -48.03
N ASN C 452 28.63 -73.12 -48.42
CA ASN C 452 29.70 -72.49 -49.18
C ASN C 452 29.51 -72.78 -50.66
N GLY C 453 29.55 -71.73 -51.48
CA GLY C 453 29.38 -71.92 -52.91
C GLY C 453 30.52 -72.75 -53.49
N SER C 454 30.22 -73.45 -54.58
CA SER C 454 31.22 -74.28 -55.24
C SER C 454 32.40 -73.46 -55.76
N ALA C 455 32.25 -72.14 -55.89
CA ALA C 455 33.30 -71.29 -56.43
C ALA C 455 33.91 -70.36 -55.39
N GLY C 456 33.44 -70.38 -54.15
CA GLY C 456 34.14 -69.66 -53.10
C GLY C 456 33.39 -68.60 -52.32
N THR C 457 32.06 -68.57 -52.39
CA THR C 457 31.30 -67.57 -51.66
C THR C 457 30.15 -68.22 -50.90
N PRO C 458 29.82 -67.69 -49.72
CA PRO C 458 28.66 -68.19 -48.99
C PRO C 458 27.36 -67.99 -49.76
N VAL C 459 26.46 -68.95 -49.62
CA VAL C 459 25.11 -68.89 -50.16
C VAL C 459 24.13 -69.08 -49.02
N THR C 460 23.20 -68.13 -48.85
CA THR C 460 22.16 -68.20 -47.85
C THR C 460 21.05 -67.23 -48.24
N PHE C 461 19.87 -67.45 -47.68
CA PHE C 461 18.69 -66.64 -47.98
C PHE C 461 18.29 -65.81 -46.76
N ASN C 462 17.82 -64.59 -47.02
CA ASN C 462 17.31 -63.72 -45.97
C ASN C 462 15.89 -64.15 -45.61
N GLU C 463 15.23 -63.37 -44.75
CA GLU C 463 13.89 -63.71 -44.31
C GLU C 463 12.90 -63.72 -45.47
N ASN C 464 13.06 -62.79 -46.40
CA ASN C 464 12.18 -62.71 -47.57
C ASN C 464 12.70 -63.51 -48.76
N GLY C 465 13.85 -64.18 -48.62
CA GLY C 465 14.42 -64.94 -49.70
C GLY C 465 15.38 -64.19 -50.60
N ASP C 466 15.84 -63.01 -50.19
CA ASP C 466 16.72 -62.20 -51.01
C ASP C 466 18.18 -62.51 -50.69
N ALA C 467 19.09 -61.70 -51.21
CA ALA C 467 20.52 -61.85 -51.06
C ALA C 467 21.12 -60.52 -50.62
N PRO C 468 22.28 -60.53 -49.97
CA PRO C 468 22.88 -59.27 -49.53
C PRO C 468 23.31 -58.41 -50.70
N GLY C 469 23.24 -57.10 -50.49
CA GLY C 469 23.53 -56.15 -51.56
C GLY C 469 24.93 -55.61 -51.58
N ARG C 470 25.75 -56.12 -52.50
CA ARG C 470 27.08 -55.59 -52.76
C ARG C 470 27.18 -55.30 -54.24
N TYR C 471 27.65 -54.10 -54.59
CA TYR C 471 27.69 -53.67 -55.98
C TYR C 471 29.08 -53.21 -56.35
N ASP C 472 29.40 -53.39 -57.63
CA ASP C 472 30.63 -52.94 -58.24
C ASP C 472 30.30 -51.88 -59.29
N ILE C 473 31.24 -50.96 -59.48
CA ILE C 473 31.05 -49.81 -60.35
C ILE C 473 32.06 -49.88 -61.48
N PHE C 474 31.57 -49.79 -62.71
CA PHE C 474 32.37 -49.91 -63.91
C PHE C 474 32.22 -48.64 -64.75
N GLN C 475 33.26 -48.36 -65.53
CA GLN C 475 33.24 -47.15 -66.40
C GLN C 475 33.69 -47.54 -67.81
N TYR C 476 32.99 -47.02 -68.83
CA TYR C 476 33.29 -47.30 -70.23
C TYR C 476 34.42 -46.37 -70.68
N GLN C 477 35.65 -46.81 -70.48
CA GLN C 477 36.82 -46.06 -70.86
C GLN C 477 37.31 -46.49 -72.24
N ILE C 478 38.18 -45.67 -72.82
CA ILE C 478 38.81 -45.95 -74.11
C ILE C 478 40.32 -45.89 -73.90
N THR C 479 40.97 -47.05 -73.92
CA THR C 479 42.44 -47.16 -73.89
C THR C 479 42.85 -48.09 -75.02
N ASN C 480 43.00 -47.52 -76.22
CA ASN C 480 43.53 -48.22 -77.39
C ASN C 480 42.60 -49.33 -77.88
N LYS C 481 41.50 -49.54 -77.18
CA LYS C 481 40.53 -50.57 -77.52
C LYS C 481 39.15 -50.03 -77.84
N SER C 482 38.79 -48.87 -77.27
CA SER C 482 37.52 -48.19 -77.50
C SER C 482 36.36 -48.89 -76.82
N THR C 483 36.62 -50.06 -76.22
CA THR C 483 35.65 -50.77 -75.40
C THR C 483 36.38 -51.33 -74.18
N GLU C 484 35.98 -50.89 -72.99
CA GLU C 484 36.56 -51.42 -71.77
C GLU C 484 35.72 -50.99 -70.58
N TYR C 485 35.77 -51.80 -69.52
CA TYR C 485 34.89 -51.67 -68.36
C TYR C 485 35.66 -51.82 -67.05
N LYS C 486 36.71 -51.03 -66.86
CA LYS C 486 37.48 -51.10 -65.63
C LYS C 486 36.59 -50.95 -64.39
N VAL C 487 36.83 -51.80 -63.40
CA VAL C 487 36.18 -51.65 -62.09
C VAL C 487 36.71 -50.38 -61.44
N ILE C 488 35.80 -49.55 -60.93
CA ILE C 488 36.18 -48.25 -60.38
C ILE C 488 35.93 -48.14 -58.89
N GLY C 489 35.09 -48.97 -58.32
CA GLY C 489 34.79 -48.85 -56.90
C GLY C 489 33.88 -49.94 -56.41
N HIS C 490 33.20 -49.67 -55.31
CA HIS C 490 32.39 -50.66 -54.63
C HIS C 490 31.32 -49.96 -53.80
N TRP C 491 30.28 -50.72 -53.46
CA TRP C 491 29.22 -50.23 -52.59
C TRP C 491 28.67 -51.40 -51.80
N THR C 492 29.00 -51.47 -50.51
CA THR C 492 28.36 -52.39 -49.55
C THR C 492 27.99 -51.55 -48.34
N ASN C 493 26.80 -50.94 -48.39
CA ASN C 493 26.25 -50.03 -47.38
C ASN C 493 27.02 -48.72 -47.32
N GLN C 494 28.11 -48.57 -48.07
CA GLN C 494 28.86 -47.34 -48.16
C GLN C 494 29.57 -47.31 -49.50
N LEU C 495 29.83 -46.11 -50.00
CA LEU C 495 30.35 -45.92 -51.35
C LEU C 495 31.85 -45.69 -51.31
N HIS C 496 32.60 -46.49 -52.04
CA HIS C 496 34.04 -46.30 -52.21
C HIS C 496 34.33 -46.16 -53.69
N LEU C 497 35.13 -45.14 -54.04
CA LEU C 497 35.38 -44.84 -55.44
C LEU C 497 36.78 -44.25 -55.58
N LYS C 498 37.36 -44.43 -56.76
CA LYS C 498 38.60 -43.78 -57.14
C LYS C 498 38.32 -42.90 -58.34
N VAL C 499 38.58 -41.60 -58.20
CA VAL C 499 38.23 -40.65 -59.25
C VAL C 499 39.37 -40.39 -60.23
N GLU C 500 40.62 -40.66 -59.84
CA GLU C 500 41.76 -40.30 -60.66
C GLU C 500 41.97 -41.25 -61.84
N ASP C 501 41.34 -42.43 -61.83
CA ASP C 501 41.44 -43.34 -62.96
C ASP C 501 40.29 -43.20 -63.94
N MET C 502 39.21 -42.52 -63.55
CA MET C 502 38.07 -42.35 -64.44
C MET C 502 38.44 -41.46 -65.63
N GLN C 503 37.79 -41.72 -66.76
CA GLN C 503 37.92 -40.92 -67.97
C GLN C 503 36.53 -40.43 -68.36
N TRP C 504 36.37 -39.12 -68.46
CA TRP C 504 35.06 -38.51 -68.54
C TRP C 504 34.66 -38.24 -69.99
N ALA C 505 33.36 -38.03 -70.18
CA ALA C 505 32.80 -37.90 -71.52
C ALA C 505 33.17 -36.59 -72.18
N HIS C 506 33.09 -35.48 -71.43
CA HIS C 506 33.26 -34.15 -72.00
C HIS C 506 34.60 -34.00 -72.70
N ARG C 507 35.68 -34.02 -71.94
CA ARG C 507 37.05 -33.90 -72.43
C ARG C 507 38.00 -34.35 -71.34
N GLU C 508 38.93 -35.24 -71.69
CA GLU C 508 39.93 -35.72 -70.75
C GLU C 508 39.31 -36.18 -69.44
N HIS C 509 39.59 -35.45 -68.36
CA HIS C 509 39.06 -35.76 -67.04
C HIS C 509 38.17 -34.64 -66.51
N THR C 510 37.61 -33.82 -67.41
CA THR C 510 36.73 -32.73 -66.99
C THR C 510 35.39 -33.28 -66.54
N HIS C 511 35.04 -33.03 -65.27
CA HIS C 511 33.79 -33.57 -64.70
C HIS C 511 32.58 -32.76 -65.19
N PRO C 512 31.44 -33.41 -65.46
CA PRO C 512 30.22 -32.71 -65.91
C PRO C 512 29.69 -31.77 -64.85
N ALA C 513 28.96 -30.76 -65.32
CA ALA C 513 28.33 -29.77 -64.45
C ALA C 513 26.82 -29.89 -64.63
N SER C 514 26.19 -30.74 -63.81
CA SER C 514 24.74 -30.90 -63.80
C SER C 514 24.20 -30.16 -62.59
N VAL C 515 23.97 -28.86 -62.76
CA VAL C 515 23.48 -28.01 -61.69
C VAL C 515 22.92 -26.74 -62.31
N CYS C 516 21.86 -26.20 -61.71
CA CYS C 516 21.26 -24.96 -62.16
C CYS C 516 21.41 -23.84 -61.13
N SER C 517 20.93 -24.06 -59.91
CA SER C 517 20.98 -23.05 -58.86
C SER C 517 22.23 -23.24 -58.01
N LEU C 518 22.29 -22.54 -56.88
CA LEU C 518 23.40 -22.61 -55.94
C LEU C 518 22.86 -22.76 -54.53
N PRO C 519 23.63 -23.37 -53.63
CA PRO C 519 23.19 -23.50 -52.24
C PRO C 519 23.13 -22.15 -51.55
N CYS C 520 22.64 -22.16 -50.31
CA CYS C 520 22.30 -20.93 -49.61
C CYS C 520 22.99 -20.92 -48.25
N LYS C 521 22.66 -19.91 -47.45
CA LYS C 521 23.22 -19.66 -46.14
C LYS C 521 22.13 -19.69 -45.09
N PRO C 522 22.47 -19.87 -43.82
CA PRO C 522 21.45 -19.74 -42.76
C PRO C 522 21.04 -18.29 -42.61
N GLY C 523 19.78 -18.01 -42.90
CA GLY C 523 19.28 -16.66 -42.99
C GLY C 523 18.87 -16.21 -44.37
N GLU C 524 18.69 -17.13 -45.31
CA GLU C 524 18.27 -16.84 -46.67
C GLU C 524 17.05 -17.67 -47.00
N ARG C 525 16.20 -17.14 -47.87
CA ARG C 525 14.95 -17.80 -48.22
C ARG C 525 14.98 -18.27 -49.66
N LYS C 526 14.52 -19.49 -49.88
CA LYS C 526 14.39 -20.05 -51.22
C LYS C 526 13.21 -19.40 -51.92
N LYS C 527 13.50 -18.60 -52.95
CA LYS C 527 12.47 -17.99 -53.79
C LYS C 527 12.40 -18.76 -55.10
N THR C 528 11.22 -19.27 -55.43
CA THR C 528 11.06 -20.11 -56.60
C THR C 528 11.23 -19.28 -57.87
N VAL C 529 11.42 -20.00 -58.98
CA VAL C 529 11.52 -19.40 -60.31
C VAL C 529 10.54 -20.16 -61.21
N LYS C 530 9.56 -19.44 -61.77
CA LYS C 530 8.58 -20.07 -62.64
C LYS C 530 9.24 -20.63 -63.89
N GLY C 531 8.74 -21.77 -64.35
CA GLY C 531 9.22 -22.44 -65.53
C GLY C 531 10.21 -23.57 -65.25
N VAL C 532 10.90 -23.51 -64.10
CA VAL C 532 11.83 -24.57 -63.70
C VAL C 532 11.64 -24.83 -62.21
N PRO C 533 10.82 -25.81 -61.84
CA PRO C 533 10.67 -26.12 -60.39
C PRO C 533 11.97 -26.45 -59.70
N CYS C 534 12.95 -27.01 -60.41
CA CYS C 534 14.21 -27.39 -59.79
C CYS C 534 14.96 -26.18 -59.24
N CYS C 535 15.17 -25.17 -60.08
CA CYS C 535 16.01 -24.04 -59.70
C CYS C 535 15.28 -23.12 -58.74
N TRP C 536 16.05 -22.23 -58.11
CA TRP C 536 15.46 -21.21 -57.25
C TRP C 536 16.42 -20.03 -57.16
N HIS C 537 15.84 -18.85 -56.95
CA HIS C 537 16.61 -17.64 -56.65
C HIS C 537 16.75 -17.52 -55.15
N CYS C 538 17.97 -17.56 -54.64
CA CYS C 538 18.21 -17.41 -53.20
C CYS C 538 19.44 -16.54 -52.98
N GLU C 539 19.23 -15.22 -52.91
CA GLU C 539 20.25 -14.30 -52.39
C GLU C 539 19.53 -13.05 -51.90
N ARG C 540 19.33 -12.98 -50.59
CA ARG C 540 18.70 -11.85 -49.94
C ARG C 540 18.72 -12.11 -48.43
N CYS C 541 18.38 -11.08 -47.67
CA CYS C 541 18.21 -11.14 -46.21
C CYS C 541 19.57 -11.21 -45.50
N GLU C 542 19.71 -10.42 -44.44
CA GLU C 542 20.99 -10.38 -43.71
C GLU C 542 21.26 -11.71 -43.02
N GLY C 543 20.29 -12.21 -42.25
CA GLY C 543 20.40 -13.54 -41.67
C GLY C 543 21.65 -13.72 -40.83
N TYR C 544 22.38 -14.80 -41.13
CA TYR C 544 23.69 -15.17 -40.60
C TYR C 544 23.61 -15.70 -39.16
N ASN C 545 22.45 -15.68 -38.51
CA ASN C 545 22.35 -16.17 -37.14
C ASN C 545 21.89 -17.62 -37.10
N TYR C 546 20.69 -17.89 -37.58
CA TYR C 546 20.05 -19.21 -37.54
C TYR C 546 18.78 -19.14 -38.37
N GLN C 547 18.02 -20.24 -38.39
CA GLN C 547 16.95 -20.42 -39.37
C GLN C 547 15.59 -20.63 -38.72
N VAL C 548 15.46 -20.41 -37.41
CA VAL C 548 14.15 -20.53 -36.78
C VAL C 548 13.27 -19.37 -37.24
N ASP C 549 12.05 -19.70 -37.67
CA ASP C 549 11.15 -18.74 -38.31
C ASP C 549 11.83 -18.06 -39.49
N GLU C 550 12.22 -18.88 -40.47
CA GLU C 550 12.89 -18.38 -41.67
C GLU C 550 12.21 -18.90 -42.95
N LEU C 551 11.05 -19.55 -42.83
CA LEU C 551 10.32 -19.99 -44.02
C LEU C 551 9.81 -18.80 -44.83
N SER C 552 9.72 -17.62 -44.23
CA SER C 552 9.30 -16.40 -44.90
C SER C 552 9.72 -15.22 -44.04
N CYS C 553 9.26 -14.02 -44.41
CA CYS C 553 9.60 -12.80 -43.69
C CYS C 553 8.71 -12.70 -42.45
N GLU C 554 9.22 -13.21 -41.33
CA GLU C 554 8.51 -13.17 -40.07
C GLU C 554 8.88 -11.90 -39.30
N LEU C 555 8.47 -11.81 -38.03
CA LEU C 555 8.76 -10.65 -37.21
C LEU C 555 9.00 -11.10 -35.78
N CYS C 556 10.18 -10.78 -35.24
CA CYS C 556 10.58 -11.22 -33.91
C CYS C 556 11.63 -10.26 -33.37
N PRO C 557 11.84 -10.26 -32.04
CA PRO C 557 12.95 -9.48 -31.44
C PRO C 557 14.30 -9.73 -32.10
N LEU C 558 15.24 -8.79 -31.96
CA LEU C 558 16.56 -8.93 -32.57
C LEU C 558 17.59 -8.19 -31.74
N ASP C 559 18.78 -8.78 -31.58
CA ASP C 559 19.89 -8.08 -30.97
C ASP C 559 20.81 -7.47 -32.03
N GLN C 560 21.30 -8.29 -32.95
CA GLN C 560 22.27 -7.88 -33.96
C GLN C 560 21.57 -7.15 -35.10
N ARG C 561 22.29 -6.95 -36.21
CA ARG C 561 21.74 -6.21 -37.33
C ARG C 561 20.48 -6.89 -37.85
N PRO C 562 19.48 -6.13 -38.29
CA PRO C 562 18.16 -6.72 -38.56
C PRO C 562 18.07 -7.35 -39.94
N ASN C 563 17.57 -8.59 -39.97
CA ASN C 563 17.16 -9.24 -41.20
C ASN C 563 15.79 -8.67 -41.63
N MET C 564 15.28 -9.12 -42.77
CA MET C 564 13.88 -8.84 -43.07
C MET C 564 12.96 -9.73 -42.24
N ASN C 565 13.36 -10.98 -42.02
CA ASN C 565 12.78 -11.78 -40.95
C ASN C 565 13.08 -11.16 -39.59
N ARG C 566 14.24 -10.51 -39.47
CA ARG C 566 14.79 -9.85 -38.29
C ARG C 566 15.32 -10.84 -37.27
N THR C 567 15.17 -12.15 -37.49
CA THR C 567 15.79 -13.24 -36.72
C THR C 567 15.63 -13.00 -35.22
N GLY C 568 16.56 -13.54 -34.42
CA GLY C 568 16.61 -13.26 -32.99
C GLY C 568 15.33 -13.57 -32.24
N CYS C 569 14.60 -14.60 -32.66
CA CYS C 569 13.21 -14.77 -32.26
C CYS C 569 13.06 -15.53 -30.94
N GLN C 570 14.10 -15.56 -30.11
CA GLN C 570 14.05 -16.26 -28.84
C GLN C 570 14.26 -15.36 -27.63
N LEU C 571 15.15 -14.37 -27.70
CA LEU C 571 15.52 -13.59 -26.52
C LEU C 571 15.73 -12.14 -26.90
N ILE C 572 15.60 -11.27 -25.89
CA ILE C 572 15.93 -9.85 -26.02
C ILE C 572 16.17 -9.27 -24.63
N PRO C 573 17.21 -8.46 -24.45
CA PRO C 573 17.48 -7.87 -23.13
C PRO C 573 16.83 -6.51 -22.93
N ILE C 574 16.47 -6.23 -21.68
CA ILE C 574 15.84 -4.98 -21.28
C ILE C 574 16.89 -4.10 -20.62
N ILE C 575 16.95 -2.83 -21.04
CA ILE C 575 17.97 -1.89 -20.59
C ILE C 575 17.29 -0.74 -19.88
N LYS C 576 17.63 -0.53 -18.60
CA LYS C 576 17.16 0.58 -17.80
C LYS C 576 18.35 1.42 -17.33
N LEU C 577 18.08 2.41 -16.48
CA LEU C 577 19.10 3.32 -15.99
C LEU C 577 19.81 2.69 -14.79
N GLU C 578 21.10 2.39 -14.96
CA GLU C 578 21.86 1.65 -13.96
C GLU C 578 22.18 2.52 -12.74
N TRP C 579 22.44 1.86 -11.62
CA TRP C 579 22.83 2.54 -10.39
C TRP C 579 24.17 3.27 -10.51
N HIS C 580 25.01 2.92 -11.47
CA HIS C 580 26.37 3.44 -11.52
C HIS C 580 26.70 4.08 -12.86
N SER C 581 25.70 4.41 -13.66
CA SER C 581 25.95 5.10 -14.92
C SER C 581 26.44 6.52 -14.64
N PRO C 582 27.26 7.08 -15.55
CA PRO C 582 27.78 8.44 -15.30
C PRO C 582 26.68 9.48 -15.15
N TRP C 583 25.60 9.38 -15.93
CA TRP C 583 24.50 10.32 -15.80
C TRP C 583 23.64 10.07 -14.57
N ALA C 584 23.86 8.97 -13.87
CA ALA C 584 23.15 8.70 -12.61
C ALA C 584 23.87 9.29 -11.41
N VAL C 585 25.19 9.49 -11.51
CA VAL C 585 25.96 9.98 -10.37
C VAL C 585 25.56 11.42 -10.02
N VAL C 586 25.38 12.27 -11.03
CA VAL C 586 25.12 13.69 -10.76
C VAL C 586 23.82 13.91 -10.01
N PRO C 587 22.67 13.36 -10.44
CA PRO C 587 21.43 13.63 -9.69
C PRO C 587 21.46 13.13 -8.25
N VAL C 588 22.03 11.95 -8.01
CA VAL C 588 22.05 11.42 -6.65
C VAL C 588 23.00 12.23 -5.78
N PHE C 589 24.13 12.68 -6.33
CA PHE C 589 25.03 13.55 -5.58
C PHE C 589 24.36 14.88 -5.24
N VAL C 590 23.63 15.45 -6.20
CA VAL C 590 22.93 16.71 -5.94
C VAL C 590 21.88 16.53 -4.85
N ALA C 591 21.11 15.44 -4.92
CA ALA C 591 20.12 15.16 -3.88
C ALA C 591 20.77 14.94 -2.53
N ILE C 592 21.93 14.29 -2.49
CA ILE C 592 22.64 14.09 -1.23
C ILE C 592 23.09 15.41 -0.65
N LEU C 593 23.64 16.29 -1.49
CA LEU C 593 24.04 17.61 -1.02
C LEU C 593 22.84 18.40 -0.51
N GLY C 594 21.70 18.31 -1.19
CA GLY C 594 20.51 19.00 -0.73
C GLY C 594 20.00 18.47 0.59
N ILE C 595 20.00 17.15 0.77
CA ILE C 595 19.51 16.58 2.02
C ILE C 595 20.49 16.85 3.15
N ILE C 596 21.79 17.04 2.84
CA ILE C 596 22.73 17.48 3.85
C ILE C 596 22.45 18.93 4.25
N ALA C 597 22.18 19.79 3.25
CA ALA C 597 21.94 21.20 3.53
C ALA C 597 20.65 21.39 4.35
N THR C 598 19.60 20.63 4.04
CA THR C 598 18.31 20.84 4.69
C THR C 598 18.32 20.46 6.17
N THR C 599 19.36 19.77 6.64
CA THR C 599 19.43 19.43 8.06
C THR C 599 19.83 20.64 8.90
N PHE C 600 20.70 21.49 8.36
CA PHE C 600 21.17 22.66 9.11
C PHE C 600 20.02 23.61 9.43
N VAL C 601 19.10 23.79 8.49
CA VAL C 601 17.97 24.70 8.73
C VAL C 601 17.11 24.17 9.88
N ILE C 602 16.81 22.87 9.86
CA ILE C 602 15.98 22.29 10.91
C ILE C 602 16.68 22.37 12.27
N VAL C 603 17.98 22.05 12.32
CA VAL C 603 18.66 22.09 13.61
C VAL C 603 18.76 23.53 14.12
N THR C 604 18.95 24.49 13.22
CA THR C 604 18.98 25.89 13.64
C THR C 604 17.63 26.32 14.19
N PHE C 605 16.54 25.93 13.52
CA PHE C 605 15.21 26.28 14.00
C PHE C 605 14.88 25.55 15.30
N VAL C 606 15.51 24.42 15.58
CA VAL C 606 15.29 23.73 16.85
C VAL C 606 16.10 24.35 17.98
N ARG C 607 17.33 24.77 17.71
CA ARG C 607 18.16 25.40 18.72
C ARG C 607 17.82 26.87 18.93
N TYR C 608 16.87 27.43 18.17
CA TYR C 608 16.46 28.82 18.29
C TYR C 608 14.95 28.92 18.27
N ASN C 609 14.27 28.05 19.00
CA ASN C 609 12.81 28.02 19.01
C ASN C 609 12.21 29.09 19.92
N ASP C 610 13.01 30.06 20.37
CA ASP C 610 12.53 31.14 21.23
C ASP C 610 12.75 32.52 20.66
N THR C 611 13.70 32.69 19.75
CA THR C 611 13.96 34.00 19.18
C THR C 611 12.74 34.48 18.39
N PRO C 612 12.48 35.79 18.37
CA PRO C 612 11.22 36.28 17.78
C PRO C 612 11.04 35.97 16.31
N ILE C 613 12.12 35.74 15.55
CA ILE C 613 11.97 35.38 14.14
C ILE C 613 11.19 34.07 14.00
N VAL C 614 11.61 33.04 14.73
CA VAL C 614 10.92 31.76 14.67
C VAL C 614 9.53 31.88 15.31
N ARG C 615 9.41 32.69 16.35
CA ARG C 615 8.12 32.86 17.02
C ARG C 615 7.08 33.46 16.08
N ALA C 616 7.49 34.45 15.27
CA ALA C 616 6.54 35.14 14.41
C ALA C 616 6.34 34.41 13.09
N SER C 617 7.38 33.79 12.56
CA SER C 617 7.28 33.12 11.26
C SER C 617 6.26 31.98 11.31
N GLY C 618 6.26 31.20 12.38
CA GLY C 618 5.38 30.05 12.49
C GLY C 618 6.15 28.76 12.43
N ARG C 619 6.36 28.13 13.60
CA ARG C 619 7.16 26.92 13.65
C ARG C 619 6.49 25.77 12.90
N GLU C 620 5.18 25.60 13.06
CA GLU C 620 4.49 24.46 12.48
C GLU C 620 4.52 24.49 10.96
N LEU C 621 4.23 25.66 10.36
CA LEU C 621 4.23 25.75 8.91
C LEU C 621 5.62 25.58 8.33
N SER C 622 6.63 26.15 8.99
CA SER C 622 8.00 25.97 8.54
C SER C 622 8.42 24.51 8.61
N TYR C 623 8.01 23.80 9.67
CA TYR C 623 8.37 22.40 9.80
C TYR C 623 7.65 21.54 8.77
N VAL C 624 6.39 21.86 8.47
CA VAL C 624 5.68 21.14 7.41
C VAL C 624 6.36 21.37 6.07
N LEU C 625 6.74 22.61 5.78
CA LEU C 625 7.43 22.90 4.52
C LEU C 625 8.77 22.17 4.43
N LEU C 626 9.50 22.11 5.55
CA LEU C 626 10.78 21.42 5.55
C LEU C 626 10.61 19.91 5.38
N THR C 627 9.56 19.33 5.98
CA THR C 627 9.27 17.92 5.76
C THR C 627 8.94 17.65 4.29
N GLY C 628 8.14 18.54 3.68
CA GLY C 628 7.86 18.41 2.26
C GLY C 628 9.11 18.43 1.42
N ILE C 629 10.02 19.37 1.71
CA ILE C 629 11.28 19.44 0.98
C ILE C 629 12.11 18.17 1.19
N PHE C 630 12.12 17.67 2.43
CA PHE C 630 12.87 16.44 2.72
C PHE C 630 12.34 15.28 1.89
N LEU C 631 11.02 15.15 1.78
CA LEU C 631 10.45 14.12 0.93
C LEU C 631 10.79 14.33 -0.54
N CYS C 632 10.75 15.59 -0.99
CA CYS C 632 11.04 15.89 -2.39
C CYS C 632 12.47 15.48 -2.75
N TYR C 633 13.42 15.77 -1.85
CA TYR C 633 14.79 15.35 -2.08
C TYR C 633 14.94 13.84 -2.09
N SER C 634 14.20 13.13 -1.23
CA SER C 634 14.34 11.69 -1.14
C SER C 634 13.76 10.98 -2.36
N ILE C 635 12.71 11.54 -2.98
CA ILE C 635 12.07 10.85 -4.10
C ILE C 635 13.00 10.75 -5.32
N THR C 636 14.05 11.57 -5.37
CA THR C 636 15.06 11.41 -6.41
C THR C 636 15.58 9.98 -6.43
N PHE C 637 15.84 9.39 -5.27
CA PHE C 637 16.34 8.02 -5.20
C PHE C 637 15.36 7.04 -5.82
N LEU C 638 14.09 7.15 -5.46
CA LEU C 638 13.08 6.23 -5.99
C LEU C 638 12.95 6.38 -7.50
N MET C 639 13.04 7.61 -8.00
CA MET C 639 12.85 7.83 -9.44
C MET C 639 13.95 7.17 -10.27
N ILE C 640 15.14 6.98 -9.71
CA ILE C 640 16.28 6.50 -10.48
C ILE C 640 16.61 5.05 -10.16
N ALA C 641 15.84 4.41 -9.27
CA ALA C 641 16.26 3.13 -8.70
C ALA C 641 15.99 1.95 -9.64
N ALA C 642 14.72 1.64 -9.86
CA ALA C 642 14.32 0.54 -10.74
C ALA C 642 12.81 0.54 -10.95
N PRO C 643 12.33 0.30 -12.16
CA PRO C 643 10.90 0.02 -12.34
C PRO C 643 10.55 -1.32 -11.68
N ASP C 644 9.45 -1.32 -10.95
CA ASP C 644 9.03 -2.50 -10.19
C ASP C 644 7.53 -2.41 -9.93
N THR C 645 7.03 -3.29 -9.06
CA THR C 645 5.64 -3.25 -8.63
C THR C 645 5.48 -2.56 -7.28
N ILE C 646 6.56 -1.99 -6.74
CA ILE C 646 6.52 -1.23 -5.49
C ILE C 646 7.01 0.20 -5.70
N ILE C 647 8.13 0.35 -6.42
CA ILE C 647 8.67 1.68 -6.70
C ILE C 647 7.68 2.47 -7.56
N CYS C 648 7.07 1.82 -8.55
CA CYS C 648 6.05 2.46 -9.37
C CYS C 648 4.82 2.81 -8.55
N SER C 649 4.67 2.26 -7.35
CA SER C 649 3.62 2.69 -6.44
C SER C 649 4.05 3.91 -5.64
N PHE C 650 5.32 3.95 -5.21
CA PHE C 650 5.81 5.08 -4.44
C PHE C 650 5.85 6.35 -5.27
N ARG C 651 6.30 6.25 -6.53
CA ARG C 651 6.48 7.44 -7.35
C ARG C 651 5.18 8.23 -7.48
N ARG C 652 4.07 7.55 -7.78
CA ARG C 652 2.81 8.22 -8.08
C ARG C 652 2.35 9.07 -6.90
N VAL C 653 2.28 8.46 -5.71
CA VAL C 653 1.82 9.20 -4.53
C VAL C 653 2.84 10.27 -4.14
N PHE C 654 4.13 9.93 -4.19
CA PHE C 654 5.14 10.80 -3.59
C PHE C 654 5.38 12.05 -4.42
N LEU C 655 5.29 11.95 -5.75
CA LEU C 655 5.45 13.13 -6.60
C LEU C 655 4.41 14.18 -6.25
N GLY C 656 3.17 13.74 -6.04
CA GLY C 656 2.13 14.67 -5.59
C GLY C 656 2.37 15.20 -4.19
N LEU C 657 2.73 14.30 -3.27
CA LEU C 657 2.82 14.70 -1.86
C LEU C 657 3.96 15.68 -1.61
N GLY C 658 5.14 15.41 -2.17
CA GLY C 658 6.28 16.28 -1.94
C GLY C 658 6.05 17.68 -2.45
N MET C 659 5.43 17.81 -3.60
CA MET C 659 5.14 19.10 -4.20
C MET C 659 3.78 19.64 -3.80
N CYS C 660 3.05 18.96 -2.91
CA CYS C 660 1.85 19.54 -2.32
C CYS C 660 2.06 20.07 -0.92
N PHE C 661 2.89 19.41 -0.10
CA PHE C 661 3.14 19.87 1.26
C PHE C 661 3.70 21.30 1.27
N SER C 662 4.75 21.52 0.49
CA SER C 662 5.43 22.81 0.49
C SER C 662 4.48 23.93 0.11
N TYR C 663 3.73 23.74 -0.98
CA TYR C 663 2.88 24.81 -1.47
C TYR C 663 1.64 25.00 -0.61
N ALA C 664 1.16 23.94 0.07
CA ALA C 664 0.10 24.15 1.05
C ALA C 664 0.57 25.00 2.22
N ALA C 665 1.77 24.71 2.73
CA ALA C 665 2.31 25.51 3.82
C ALA C 665 2.52 26.95 3.39
N LEU C 666 3.05 27.16 2.18
CA LEU C 666 3.25 28.51 1.67
C LEU C 666 1.93 29.24 1.46
N LEU C 667 0.89 28.54 1.00
CA LEU C 667 -0.42 29.16 0.84
C LEU C 667 -0.97 29.61 2.20
N THR C 668 -0.82 28.77 3.23
CA THR C 668 -1.30 29.16 4.55
C THR C 668 -0.52 30.37 5.07
N LYS C 669 0.80 30.39 4.87
CA LYS C 669 1.59 31.54 5.28
C LYS C 669 1.14 32.80 4.56
N THR C 670 0.91 32.71 3.24
CA THR C 670 0.47 33.87 2.49
C THR C 670 -0.88 34.37 2.98
N ASN C 671 -1.78 33.44 3.31
CA ASN C 671 -3.09 33.85 3.82
C ASN C 671 -2.98 34.57 5.15
N ARG C 672 -2.18 34.03 6.08
CA ARG C 672 -2.10 34.66 7.39
C ARG C 672 -1.36 35.99 7.32
N ILE C 673 -0.52 36.14 6.29
CA ILE C 673 0.19 37.44 6.07
C ILE C 673 -0.80 38.43 5.44
N HIS C 674 -1.71 37.93 4.60
CA HIS C 674 -2.66 38.82 3.88
C HIS C 674 -3.45 39.67 4.89
N ARG C 675 -3.90 39.07 5.99
CA ARG C 675 -4.72 39.82 6.99
C ARG C 675 -3.92 41.02 7.48
N ILE C 676 -2.66 40.81 7.84
CA ILE C 676 -1.79 41.93 8.34
C ILE C 676 -1.56 42.90 7.17
N PHE C 677 -1.28 42.37 5.98
CA PHE C 677 -1.00 43.23 4.80
C PHE C 677 -2.19 44.15 4.53
N GLU C 678 -3.40 43.59 4.47
CA GLU C 678 -4.60 44.40 4.14
C GLU C 678 -5.65 44.24 5.25
N GLN C 679 -6.04 45.36 5.88
CA GLN C 679 -7.08 45.32 6.94
C GLN C 679 -7.99 46.54 6.82
N GLY C 680 -9.02 46.62 7.68
CA GLY C 680 -9.96 47.75 7.63
C GLY C 680 -11.11 47.46 6.68
N LYS C 681 -11.89 46.41 6.96
CA LYS C 681 -13.08 46.10 6.11
C LYS C 681 -14.31 46.76 6.75
N LYS C 682 -15.50 46.24 6.47
CA LYS C 682 -16.74 46.77 7.11
C LYS C 682 -16.81 46.36 8.59
N SER C 683 -16.39 45.14 8.92
CA SER C 683 -16.50 44.65 10.32
C SER C 683 -15.75 45.59 11.29
N VAL C 684 -16.21 45.66 12.55
CA VAL C 684 -15.58 46.59 13.54
C VAL C 684 -14.13 46.12 13.79
N THR C 685 -13.95 44.92 14.31
CA THR C 685 -12.57 44.38 14.47
C THR C 685 -12.20 43.74 13.14
N ALA C 686 -12.38 44.46 12.04
CA ALA C 686 -12.11 43.91 10.70
C ALA C 686 -10.78 43.16 10.70
N PRO C 687 -9.68 43.70 11.28
CA PRO C 687 -8.42 42.95 11.40
C PRO C 687 -8.58 41.66 12.21
N LYS C 688 -8.07 40.54 11.70
CA LYS C 688 -8.16 39.24 12.41
C LYS C 688 -6.82 38.49 12.30
N PHE C 689 -6.86 37.15 12.27
CA PHE C 689 -5.62 36.31 12.22
C PHE C 689 -5.98 34.87 11.84
N ILE C 690 -5.01 33.94 11.86
CA ILE C 690 -5.35 32.52 11.56
C ILE C 690 -4.69 31.68 12.65
N SER C 691 -5.38 31.50 13.78
CA SER C 691 -4.86 30.73 14.96
C SER C 691 -4.12 29.44 14.57
N PRO C 692 -3.14 28.99 15.39
CA PRO C 692 -2.33 27.81 15.03
C PRO C 692 -3.13 26.55 14.75
N ALA C 693 -4.19 26.30 15.52
CA ALA C 693 -5.05 25.16 15.22
C ALA C 693 -5.71 25.32 13.85
N SER C 694 -6.16 26.53 13.54
CA SER C 694 -6.72 26.79 12.21
C SER C 694 -5.67 26.58 11.13
N GLN C 695 -4.42 26.94 11.40
CA GLN C 695 -3.36 26.73 10.42
C GLN C 695 -3.13 25.24 10.18
N LEU C 696 -3.04 24.44 11.25
CA LEU C 696 -2.91 23.00 11.10
C LEU C 696 -4.14 22.35 10.49
N VAL C 697 -5.28 23.02 10.51
CA VAL C 697 -6.46 22.48 9.85
C VAL C 697 -6.45 22.80 8.36
N ILE C 698 -6.17 24.06 8.00
CA ILE C 698 -6.15 24.43 6.59
C ILE C 698 -4.99 23.79 5.84
N THR C 699 -3.89 23.44 6.53
CA THR C 699 -2.81 22.74 5.85
C THR C 699 -3.13 21.27 5.64
N PHE C 700 -3.60 20.59 6.69
CA PHE C 700 -3.88 19.16 6.61
C PHE C 700 -5.20 18.87 5.91
N SER C 701 -5.98 19.88 5.56
CA SER C 701 -7.11 19.66 4.66
C SER C 701 -6.69 19.73 3.20
N LEU C 702 -5.86 20.72 2.85
CA LEU C 702 -5.37 20.81 1.48
C LEU C 702 -4.39 19.70 1.13
N ILE C 703 -3.71 19.13 2.13
CA ILE C 703 -2.93 17.93 1.89
C ILE C 703 -3.84 16.72 1.71
N SER C 704 -4.87 16.60 2.55
CA SER C 704 -5.75 15.44 2.51
C SER C 704 -6.58 15.40 1.25
N VAL C 705 -6.85 16.56 0.64
CA VAL C 705 -7.59 16.56 -0.62
C VAL C 705 -6.86 15.71 -1.66
N GLN C 706 -5.56 15.95 -1.84
CA GLN C 706 -4.81 15.14 -2.79
C GLN C 706 -4.54 13.74 -2.27
N LEU C 707 -4.36 13.60 -0.95
CA LEU C 707 -4.20 12.27 -0.38
C LEU C 707 -5.36 11.36 -0.73
N LEU C 708 -6.59 11.89 -0.71
CA LEU C 708 -7.75 11.08 -1.08
C LEU C 708 -7.93 11.04 -2.60
N GLY C 709 -7.55 12.10 -3.32
CA GLY C 709 -7.72 12.10 -4.76
C GLY C 709 -6.65 11.42 -5.56
N VAL C 710 -5.65 10.83 -4.91
CA VAL C 710 -4.65 10.01 -5.58
C VAL C 710 -5.05 8.54 -5.62
N PHE C 711 -5.75 8.06 -4.58
CA PHE C 711 -6.23 6.68 -4.60
C PHE C 711 -7.23 6.43 -5.71
N VAL C 712 -7.80 7.48 -6.31
CA VAL C 712 -8.67 7.32 -7.46
C VAL C 712 -7.93 6.67 -8.62
N TRP C 713 -6.62 6.90 -8.71
CA TRP C 713 -5.79 6.28 -9.74
C TRP C 713 -4.83 5.23 -9.20
N PHE C 714 -4.54 5.24 -7.90
CA PHE C 714 -3.59 4.28 -7.36
C PHE C 714 -4.15 2.87 -7.35
N VAL C 715 -5.41 2.71 -6.91
CA VAL C 715 -6.00 1.37 -6.81
C VAL C 715 -6.50 0.90 -8.17
N VAL C 716 -7.18 1.78 -8.90
CA VAL C 716 -7.78 1.40 -10.18
C VAL C 716 -6.72 0.89 -11.15
N ASP C 717 -5.53 1.50 -11.14
CA ASP C 717 -4.42 1.12 -12.01
C ASP C 717 -3.22 0.78 -11.13
N PRO C 718 -3.21 -0.42 -10.53
CA PRO C 718 -2.13 -0.78 -9.62
C PRO C 718 -0.82 -0.99 -10.38
N PRO C 719 0.32 -0.94 -9.68
CA PRO C 719 1.65 -1.17 -10.26
C PRO C 719 1.75 -2.46 -11.05
N ARG C 729 6.07 -2.75 -17.26
CA ARG C 729 5.89 -3.08 -18.66
C ARG C 729 7.15 -2.79 -19.46
N THR C 730 7.15 -3.20 -20.74
CA THR C 730 8.32 -3.10 -21.61
C THR C 730 7.90 -2.30 -22.85
N LEU C 731 8.14 -0.99 -22.81
CA LEU C 731 7.80 -0.14 -23.94
C LEU C 731 8.89 -0.22 -25.00
N ASP C 732 8.51 -0.58 -26.23
CA ASP C 732 9.49 -0.86 -27.29
C ASP C 732 8.97 -0.47 -28.67
N PRO C 733 8.75 0.83 -28.92
CA PRO C 733 8.56 1.33 -30.29
C PRO C 733 9.91 1.66 -30.93
N GLU C 734 10.85 0.72 -30.84
CA GLU C 734 12.23 0.94 -31.24
C GLU C 734 12.70 -0.29 -32.00
N LYS C 735 13.98 -0.30 -32.38
CA LYS C 735 14.58 -1.41 -33.10
C LYS C 735 15.79 -1.88 -32.32
N ALA C 736 15.76 -3.15 -31.90
CA ALA C 736 16.87 -3.80 -31.19
C ALA C 736 17.02 -3.27 -29.77
N ARG C 737 15.97 -2.73 -29.17
CA ARG C 737 16.08 -2.19 -27.82
C ARG C 737 14.70 -2.05 -27.21
N GLY C 738 14.47 -2.74 -26.09
CA GLY C 738 13.24 -2.61 -25.32
C GLY C 738 13.57 -2.15 -23.92
N VAL C 739 12.79 -1.19 -23.41
CA VAL C 739 13.09 -0.54 -22.15
C VAL C 739 11.92 -0.72 -21.18
N LEU C 740 12.25 -1.05 -19.93
CA LEU C 740 11.26 -1.14 -18.88
C LEU C 740 10.63 0.22 -18.60
N LYS C 741 9.46 0.20 -17.98
CA LYS C 741 8.76 1.41 -17.58
C LYS C 741 7.75 1.02 -16.50
N CYS C 742 6.99 2.00 -16.03
CA CYS C 742 5.86 1.71 -15.17
C CYS C 742 4.62 1.47 -16.03
N ASP C 743 3.55 0.98 -15.40
CA ASP C 743 2.33 0.71 -16.15
C ASP C 743 1.67 1.99 -16.63
N ILE C 744 1.75 3.06 -15.84
CA ILE C 744 1.15 4.33 -16.24
C ILE C 744 2.01 5.01 -17.31
N SER C 745 1.36 5.88 -18.07
CA SER C 745 2.04 6.62 -19.13
C SER C 745 2.54 7.97 -18.62
N ASP C 746 3.30 8.66 -19.48
CA ASP C 746 3.80 9.98 -19.12
C ASP C 746 2.65 10.99 -18.99
N LEU C 747 1.61 10.84 -19.82
CA LEU C 747 0.45 11.71 -19.70
C LEU C 747 -0.21 11.57 -18.33
N SER C 748 -0.26 10.35 -17.79
CA SER C 748 -0.81 10.17 -16.44
C SER C 748 0.02 10.91 -15.40
N LEU C 749 1.35 10.84 -15.50
CA LEU C 749 2.21 11.54 -14.56
C LEU C 749 2.02 13.06 -14.66
N ILE C 750 1.94 13.57 -15.90
CA ILE C 750 1.76 15.01 -16.08
C ILE C 750 0.39 15.46 -15.58
N CYS C 751 -0.65 14.67 -15.82
CA CYS C 751 -1.98 15.04 -15.34
C CYS C 751 -2.14 14.83 -13.84
N SER C 752 -1.23 14.09 -13.21
CA SER C 752 -1.27 13.94 -11.76
C SER C 752 -0.93 15.24 -11.04
N LEU C 753 -0.41 16.25 -11.75
CA LEU C 753 0.02 17.50 -11.13
C LEU C 753 -0.99 18.62 -11.31
N GLY C 754 -2.25 18.28 -11.60
CA GLY C 754 -3.26 19.30 -11.77
C GLY C 754 -3.54 20.07 -10.49
N TYR C 755 -3.58 19.38 -9.36
CA TYR C 755 -3.78 20.04 -8.07
C TYR C 755 -2.59 20.93 -7.73
N SER C 756 -1.37 20.46 -8.02
CA SER C 756 -0.18 21.25 -7.73
C SER C 756 -0.11 22.50 -8.60
N ILE C 757 -0.57 22.43 -9.85
CA ILE C 757 -0.61 23.62 -10.69
C ILE C 757 -1.56 24.66 -10.10
N LEU C 758 -2.73 24.21 -9.65
CA LEU C 758 -3.69 25.13 -9.03
C LEU C 758 -3.12 25.75 -7.77
N LEU C 759 -2.44 24.94 -6.95
CA LEU C 759 -1.79 25.47 -5.76
C LEU C 759 -0.76 26.53 -6.11
N MET C 760 0.06 26.26 -7.13
CA MET C 760 1.08 27.23 -7.54
C MET C 760 0.45 28.52 -8.01
N VAL C 761 -0.61 28.43 -8.83
CA VAL C 761 -1.24 29.65 -9.36
C VAL C 761 -1.85 30.46 -8.22
N THR C 762 -2.58 29.80 -7.31
CA THR C 762 -3.17 30.52 -6.20
C THR C 762 -2.11 31.14 -5.29
N CYS C 763 -1.02 30.41 -5.02
CA CYS C 763 0.04 30.93 -4.17
C CYS C 763 0.69 32.15 -4.81
N THR C 764 0.96 32.11 -6.10
CA THR C 764 1.61 33.25 -6.74
C THR C 764 0.67 34.46 -6.82
N VAL C 765 -0.60 34.23 -7.16
CA VAL C 765 -1.53 35.35 -7.24
C VAL C 765 -1.78 35.95 -5.87
N TYR C 766 -1.68 35.15 -4.81
CA TYR C 766 -1.80 35.72 -3.47
C TYR C 766 -0.54 36.44 -3.02
N ALA C 767 0.64 35.93 -3.42
CA ALA C 767 1.90 36.52 -3.00
C ALA C 767 2.26 37.76 -3.80
N ILE C 768 1.63 37.98 -4.96
CA ILE C 768 1.89 39.21 -5.68
C ILE C 768 1.08 40.38 -5.10
N LYS C 769 -0.06 40.10 -4.47
CA LYS C 769 -0.79 41.16 -3.78
C LYS C 769 -0.08 41.56 -2.50
N THR C 770 0.38 40.59 -1.72
CA THR C 770 1.20 40.86 -0.53
C THR C 770 2.66 40.75 -0.92
N ARG C 771 3.16 41.80 -1.57
CA ARG C 771 4.57 41.91 -1.91
C ARG C 771 5.33 42.32 -0.67
N GLY C 772 6.57 42.79 -0.83
CA GLY C 772 7.35 43.23 0.30
C GLY C 772 6.74 44.32 1.15
N VAL C 773 5.53 44.78 0.78
CA VAL C 773 4.89 45.88 1.51
C VAL C 773 4.71 45.56 2.98
N PRO C 774 4.20 44.39 3.40
CA PRO C 774 4.26 44.04 4.81
C PRO C 774 5.69 43.97 5.31
N GLU C 775 5.96 44.65 6.43
CA GLU C 775 7.28 44.66 7.03
C GLU C 775 7.26 43.75 8.26
N THR C 776 7.70 42.51 8.08
CA THR C 776 8.11 41.68 9.22
C THR C 776 9.38 40.95 8.76
N PHE C 777 10.52 41.63 8.94
CA PHE C 777 11.77 41.26 8.28
C PHE C 777 11.55 41.06 6.78
N ASN C 778 10.53 41.72 6.23
CA ASN C 778 10.18 41.66 4.82
C ASN C 778 10.13 40.22 4.31
N GLU C 779 9.40 39.37 5.03
CA GLU C 779 9.33 37.97 4.68
C GLU C 779 8.48 37.70 3.44
N ALA C 780 7.67 38.67 3.02
CA ALA C 780 6.83 38.46 1.84
C ALA C 780 7.66 38.39 0.56
N LYS C 781 8.73 39.18 0.49
CA LYS C 781 9.60 39.15 -0.68
C LYS C 781 10.22 37.77 -0.92
N PRO C 782 10.73 37.06 0.10
CA PRO C 782 11.17 35.68 -0.16
C PRO C 782 10.11 34.79 -0.76
N ILE C 783 8.86 34.89 -0.28
CA ILE C 783 7.80 34.06 -0.84
C ILE C 783 7.54 34.43 -2.29
N GLY C 784 7.53 35.73 -2.59
CA GLY C 784 7.32 36.15 -3.97
C GLY C 784 8.40 35.65 -4.90
N PHE C 785 9.67 35.79 -4.48
CA PHE C 785 10.79 35.33 -5.31
C PHE C 785 10.75 33.81 -5.48
N THR C 786 10.42 33.09 -4.41
CA THR C 786 10.30 31.64 -4.50
C THR C 786 9.24 31.24 -5.51
N MET C 787 8.09 31.92 -5.47
CA MET C 787 7.01 31.56 -6.38
C MET C 787 7.37 31.86 -7.82
N TYR C 788 8.01 33.01 -8.08
CA TYR C 788 8.40 33.31 -9.46
C TYR C 788 9.40 32.29 -9.98
N THR C 789 10.40 31.94 -9.16
CA THR C 789 11.42 31.00 -9.60
C THR C 789 10.82 29.62 -9.86
N THR C 790 9.95 29.16 -8.96
CA THR C 790 9.32 27.85 -9.15
C THR C 790 8.37 27.84 -10.33
N CYS C 791 7.67 28.94 -10.60
CA CYS C 791 6.84 29.02 -11.79
C CYS C 791 7.68 28.86 -13.06
N ILE C 792 8.81 29.56 -13.12
CA ILE C 792 9.71 29.40 -14.26
C ILE C 792 10.21 27.96 -14.35
N ILE C 793 10.56 27.36 -13.22
CA ILE C 793 11.08 26.01 -13.21
C ILE C 793 10.05 25.03 -13.77
N TRP C 794 8.81 25.13 -13.32
CA TRP C 794 7.76 24.23 -13.81
C TRP C 794 7.49 24.46 -15.29
N LEU C 795 7.49 25.72 -15.73
CA LEU C 795 7.28 26.04 -17.13
C LEU C 795 8.34 25.38 -18.01
N ALA C 796 9.60 25.44 -17.57
CA ALA C 796 10.65 24.77 -18.32
C ALA C 796 10.54 23.25 -18.19
N PHE C 797 10.08 22.77 -17.04
CA PHE C 797 10.08 21.34 -16.76
C PHE C 797 9.09 20.58 -17.64
N ILE C 798 7.81 20.93 -17.56
CA ILE C 798 6.77 20.07 -18.13
C ILE C 798 6.93 19.88 -19.64
N PRO C 799 7.10 20.94 -20.46
CA PRO C 799 7.35 20.76 -21.89
C PRO C 799 8.51 19.79 -22.14
N ILE C 800 9.63 19.95 -21.43
CA ILE C 800 10.79 19.11 -21.66
C ILE C 800 10.51 17.67 -21.26
N PHE C 801 9.87 17.47 -20.11
CA PHE C 801 9.61 16.11 -19.64
C PHE C 801 8.69 15.36 -20.59
N PHE C 802 7.79 16.08 -21.26
CA PHE C 802 6.99 15.38 -22.26
C PHE C 802 7.73 15.18 -23.57
N GLY C 803 8.40 16.22 -24.07
CA GLY C 803 9.01 16.15 -25.39
C GLY C 803 10.17 15.18 -25.46
N THR C 804 11.08 15.25 -24.49
CA THR C 804 12.31 14.46 -24.55
C THR C 804 12.12 13.08 -23.91
N ALA C 805 11.18 12.33 -24.47
CA ALA C 805 10.95 10.95 -24.06
C ALA C 805 11.36 9.93 -25.11
N GLN C 806 11.31 10.28 -26.39
CA GLN C 806 11.81 9.40 -27.44
C GLN C 806 12.55 10.14 -28.54
N SER C 807 12.73 11.46 -28.44
CA SER C 807 13.35 12.23 -29.52
C SER C 807 14.85 12.41 -29.32
N ALA C 808 15.25 13.02 -28.20
CA ALA C 808 16.67 13.22 -27.91
C ALA C 808 17.25 12.05 -27.12
N GLU C 809 16.47 11.49 -26.20
CA GLU C 809 16.86 10.33 -25.41
C GLU C 809 15.64 9.88 -24.62
N LYS C 810 15.68 8.66 -24.11
CA LYS C 810 14.54 8.09 -23.41
C LYS C 810 14.80 7.86 -21.94
N MET C 811 15.87 7.14 -21.59
CA MET C 811 16.12 6.83 -20.19
C MET C 811 17.01 7.87 -19.52
N TYR C 812 18.04 8.34 -20.22
CA TYR C 812 18.94 9.34 -19.64
C TYR C 812 18.21 10.66 -19.36
N ILE C 813 17.74 11.31 -20.43
CA ILE C 813 17.34 12.70 -20.36
C ILE C 813 16.08 12.88 -19.51
N GLN C 814 15.11 11.99 -19.65
CA GLN C 814 13.87 12.13 -18.91
C GLN C 814 14.10 12.09 -17.41
N THR C 815 14.85 11.08 -16.94
CA THR C 815 15.14 10.96 -15.52
C THR C 815 15.99 12.13 -15.03
N THR C 816 17.00 12.51 -15.81
CA THR C 816 17.84 13.65 -15.42
C THR C 816 16.99 14.91 -15.27
N THR C 817 16.11 15.16 -16.24
CA THR C 817 15.27 16.36 -16.19
C THR C 817 14.36 16.35 -14.96
N LEU C 818 13.71 15.22 -14.69
CA LEU C 818 12.78 15.17 -13.57
C LEU C 818 13.50 15.38 -12.24
N THR C 819 14.61 14.67 -12.04
CA THR C 819 15.34 14.81 -10.78
C THR C 819 15.91 16.21 -10.61
N VAL C 820 16.49 16.78 -11.67
CA VAL C 820 17.04 18.12 -11.59
C VAL C 820 15.94 19.13 -11.28
N SER C 821 14.76 18.98 -11.89
CA SER C 821 13.67 19.92 -11.63
C SER C 821 13.23 19.86 -10.17
N MET C 822 13.05 18.65 -9.64
CA MET C 822 12.64 18.53 -8.23
C MET C 822 13.69 19.14 -7.30
N SER C 823 14.96 18.77 -7.51
CA SER C 823 16.02 19.27 -6.65
C SER C 823 16.15 20.79 -6.75
N LEU C 824 16.03 21.34 -7.96
CA LEU C 824 16.12 22.78 -8.14
C LEU C 824 14.98 23.49 -7.43
N SER C 825 13.77 22.96 -7.51
CA SER C 825 12.66 23.58 -6.80
C SER C 825 12.91 23.61 -5.29
N ALA C 826 13.38 22.48 -4.73
CA ALA C 826 13.65 22.45 -3.30
C ALA C 826 14.78 23.40 -2.92
N SER C 827 15.86 23.42 -3.70
CA SER C 827 16.98 24.29 -3.39
C SER C 827 16.60 25.75 -3.51
N VAL C 828 15.74 26.08 -4.48
CA VAL C 828 15.25 27.45 -4.59
C VAL C 828 14.44 27.83 -3.36
N SER C 829 13.58 26.92 -2.89
CA SER C 829 12.80 27.20 -1.68
C SER C 829 13.72 27.54 -0.51
N LEU C 830 14.68 26.66 -0.22
CA LEU C 830 15.57 26.91 0.92
C LEU C 830 16.45 28.13 0.71
N GLY C 831 16.98 28.33 -0.49
CA GLY C 831 17.88 29.44 -0.72
C GLY C 831 17.20 30.79 -0.64
N MET C 832 15.97 30.88 -1.17
CA MET C 832 15.30 32.17 -1.26
C MET C 832 14.36 32.46 -0.10
N LEU C 833 14.04 31.48 0.75
CA LEU C 833 13.19 31.78 1.88
C LEU C 833 13.89 31.65 3.23
N TYR C 834 14.76 30.66 3.40
CA TYR C 834 15.35 30.37 4.70
C TYR C 834 16.74 30.95 4.87
N MET C 835 17.47 31.21 3.79
CA MET C 835 18.82 31.74 3.92
C MET C 835 18.86 33.11 4.61
N PRO C 836 18.00 34.08 4.29
CA PRO C 836 18.00 35.31 5.09
C PRO C 836 17.72 35.09 6.56
N LYS C 837 16.82 34.14 6.89
CA LYS C 837 16.57 33.84 8.30
C LYS C 837 17.81 33.28 8.98
N VAL C 838 18.56 32.43 8.27
CA VAL C 838 19.81 31.91 8.83
C VAL C 838 20.81 33.05 9.01
N TYR C 839 20.83 33.99 8.06
CA TYR C 839 21.70 35.16 8.19
C TYR C 839 21.34 35.99 9.42
N ILE C 840 20.05 36.09 9.72
CA ILE C 840 19.59 36.91 10.84
C ILE C 840 19.64 36.16 12.18
N ILE C 841 19.73 34.84 12.16
CA ILE C 841 19.83 34.08 13.41
C ILE C 841 21.28 33.86 13.83
N ILE C 842 22.11 33.36 12.91
CA ILE C 842 23.51 33.02 13.27
C ILE C 842 24.35 34.28 13.22
N PHE C 843 24.59 34.81 12.03
CA PHE C 843 25.28 36.13 11.96
C PHE C 843 24.27 37.21 12.40
N HIS C 844 24.75 38.44 12.66
CA HIS C 844 23.86 39.52 13.16
C HIS C 844 22.79 38.95 14.10
N PRO C 845 23.14 38.28 15.22
CA PRO C 845 22.15 37.81 16.17
C PRO C 845 21.69 39.01 16.98
N GLU C 846 22.35 40.15 16.79
CA GLU C 846 21.98 41.37 17.56
C GLU C 846 20.45 41.44 17.56
N GLN C 847 19.82 41.24 16.40
CA GLN C 847 18.33 41.23 16.32
C GLN C 847 17.86 39.84 15.88
N THR C 891 -4.06 60.36 46.21
CA THR C 891 -3.20 60.28 45.00
C THR C 891 -3.91 61.01 43.86
N ASN C 892 -4.54 62.15 44.16
CA ASN C 892 -5.33 62.86 43.13
C ASN C 892 -4.67 64.21 42.86
N TPO C 893 -4.83 64.74 41.64
CA TPO C 893 -4.17 66.02 41.28
CB TPO C 893 -4.00 66.11 39.76
CG2 TPO C 893 -3.37 67.41 39.31
OG1 TPO C 893 -3.10 65.02 39.37
P TPO C 893 -3.44 63.98 38.18
O1P TPO C 893 -3.66 64.83 36.95
O2P TPO C 893 -2.23 63.09 38.07
O3P TPO C 893 -4.69 63.24 38.61
C TPO C 893 -4.97 67.16 41.91
O TPO C 893 -6.09 66.89 42.37
N SER C 894 -4.40 68.35 41.98
CA SER C 894 -5.07 69.47 42.68
C SER C 894 -4.88 70.78 41.90
N SEP C 895 -4.69 71.87 42.63
CA SEP C 895 -4.48 73.18 41.97
CB SEP C 895 -5.68 73.50 41.11
OG SEP C 895 -6.87 73.38 41.91
C SEP C 895 -4.26 74.27 43.03
O SEP C 895 -4.95 74.24 44.05
P SEP C 895 -8.28 73.68 41.22
O1P SEP C 895 -8.32 72.83 39.97
O2P SEP C 895 -9.33 73.27 42.24
O3P SEP C 895 -8.30 75.16 40.91
N TPO C 896 -3.30 75.17 42.79
CA TPO C 896 -3.06 76.30 43.73
CB TPO C 896 -1.83 76.02 44.59
CG2 TPO C 896 -0.55 76.45 43.91
OG1 TPO C 896 -1.94 76.78 45.84
P TPO C 896 -2.46 76.08 47.21
O1P TPO C 896 -3.95 75.87 47.03
O2P TPO C 896 -2.12 77.05 48.32
O3P TPO C 896 -1.70 74.78 47.32
C TPO C 896 -2.93 77.56 42.89
O TPO C 896 -2.72 77.44 41.67
N LYS C 897 -3.08 78.75 43.49
CA LYS C 897 -3.05 80.01 42.70
C LYS C 897 -1.77 80.78 43.00
N THR C 898 -0.75 80.58 42.18
CA THR C 898 0.54 81.28 42.38
C THR C 898 0.45 82.69 41.81
N THR C 899 -0.12 83.63 42.56
CA THR C 899 -0.16 85.05 42.13
C THR C 899 1.25 85.48 41.73
N HIS D 38 -16.97 -86.26 -68.23
CA HIS D 38 -18.22 -85.74 -67.69
C HIS D 38 -18.28 -84.22 -67.85
N SER D 39 -18.83 -83.76 -68.96
CA SER D 39 -18.92 -82.34 -69.24
C SER D 39 -19.97 -82.11 -70.31
N ILE D 40 -20.38 -80.85 -70.44
CA ILE D 40 -21.36 -80.44 -71.45
C ILE D 40 -20.64 -79.52 -72.43
N ARG D 41 -20.56 -79.94 -73.70
CA ARG D 41 -19.92 -79.16 -74.74
C ARG D 41 -20.94 -78.85 -75.82
N VAL D 42 -21.22 -77.55 -76.01
CA VAL D 42 -22.09 -77.08 -77.08
C VAL D 42 -21.32 -76.01 -77.84
N ASP D 43 -21.50 -75.98 -79.16
CA ASP D 43 -20.71 -75.13 -80.04
C ASP D 43 -21.55 -73.96 -80.53
N GLY D 44 -20.92 -72.78 -80.56
CA GLY D 44 -21.57 -71.57 -81.03
C GLY D 44 -20.52 -70.54 -81.39
N ASP D 45 -21.00 -69.41 -81.92
CA ASP D 45 -20.07 -68.34 -82.29
C ASP D 45 -19.33 -67.81 -81.07
N ILE D 46 -20.03 -67.62 -79.97
CA ILE D 46 -19.44 -67.20 -78.70
C ILE D 46 -19.99 -68.10 -77.60
N ILE D 47 -19.12 -68.65 -76.77
CA ILE D 47 -19.55 -69.59 -75.75
C ILE D 47 -19.01 -69.15 -74.40
N LEU D 48 -19.65 -69.65 -73.34
CA LEU D 48 -19.35 -69.30 -71.96
C LEU D 48 -19.05 -70.56 -71.17
N GLY D 49 -18.40 -70.36 -70.02
CA GLY D 49 -18.06 -71.47 -69.14
C GLY D 49 -18.85 -71.48 -67.86
N GLY D 50 -18.98 -72.64 -67.22
CA GLY D 50 -19.72 -72.76 -65.98
C GLY D 50 -19.03 -73.70 -65.02
N LEU D 51 -19.20 -73.42 -63.73
CA LEU D 51 -18.62 -74.23 -62.66
C LEU D 51 -19.68 -74.41 -61.58
N PHE D 52 -20.18 -75.62 -61.42
CA PHE D 52 -21.23 -75.92 -60.46
C PHE D 52 -20.85 -77.11 -59.61
N PRO D 53 -21.27 -77.12 -58.33
CA PRO D 53 -20.97 -78.26 -57.44
C PRO D 53 -21.98 -79.39 -57.59
N VAL D 54 -21.86 -80.12 -58.70
CA VAL D 54 -22.82 -81.17 -59.00
C VAL D 54 -22.65 -82.36 -58.06
N HIS D 55 -21.50 -82.51 -57.41
CA HIS D 55 -21.23 -83.60 -56.50
C HIS D 55 -20.83 -83.08 -55.13
N ALA D 56 -21.30 -83.75 -54.09
CA ALA D 56 -21.04 -83.37 -52.72
C ALA D 56 -20.44 -84.55 -51.96
N LYS D 57 -19.81 -84.24 -50.83
CA LYS D 57 -19.22 -85.29 -50.00
C LYS D 57 -20.29 -86.25 -49.48
N GLY D 58 -21.42 -85.73 -49.05
CA GLY D 58 -22.50 -86.55 -48.55
C GLY D 58 -22.24 -87.15 -47.18
N GLU D 59 -23.22 -87.84 -46.63
CA GLU D 59 -23.09 -88.44 -45.31
C GLU D 59 -22.85 -89.94 -45.42
N CYS D 64 -16.64 -86.55 -54.21
CA CYS D 64 -17.74 -86.56 -55.16
C CYS D 64 -18.63 -87.76 -54.92
N GLY D 65 -19.18 -87.87 -53.70
CA GLY D 65 -19.91 -89.06 -53.33
C GLY D 65 -21.35 -89.05 -53.84
N GLU D 66 -22.08 -87.98 -53.56
CA GLU D 66 -23.50 -87.91 -53.90
C GLU D 66 -23.79 -86.61 -54.63
N LEU D 67 -24.82 -86.65 -55.48
CA LEU D 67 -25.18 -85.48 -56.27
C LEU D 67 -25.86 -84.43 -55.41
N LYS D 68 -25.54 -83.17 -55.69
CA LYS D 68 -26.16 -82.02 -55.04
C LYS D 68 -27.45 -81.70 -55.80
N LYS D 69 -28.57 -82.18 -55.28
CA LYS D 69 -29.84 -82.06 -56.02
C LYS D 69 -30.28 -80.60 -56.12
N GLU D 70 -30.05 -79.81 -55.07
CA GLU D 70 -30.61 -78.46 -55.01
C GLU D 70 -29.64 -77.39 -55.49
N LYS D 71 -28.34 -77.57 -55.28
CA LYS D 71 -27.34 -76.59 -55.69
C LYS D 71 -26.42 -77.11 -56.78
N GLY D 72 -26.75 -78.25 -57.37
CA GLY D 72 -26.01 -78.82 -58.49
C GLY D 72 -26.82 -78.79 -59.75
N ILE D 73 -27.46 -79.93 -60.07
CA ILE D 73 -28.29 -80.05 -61.26
C ILE D 73 -29.26 -78.88 -61.39
N HIS D 74 -29.82 -78.45 -60.26
CA HIS D 74 -30.86 -77.43 -60.27
C HIS D 74 -30.35 -76.12 -60.87
N ARG D 75 -29.05 -75.86 -60.75
CA ARG D 75 -28.45 -74.65 -61.33
C ARG D 75 -27.92 -74.86 -62.74
N LEU D 76 -27.45 -76.07 -63.07
CA LEU D 76 -27.10 -76.35 -64.46
C LEU D 76 -28.31 -76.17 -65.37
N GLU D 77 -29.46 -76.67 -64.93
CA GLU D 77 -30.68 -76.50 -65.73
C GLU D 77 -31.07 -75.03 -65.85
N ALA D 78 -30.87 -74.24 -64.80
CA ALA D 78 -31.16 -72.81 -64.89
C ALA D 78 -30.26 -72.12 -65.90
N MET D 79 -28.97 -72.45 -65.89
CA MET D 79 -28.05 -71.85 -66.86
C MET D 79 -28.40 -72.25 -68.29
N LEU D 80 -28.74 -73.53 -68.49
CA LEU D 80 -29.12 -73.97 -69.83
C LEU D 80 -30.42 -73.32 -70.30
N TYR D 81 -31.38 -73.15 -69.37
CA TYR D 81 -32.61 -72.46 -69.70
C TYR D 81 -32.34 -71.01 -70.08
N ALA D 82 -31.46 -70.32 -69.35
CA ALA D 82 -31.13 -68.95 -69.69
C ALA D 82 -30.48 -68.86 -71.06
N ILE D 83 -29.57 -69.79 -71.36
CA ILE D 83 -28.92 -69.80 -72.68
C ILE D 83 -29.94 -70.01 -73.78
N ASP D 84 -30.85 -70.97 -73.59
CA ASP D 84 -31.87 -71.24 -74.60
C ASP D 84 -32.78 -70.04 -74.80
N GLN D 85 -33.17 -69.36 -73.72
CA GLN D 85 -34.01 -68.17 -73.85
C GLN D 85 -33.28 -67.05 -74.57
N ILE D 86 -31.99 -66.87 -74.29
CA ILE D 86 -31.23 -65.81 -74.94
C ILE D 86 -31.11 -66.09 -76.43
N ASN D 87 -30.88 -67.35 -76.80
CA ASN D 87 -30.63 -67.68 -78.21
C ASN D 87 -31.83 -67.30 -79.08
N LYS D 88 -33.05 -67.59 -78.63
CA LYS D 88 -34.22 -67.33 -79.45
C LYS D 88 -34.64 -65.86 -79.46
N ASP D 89 -34.15 -65.06 -78.51
CA ASP D 89 -34.53 -63.65 -78.45
C ASP D 89 -33.96 -62.91 -79.66
N PRO D 90 -34.80 -62.26 -80.47
CA PRO D 90 -34.25 -61.57 -81.66
C PRO D 90 -33.47 -60.31 -81.32
N ASP D 91 -33.90 -59.57 -80.29
CA ASP D 91 -33.25 -58.30 -79.97
C ASP D 91 -31.80 -58.49 -79.57
N LEU D 92 -31.50 -59.55 -78.83
CA LEU D 92 -30.18 -59.74 -78.24
C LEU D 92 -29.38 -60.78 -79.00
N LEU D 93 -28.16 -60.39 -79.38
CA LEU D 93 -27.20 -61.27 -80.04
C LEU D 93 -27.82 -61.93 -81.29
N SER D 94 -28.34 -61.09 -82.16
CA SER D 94 -28.84 -61.56 -83.45
C SER D 94 -27.67 -62.04 -84.29
N ASN D 95 -27.79 -63.25 -84.85
CA ASN D 95 -26.76 -63.94 -85.62
C ASN D 95 -25.64 -64.48 -84.76
N ILE D 96 -25.75 -64.40 -83.44
CA ILE D 96 -24.81 -65.03 -82.51
C ILE D 96 -25.57 -66.06 -81.70
N THR D 97 -25.13 -67.31 -81.77
CA THR D 97 -25.71 -68.40 -80.99
C THR D 97 -24.73 -68.78 -79.88
N LEU D 98 -25.20 -68.75 -78.64
CA LEU D 98 -24.33 -69.01 -77.50
C LEU D 98 -24.16 -70.50 -77.26
N GLY D 99 -23.02 -70.85 -76.64
CA GLY D 99 -22.77 -72.21 -76.23
C GLY D 99 -22.29 -72.24 -74.79
N VAL D 100 -22.14 -73.45 -74.26
CA VAL D 100 -21.81 -73.64 -72.86
C VAL D 100 -20.64 -74.61 -72.72
N ARG D 101 -19.81 -74.35 -71.71
CA ARG D 101 -18.77 -75.27 -71.26
C ARG D 101 -18.94 -75.43 -69.76
N ILE D 102 -19.67 -76.46 -69.34
CA ILE D 102 -20.08 -76.62 -67.95
C ILE D 102 -19.33 -77.80 -67.36
N LEU D 103 -18.77 -77.61 -66.17
CA LEU D 103 -17.93 -78.61 -65.51
C LEU D 103 -18.38 -78.76 -64.05
N ASP D 104 -17.71 -79.66 -63.33
CA ASP D 104 -18.02 -80.00 -61.95
C ASP D 104 -16.84 -79.63 -61.06
N THR D 105 -17.14 -79.09 -59.87
CA THR D 105 -16.10 -78.72 -58.92
C THR D 105 -15.99 -79.67 -57.73
N CYS D 106 -17.02 -80.47 -57.45
CA CYS D 106 -17.06 -81.34 -56.27
C CYS D 106 -16.79 -80.56 -54.98
N SER D 107 -17.19 -79.30 -54.96
CA SER D 107 -17.10 -78.46 -53.75
C SER D 107 -15.67 -78.34 -53.24
N ARG D 108 -14.69 -78.43 -54.14
CA ARG D 108 -13.28 -78.39 -53.76
C ARG D 108 -12.55 -77.36 -54.61
N ASP D 109 -11.69 -76.58 -53.96
CA ASP D 109 -10.96 -75.53 -54.66
C ASP D 109 -9.89 -76.12 -55.58
N THR D 110 -9.16 -77.12 -55.12
CA THR D 110 -8.10 -77.72 -55.93
C THR D 110 -8.67 -78.42 -57.16
N TYR D 111 -9.76 -79.16 -56.99
CA TYR D 111 -10.38 -79.88 -58.11
C TYR D 111 -10.89 -78.89 -59.17
N ALA D 112 -11.55 -77.82 -58.73
CA ALA D 112 -12.03 -76.81 -59.65
C ALA D 112 -10.88 -76.09 -60.35
N LEU D 113 -9.80 -75.82 -59.62
CA LEU D 113 -8.63 -75.19 -60.23
C LEU D 113 -8.03 -76.09 -61.30
N GLU D 114 -7.91 -77.40 -61.02
CA GLU D 114 -7.32 -78.30 -61.99
C GLU D 114 -8.21 -78.52 -63.20
N GLN D 115 -9.54 -78.38 -63.06
CA GLN D 115 -10.39 -78.48 -64.24
C GLN D 115 -10.68 -77.14 -64.90
N SER D 116 -10.31 -76.02 -64.29
CA SER D 116 -10.44 -74.73 -64.96
C SER D 116 -9.30 -74.45 -65.92
N LEU D 117 -8.28 -75.30 -65.95
CA LEU D 117 -7.23 -75.15 -66.94
C LEU D 117 -7.74 -75.37 -68.37
N THR D 118 -8.85 -76.08 -68.53
CA THR D 118 -9.40 -76.27 -69.87
C THR D 118 -9.87 -74.94 -70.46
N PHE D 119 -10.32 -74.01 -69.62
CA PHE D 119 -10.76 -72.71 -70.11
C PHE D 119 -9.63 -71.95 -70.77
N VAL D 120 -8.45 -71.94 -70.13
CA VAL D 120 -7.36 -71.09 -70.62
C VAL D 120 -6.72 -71.68 -71.88
N GLN D 121 -6.64 -73.01 -71.97
CA GLN D 121 -5.97 -73.67 -73.10
C GLN D 121 -6.90 -73.70 -74.30
N ALA D 122 -7.06 -72.53 -74.91
CA ALA D 122 -7.90 -72.39 -76.10
C ALA D 122 -7.37 -71.29 -77.01
N PRO D 144 -9.81 -77.63 -78.63
CA PRO D 144 -10.51 -77.00 -77.51
C PRO D 144 -11.43 -75.85 -77.95
N ASP D 145 -12.20 -75.32 -77.01
CA ASP D 145 -13.19 -74.28 -77.28
C ASP D 145 -12.79 -72.98 -76.61
N LYS D 146 -12.92 -71.88 -77.33
CA LYS D 146 -12.56 -70.56 -76.83
C LYS D 146 -13.69 -69.98 -75.99
N ILE D 147 -13.35 -69.54 -74.77
CA ILE D 147 -14.34 -69.12 -73.78
C ILE D 147 -14.33 -67.59 -73.72
N SER D 148 -15.49 -66.97 -73.94
CA SER D 148 -15.58 -65.52 -73.78
C SER D 148 -15.61 -65.11 -72.31
N GLY D 149 -16.41 -65.82 -71.50
CA GLY D 149 -16.51 -65.49 -70.09
C GLY D 149 -16.94 -66.71 -69.30
N VAL D 150 -16.71 -66.63 -67.98
CA VAL D 150 -17.03 -67.72 -67.07
C VAL D 150 -18.15 -67.25 -66.15
N ILE D 151 -19.23 -68.05 -66.09
CA ILE D 151 -20.40 -67.69 -65.29
C ILE D 151 -20.49 -68.49 -64.00
N GLY D 152 -19.72 -69.57 -63.86
CA GLY D 152 -19.89 -70.43 -62.71
C GLY D 152 -18.93 -70.21 -61.57
N ALA D 153 -19.48 -69.93 -60.39
CA ALA D 153 -18.73 -69.97 -59.13
C ALA D 153 -19.75 -69.98 -58.00
N ALA D 154 -19.65 -70.97 -57.10
CA ALA D 154 -20.64 -71.13 -56.04
C ALA D 154 -20.05 -71.11 -54.63
N ALA D 155 -18.74 -71.25 -54.47
CA ALA D 155 -18.10 -71.18 -53.16
C ALA D 155 -16.93 -70.21 -53.24
N SER D 156 -16.67 -69.52 -52.14
CA SER D 156 -15.60 -68.52 -52.12
C SER D 156 -14.24 -69.16 -52.35
N SER D 157 -14.01 -70.35 -51.78
CA SER D 157 -12.75 -71.04 -51.99
C SER D 157 -12.54 -71.39 -53.45
N VAL D 158 -13.60 -71.88 -54.11
CA VAL D 158 -13.51 -72.18 -55.53
C VAL D 158 -13.32 -70.89 -56.34
N SER D 159 -14.10 -69.87 -56.01
CA SER D 159 -14.09 -68.63 -56.79
C SER D 159 -12.72 -67.95 -56.75
N ILE D 160 -12.09 -67.92 -55.57
CA ILE D 160 -10.80 -67.26 -55.45
C ILE D 160 -9.74 -67.96 -56.29
N MET D 161 -9.68 -69.29 -56.20
CA MET D 161 -8.68 -70.03 -56.95
C MET D 161 -8.93 -69.95 -58.45
N VAL D 162 -10.21 -69.95 -58.87
CA VAL D 162 -10.51 -69.83 -60.28
C VAL D 162 -10.17 -68.43 -60.79
N ALA D 163 -10.45 -67.39 -59.98
CA ALA D 163 -10.14 -66.04 -60.38
C ALA D 163 -8.64 -65.83 -60.52
N ASN D 164 -7.86 -66.45 -59.63
CA ASN D 164 -6.41 -66.30 -59.70
C ASN D 164 -5.86 -66.79 -61.03
N ILE D 165 -6.35 -67.94 -61.51
CA ILE D 165 -5.86 -68.46 -62.78
C ILE D 165 -6.44 -67.67 -63.96
N LEU D 166 -7.71 -67.24 -63.86
CA LEU D 166 -8.33 -66.59 -65.00
C LEU D 166 -7.80 -65.18 -65.22
N ARG D 167 -7.40 -64.47 -64.15
CA ARG D 167 -6.91 -63.12 -64.34
C ARG D 167 -5.62 -63.08 -65.14
N LEU D 168 -4.80 -64.13 -65.04
CA LEU D 168 -3.54 -64.16 -65.78
C LEU D 168 -3.79 -64.20 -67.29
N PHE D 169 -4.82 -64.92 -67.72
CA PHE D 169 -5.15 -65.05 -69.14
C PHE D 169 -6.27 -64.10 -69.57
N LYS D 170 -6.71 -63.22 -68.69
CA LYS D 170 -7.66 -62.15 -69.00
C LYS D 170 -8.98 -62.71 -69.52
N ILE D 171 -9.63 -63.52 -68.69
CA ILE D 171 -10.96 -64.04 -68.95
C ILE D 171 -11.91 -63.47 -67.90
N PRO D 172 -12.93 -62.71 -68.27
CA PRO D 172 -13.87 -62.19 -67.28
C PRO D 172 -14.65 -63.32 -66.60
N GLN D 173 -14.93 -63.11 -65.31
CA GLN D 173 -15.63 -64.09 -64.50
C GLN D 173 -16.75 -63.40 -63.73
N ILE D 174 -17.91 -64.05 -63.68
CA ILE D 174 -19.06 -63.57 -62.91
C ILE D 174 -19.52 -64.69 -62.00
N SER D 175 -19.62 -64.41 -60.71
CA SER D 175 -20.06 -65.39 -59.73
C SER D 175 -21.48 -65.08 -59.28
N TYR D 176 -22.28 -66.13 -59.13
CA TYR D 176 -23.70 -65.97 -58.77
C TYR D 176 -23.98 -66.25 -57.30
N ALA D 177 -23.08 -66.92 -56.57
CA ALA D 177 -23.39 -67.33 -55.21
C ALA D 177 -22.24 -67.16 -54.22
N SER D 178 -21.14 -66.52 -54.59
CA SER D 178 -20.00 -66.36 -53.69
C SER D 178 -20.14 -65.08 -52.90
N THR D 179 -20.13 -65.17 -51.58
CA THR D 179 -20.28 -64.02 -50.68
C THR D 179 -19.08 -64.01 -49.75
N ALA D 180 -18.00 -63.32 -50.16
CA ALA D 180 -16.80 -63.20 -49.36
C ALA D 180 -16.24 -61.80 -49.55
N PRO D 181 -15.95 -61.08 -48.46
CA PRO D 181 -15.36 -59.74 -48.60
C PRO D 181 -14.01 -59.75 -49.29
N GLU D 182 -13.26 -60.84 -49.20
CA GLU D 182 -11.94 -60.90 -49.84
C GLU D 182 -12.04 -60.63 -51.34
N LEU D 183 -13.06 -61.18 -51.99
CA LEU D 183 -13.25 -60.97 -53.42
C LEU D 183 -13.59 -59.52 -53.77
N SER D 184 -13.96 -58.70 -52.78
CA SER D 184 -14.22 -57.29 -53.06
C SER D 184 -12.95 -56.54 -53.45
N ASP D 185 -11.78 -57.05 -53.07
CA ASP D 185 -10.52 -56.43 -53.49
C ASP D 185 -10.37 -56.50 -55.00
N ASN D 186 -10.07 -55.36 -55.61
CA ASN D 186 -9.83 -55.28 -57.05
C ASN D 186 -8.35 -55.21 -57.40
N THR D 187 -7.47 -55.14 -56.39
CA THR D 187 -6.04 -55.22 -56.65
C THR D 187 -5.63 -56.62 -57.09
N ARG D 188 -6.19 -57.64 -56.44
CA ARG D 188 -5.83 -59.02 -56.72
C ARG D 188 -6.83 -59.75 -57.61
N TYR D 189 -8.05 -59.25 -57.73
CA TYR D 189 -9.09 -59.87 -58.56
C TYR D 189 -9.61 -58.78 -59.50
N ASP D 190 -8.93 -58.62 -60.64
CA ASP D 190 -9.29 -57.56 -61.58
C ASP D 190 -10.55 -57.91 -62.35
N PHE D 191 -10.68 -59.16 -62.79
CA PHE D 191 -11.72 -59.57 -63.73
C PHE D 191 -12.89 -60.27 -63.05
N PHE D 192 -12.99 -60.20 -61.73
CA PHE D 192 -14.06 -60.86 -60.99
C PHE D 192 -15.23 -59.90 -60.78
N SER D 193 -16.44 -60.38 -61.05
CA SER D 193 -17.67 -59.64 -60.82
C SER D 193 -18.66 -60.55 -60.11
N ARG D 194 -19.63 -59.92 -59.45
CA ARG D 194 -20.50 -60.64 -58.53
C ARG D 194 -21.94 -60.17 -58.71
N VAL D 195 -22.88 -61.10 -58.52
CA VAL D 195 -24.30 -60.78 -58.58
C VAL D 195 -24.95 -60.78 -57.20
N VAL D 196 -24.18 -61.05 -56.14
CA VAL D 196 -24.69 -61.11 -54.78
C VAL D 196 -23.89 -60.15 -53.91
N PRO D 197 -24.45 -59.67 -52.80
CA PRO D 197 -23.71 -58.73 -51.95
C PRO D 197 -22.54 -59.40 -51.26
N PRO D 198 -21.53 -58.63 -50.86
CA PRO D 198 -20.43 -59.22 -50.08
C PRO D 198 -20.88 -59.53 -48.66
N ASP D 199 -20.12 -60.43 -48.02
CA ASP D 199 -20.49 -60.95 -46.71
C ASP D 199 -20.03 -60.00 -45.60
N SER D 200 -20.51 -58.76 -45.71
CA SER D 200 -20.28 -57.73 -44.69
C SER D 200 -21.57 -57.15 -44.14
N TYR D 201 -22.63 -57.08 -44.94
CA TYR D 201 -23.93 -56.70 -44.42
C TYR D 201 -24.58 -57.85 -43.66
N GLN D 202 -24.26 -59.10 -44.01
CA GLN D 202 -24.83 -60.25 -43.33
C GLN D 202 -24.43 -60.28 -41.86
N ALA D 203 -23.17 -59.94 -41.57
CA ALA D 203 -22.74 -59.87 -40.18
C ALA D 203 -23.49 -58.80 -39.42
N GLN D 204 -23.71 -57.64 -40.05
CA GLN D 204 -24.48 -56.59 -39.41
C GLN D 204 -25.90 -57.04 -39.13
N ALA D 205 -26.52 -57.75 -40.08
CA ALA D 205 -27.87 -58.26 -39.87
C ALA D 205 -27.90 -59.25 -38.71
N MET D 206 -26.90 -60.13 -38.63
CA MET D 206 -26.88 -61.13 -37.57
C MET D 206 -26.71 -60.48 -36.19
N VAL D 207 -25.82 -59.49 -36.09
CA VAL D 207 -25.66 -58.79 -34.81
C VAL D 207 -26.92 -57.99 -34.47
N ASP D 208 -27.58 -57.42 -35.48
CA ASP D 208 -28.82 -56.69 -35.20
C ASP D 208 -29.89 -57.63 -34.67
N ILE D 209 -30.01 -58.83 -35.24
CA ILE D 209 -30.95 -59.82 -34.71
C ILE D 209 -30.57 -60.21 -33.30
N VAL D 210 -29.27 -60.41 -33.05
CA VAL D 210 -28.84 -60.83 -31.72
C VAL D 210 -29.14 -59.77 -30.68
N THR D 211 -28.86 -58.51 -30.97
CA THR D 211 -29.07 -57.45 -29.99
C THR D 211 -30.53 -57.04 -29.86
N ALA D 212 -31.34 -57.23 -30.92
CA ALA D 212 -32.75 -56.86 -30.83
C ALA D 212 -33.49 -57.70 -29.81
N LEU D 213 -33.14 -58.98 -29.69
CA LEU D 213 -33.78 -59.89 -28.75
C LEU D 213 -33.02 -60.00 -27.43
N GLY D 214 -31.99 -59.19 -27.23
CA GLY D 214 -31.35 -59.11 -25.94
C GLY D 214 -30.31 -60.17 -25.64
N TRP D 215 -29.72 -60.78 -26.67
CA TRP D 215 -28.73 -61.84 -26.48
C TRP D 215 -27.34 -61.23 -26.39
N ASN D 216 -26.66 -61.45 -25.26
CA ASN D 216 -25.35 -60.88 -25.02
C ASN D 216 -24.26 -61.91 -24.75
N TYR D 217 -24.61 -63.17 -24.54
CA TYR D 217 -23.66 -64.23 -24.21
C TYR D 217 -23.92 -65.40 -25.16
N VAL D 218 -23.12 -65.48 -26.24
CA VAL D 218 -23.35 -66.42 -27.32
C VAL D 218 -22.06 -67.13 -27.66
N SER D 219 -22.18 -68.29 -28.30
CA SER D 219 -21.05 -69.08 -28.75
C SER D 219 -21.00 -69.10 -30.27
N THR D 220 -19.81 -68.97 -30.84
CA THR D 220 -19.65 -68.90 -32.28
C THR D 220 -18.91 -70.11 -32.82
N LEU D 221 -19.39 -70.60 -33.96
CA LEU D 221 -18.80 -71.72 -34.68
C LEU D 221 -18.56 -71.31 -36.13
N ALA D 222 -17.46 -71.76 -36.71
CA ALA D 222 -17.12 -71.39 -38.06
C ALA D 222 -16.43 -72.56 -38.77
N SER D 223 -16.39 -72.46 -40.09
CA SER D 223 -15.73 -73.45 -40.93
C SER D 223 -14.43 -72.88 -41.46
N GLU D 224 -13.38 -73.69 -41.44
CA GLU D 224 -12.08 -73.25 -41.92
C GLU D 224 -12.15 -72.97 -43.42
N GLY D 225 -11.64 -71.81 -43.82
CA GLY D 225 -11.67 -71.39 -45.20
C GLY D 225 -11.82 -69.89 -45.27
N ASN D 226 -11.97 -69.40 -46.50
CA ASN D 226 -12.15 -67.96 -46.69
C ASN D 226 -13.50 -67.49 -46.15
N TYR D 227 -14.58 -68.16 -46.55
CA TYR D 227 -15.91 -67.68 -46.23
C TYR D 227 -16.17 -67.70 -44.73
N GLY D 228 -15.94 -68.85 -44.08
CA GLY D 228 -16.25 -68.96 -42.66
C GLY D 228 -15.40 -68.04 -41.81
N GLU D 229 -14.10 -68.01 -42.05
CA GLU D 229 -13.21 -67.18 -41.24
C GLU D 229 -13.49 -65.69 -41.44
N SER D 230 -13.65 -65.25 -42.70
CA SER D 230 -13.94 -63.85 -42.94
C SER D 230 -15.28 -63.45 -42.32
N GLY D 231 -16.30 -64.30 -42.47
CA GLY D 231 -17.60 -63.98 -41.90
C GLY D 231 -17.58 -63.92 -40.38
N VAL D 232 -16.90 -64.87 -39.74
CA VAL D 232 -16.88 -64.86 -38.28
C VAL D 232 -16.05 -63.69 -37.76
N GLU D 233 -14.98 -63.31 -38.47
CA GLU D 233 -14.21 -62.13 -38.06
C GLU D 233 -15.05 -60.86 -38.17
N ALA D 234 -15.77 -60.70 -39.28
CA ALA D 234 -16.64 -59.54 -39.43
C ALA D 234 -17.73 -59.52 -38.37
N PHE D 235 -18.32 -60.69 -38.09
CA PHE D 235 -19.36 -60.76 -37.07
C PHE D 235 -18.82 -60.38 -35.69
N THR D 236 -17.63 -60.88 -35.34
CA THR D 236 -17.06 -60.54 -34.04
C THR D 236 -16.77 -59.05 -33.94
N GLN D 237 -16.20 -58.46 -35.00
CA GLN D 237 -15.93 -57.03 -34.98
C GLN D 237 -17.21 -56.22 -34.81
N ILE D 238 -18.25 -56.55 -35.58
CA ILE D 238 -19.50 -55.81 -35.50
C ILE D 238 -20.18 -56.01 -34.15
N SER D 239 -20.06 -57.22 -33.58
CA SER D 239 -20.66 -57.49 -32.28
C SER D 239 -19.95 -56.71 -31.19
N ARG D 240 -18.62 -56.61 -31.25
CA ARG D 240 -17.92 -55.77 -30.28
C ARG D 240 -18.29 -54.30 -30.44
N GLU D 241 -18.42 -53.83 -31.68
CA GLU D 241 -18.83 -52.45 -31.90
C GLU D 241 -20.24 -52.18 -31.37
N ILE D 242 -21.15 -53.14 -31.55
CA ILE D 242 -22.52 -52.96 -31.09
C ILE D 242 -22.56 -52.82 -29.58
N GLY D 243 -21.80 -53.65 -28.87
CA GLY D 243 -21.71 -53.53 -27.43
C GLY D 243 -22.44 -54.62 -26.68
N GLY D 244 -21.75 -55.23 -25.72
CA GLY D 244 -22.35 -56.21 -24.84
C GLY D 244 -22.43 -57.62 -25.39
N VAL D 245 -22.18 -57.81 -26.69
CA VAL D 245 -22.18 -59.16 -27.26
C VAL D 245 -20.80 -59.76 -27.03
N SER D 246 -20.75 -60.84 -26.26
CA SER D 246 -19.49 -61.43 -25.84
C SER D 246 -19.46 -62.91 -26.23
N ILE D 247 -18.36 -63.33 -26.85
CA ILE D 247 -18.22 -64.67 -27.38
C ILE D 247 -17.64 -65.56 -26.28
N ALA D 248 -18.47 -66.44 -25.72
CA ALA D 248 -17.98 -67.38 -24.71
C ALA D 248 -16.97 -68.34 -25.31
N GLN D 249 -17.32 -68.99 -26.41
CA GLN D 249 -16.44 -69.94 -27.08
C GLN D 249 -16.50 -69.72 -28.58
N SER D 250 -15.34 -69.76 -29.23
CA SER D 250 -15.25 -69.70 -30.68
C SER D 250 -14.57 -70.97 -31.17
N GLN D 251 -15.23 -71.69 -32.07
CA GLN D 251 -14.74 -72.95 -32.57
C GLN D 251 -14.67 -72.94 -34.09
N LYS D 252 -13.82 -73.80 -34.62
CA LYS D 252 -13.67 -73.96 -36.06
C LYS D 252 -13.68 -75.44 -36.41
N ILE D 253 -14.18 -75.75 -37.60
CA ILE D 253 -14.31 -77.14 -38.04
C ILE D 253 -13.58 -77.33 -39.38
N PRO D 254 -12.84 -78.42 -39.54
CA PRO D 254 -11.97 -78.60 -40.70
C PRO D 254 -12.56 -79.36 -41.87
N ARG D 255 -13.85 -79.69 -41.85
CA ARG D 255 -14.61 -80.40 -42.88
C ARG D 255 -14.33 -81.90 -42.88
N GLU D 256 -13.58 -82.43 -41.92
CA GLU D 256 -13.37 -83.87 -41.84
C GLU D 256 -14.32 -84.45 -40.81
N PRO D 257 -15.32 -85.24 -41.21
CA PRO D 257 -16.29 -85.77 -40.24
C PRO D 257 -15.64 -86.83 -39.38
N ARG D 258 -15.48 -86.53 -38.09
CA ARG D 258 -14.77 -87.41 -37.18
C ARG D 258 -15.22 -87.10 -35.77
N PRO D 259 -15.38 -88.10 -34.90
CA PRO D 259 -15.66 -87.80 -33.48
C PRO D 259 -14.56 -87.00 -32.81
N GLY D 260 -13.35 -87.01 -33.36
CA GLY D 260 -12.26 -86.26 -32.76
C GLY D 260 -12.52 -84.77 -32.72
N GLU D 261 -13.10 -84.22 -33.79
CA GLU D 261 -13.33 -82.78 -33.88
C GLU D 261 -14.80 -82.40 -33.70
N PHE D 262 -15.70 -82.92 -34.54
CA PHE D 262 -17.08 -82.45 -34.53
C PHE D 262 -17.78 -82.81 -33.22
N GLU D 263 -17.62 -84.04 -32.75
CA GLU D 263 -18.15 -84.41 -31.46
C GLU D 263 -17.46 -83.64 -30.35
N LYS D 264 -16.18 -83.33 -30.50
CA LYS D 264 -15.49 -82.51 -29.51
C LYS D 264 -16.01 -81.08 -29.51
N ILE D 265 -16.34 -80.54 -30.68
CA ILE D 265 -16.95 -79.21 -30.72
C ILE D 265 -18.29 -79.22 -30.00
N ILE D 266 -19.13 -80.22 -30.26
CA ILE D 266 -20.43 -80.27 -29.61
C ILE D 266 -20.26 -80.48 -28.11
N LYS D 267 -19.27 -81.27 -27.70
CA LYS D 267 -19.01 -81.56 -26.30
C LYS D 267 -18.27 -80.44 -25.58
N ARG D 268 -17.70 -79.49 -26.32
CA ARG D 268 -17.08 -78.32 -25.73
C ARG D 268 -18.02 -77.14 -25.65
N LEU D 269 -19.02 -77.10 -26.54
CA LEU D 269 -20.10 -76.11 -26.37
C LEU D 269 -20.99 -76.45 -25.18
N LEU D 270 -21.00 -77.72 -24.75
CA LEU D 270 -21.79 -78.12 -23.59
C LEU D 270 -21.35 -77.40 -22.33
N GLU D 271 -20.03 -77.22 -22.15
CA GLU D 271 -19.48 -76.79 -20.87
C GLU D 271 -19.99 -75.42 -20.46
N THR D 272 -20.40 -74.59 -21.43
CA THR D 272 -20.93 -73.27 -21.13
C THR D 272 -22.44 -73.29 -21.25
N PRO D 273 -23.19 -73.53 -20.17
CA PRO D 273 -24.64 -73.69 -20.29
C PRO D 273 -25.38 -72.37 -20.43
N ASN D 274 -24.78 -71.29 -19.91
CA ASN D 274 -25.44 -69.99 -19.98
C ASN D 274 -25.56 -69.51 -21.42
N ALA D 275 -24.57 -69.81 -22.26
CA ALA D 275 -24.63 -69.47 -23.68
C ALA D 275 -25.52 -70.47 -24.38
N ARG D 276 -26.78 -70.08 -24.61
CA ARG D 276 -27.77 -70.94 -25.23
C ARG D 276 -28.04 -70.57 -26.68
N ALA D 277 -27.28 -69.63 -27.24
CA ALA D 277 -27.40 -69.25 -28.63
C ALA D 277 -26.04 -69.42 -29.31
N VAL D 278 -26.06 -69.96 -30.52
CA VAL D 278 -24.85 -70.22 -31.30
C VAL D 278 -24.97 -69.54 -32.64
N ILE D 279 -23.97 -68.72 -32.97
CA ILE D 279 -23.86 -68.07 -34.27
C ILE D 279 -22.85 -68.87 -35.10
N MET D 280 -23.24 -69.28 -36.30
CA MET D 280 -22.40 -70.13 -37.12
C MET D 280 -22.18 -69.57 -38.51
N PHE D 281 -20.92 -69.57 -38.95
CA PHE D 281 -20.52 -69.30 -40.33
C PHE D 281 -19.88 -70.59 -40.84
N ALA D 282 -20.70 -71.47 -41.40
CA ALA D 282 -20.25 -72.80 -41.78
C ALA D 282 -20.79 -73.14 -43.16
N ASN D 283 -20.11 -74.05 -43.85
CA ASN D 283 -20.45 -74.39 -45.22
C ASN D 283 -21.76 -75.18 -45.27
N GLU D 284 -22.18 -75.50 -46.50
CA GLU D 284 -23.39 -76.29 -46.70
C GLU D 284 -23.22 -77.71 -46.21
N ASP D 285 -22.03 -78.29 -46.39
CA ASP D 285 -21.81 -79.67 -45.98
C ASP D 285 -21.38 -79.76 -44.51
N ASP D 286 -20.74 -78.73 -43.98
CA ASP D 286 -20.29 -78.76 -42.59
C ASP D 286 -21.48 -78.71 -41.62
N ILE D 287 -22.50 -77.92 -41.94
CA ILE D 287 -23.67 -77.83 -41.08
C ILE D 287 -24.35 -79.19 -40.96
N ARG D 288 -24.28 -80.02 -41.99
CA ARG D 288 -24.88 -81.35 -41.92
C ARG D 288 -24.18 -82.20 -40.87
N ARG D 289 -22.85 -82.17 -40.85
CA ARG D 289 -22.12 -82.90 -39.81
C ARG D 289 -22.36 -82.30 -38.44
N ILE D 290 -22.50 -80.97 -38.35
CA ILE D 290 -22.81 -80.35 -37.06
C ILE D 290 -24.15 -80.86 -36.53
N LEU D 291 -25.16 -80.91 -37.40
CA LEU D 291 -26.47 -81.39 -36.98
C LEU D 291 -26.44 -82.87 -36.61
N GLU D 292 -25.71 -83.69 -37.37
CA GLU D 292 -25.66 -85.11 -37.06
C GLU D 292 -24.97 -85.36 -35.73
N ALA D 293 -23.85 -84.66 -35.49
CA ALA D 293 -23.17 -84.78 -34.20
C ALA D 293 -24.03 -84.25 -33.07
N ALA D 294 -24.80 -83.21 -33.33
CA ALA D 294 -25.71 -82.66 -32.32
C ALA D 294 -26.77 -83.69 -31.95
N LYS D 295 -27.33 -84.38 -32.94
CA LYS D 295 -28.34 -85.38 -32.63
C LYS D 295 -27.74 -86.58 -31.90
N LYS D 296 -26.55 -87.02 -32.31
CA LYS D 296 -25.92 -88.15 -31.64
C LYS D 296 -25.68 -87.83 -30.16
N LEU D 297 -25.05 -86.69 -29.88
CA LEU D 297 -24.65 -86.35 -28.52
C LEU D 297 -25.84 -85.73 -27.79
N ASN D 298 -26.67 -86.61 -27.24
CA ASN D 298 -27.74 -86.26 -26.28
C ASN D 298 -28.55 -85.06 -26.75
N GLN D 299 -28.99 -85.15 -28.01
CA GLN D 299 -29.89 -84.14 -28.60
C GLN D 299 -29.31 -82.73 -28.50
N SER D 300 -27.99 -82.62 -28.67
CA SER D 300 -27.29 -81.34 -28.79
C SER D 300 -27.23 -80.56 -27.48
N GLY D 301 -26.19 -79.75 -27.32
CA GLY D 301 -26.09 -78.84 -26.18
C GLY D 301 -25.85 -77.41 -26.61
N HIS D 302 -26.18 -77.13 -27.86
CA HIS D 302 -26.00 -75.80 -28.45
C HIS D 302 -27.27 -75.39 -29.18
N PHE D 303 -28.42 -75.50 -28.50
CA PHE D 303 -29.74 -75.57 -29.11
C PHE D 303 -30.04 -74.53 -30.18
N LEU D 304 -29.79 -73.25 -29.90
CA LEU D 304 -30.19 -72.21 -30.84
C LEU D 304 -29.13 -72.02 -31.90
N TRP D 305 -29.56 -71.95 -33.17
CA TRP D 305 -28.66 -71.92 -34.30
C TRP D 305 -29.06 -70.73 -35.16
N ILE D 306 -28.29 -69.65 -35.12
CA ILE D 306 -28.48 -68.53 -36.04
C ILE D 306 -27.54 -68.76 -37.21
N GLY D 307 -28.08 -69.29 -38.30
CA GLY D 307 -27.27 -69.68 -39.45
C GLY D 307 -27.25 -68.63 -40.54
N SER D 308 -26.19 -68.65 -41.33
CA SER D 308 -26.01 -67.73 -42.45
C SER D 308 -26.61 -68.34 -43.71
N ASP D 309 -26.33 -67.72 -44.86
CA ASP D 309 -26.94 -68.15 -46.11
C ASP D 309 -26.54 -69.55 -46.53
N SER D 310 -25.39 -70.05 -46.05
CA SER D 310 -25.00 -71.41 -46.39
C SER D 310 -25.99 -72.43 -45.84
N TRP D 311 -26.43 -72.27 -44.59
CA TRP D 311 -27.62 -72.99 -44.14
C TRP D 311 -28.84 -72.57 -44.95
N GLY D 312 -29.09 -71.27 -45.03
CA GLY D 312 -30.20 -70.77 -45.82
C GLY D 312 -31.52 -71.39 -45.42
N SER D 313 -32.30 -71.80 -46.40
CA SER D 313 -33.56 -72.49 -46.18
C SER D 313 -33.53 -73.89 -46.78
N LYS D 314 -32.35 -74.49 -46.85
CA LYS D 314 -32.23 -75.84 -47.38
C LYS D 314 -32.80 -76.84 -46.39
N ILE D 315 -33.81 -77.61 -46.84
CA ILE D 315 -34.40 -78.63 -45.99
C ILE D 315 -33.54 -79.90 -45.98
N ALA D 316 -32.67 -80.07 -46.99
CA ALA D 316 -31.87 -81.30 -47.09
C ALA D 316 -30.96 -81.54 -45.89
N PRO D 317 -30.18 -80.55 -45.40
CA PRO D 317 -29.27 -80.87 -44.28
C PRO D 317 -29.98 -81.36 -43.03
N VAL D 318 -31.18 -80.84 -42.75
CA VAL D 318 -31.87 -81.15 -41.50
C VAL D 318 -32.64 -82.46 -41.57
N TYR D 319 -32.59 -83.17 -42.71
CA TYR D 319 -33.27 -84.45 -42.83
C TYR D 319 -32.81 -85.44 -41.76
N GLN D 320 -33.79 -86.10 -41.13
CA GLN D 320 -33.63 -87.08 -40.07
C GLN D 320 -33.11 -86.46 -38.78
N GLN D 321 -32.91 -85.15 -38.74
CA GLN D 321 -32.40 -84.43 -37.57
C GLN D 321 -33.25 -83.20 -37.30
N GLU D 322 -34.55 -83.29 -37.61
CA GLU D 322 -35.39 -82.10 -37.62
C GLU D 322 -35.53 -81.47 -36.25
N GLU D 323 -35.77 -82.29 -35.21
CA GLU D 323 -35.99 -81.77 -33.87
C GLU D 323 -34.79 -81.00 -33.33
N ILE D 324 -33.59 -81.23 -33.88
CA ILE D 324 -32.42 -80.46 -33.48
C ILE D 324 -32.58 -78.99 -33.86
N ALA D 325 -33.12 -78.73 -35.05
CA ALA D 325 -33.15 -77.38 -35.62
C ALA D 325 -34.47 -76.66 -35.38
N GLU D 326 -35.34 -77.19 -34.52
CA GLU D 326 -36.63 -76.57 -34.27
C GLU D 326 -36.45 -75.19 -33.67
N GLY D 327 -36.95 -74.17 -34.35
CA GLY D 327 -36.88 -72.80 -33.88
C GLY D 327 -35.67 -72.00 -34.33
N ALA D 328 -34.83 -72.56 -35.19
CA ALA D 328 -33.63 -71.86 -35.63
C ALA D 328 -33.98 -70.70 -36.55
N VAL D 329 -33.11 -69.69 -36.58
CA VAL D 329 -33.28 -68.50 -37.40
C VAL D 329 -32.14 -68.46 -38.41
N THR D 330 -32.48 -68.32 -39.69
CA THR D 330 -31.51 -68.32 -40.78
C THR D 330 -31.75 -67.13 -41.69
N ILE D 331 -30.71 -66.74 -42.42
CA ILE D 331 -30.74 -65.56 -43.28
C ILE D 331 -30.43 -65.97 -44.71
N LEU D 332 -31.15 -65.38 -45.67
CA LEU D 332 -30.88 -65.58 -47.08
C LEU D 332 -30.87 -64.24 -47.81
N PRO D 333 -30.28 -64.18 -49.02
CA PRO D 333 -30.37 -62.98 -49.84
C PRO D 333 -31.81 -62.88 -50.33
N LYS D 334 -32.33 -61.66 -50.47
CA LYS D 334 -33.71 -61.43 -50.88
C LYS D 334 -33.89 -61.81 -52.34
N ARG D 335 -34.76 -62.78 -52.60
CA ARG D 335 -34.93 -63.33 -53.93
C ARG D 335 -36.40 -63.52 -54.24
N ALA D 336 -36.75 -63.33 -55.53
CA ALA D 336 -38.10 -63.49 -56.03
C ALA D 336 -38.15 -64.67 -57.00
N SER D 337 -39.20 -65.48 -56.89
CA SER D 337 -39.30 -66.70 -57.69
C SER D 337 -39.44 -66.38 -59.18
N ILE D 338 -38.85 -67.23 -60.00
CA ILE D 338 -38.97 -67.15 -61.46
C ILE D 338 -39.94 -68.25 -61.88
N ASP D 339 -41.12 -67.85 -62.37
CA ASP D 339 -42.11 -68.82 -62.78
C ASP D 339 -41.77 -69.48 -64.10
N GLY D 340 -41.02 -68.78 -64.97
CA GLY D 340 -40.67 -69.35 -66.26
C GLY D 340 -39.82 -70.60 -66.15
N PHE D 341 -38.90 -70.63 -65.18
CA PHE D 341 -38.03 -71.79 -64.99
C PHE D 341 -38.78 -72.97 -64.39
N ASP D 342 -39.89 -72.71 -63.69
CA ASP D 342 -40.68 -73.80 -63.11
C ASP D 342 -41.20 -74.73 -64.19
N ARG D 343 -41.74 -74.17 -65.27
CA ARG D 343 -42.25 -75.00 -66.36
C ARG D 343 -41.13 -75.75 -67.05
N TYR D 344 -39.97 -75.11 -67.21
CA TYR D 344 -38.85 -75.77 -67.89
C TYR D 344 -38.34 -76.97 -67.10
N PHE D 345 -38.18 -76.81 -65.77
CA PHE D 345 -37.56 -77.88 -65.00
C PHE D 345 -38.45 -79.12 -64.92
N ARG D 346 -39.75 -78.94 -64.71
CA ARG D 346 -40.63 -80.08 -64.53
C ARG D 346 -40.69 -80.95 -65.79
N SER D 347 -40.62 -80.33 -66.97
CA SER D 347 -40.74 -81.04 -68.23
C SER D 347 -39.50 -81.86 -68.58
N ARG D 348 -38.40 -81.71 -67.83
CA ARG D 348 -37.14 -82.38 -68.16
C ARG D 348 -37.22 -83.84 -67.74
N THR D 349 -37.70 -84.67 -68.67
CA THR D 349 -37.79 -86.10 -68.42
C THR D 349 -36.41 -86.73 -68.53
N LEU D 350 -36.33 -88.01 -68.19
CA LEU D 350 -35.09 -88.74 -68.45
C LEU D 350 -34.88 -88.97 -69.95
N ALA D 351 -35.98 -89.21 -70.67
CA ALA D 351 -35.88 -89.48 -72.10
C ALA D 351 -35.45 -88.24 -72.87
N ASN D 352 -36.11 -87.11 -72.66
CA ASN D 352 -35.84 -85.94 -73.49
C ASN D 352 -34.55 -85.23 -73.11
N ASN D 353 -34.23 -85.17 -71.80
CA ASN D 353 -33.08 -84.41 -71.33
C ASN D 353 -31.83 -85.28 -71.43
N ARG D 354 -31.34 -85.41 -72.65
CA ARG D 354 -30.08 -86.09 -72.91
C ARG D 354 -28.88 -85.15 -72.85
N ARG D 355 -29.12 -83.83 -72.81
CA ARG D 355 -28.02 -82.87 -72.74
C ARG D 355 -27.20 -83.04 -71.47
N ASN D 356 -27.86 -83.22 -70.33
CA ASN D 356 -27.20 -83.31 -69.04
C ASN D 356 -26.73 -84.74 -68.81
N VAL D 357 -25.40 -84.92 -68.72
CA VAL D 357 -24.86 -86.26 -68.54
C VAL D 357 -25.14 -86.79 -67.14
N TRP D 358 -25.14 -85.93 -66.12
CA TRP D 358 -25.38 -86.36 -64.75
C TRP D 358 -26.84 -86.64 -64.46
N PHE D 359 -27.76 -86.18 -65.32
CA PHE D 359 -29.16 -86.11 -64.95
C PHE D 359 -29.72 -87.47 -64.56
N ALA D 360 -29.37 -88.52 -65.30
CA ALA D 360 -29.87 -89.86 -64.97
C ALA D 360 -29.57 -90.21 -63.53
N GLU D 361 -28.33 -89.98 -63.09
CA GLU D 361 -27.97 -90.28 -61.70
C GLU D 361 -28.84 -89.48 -60.74
N PHE D 362 -29.08 -88.20 -61.05
CA PHE D 362 -29.96 -87.40 -60.22
C PHE D 362 -31.31 -88.07 -60.05
N TRP D 363 -31.86 -88.61 -61.15
CA TRP D 363 -33.14 -89.31 -61.07
C TRP D 363 -33.07 -90.42 -60.04
N GLU D 364 -32.01 -91.23 -60.09
CA GLU D 364 -31.90 -92.35 -59.16
C GLU D 364 -31.90 -91.87 -57.71
N GLU D 365 -31.32 -90.70 -57.46
CA GLU D 365 -31.36 -90.16 -56.10
C GLU D 365 -32.74 -89.58 -55.79
N ASN D 366 -33.35 -88.89 -56.76
CA ASN D 366 -34.56 -88.14 -56.47
C ASN D 366 -35.72 -89.06 -56.12
N PHE D 367 -35.88 -90.15 -56.87
CA PHE D 367 -37.01 -91.05 -56.68
C PHE D 367 -36.63 -92.39 -56.08
N GLY D 368 -35.36 -92.60 -55.73
CA GLY D 368 -34.94 -93.85 -55.14
C GLY D 368 -35.24 -95.05 -56.00
N CYS D 369 -34.91 -94.96 -57.29
CA CYS D 369 -35.32 -95.94 -58.28
C CYS D 369 -34.12 -96.34 -59.14
N LYS D 370 -34.37 -97.28 -60.04
CA LYS D 370 -33.35 -97.74 -60.99
C LYS D 370 -33.69 -97.28 -62.40
N LYS D 382 -35.57 -101.29 -57.69
CA LYS D 382 -36.77 -101.63 -58.45
C LYS D 382 -36.80 -100.87 -59.78
N LYS D 383 -37.44 -101.47 -60.77
CA LYS D 383 -37.55 -100.84 -62.08
C LYS D 383 -38.39 -99.58 -62.01
N CYS D 384 -37.98 -98.55 -62.74
CA CYS D 384 -38.70 -97.28 -62.73
C CYS D 384 -40.00 -97.39 -63.52
N THR D 385 -41.05 -96.78 -62.98
CA THR D 385 -42.32 -96.65 -63.68
C THR D 385 -42.30 -95.41 -64.55
N GLY D 386 -42.61 -95.56 -65.83
CA GLY D 386 -42.54 -94.45 -66.76
C GLY D 386 -43.69 -93.48 -66.62
N LEU D 387 -43.99 -93.09 -65.37
CA LEU D 387 -45.01 -92.09 -65.08
C LEU D 387 -44.56 -91.06 -64.06
N GLU D 388 -43.46 -91.28 -63.35
CA GLU D 388 -43.03 -90.36 -62.31
C GLU D 388 -42.55 -89.05 -62.92
N ARG D 389 -42.85 -87.95 -62.23
CA ARG D 389 -42.50 -86.61 -62.70
C ARG D 389 -42.00 -85.78 -61.53
N ILE D 390 -41.47 -84.61 -61.86
CA ILE D 390 -41.03 -83.64 -60.86
C ILE D 390 -42.14 -82.60 -60.74
N ALA D 391 -42.85 -82.62 -59.63
CA ALA D 391 -43.98 -81.74 -59.42
C ALA D 391 -44.03 -81.37 -57.94
N ARG D 392 -45.15 -80.78 -57.52
CA ARG D 392 -45.32 -80.40 -56.12
C ARG D 392 -45.28 -81.60 -55.18
N ASP D 393 -45.68 -82.79 -55.66
CA ASP D 393 -45.51 -83.99 -54.85
C ASP D 393 -44.04 -84.27 -54.59
N SER D 394 -43.19 -84.08 -55.61
CA SER D 394 -41.76 -84.34 -55.51
C SER D 394 -41.00 -83.26 -54.77
N SER D 395 -41.69 -82.21 -54.31
CA SER D 395 -41.06 -81.08 -53.63
C SER D 395 -40.00 -80.43 -54.52
N TYR D 396 -40.49 -79.88 -55.64
CA TYR D 396 -39.61 -79.23 -56.60
C TYR D 396 -38.75 -78.16 -55.92
N GLU D 397 -39.38 -77.23 -55.21
CA GLU D 397 -38.71 -76.40 -54.20
C GLU D 397 -37.50 -75.67 -54.77
N GLN D 398 -37.78 -74.71 -55.66
CA GLN D 398 -36.72 -73.89 -56.26
C GLN D 398 -35.69 -73.46 -55.23
N GLU D 399 -34.42 -73.54 -55.63
CA GLU D 399 -33.34 -73.08 -54.78
C GLU D 399 -33.37 -71.56 -54.67
N GLY D 400 -32.77 -71.05 -53.60
CA GLY D 400 -32.77 -69.61 -53.38
C GLY D 400 -32.06 -68.85 -54.48
N LYS D 401 -30.85 -69.28 -54.83
CA LYS D 401 -30.03 -68.54 -55.79
C LYS D 401 -30.18 -69.10 -57.21
N VAL D 402 -31.42 -69.07 -57.70
CA VAL D 402 -31.72 -69.40 -59.09
C VAL D 402 -32.06 -68.17 -59.90
N GLN D 403 -32.14 -67.00 -59.26
CA GLN D 403 -32.38 -65.75 -59.95
C GLN D 403 -31.08 -65.02 -60.31
N PHE D 404 -30.01 -65.23 -59.55
CA PHE D 404 -28.73 -64.61 -59.83
C PHE D 404 -27.97 -65.30 -60.96
N VAL D 405 -28.28 -66.58 -61.24
CA VAL D 405 -27.67 -67.25 -62.39
C VAL D 405 -28.19 -66.63 -63.69
N ILE D 406 -29.51 -66.43 -63.78
CA ILE D 406 -30.08 -65.78 -64.94
C ILE D 406 -29.54 -64.37 -65.09
N ASP D 407 -29.39 -63.66 -63.97
CA ASP D 407 -28.87 -62.30 -64.02
C ASP D 407 -27.43 -62.28 -64.52
N ALA D 408 -26.60 -63.22 -64.06
CA ALA D 408 -25.21 -63.26 -64.52
C ALA D 408 -25.13 -63.57 -66.01
N VAL D 409 -25.89 -64.57 -66.47
CA VAL D 409 -25.84 -64.95 -67.88
C VAL D 409 -26.34 -63.79 -68.75
N TYR D 410 -27.42 -63.14 -68.33
CA TYR D 410 -27.96 -62.03 -69.12
C TYR D 410 -27.04 -60.81 -69.07
N SER D 411 -26.35 -60.58 -67.96
CA SER D 411 -25.39 -59.49 -67.90
C SER D 411 -24.25 -59.71 -68.88
N MET D 412 -23.72 -60.94 -68.92
CA MET D 412 -22.65 -61.22 -69.89
C MET D 412 -23.15 -61.10 -71.32
N ALA D 413 -24.37 -61.57 -71.58
CA ALA D 413 -24.94 -61.44 -72.93
C ALA D 413 -25.12 -59.97 -73.31
N TYR D 414 -25.59 -59.14 -72.38
CA TYR D 414 -25.76 -57.73 -72.66
C TYR D 414 -24.43 -57.04 -72.92
N ALA D 415 -23.40 -57.41 -72.15
CA ALA D 415 -22.08 -56.82 -72.38
C ALA D 415 -21.55 -57.21 -73.76
N LEU D 416 -21.70 -58.47 -74.15
CA LEU D 416 -21.26 -58.87 -75.49
C LEU D 416 -22.06 -58.19 -76.58
N HIS D 417 -23.37 -58.02 -76.37
CA HIS D 417 -24.20 -57.32 -77.36
C HIS D 417 -23.76 -55.88 -77.53
N ASN D 418 -23.48 -55.19 -76.43
CA ASN D 418 -23.00 -53.82 -76.53
C ASN D 418 -21.63 -53.75 -77.21
N MET D 419 -20.74 -54.68 -76.87
CA MET D 419 -19.42 -54.72 -77.51
C MET D 419 -19.55 -54.87 -79.02
N HIS D 420 -20.33 -55.85 -79.48
CA HIS D 420 -20.40 -56.11 -80.90
C HIS D 420 -21.22 -55.08 -81.65
N LYS D 421 -22.18 -54.44 -80.98
CA LYS D 421 -22.87 -53.31 -81.58
C LYS D 421 -21.93 -52.14 -81.78
N ASP D 422 -21.08 -51.86 -80.80
CA ASP D 422 -20.17 -50.73 -80.90
C ASP D 422 -19.06 -50.98 -81.93
N LEU D 423 -18.43 -52.16 -81.86
CA LEU D 423 -17.21 -52.38 -82.63
C LEU D 423 -17.46 -52.44 -84.13
N CYS D 424 -18.49 -53.18 -84.55
CA CYS D 424 -18.77 -53.40 -85.96
C CYS D 424 -20.23 -53.08 -86.28
N PRO D 425 -20.56 -51.79 -86.37
CA PRO D 425 -21.93 -51.43 -86.78
C PRO D 425 -22.20 -51.87 -88.21
N GLY D 426 -23.45 -52.27 -88.46
CA GLY D 426 -23.87 -52.68 -89.78
C GLY D 426 -23.72 -54.16 -90.06
N TYR D 427 -23.02 -54.90 -89.20
CA TYR D 427 -22.83 -56.34 -89.37
C TYR D 427 -23.20 -57.03 -88.07
N ILE D 428 -24.28 -57.81 -88.09
CA ILE D 428 -24.74 -58.48 -86.88
C ILE D 428 -23.76 -59.58 -86.47
N GLY D 429 -23.18 -60.29 -87.44
CA GLY D 429 -22.26 -61.35 -87.16
C GLY D 429 -20.93 -60.84 -86.64
N LEU D 430 -20.07 -61.79 -86.26
CA LEU D 430 -18.74 -61.46 -85.78
C LEU D 430 -17.85 -61.00 -86.93
N SER D 435 -13.68 -60.58 -84.16
CA SER D 435 -12.94 -61.81 -84.31
C SER D 435 -12.17 -62.16 -83.05
N THR D 436 -11.45 -61.18 -82.51
CA THR D 436 -10.69 -61.33 -81.28
C THR D 436 -11.29 -60.41 -80.22
N ILE D 437 -11.53 -60.98 -79.04
CA ILE D 437 -12.16 -60.26 -77.93
C ILE D 437 -11.08 -59.88 -76.92
N ASP D 438 -11.12 -58.64 -76.46
CA ASP D 438 -10.18 -58.15 -75.45
C ASP D 438 -10.85 -58.20 -74.08
N GLY D 439 -10.21 -58.90 -73.14
CA GLY D 439 -10.82 -59.07 -71.83
C GLY D 439 -10.98 -57.76 -71.07
N LYS D 440 -9.99 -56.87 -71.18
CA LYS D 440 -10.01 -55.64 -70.39
C LYS D 440 -11.20 -54.75 -70.77
N GLU D 441 -11.37 -54.48 -72.07
CA GLU D 441 -12.47 -53.62 -72.48
C GLU D 441 -13.82 -54.32 -72.35
N LEU D 442 -13.86 -55.64 -72.50
CA LEU D 442 -15.09 -56.37 -72.23
C LEU D 442 -15.50 -56.23 -70.77
N LEU D 443 -14.54 -56.34 -69.86
CA LEU D 443 -14.85 -56.13 -68.44
C LEU D 443 -15.25 -54.69 -68.16
N GLY D 444 -14.65 -53.73 -68.88
CA GLY D 444 -15.10 -52.35 -68.77
C GLY D 444 -16.55 -52.19 -69.20
N TYR D 445 -16.95 -52.91 -70.26
CA TYR D 445 -18.35 -52.96 -70.64
C TYR D 445 -19.21 -53.57 -69.55
N ILE D 446 -18.71 -54.65 -68.93
CA ILE D 446 -19.49 -55.36 -67.92
C ILE D 446 -19.76 -54.47 -66.71
N ARG D 447 -18.74 -53.72 -66.26
CA ARG D 447 -18.95 -52.85 -65.12
C ARG D 447 -19.86 -51.66 -65.40
N ALA D 448 -20.14 -51.36 -66.66
CA ALA D 448 -20.87 -50.14 -67.00
C ALA D 448 -22.21 -50.43 -67.67
N VAL D 449 -22.82 -51.58 -67.40
CA VAL D 449 -24.12 -51.93 -67.94
C VAL D 449 -25.10 -52.14 -66.80
N ASN D 450 -26.24 -51.47 -66.87
CA ASN D 450 -27.36 -51.69 -65.99
C ASN D 450 -28.61 -51.96 -66.83
N PHE D 451 -29.53 -52.74 -66.29
CA PHE D 451 -30.69 -53.18 -67.05
C PHE D 451 -31.72 -53.77 -66.10
N ASN D 452 -32.98 -53.75 -66.54
CA ASN D 452 -34.04 -54.42 -65.81
C ASN D 452 -33.87 -55.93 -65.93
N GLY D 453 -34.18 -56.63 -64.84
CA GLY D 453 -34.02 -58.07 -64.83
C GLY D 453 -34.89 -58.76 -65.86
N SER D 454 -34.52 -60.01 -66.14
CA SER D 454 -35.28 -60.80 -67.11
C SER D 454 -36.75 -60.83 -66.77
N ALA D 455 -37.09 -61.05 -65.50
CA ALA D 455 -38.49 -60.97 -65.07
C ALA D 455 -38.72 -60.25 -63.75
N GLY D 456 -37.72 -60.03 -62.90
CA GLY D 456 -38.02 -59.56 -61.56
C GLY D 456 -37.50 -58.23 -61.05
N THR D 457 -36.29 -57.81 -61.44
CA THR D 457 -35.68 -56.67 -60.76
C THR D 457 -34.44 -56.15 -61.48
N PRO D 458 -34.18 -54.84 -61.45
CA PRO D 458 -33.01 -54.29 -62.15
C PRO D 458 -31.70 -54.90 -61.66
N VAL D 459 -30.77 -55.09 -62.60
CA VAL D 459 -29.47 -55.70 -62.34
C VAL D 459 -28.39 -54.67 -62.65
N THR D 460 -27.49 -54.44 -61.70
CA THR D 460 -26.39 -53.52 -61.88
C THR D 460 -25.26 -53.89 -60.94
N PHE D 461 -24.05 -53.42 -61.27
CA PHE D 461 -22.86 -53.70 -60.49
C PHE D 461 -22.37 -52.43 -59.81
N ASN D 462 -21.86 -52.58 -58.60
CA ASN D 462 -21.26 -51.46 -57.87
C ASN D 462 -19.86 -51.20 -58.40
N GLU D 463 -19.13 -50.28 -57.76
CA GLU D 463 -17.78 -49.96 -58.21
C GLU D 463 -16.85 -51.17 -58.12
N ASN D 464 -17.05 -52.01 -57.12
CA ASN D 464 -16.24 -53.21 -56.95
C ASN D 464 -16.84 -54.43 -57.63
N GLY D 465 -18.01 -54.30 -58.25
CA GLY D 465 -18.65 -55.41 -58.92
C GLY D 465 -19.64 -56.19 -58.08
N ASP D 466 -20.03 -55.67 -56.91
CA ASP D 466 -20.91 -56.39 -56.00
C ASP D 466 -22.37 -56.04 -56.27
N ALA D 467 -23.25 -56.45 -55.37
CA ALA D 467 -24.69 -56.26 -55.47
C ALA D 467 -25.19 -55.68 -54.15
N PRO D 468 -26.34 -55.01 -54.16
CA PRO D 468 -26.83 -54.41 -52.91
C PRO D 468 -27.30 -55.48 -51.94
N GLY D 469 -27.14 -55.18 -50.65
CA GLY D 469 -27.47 -56.13 -49.60
C GLY D 469 -28.88 -56.04 -49.06
N ARG D 470 -29.73 -56.96 -49.47
CA ARG D 470 -31.07 -57.11 -48.92
C ARG D 470 -31.24 -58.56 -48.48
N TYR D 471 -31.68 -58.77 -47.24
CA TYR D 471 -31.75 -60.10 -46.69
C TYR D 471 -33.14 -60.39 -46.15
N ASP D 472 -33.53 -61.66 -46.26
CA ASP D 472 -34.74 -62.20 -45.67
C ASP D 472 -34.37 -63.13 -44.52
N ILE D 473 -35.28 -63.23 -43.57
CA ILE D 473 -35.09 -64.01 -42.35
C ILE D 473 -36.14 -65.10 -42.30
N PHE D 474 -35.69 -66.34 -42.14
CA PHE D 474 -36.54 -67.50 -42.11
C PHE D 474 -36.37 -68.19 -40.76
N GLN D 475 -37.39 -68.95 -40.37
CA GLN D 475 -37.34 -69.71 -39.08
C GLN D 475 -37.84 -71.13 -39.32
N TYR D 476 -37.07 -72.13 -38.89
CA TYR D 476 -37.47 -73.53 -39.05
C TYR D 476 -38.54 -73.86 -38.02
N GLN D 477 -39.77 -73.45 -38.34
CA GLN D 477 -40.91 -73.81 -37.53
C GLN D 477 -41.33 -75.25 -37.81
N ILE D 478 -41.84 -75.91 -36.78
CA ILE D 478 -42.41 -77.24 -36.92
C ILE D 478 -43.89 -77.13 -36.62
N THR D 479 -44.69 -76.96 -37.67
CA THR D 479 -46.12 -77.11 -37.54
C THR D 479 -46.44 -78.60 -37.37
N ASN D 480 -47.58 -78.88 -36.74
CA ASN D 480 -47.97 -80.27 -36.52
C ASN D 480 -48.04 -81.04 -37.83
N LYS D 481 -48.49 -80.39 -38.90
CA LYS D 481 -48.59 -81.05 -40.20
C LYS D 481 -47.21 -81.27 -40.82
N SER D 482 -46.37 -80.24 -40.82
CA SER D 482 -45.11 -80.30 -41.56
C SER D 482 -44.11 -79.31 -40.97
N THR D 483 -42.85 -79.51 -41.34
CA THR D 483 -41.74 -78.67 -40.92
C THR D 483 -41.28 -77.84 -42.11
N GLU D 484 -41.16 -76.52 -41.91
CA GLU D 484 -40.84 -75.64 -43.03
C GLU D 484 -40.18 -74.37 -42.52
N TYR D 485 -39.59 -73.63 -43.47
CA TYR D 485 -39.09 -72.28 -43.23
C TYR D 485 -40.13 -71.29 -43.76
N LYS D 486 -40.43 -70.26 -42.96
CA LYS D 486 -41.28 -69.18 -43.41
C LYS D 486 -40.64 -67.83 -43.07
N VAL D 487 -40.88 -66.85 -43.94
CA VAL D 487 -40.26 -65.54 -43.78
C VAL D 487 -40.74 -64.89 -42.49
N ILE D 488 -39.81 -64.35 -41.71
CA ILE D 488 -40.13 -63.71 -40.44
C ILE D 488 -39.66 -62.26 -40.39
N GLY D 489 -39.22 -61.70 -41.51
CA GLY D 489 -38.80 -60.32 -41.52
C GLY D 489 -37.87 -60.04 -42.68
N HIS D 490 -37.10 -58.96 -42.52
CA HIS D 490 -36.29 -58.43 -43.60
C HIS D 490 -35.17 -57.57 -43.01
N TRP D 491 -34.18 -57.28 -43.85
CA TRP D 491 -33.07 -56.41 -43.45
C TRP D 491 -32.53 -55.73 -44.71
N THR D 492 -32.79 -54.42 -44.82
CA THR D 492 -32.15 -53.56 -45.83
C THR D 492 -31.65 -52.32 -45.09
N ASN D 493 -30.41 -52.40 -44.58
CA ASN D 493 -29.74 -51.32 -43.86
C ASN D 493 -30.43 -51.10 -42.51
N GLN D 494 -31.52 -51.83 -42.27
CA GLN D 494 -32.30 -51.72 -41.05
C GLN D 494 -33.22 -52.93 -40.96
N LEU D 495 -33.47 -53.38 -39.73
CA LEU D 495 -34.05 -54.68 -39.46
C LEU D 495 -35.55 -54.58 -39.15
N HIS D 496 -36.35 -55.38 -39.84
CA HIS D 496 -37.75 -55.60 -39.49
C HIS D 496 -37.95 -57.06 -39.12
N LEU D 497 -38.67 -57.28 -38.02
CA LEU D 497 -38.93 -58.62 -37.52
C LEU D 497 -40.31 -58.66 -36.86
N LYS D 498 -40.92 -59.84 -36.89
CA LYS D 498 -42.18 -60.09 -36.20
C LYS D 498 -41.95 -61.23 -35.23
N VAL D 499 -42.00 -60.92 -33.93
CA VAL D 499 -41.75 -61.95 -32.91
C VAL D 499 -42.99 -62.80 -32.68
N GLU D 500 -44.18 -62.28 -33.00
CA GLU D 500 -45.43 -62.96 -32.66
C GLU D 500 -45.54 -64.31 -33.34
N ASP D 501 -45.26 -64.37 -34.64
CA ASP D 501 -45.37 -65.63 -35.38
C ASP D 501 -44.23 -66.60 -35.09
N MET D 502 -43.16 -66.15 -34.43
CA MET D 502 -42.02 -67.02 -34.18
C MET D 502 -42.37 -68.14 -33.21
N GLN D 503 -41.63 -69.23 -33.32
CA GLN D 503 -41.72 -70.38 -32.42
C GLN D 503 -40.32 -70.75 -31.96
N TRP D 504 -40.17 -71.09 -30.69
CA TRP D 504 -38.85 -71.27 -30.11
C TRP D 504 -38.66 -72.71 -29.64
N ALA D 505 -37.38 -73.09 -29.52
CA ALA D 505 -37.04 -74.47 -29.15
C ALA D 505 -37.53 -74.81 -27.76
N HIS D 506 -37.36 -73.91 -26.80
CA HIS D 506 -37.74 -74.17 -25.42
C HIS D 506 -39.25 -74.14 -25.26
N THR D 510 -41.23 -68.55 -24.92
CA THR D 510 -40.02 -68.86 -24.17
C THR D 510 -38.77 -68.47 -24.95
N HIS D 511 -38.39 -67.20 -24.83
CA HIS D 511 -37.21 -66.71 -25.52
C HIS D 511 -35.95 -67.33 -24.91
N PRO D 512 -35.00 -67.75 -25.73
CA PRO D 512 -33.75 -68.39 -25.25
C PRO D 512 -32.75 -67.42 -24.63
N ALA D 513 -32.96 -67.12 -23.35
CA ALA D 513 -32.11 -66.18 -22.63
C ALA D 513 -30.65 -66.60 -22.68
N SER D 514 -29.81 -65.72 -23.22
CA SER D 514 -28.37 -65.94 -23.30
C SER D 514 -27.69 -64.70 -22.72
N VAL D 515 -27.51 -64.70 -21.40
CA VAL D 515 -26.88 -63.59 -20.68
C VAL D 515 -26.05 -64.16 -19.55
N CYS D 516 -25.07 -63.39 -19.10
CA CYS D 516 -24.19 -63.80 -18.00
C CYS D 516 -24.41 -62.97 -16.75
N SER D 517 -24.33 -61.64 -16.84
CA SER D 517 -24.46 -60.80 -15.67
C SER D 517 -25.06 -59.46 -16.07
N LEU D 518 -25.70 -58.80 -15.11
CA LEU D 518 -26.38 -57.54 -15.38
C LEU D 518 -25.38 -56.46 -15.75
N PRO D 519 -25.66 -55.65 -16.77
CA PRO D 519 -24.72 -54.62 -17.20
C PRO D 519 -24.52 -53.53 -16.16
N CYS D 520 -23.32 -52.95 -16.16
CA CYS D 520 -23.04 -51.81 -15.30
C CYS D 520 -23.82 -50.58 -15.75
N LYS D 521 -24.40 -49.87 -14.79
CA LYS D 521 -25.09 -48.61 -15.00
C LYS D 521 -24.58 -47.62 -13.97
N PRO D 522 -24.66 -46.31 -14.27
CA PRO D 522 -24.27 -45.33 -13.25
C PRO D 522 -25.18 -45.36 -12.04
N GLY D 523 -25.36 -46.56 -11.46
CA GLY D 523 -26.17 -46.75 -10.28
C GLY D 523 -25.31 -46.67 -9.04
N GLU D 524 -25.48 -45.62 -8.26
CA GLU D 524 -24.60 -45.31 -7.14
C GLU D 524 -23.14 -45.19 -7.63
N ARG D 525 -22.96 -44.35 -8.65
CA ARG D 525 -21.69 -43.82 -9.13
C ARG D 525 -20.86 -44.83 -9.92
N LYS D 526 -21.48 -45.83 -10.55
CA LYS D 526 -20.84 -46.65 -11.58
C LYS D 526 -19.74 -47.57 -11.03
N LYS D 527 -19.33 -48.55 -11.83
CA LYS D 527 -18.22 -49.44 -11.52
C LYS D 527 -17.92 -50.27 -12.76
N THR D 528 -16.78 -50.96 -12.73
CA THR D 528 -16.39 -51.90 -13.78
C THR D 528 -15.38 -52.87 -13.18
N VAL D 529 -15.67 -54.16 -13.27
CA VAL D 529 -14.91 -55.18 -12.54
C VAL D 529 -14.39 -56.23 -13.52
N LYS D 530 -13.31 -56.89 -13.11
CA LYS D 530 -12.66 -57.92 -13.91
C LYS D 530 -13.34 -59.26 -13.63
N GLY D 531 -12.74 -60.35 -14.10
CA GLY D 531 -13.32 -61.68 -14.05
C GLY D 531 -13.24 -62.34 -15.41
N VAL D 532 -14.11 -63.32 -15.61
CA VAL D 532 -14.27 -63.86 -16.97
C VAL D 532 -14.70 -62.73 -17.89
N PRO D 533 -14.06 -62.55 -19.05
CA PRO D 533 -14.38 -61.39 -19.91
C PRO D 533 -15.86 -61.19 -20.16
N CYS D 534 -16.65 -62.24 -20.06
CA CYS D 534 -18.09 -62.15 -20.27
C CYS D 534 -18.86 -61.84 -18.99
N CYS D 535 -18.19 -61.79 -17.84
CA CYS D 535 -18.84 -61.57 -16.56
C CYS D 535 -18.27 -60.32 -15.89
N TRP D 536 -19.12 -59.63 -15.15
CA TRP D 536 -18.74 -58.39 -14.47
C TRP D 536 -19.58 -58.25 -13.20
N HIS D 537 -18.95 -57.71 -12.15
CA HIS D 537 -19.63 -57.60 -10.85
C HIS D 537 -20.61 -56.43 -10.83
N CYS D 538 -20.18 -55.25 -11.28
CA CYS D 538 -21.00 -54.04 -11.30
C CYS D 538 -21.51 -53.70 -9.90
N GLU D 539 -20.59 -53.45 -8.98
CA GLU D 539 -20.96 -53.00 -7.65
C GLU D 539 -21.12 -51.48 -7.65
N ARG D 540 -21.25 -50.90 -6.46
CA ARG D 540 -21.41 -49.46 -6.33
C ARG D 540 -20.05 -48.79 -6.24
N CYS D 541 -20.06 -47.45 -6.16
CA CYS D 541 -18.85 -46.68 -5.90
C CYS D 541 -19.29 -45.58 -4.92
N GLU D 542 -19.21 -45.90 -3.63
CA GLU D 542 -19.90 -45.11 -2.61
C GLU D 542 -19.26 -43.74 -2.43
N GLY D 543 -20.12 -42.72 -2.26
CA GLY D 543 -19.65 -41.39 -1.93
C GLY D 543 -20.32 -40.23 -2.64
N TYR D 544 -19.50 -39.31 -3.14
CA TYR D 544 -19.96 -38.08 -3.77
C TYR D 544 -20.44 -38.41 -5.19
N ASN D 545 -20.65 -37.39 -6.02
CA ASN D 545 -21.13 -37.64 -7.38
C ASN D 545 -20.68 -36.53 -8.31
N TYR D 546 -20.64 -36.86 -9.59
CA TYR D 546 -20.38 -35.92 -10.68
C TYR D 546 -21.21 -36.37 -11.88
N GLN D 547 -20.95 -35.80 -13.06
CA GLN D 547 -21.79 -36.11 -14.21
C GLN D 547 -21.24 -37.26 -15.07
N VAL D 548 -20.06 -37.06 -15.67
CA VAL D 548 -19.56 -38.05 -16.63
C VAL D 548 -18.10 -38.41 -16.36
N ASP D 549 -17.55 -37.99 -15.22
CA ASP D 549 -16.15 -38.24 -14.91
C ASP D 549 -16.05 -39.46 -13.99
N GLU D 550 -16.17 -40.64 -14.58
CA GLU D 550 -16.09 -41.91 -13.86
C GLU D 550 -15.09 -42.81 -14.59
N LEU D 551 -13.81 -42.71 -14.22
CA LEU D 551 -12.75 -43.52 -14.80
C LEU D 551 -12.25 -44.49 -13.74
N SER D 552 -12.91 -45.65 -13.64
CA SER D 552 -12.55 -46.71 -12.71
C SER D 552 -12.47 -46.18 -11.27
N CYS D 553 -13.34 -45.22 -10.95
CA CYS D 553 -13.43 -44.64 -9.61
C CYS D 553 -12.09 -44.06 -9.17
N GLU D 554 -11.70 -42.99 -9.87
CA GLU D 554 -10.44 -42.31 -9.63
C GLU D 554 -10.67 -41.00 -8.88
N LEU D 555 -9.90 -40.78 -7.83
CA LEU D 555 -9.97 -39.60 -6.98
C LEU D 555 -9.29 -38.41 -7.66
N CYS D 556 -9.59 -37.20 -7.17
CA CYS D 556 -8.88 -36.01 -7.60
C CYS D 556 -7.38 -36.17 -7.37
N ARG D 561 -17.31 -37.74 2.00
CA ARG D 561 -17.84 -37.96 0.66
C ARG D 561 -16.77 -37.79 -0.43
N PRO D 562 -15.79 -38.70 -0.48
CA PRO D 562 -14.78 -38.62 -1.54
C PRO D 562 -15.20 -39.35 -2.80
N ASN D 563 -16.18 -40.24 -2.67
CA ASN D 563 -16.75 -41.04 -3.74
C ASN D 563 -15.80 -42.14 -4.19
N MET D 564 -14.55 -42.08 -3.72
CA MET D 564 -13.44 -42.86 -4.26
C MET D 564 -13.21 -42.47 -5.72
N ASN D 565 -14.05 -41.56 -6.22
CA ASN D 565 -14.08 -41.13 -7.61
C ASN D 565 -14.26 -39.63 -7.68
N ARG D 566 -13.57 -38.90 -6.81
CA ARG D 566 -13.81 -37.47 -6.67
C ARG D 566 -13.40 -36.75 -7.94
N THR D 567 -14.37 -36.15 -8.62
CA THR D 567 -14.13 -35.19 -9.68
C THR D 567 -14.94 -33.92 -9.48
N GLY D 568 -15.53 -33.74 -8.29
CA GLY D 568 -16.21 -32.53 -7.90
C GLY D 568 -15.29 -31.42 -7.43
N CYS D 569 -13.98 -31.67 -7.43
CA CYS D 569 -13.02 -30.61 -7.15
C CYS D 569 -13.08 -29.50 -8.19
N GLN D 570 -13.69 -29.76 -9.35
CA GLN D 570 -13.85 -28.73 -10.37
C GLN D 570 -14.99 -27.78 -10.01
N LEU D 571 -16.21 -28.32 -9.89
CA LEU D 571 -17.39 -27.51 -9.60
C LEU D 571 -17.69 -27.61 -8.10
N ILE D 572 -16.93 -26.88 -7.31
CA ILE D 572 -17.10 -26.81 -5.87
C ILE D 572 -17.32 -25.35 -5.49
N PRO D 573 -18.34 -25.05 -4.68
CA PRO D 573 -18.58 -23.65 -4.27
C PRO D 573 -17.88 -23.29 -2.97
N ILE D 574 -17.36 -22.08 -2.93
CA ILE D 574 -16.68 -21.56 -1.75
C ILE D 574 -17.68 -20.83 -0.87
N ILE D 575 -17.73 -21.20 0.40
CA ILE D 575 -18.72 -20.68 1.35
C ILE D 575 -18.00 -19.80 2.36
N LYS D 576 -18.53 -18.59 2.56
CA LYS D 576 -17.98 -17.63 3.51
C LYS D 576 -19.12 -16.99 4.28
N LEU D 577 -18.77 -16.24 5.34
CA LEU D 577 -19.76 -15.63 6.21
C LEU D 577 -20.44 -14.48 5.48
N GLU D 578 -21.72 -14.66 5.16
CA GLU D 578 -22.48 -13.66 4.40
C GLU D 578 -22.79 -12.44 5.26
N TRP D 579 -23.04 -11.31 4.58
CA TRP D 579 -23.37 -10.07 5.28
C TRP D 579 -24.68 -10.18 6.03
N HIS D 580 -25.69 -10.77 5.41
CA HIS D 580 -27.04 -10.77 5.97
C HIS D 580 -27.33 -11.97 6.85
N SER D 581 -26.33 -12.79 7.15
CA SER D 581 -26.54 -13.92 8.02
C SER D 581 -26.88 -13.44 9.43
N PRO D 582 -27.75 -14.14 10.17
CA PRO D 582 -28.11 -13.69 11.52
C PRO D 582 -26.94 -13.64 12.48
N TRP D 583 -25.98 -14.57 12.36
CA TRP D 583 -24.79 -14.51 13.20
C TRP D 583 -23.97 -13.26 12.87
N ALA D 584 -23.97 -12.86 11.61
CA ALA D 584 -23.22 -11.68 11.20
C ALA D 584 -23.77 -10.40 11.82
N VAL D 585 -25.10 -10.31 11.95
CA VAL D 585 -25.75 -9.06 12.31
C VAL D 585 -25.29 -8.55 13.67
N VAL D 586 -25.23 -9.44 14.67
CA VAL D 586 -25.02 -8.99 16.05
C VAL D 586 -23.69 -8.25 16.23
N PRO D 587 -22.55 -8.73 15.72
CA PRO D 587 -21.31 -7.95 15.85
C PRO D 587 -21.43 -6.55 15.25
N VAL D 588 -22.14 -6.40 14.13
CA VAL D 588 -22.30 -5.09 13.52
C VAL D 588 -23.09 -4.15 14.44
N PHE D 589 -24.16 -4.67 15.04
CA PHE D 589 -24.95 -3.85 15.97
C PHE D 589 -24.12 -3.45 17.18
N VAL D 590 -23.33 -4.39 17.71
CA VAL D 590 -22.48 -4.07 18.86
C VAL D 590 -21.47 -3.00 18.49
N ALA D 591 -20.87 -3.11 17.30
CA ALA D 591 -19.90 -2.10 16.86
C ALA D 591 -20.56 -0.74 16.67
N ILE D 592 -21.78 -0.71 16.15
CA ILE D 592 -22.47 0.56 15.97
C ILE D 592 -22.76 1.21 17.32
N LEU D 593 -23.22 0.42 18.29
CA LEU D 593 -23.46 0.97 19.62
C LEU D 593 -22.16 1.49 20.23
N GLY D 594 -21.07 0.74 20.07
CA GLY D 594 -19.79 1.17 20.61
C GLY D 594 -19.28 2.44 19.96
N ILE D 595 -19.46 2.58 18.64
CA ILE D 595 -18.99 3.77 17.96
C ILE D 595 -19.83 4.99 18.37
N ILE D 596 -21.14 4.79 18.60
CA ILE D 596 -21.95 5.89 19.12
C ILE D 596 -21.47 6.31 20.50
N ALA D 597 -21.17 5.33 21.37
CA ALA D 597 -20.68 5.67 22.70
C ALA D 597 -19.35 6.40 22.63
N THR D 598 -18.44 5.95 21.74
CA THR D 598 -17.16 6.63 21.59
C THR D 598 -17.35 8.05 21.09
N THR D 599 -18.28 8.25 20.15
CA THR D 599 -18.57 9.59 19.67
C THR D 599 -19.04 10.49 20.80
N PHE D 600 -19.92 9.98 21.67
CA PHE D 600 -20.37 10.79 22.80
C PHE D 600 -19.22 11.13 23.74
N VAL D 601 -18.39 10.13 24.07
CA VAL D 601 -17.33 10.36 25.04
C VAL D 601 -16.21 11.25 24.46
N ILE D 602 -16.12 11.36 23.15
CA ILE D 602 -15.14 12.28 22.57
C ILE D 602 -15.73 13.68 22.37
N VAL D 603 -17.02 13.77 22.03
CA VAL D 603 -17.62 15.09 21.86
C VAL D 603 -17.71 15.82 23.21
N THR D 604 -17.95 15.08 24.30
CA THR D 604 -17.95 15.73 25.61
C THR D 604 -16.59 16.35 25.93
N PHE D 605 -15.52 15.59 25.71
CA PHE D 605 -14.17 16.11 26.01
C PHE D 605 -13.82 17.28 25.10
N VAL D 606 -14.19 17.20 23.83
CA VAL D 606 -13.92 18.32 22.93
C VAL D 606 -14.74 19.54 23.35
N ARG D 607 -15.97 19.33 23.82
CA ARG D 607 -16.84 20.43 24.19
C ARG D 607 -16.31 21.17 25.42
N TYR D 608 -15.91 20.44 26.46
CA TYR D 608 -15.46 21.13 27.67
C TYR D 608 -14.02 21.59 27.53
N ASN D 609 -13.08 20.64 27.46
CA ASN D 609 -11.67 20.89 27.14
C ASN D 609 -11.03 21.95 28.05
N ASP D 610 -11.69 22.34 29.13
CA ASP D 610 -11.17 23.34 30.06
C ASP D 610 -11.28 22.95 31.53
N THR D 611 -12.18 22.05 31.89
CA THR D 611 -12.36 21.69 33.28
C THR D 611 -11.09 20.99 33.81
N PRO D 612 -10.81 21.12 35.11
CA PRO D 612 -9.57 20.52 35.64
C PRO D 612 -9.44 19.04 35.39
N ILE D 613 -10.54 18.30 35.29
CA ILE D 613 -10.46 16.86 35.03
C ILE D 613 -9.82 16.60 33.67
N VAL D 614 -10.31 17.29 32.63
CA VAL D 614 -9.77 17.10 31.29
C VAL D 614 -8.31 17.52 31.24
N ARG D 615 -7.96 18.64 31.89
CA ARG D 615 -6.58 19.10 31.88
C ARG D 615 -5.65 18.10 32.56
N ALA D 616 -5.98 17.70 33.79
CA ALA D 616 -5.15 16.80 34.56
C ALA D 616 -5.32 15.33 34.16
N SER D 617 -6.09 15.04 33.12
CA SER D 617 -6.30 13.68 32.66
C SER D 617 -5.42 13.30 31.47
N GLY D 618 -4.42 14.12 31.15
CA GLY D 618 -3.56 13.79 30.02
C GLY D 618 -4.28 13.91 28.69
N ARG D 619 -4.58 15.15 28.29
CA ARG D 619 -5.45 15.38 27.13
C ARG D 619 -4.91 14.69 25.88
N GLU D 620 -3.62 14.84 25.60
CA GLU D 620 -3.04 14.21 24.42
C GLU D 620 -3.13 12.69 24.50
N LEU D 621 -2.78 12.13 25.66
CA LEU D 621 -2.85 10.68 25.85
C LEU D 621 -4.29 10.19 25.77
N SER D 622 -5.23 10.93 26.35
CA SER D 622 -6.64 10.55 26.27
C SER D 622 -7.13 10.56 24.84
N TYR D 623 -6.72 11.57 24.06
CA TYR D 623 -7.12 11.63 22.66
C TYR D 623 -6.53 10.48 21.85
N VAL D 624 -5.27 10.14 22.11
CA VAL D 624 -4.65 9.01 21.41
C VAL D 624 -5.37 7.71 21.77
N LEU D 625 -5.68 7.51 23.05
CA LEU D 625 -6.39 6.31 23.48
C LEU D 625 -7.78 6.23 22.84
N LEU D 626 -8.49 7.35 22.78
CA LEU D 626 -9.81 7.35 22.18
C LEU D 626 -9.74 7.13 20.67
N THR D 627 -8.70 7.63 20.01
CA THR D 627 -8.51 7.31 18.60
C THR D 627 -8.25 5.82 18.40
N GLY D 628 -7.47 5.21 19.29
CA GLY D 628 -7.27 3.78 19.22
C GLY D 628 -8.56 3.00 19.40
N ILE D 629 -9.39 3.41 20.37
CA ILE D 629 -10.68 2.78 20.56
C ILE D 629 -11.57 2.96 19.34
N PHE D 630 -11.52 4.15 18.73
CA PHE D 630 -12.29 4.43 17.52
C PHE D 630 -11.89 3.49 16.40
N LEU D 631 -10.58 3.29 16.19
CA LEU D 631 -10.11 2.38 15.17
C LEU D 631 -10.42 0.93 15.52
N CYS D 632 -10.53 0.61 16.81
CA CYS D 632 -10.79 -0.77 17.21
C CYS D 632 -12.15 -1.27 16.70
N TYR D 633 -13.17 -0.42 16.74
CA TYR D 633 -14.51 -0.87 16.36
C TYR D 633 -14.70 -1.00 14.85
N SER D 634 -13.81 -0.42 14.04
CA SER D 634 -13.96 -0.55 12.59
C SER D 634 -13.50 -1.90 12.08
N ILE D 635 -12.63 -2.59 12.83
CA ILE D 635 -12.00 -3.81 12.33
C ILE D 635 -13.00 -4.95 12.26
N THR D 636 -14.08 -4.90 13.05
CA THR D 636 -15.11 -5.91 12.92
C THR D 636 -15.71 -5.93 11.51
N PHE D 637 -15.83 -4.77 10.88
CA PHE D 637 -16.34 -4.72 9.52
C PHE D 637 -15.39 -5.38 8.53
N LEU D 638 -14.08 -5.15 8.70
CA LEU D 638 -13.10 -5.79 7.83
C LEU D 638 -13.03 -7.29 8.06
N MET D 639 -13.27 -7.74 9.30
CA MET D 639 -13.27 -9.18 9.58
C MET D 639 -14.52 -9.85 9.02
N ILE D 640 -15.68 -9.20 9.13
CA ILE D 640 -16.92 -9.82 8.71
C ILE D 640 -17.07 -9.83 7.20
N ALA D 641 -16.31 -9.00 6.49
CA ALA D 641 -16.41 -8.92 5.04
C ALA D 641 -15.83 -10.17 4.39
N ALA D 642 -16.06 -10.29 3.08
CA ALA D 642 -15.53 -11.43 2.34
C ALA D 642 -14.02 -11.30 2.19
N PRO D 643 -13.29 -12.40 2.29
CA PRO D 643 -11.83 -12.32 2.19
C PRO D 643 -11.38 -11.78 0.84
N ASP D 644 -10.32 -10.99 0.88
CA ASP D 644 -9.74 -10.37 -0.32
C ASP D 644 -8.34 -9.91 0.03
N THR D 645 -7.56 -9.59 -1.00
CA THR D 645 -6.17 -9.19 -0.77
C THR D 645 -6.11 -7.91 0.05
N ILE D 646 -6.83 -6.87 -0.38
CA ILE D 646 -6.83 -5.60 0.36
C ILE D 646 -7.45 -5.78 1.73
N ILE D 647 -8.52 -6.58 1.83
CA ILE D 647 -9.19 -6.78 3.11
C ILE D 647 -8.30 -7.56 4.07
N CYS D 648 -7.64 -8.62 3.59
CA CYS D 648 -6.71 -9.35 4.45
C CYS D 648 -5.56 -8.44 4.88
N SER D 649 -5.07 -7.60 3.97
CA SER D 649 -3.99 -6.67 4.33
C SER D 649 -4.44 -5.71 5.43
N PHE D 650 -5.64 -5.12 5.28
CA PHE D 650 -6.16 -4.22 6.29
C PHE D 650 -6.34 -4.92 7.63
N ARG D 651 -6.88 -6.14 7.61
CA ARG D 651 -7.01 -6.92 8.83
C ARG D 651 -5.66 -7.06 9.53
N ARG D 652 -4.65 -7.51 8.79
CA ARG D 652 -3.35 -7.76 9.38
C ARG D 652 -2.74 -6.50 9.96
N VAL D 653 -2.75 -5.40 9.20
CA VAL D 653 -2.07 -4.20 9.65
C VAL D 653 -2.82 -3.54 10.80
N PHE D 654 -4.16 -3.58 10.79
CA PHE D 654 -4.93 -2.83 11.79
C PHE D 654 -5.18 -3.61 13.08
N LEU D 655 -5.16 -4.95 13.04
CA LEU D 655 -5.51 -5.71 14.25
C LEU D 655 -4.52 -5.41 15.38
N GLY D 656 -3.23 -5.43 15.09
CA GLY D 656 -2.25 -5.10 16.11
C GLY D 656 -2.31 -3.64 16.52
N LEU D 657 -2.52 -2.74 15.56
CA LEU D 657 -2.53 -1.32 15.84
C LEU D 657 -3.66 -0.92 16.78
N GLY D 658 -4.83 -1.54 16.61
CA GLY D 658 -5.96 -1.20 17.47
C GLY D 658 -5.66 -1.40 18.94
N MET D 659 -4.96 -2.49 19.29
CA MET D 659 -4.55 -2.70 20.66
C MET D 659 -3.35 -1.84 21.03
N CYS D 660 -2.41 -1.67 20.09
CA CYS D 660 -1.16 -0.99 20.40
C CYS D 660 -1.39 0.46 20.77
N PHE D 661 -2.26 1.16 20.04
CA PHE D 661 -2.53 2.56 20.36
C PHE D 661 -3.05 2.71 21.79
N SER D 662 -4.09 1.95 22.13
CA SER D 662 -4.72 2.05 23.43
C SER D 662 -3.75 1.71 24.54
N TYR D 663 -3.01 0.60 24.38
CA TYR D 663 -2.15 0.16 25.47
C TYR D 663 -0.90 1.01 25.60
N ALA D 664 -0.39 1.57 24.50
CA ALA D 664 0.71 2.54 24.62
C ALA D 664 0.26 3.80 25.35
N ALA D 665 -0.93 4.31 25.02
CA ALA D 665 -1.44 5.49 25.72
C ALA D 665 -1.61 5.21 27.20
N LEU D 666 -2.19 4.05 27.54
CA LEU D 666 -2.37 3.70 28.95
C LEU D 666 -1.03 3.51 29.65
N LEU D 667 -0.04 2.93 28.96
CA LEU D 667 1.28 2.76 29.55
C LEU D 667 1.93 4.10 29.86
N THR D 668 1.83 5.05 28.93
CA THR D 668 2.40 6.38 29.18
C THR D 668 1.69 7.08 30.33
N LYS D 669 0.36 6.99 30.37
CA LYS D 669 -0.38 7.61 31.47
C LYS D 669 0.01 6.98 32.81
N THR D 670 0.16 5.66 32.84
CA THR D 670 0.55 4.98 34.07
C THR D 670 1.96 5.40 34.48
N ASN D 671 2.86 5.56 33.51
CA ASN D 671 4.20 6.02 33.82
C ASN D 671 4.18 7.42 34.43
N ARG D 672 3.37 8.32 33.88
CA ARG D 672 3.23 9.65 34.45
C ARG D 672 2.70 9.59 35.88
N ILE D 673 1.67 8.78 36.10
CA ILE D 673 1.10 8.65 37.45
C ILE D 673 2.14 8.10 38.42
N HIS D 674 2.92 7.11 37.97
CA HIS D 674 3.95 6.53 38.82
C HIS D 674 5.04 7.54 39.14
N ARG D 675 5.43 8.35 38.14
CA ARG D 675 6.48 9.34 38.36
C ARG D 675 6.02 10.43 39.33
N ILE D 676 4.73 10.79 39.28
CA ILE D 676 4.19 11.72 40.27
C ILE D 676 4.11 11.05 41.64
N PHE D 677 3.77 9.76 41.68
CA PHE D 677 3.46 9.09 42.94
C PHE D 677 4.63 9.16 43.91
N GLU D 678 5.75 8.56 43.56
CA GLU D 678 6.95 8.82 44.34
C GLU D 678 7.57 10.14 43.89
N GLN D 679 8.37 10.73 44.77
CA GLN D 679 8.96 12.02 44.50
C GLN D 679 10.32 12.08 45.18
N GLY D 680 11.18 12.95 44.66
CA GLY D 680 12.45 13.15 45.30
C GLY D 680 13.35 11.93 45.26
N LYS D 681 13.85 11.59 44.09
CA LYS D 681 14.85 10.52 43.98
C LYS D 681 16.16 11.02 44.57
N LYS D 682 17.22 10.24 44.44
CA LYS D 682 18.47 10.58 45.08
C LYS D 682 19.16 11.72 44.33
N SER D 683 18.48 12.86 44.25
CA SER D 683 18.98 14.02 43.53
C SER D 683 18.31 15.27 44.09
N VAL D 684 18.95 16.41 43.85
CA VAL D 684 18.42 17.71 44.25
C VAL D 684 17.23 18.06 43.37
N THR D 685 16.55 19.16 43.73
CA THR D 685 15.49 19.83 42.99
C THR D 685 14.31 18.93 42.67
N ALA D 686 13.39 19.42 41.84
CA ALA D 686 12.09 18.79 41.69
C ALA D 686 12.22 17.38 41.10
N PRO D 687 11.31 16.47 41.47
CA PRO D 687 11.27 15.16 40.81
C PRO D 687 10.94 15.31 39.34
N LYS D 688 11.46 14.39 38.54
CA LYS D 688 11.27 14.46 37.10
C LYS D 688 9.78 14.34 36.75
N PHE D 689 9.31 15.25 35.91
CA PHE D 689 7.93 15.25 35.46
C PHE D 689 7.90 15.07 33.95
N ILE D 690 7.13 14.08 33.49
CA ILE D 690 6.94 13.91 32.05
C ILE D 690 6.10 15.07 31.53
N SER D 691 6.60 15.75 30.52
CA SER D 691 5.94 16.91 29.96
C SER D 691 4.89 16.50 28.94
N PRO D 692 3.93 17.38 28.63
CA PRO D 692 2.95 17.04 27.59
C PRO D 692 3.57 16.71 26.25
N ALA D 693 4.71 17.34 25.92
CA ALA D 693 5.38 17.05 24.65
C ALA D 693 6.00 15.66 24.65
N SER D 694 6.70 15.30 25.74
CA SER D 694 7.41 14.02 25.77
C SER D 694 6.46 12.83 25.75
N GLN D 695 5.23 13.01 26.25
CA GLN D 695 4.26 11.92 26.21
C GLN D 695 3.98 11.49 24.79
N LEU D 696 3.82 12.45 23.89
CA LEU D 696 3.59 12.13 22.48
C LEU D 696 4.78 11.40 21.88
N VAL D 697 5.99 11.82 22.23
CA VAL D 697 7.18 11.17 21.68
C VAL D 697 7.24 9.70 22.11
N ILE D 698 7.03 9.44 23.40
CA ILE D 698 7.08 8.06 23.88
C ILE D 698 5.97 7.22 23.26
N THR D 699 4.74 7.76 23.22
CA THR D 699 3.62 7.01 22.66
C THR D 699 3.87 6.69 21.19
N PHE D 700 4.34 7.67 20.42
CA PHE D 700 4.54 7.45 18.99
C PHE D 700 5.71 6.51 18.74
N SER D 701 6.75 6.52 19.57
CA SER D 701 7.81 5.54 19.43
C SER D 701 7.29 4.13 19.67
N LEU D 702 6.49 3.96 20.73
CA LEU D 702 5.94 2.64 21.04
C LEU D 702 5.00 2.16 19.94
N ILE D 703 4.25 3.08 19.32
CA ILE D 703 3.39 2.72 18.20
C ILE D 703 4.24 2.36 16.97
N SER D 704 5.30 3.13 16.71
CA SER D 704 6.10 2.93 15.51
C SER D 704 6.85 1.61 15.54
N VAL D 705 7.24 1.15 16.73
CA VAL D 705 7.86 -0.18 16.82
C VAL D 705 6.92 -1.24 16.28
N GLN D 706 5.66 -1.21 16.72
CA GLN D 706 4.66 -2.15 16.22
C GLN D 706 4.41 -1.95 14.72
N LEU D 707 4.41 -0.69 14.28
CA LEU D 707 4.19 -0.39 12.87
C LEU D 707 5.25 -1.06 11.99
N LEU D 708 6.53 -0.87 12.33
CA LEU D 708 7.59 -1.47 11.54
C LEU D 708 7.58 -3.00 11.65
N GLY D 709 7.31 -3.52 12.85
CA GLY D 709 7.22 -4.96 13.01
C GLY D 709 6.14 -5.57 12.13
N VAL D 710 4.99 -4.90 12.04
CA VAL D 710 3.92 -5.37 11.16
C VAL D 710 4.34 -5.26 9.70
N PHE D 711 4.94 -4.13 9.32
CA PHE D 711 5.24 -3.88 7.91
C PHE D 711 6.28 -4.87 7.38
N VAL D 712 7.25 -5.27 8.20
CA VAL D 712 8.29 -6.18 7.72
C VAL D 712 7.69 -7.49 7.27
N TRP D 713 6.89 -8.13 8.13
CA TRP D 713 6.31 -9.41 7.77
C TRP D 713 5.05 -9.26 6.93
N PHE D 714 4.57 -8.04 6.75
CA PHE D 714 3.53 -7.79 5.74
C PHE D 714 4.13 -7.78 4.34
N VAL D 715 5.32 -7.19 4.18
CA VAL D 715 5.93 -7.15 2.86
C VAL D 715 6.64 -8.47 2.54
N VAL D 716 7.10 -9.20 3.56
CA VAL D 716 7.67 -10.52 3.30
C VAL D 716 6.60 -11.47 2.76
N ASP D 717 5.39 -11.42 3.33
CA ASP D 717 4.28 -12.29 2.95
C ASP D 717 3.10 -11.42 2.53
N PRO D 718 3.05 -10.98 1.27
CA PRO D 718 1.97 -10.12 0.82
C PRO D 718 0.64 -10.87 0.81
N PRO D 719 -0.49 -10.14 0.89
CA PRO D 719 -1.86 -10.67 0.83
C PRO D 719 -2.06 -11.74 -0.24
N ARG D 729 -7.24 -17.97 -0.18
CA ARG D 729 -7.02 -19.41 -0.36
C ARG D 729 -8.25 -20.21 0.07
N THR D 730 -8.30 -21.47 -0.35
CA THR D 730 -9.39 -22.36 -0.01
C THR D 730 -8.88 -23.46 0.90
N LEU D 731 -9.55 -23.65 2.03
CA LEU D 731 -9.16 -24.66 3.01
C LEU D 731 -10.31 -25.67 3.13
N ASP D 732 -9.98 -26.96 3.04
CA ASP D 732 -10.96 -28.03 3.09
C ASP D 732 -10.74 -28.95 4.29
N PRO D 733 -11.39 -28.67 5.42
CA PRO D 733 -11.27 -29.52 6.62
C PRO D 733 -12.24 -30.71 6.61
N GLU D 734 -11.87 -31.73 5.83
CA GLU D 734 -12.69 -32.94 5.63
C GLU D 734 -14.00 -32.48 4.99
N LYS D 735 -15.11 -33.19 5.24
CA LYS D 735 -16.42 -32.86 4.69
C LYS D 735 -16.31 -32.82 3.16
N ALA D 736 -17.05 -31.93 2.51
CA ALA D 736 -17.02 -31.80 1.06
C ALA D 736 -16.90 -30.37 0.57
N ARG D 737 -17.05 -29.36 1.43
CA ARG D 737 -17.05 -27.97 1.02
C ARG D 737 -15.78 -27.26 1.49
N GLY D 738 -15.14 -26.55 0.56
CA GLY D 738 -13.99 -25.72 0.92
C GLY D 738 -14.41 -24.31 1.31
N VAL D 739 -13.79 -23.80 2.37
CA VAL D 739 -14.10 -22.48 2.91
C VAL D 739 -13.00 -21.51 2.54
N LEU D 740 -13.38 -20.27 2.25
CA LEU D 740 -12.41 -19.24 1.91
C LEU D 740 -11.67 -18.77 3.16
N LYS D 741 -10.43 -18.34 2.97
CA LYS D 741 -9.61 -17.86 4.07
C LYS D 741 -8.55 -16.92 3.51
N CYS D 742 -7.93 -16.16 4.40
CA CYS D 742 -6.75 -15.42 4.02
C CYS D 742 -5.57 -16.38 3.86
N ASP D 743 -4.51 -15.90 3.20
CA ASP D 743 -3.35 -16.75 2.95
C ASP D 743 -2.67 -17.18 4.26
N ILE D 744 -2.75 -16.34 5.28
CA ILE D 744 -2.03 -16.56 6.53
C ILE D 744 -2.79 -17.53 7.42
N SER D 745 -2.05 -18.34 8.16
CA SER D 745 -2.63 -19.12 9.25
C SER D 745 -2.91 -18.21 10.45
N ASP D 746 -3.68 -18.73 11.41
CA ASP D 746 -3.97 -17.97 12.62
C ASP D 746 -2.77 -17.88 13.56
N LEU D 747 -1.77 -18.74 13.38
CA LEU D 747 -0.53 -18.59 14.14
C LEU D 747 0.16 -17.28 13.82
N SER D 748 0.01 -16.78 12.59
CA SER D 748 0.50 -15.45 12.27
C SER D 748 -0.22 -14.39 13.09
N LEU D 749 -1.54 -14.53 13.26
CA LEU D 749 -2.30 -13.57 14.06
C LEU D 749 -1.82 -13.60 15.51
N ILE D 750 -1.61 -14.79 16.07
CA ILE D 750 -1.17 -14.88 17.45
C ILE D 750 0.23 -14.32 17.61
N CYS D 751 1.12 -14.59 16.66
CA CYS D 751 2.46 -14.02 16.71
C CYS D 751 2.41 -12.50 16.62
N SER D 752 1.47 -11.95 15.83
CA SER D 752 1.32 -10.50 15.78
C SER D 752 0.84 -9.95 17.13
N LEU D 753 -0.09 -10.65 17.79
CA LEU D 753 -0.55 -10.22 19.11
C LEU D 753 0.49 -10.48 20.21
N GLY D 754 1.58 -11.16 19.88
CA GLY D 754 2.62 -11.41 20.86
C GLY D 754 3.18 -10.15 21.50
N TYR D 755 3.36 -9.09 20.70
CA TYR D 755 3.88 -7.84 21.26
C TYR D 755 2.84 -7.14 22.11
N SER D 756 1.58 -7.14 21.66
CA SER D 756 0.51 -6.51 22.42
C SER D 756 0.31 -7.19 23.77
N ILE D 757 0.48 -8.50 23.86
CA ILE D 757 0.33 -9.15 25.15
C ILE D 757 1.44 -8.71 26.12
N LEU D 758 2.65 -8.49 25.61
CA LEU D 758 3.73 -7.97 26.45
C LEU D 758 3.41 -6.56 26.91
N LEU D 759 2.87 -5.73 26.02
CA LEU D 759 2.43 -4.40 26.43
C LEU D 759 1.39 -4.47 27.53
N MET D 760 0.43 -5.38 27.40
CA MET D 760 -0.62 -5.51 28.42
C MET D 760 -0.04 -5.95 29.75
N VAL D 761 0.90 -6.89 29.73
CA VAL D 761 1.51 -7.34 30.99
C VAL D 761 2.26 -6.19 31.66
N THR D 762 3.02 -5.42 30.88
CA THR D 762 3.74 -4.28 31.44
C THR D 762 2.77 -3.25 32.03
N CYS D 763 1.68 -2.96 31.30
CA CYS D 763 0.71 -2.00 31.80
C CYS D 763 0.05 -2.49 33.09
N THR D 764 -0.28 -3.78 33.15
CA THR D 764 -0.90 -4.31 34.37
C THR D 764 0.04 -4.23 35.56
N VAL D 765 1.32 -4.57 35.35
CA VAL D 765 2.27 -4.49 36.45
C VAL D 765 2.43 -3.04 36.93
N TYR D 766 2.53 -2.10 35.98
CA TYR D 766 2.68 -0.70 36.37
C TYR D 766 1.42 -0.16 37.05
N ALA D 767 0.25 -0.64 36.65
CA ALA D 767 -1.00 -0.17 37.25
C ALA D 767 -1.30 -0.83 38.58
N ILE D 768 -0.72 -2.00 38.86
CA ILE D 768 -0.92 -2.61 40.18
C ILE D 768 0.10 -2.08 41.19
N LYS D 769 1.32 -1.75 40.74
CA LYS D 769 2.29 -1.24 41.71
C LYS D 769 1.89 0.15 42.22
N THR D 770 1.30 0.99 41.38
CA THR D 770 0.84 2.29 41.85
C THR D 770 -0.45 2.15 42.66
N ARG D 771 -1.50 1.64 42.03
CA ARG D 771 -2.79 1.36 42.67
C ARG D 771 -3.36 2.59 43.38
N GLY D 772 -3.14 2.70 44.68
CA GLY D 772 -3.77 3.74 45.47
C GLY D 772 -3.15 5.12 45.32
N VAL D 773 -3.22 5.70 44.13
CA VAL D 773 -2.81 7.08 43.89
C VAL D 773 -4.08 7.94 43.97
N PRO D 774 -4.16 8.89 44.89
CA PRO D 774 -5.41 9.61 45.12
C PRO D 774 -5.64 10.80 44.20
N GLU D 775 -4.87 10.97 43.13
CA GLU D 775 -4.94 12.19 42.35
C GLU D 775 -6.09 12.15 41.35
N THR D 776 -6.58 13.34 41.01
CA THR D 776 -7.66 13.59 40.04
C THR D 776 -8.76 12.53 40.14
N PHE D 777 -9.33 12.44 41.35
CA PHE D 777 -10.46 11.55 41.65
C PHE D 777 -10.08 10.08 41.47
N ASN D 778 -8.90 9.71 41.98
CA ASN D 778 -8.47 8.32 42.06
C ASN D 778 -8.52 7.62 40.70
N GLU D 779 -7.91 8.26 39.70
CA GLU D 779 -7.95 7.71 38.34
C GLU D 779 -7.12 6.46 38.17
N ALA D 780 -6.23 6.14 39.12
CA ALA D 780 -5.43 4.93 39.00
C ALA D 780 -6.28 3.67 39.12
N LYS D 781 -7.33 3.73 39.95
CA LYS D 781 -8.24 2.59 40.09
C LYS D 781 -8.93 2.23 38.78
N PRO D 782 -9.47 3.17 37.99
CA PRO D 782 -10.00 2.78 36.68
C PRO D 782 -9.00 2.09 35.78
N ILE D 783 -7.74 2.53 35.77
CA ILE D 783 -6.73 1.86 34.94
C ILE D 783 -6.49 0.46 35.45
N GLY D 784 -6.42 0.29 36.77
CA GLY D 784 -6.24 -1.04 37.33
C GLY D 784 -7.38 -1.98 36.96
N PHE D 785 -8.61 -1.49 37.08
CA PHE D 785 -9.76 -2.31 36.72
C PHE D 785 -9.78 -2.63 35.23
N THR D 786 -9.41 -1.67 34.40
CA THR D 786 -9.33 -1.91 32.96
C THR D 786 -8.35 -3.04 32.65
N MET D 787 -7.19 -3.03 33.31
CA MET D 787 -6.21 -4.08 33.05
C MET D 787 -6.67 -5.43 33.59
N TYR D 788 -7.25 -5.44 34.80
CA TYR D 788 -7.73 -6.71 35.35
C TYR D 788 -8.87 -7.30 34.52
N THR D 789 -9.60 -6.48 33.77
CA THR D 789 -10.62 -7.01 32.88
C THR D 789 -10.05 -7.45 31.53
N THR D 790 -9.16 -6.65 30.95
CA THR D 790 -8.59 -7.00 29.65
C THR D 790 -7.74 -8.26 29.72
N CYS D 791 -7.05 -8.48 30.83
CA CYS D 791 -6.26 -9.70 30.96
C CYS D 791 -7.15 -10.94 30.88
N ILE D 792 -8.27 -10.94 31.60
CA ILE D 792 -9.21 -12.05 31.55
C ILE D 792 -9.81 -12.17 30.15
N ILE D 793 -10.11 -11.04 29.51
CA ILE D 793 -10.70 -11.09 28.17
C ILE D 793 -9.75 -11.79 27.20
N TRP D 794 -8.47 -11.41 27.23
CA TRP D 794 -7.51 -12.05 26.34
C TRP D 794 -7.26 -13.51 26.69
N LEU D 795 -7.26 -13.83 27.99
CA LEU D 795 -7.10 -15.22 28.42
C LEU D 795 -8.23 -16.08 27.87
N ALA D 796 -9.45 -15.56 27.86
CA ALA D 796 -10.56 -16.29 27.26
C ALA D 796 -10.45 -16.30 25.74
N PHE D 797 -9.94 -15.21 25.15
CA PHE D 797 -9.89 -15.08 23.70
C PHE D 797 -8.98 -16.10 23.06
N ILE D 798 -7.73 -16.19 23.50
CA ILE D 798 -6.71 -16.88 22.71
C ILE D 798 -7.02 -18.37 22.51
N PRO D 799 -7.23 -19.17 23.56
CA PRO D 799 -7.53 -20.59 23.32
C PRO D 799 -8.83 -20.81 22.56
N ILE D 800 -9.86 -19.99 22.80
CA ILE D 800 -11.11 -20.16 22.07
C ILE D 800 -10.91 -19.86 20.59
N PHE D 801 -10.15 -18.81 20.27
CA PHE D 801 -9.89 -18.48 18.87
C PHE D 801 -9.11 -19.59 18.19
N PHE D 802 -8.10 -20.14 18.88
CA PHE D 802 -7.28 -21.16 18.23
C PHE D 802 -8.04 -22.49 18.09
N GLY D 803 -8.79 -22.88 19.12
CA GLY D 803 -9.40 -24.20 19.13
C GLY D 803 -10.49 -24.37 18.07
N THR D 804 -11.31 -23.34 17.88
CA THR D 804 -12.44 -23.41 16.97
C THR D 804 -12.10 -22.99 15.55
N ALA D 805 -10.82 -23.06 15.17
CA ALA D 805 -10.44 -22.73 13.80
C ALA D 805 -11.11 -23.65 12.79
N GLN D 806 -11.26 -24.93 13.14
CA GLN D 806 -11.92 -25.90 12.29
C GLN D 806 -13.10 -26.57 12.96
N SER D 807 -13.00 -26.86 14.25
CA SER D 807 -14.15 -27.36 15.02
C SER D 807 -15.18 -26.26 15.13
N ALA D 808 -16.40 -26.53 14.63
CA ALA D 808 -17.49 -25.59 14.43
C ALA D 808 -17.20 -24.60 13.31
N GLU D 809 -16.03 -24.68 12.67
CA GLU D 809 -15.69 -23.99 11.43
C GLU D 809 -15.52 -22.49 11.60
N LYS D 810 -14.68 -21.89 10.76
CA LYS D 810 -14.52 -20.44 10.74
C LYS D 810 -15.82 -19.74 10.36
N MET D 811 -16.69 -20.44 9.62
CA MET D 811 -17.85 -19.78 9.01
C MET D 811 -18.72 -19.08 10.06
N TYR D 812 -18.87 -19.67 11.25
CA TYR D 812 -19.78 -19.13 12.24
C TYR D 812 -19.09 -18.65 13.50
N ILE D 813 -18.29 -19.50 14.16
CA ILE D 813 -17.91 -19.22 15.55
C ILE D 813 -16.66 -18.36 15.64
N GLN D 814 -15.69 -18.56 14.74
CA GLN D 814 -14.41 -17.87 14.88
C GLN D 814 -14.56 -16.37 14.72
N THR D 815 -15.29 -15.95 13.68
CA THR D 815 -15.51 -14.52 13.46
C THR D 815 -16.30 -13.90 14.61
N THR D 816 -17.33 -14.60 15.10
CA THR D 816 -18.10 -14.09 16.23
C THR D 816 -17.21 -13.89 17.44
N THR D 817 -16.37 -14.88 17.76
CA THR D 817 -15.49 -14.75 18.92
C THR D 817 -14.54 -13.58 18.75
N LEU D 818 -13.91 -13.48 17.58
CA LEU D 818 -12.96 -12.39 17.34
C LEU D 818 -13.63 -11.03 17.50
N THR D 819 -14.76 -10.83 16.85
CA THR D 819 -15.41 -9.52 16.86
C THR D 819 -15.93 -9.18 18.26
N VAL D 820 -16.58 -10.13 18.93
CA VAL D 820 -17.12 -9.85 20.26
C VAL D 820 -16.01 -9.52 21.25
N SER D 821 -14.94 -10.31 21.25
CA SER D 821 -13.87 -10.05 22.19
C SER D 821 -13.18 -8.72 21.91
N MET D 822 -12.93 -8.42 20.63
CA MET D 822 -12.26 -7.17 20.31
C MET D 822 -13.13 -5.96 20.65
N SER D 823 -14.45 -6.07 20.44
CA SER D 823 -15.36 -5.00 20.83
C SER D 823 -15.39 -4.83 22.35
N LEU D 824 -15.38 -5.95 23.09
CA LEU D 824 -15.37 -5.89 24.54
C LEU D 824 -14.11 -5.21 25.06
N SER D 825 -12.98 -5.46 24.41
CA SER D 825 -11.71 -4.85 24.83
C SER D 825 -11.80 -3.33 24.82
N ALA D 826 -12.64 -2.75 23.96
CA ALA D 826 -12.83 -1.31 23.90
C ALA D 826 -13.98 -0.83 24.77
N SER D 827 -15.04 -1.65 24.87
CA SER D 827 -16.15 -1.28 25.74
C SER D 827 -15.72 -1.22 27.20
N VAL D 828 -14.85 -2.12 27.62
CA VAL D 828 -14.31 -2.07 28.98
C VAL D 828 -13.52 -0.78 29.19
N SER D 829 -12.70 -0.40 28.21
CA SER D 829 -11.91 0.82 28.33
C SER D 829 -12.82 2.04 28.46
N LEU D 830 -13.88 2.11 27.66
CA LEU D 830 -14.79 3.23 27.75
C LEU D 830 -15.56 3.24 29.07
N GLY D 831 -16.00 2.06 29.53
CA GLY D 831 -16.90 2.02 30.67
C GLY D 831 -16.21 2.14 32.01
N MET D 832 -15.02 1.55 32.14
CA MET D 832 -14.35 1.50 33.43
C MET D 832 -13.39 2.65 33.67
N LEU D 833 -13.11 3.47 32.66
CA LEU D 833 -12.20 4.60 32.81
C LEU D 833 -12.87 5.94 32.56
N TYR D 834 -13.61 6.06 31.46
CA TYR D 834 -14.19 7.35 31.06
C TYR D 834 -15.57 7.60 31.63
N MET D 835 -16.28 6.55 32.02
CA MET D 835 -17.63 6.75 32.56
C MET D 835 -17.65 7.59 33.84
N PRO D 836 -16.78 7.38 34.84
CA PRO D 836 -16.75 8.32 35.98
C PRO D 836 -16.43 9.74 35.57
N LYS D 837 -15.54 9.92 34.60
CA LYS D 837 -15.21 11.26 34.14
C LYS D 837 -16.42 11.94 33.52
N VAL D 838 -17.21 11.18 32.74
CA VAL D 838 -18.45 11.74 32.21
C VAL D 838 -19.44 12.00 33.33
N TYR D 839 -19.49 11.11 34.33
CA TYR D 839 -20.39 11.28 35.47
C TYR D 839 -20.07 12.52 36.28
N ILE D 840 -18.84 13.00 36.24
CA ILE D 840 -18.47 14.21 36.96
C ILE D 840 -18.48 15.46 36.09
N ILE D 841 -18.13 15.34 34.80
CA ILE D 841 -18.12 16.51 33.93
C ILE D 841 -19.56 16.93 33.58
N ILE D 842 -20.39 15.96 33.20
CA ILE D 842 -21.75 16.28 32.75
C ILE D 842 -22.66 16.41 33.95
N PHE D 843 -22.79 15.34 34.73
CA PHE D 843 -23.54 15.40 35.97
C PHE D 843 -22.63 15.84 37.11
N HIS D 844 -23.24 16.42 38.14
CA HIS D 844 -22.53 16.85 39.34
C HIS D 844 -21.31 17.71 39.00
N PRO D 845 -21.50 18.86 38.35
CA PRO D 845 -20.38 19.71 37.98
C PRO D 845 -19.93 20.67 39.08
N GLU D 846 -20.41 20.50 40.31
CA GLU D 846 -19.99 21.37 41.40
C GLU D 846 -18.52 21.17 41.74
N GLN D 847 -18.03 19.93 41.64
CA GLN D 847 -16.67 19.63 42.07
C GLN D 847 -15.64 20.38 41.24
N ASN D 848 -15.81 20.41 39.92
CA ASN D 848 -14.88 21.08 39.04
C ASN D 848 -15.38 22.48 38.68
N VAL D 849 -14.42 23.40 38.50
CA VAL D 849 -14.75 24.78 38.16
C VAL D 849 -13.98 25.21 36.91
N THR D 891 2.75 51.43 56.95
CA THR D 891 3.65 50.83 55.94
C THR D 891 4.44 49.69 56.57
N ASN D 892 5.58 50.02 57.18
CA ASN D 892 6.37 49.02 57.91
C ASN D 892 5.70 48.78 59.26
N TPO D 893 6.07 47.72 59.95
CA TPO D 893 5.52 47.44 61.30
CB TPO D 893 5.48 45.93 61.53
CG2 TPO D 893 4.93 45.57 62.89
OG1 TPO D 893 4.56 45.37 60.53
P TPO D 893 5.01 44.23 59.49
O1P TPO D 893 3.73 43.58 59.02
O2P TPO D 893 5.74 44.94 58.38
O3P TPO D 893 5.90 43.28 60.27
C TPO D 893 6.41 48.17 62.28
O TPO D 893 7.47 48.67 61.86
N SER D 894 5.99 48.27 63.54
CA SER D 894 6.77 49.06 64.53
C SER D 894 6.52 48.53 65.93
N SEP D 895 7.31 48.98 66.90
CA SEP D 895 7.18 48.51 68.30
CB SEP D 895 8.43 47.79 68.68
OG SEP D 895 9.52 48.75 68.64
C SEP D 895 6.97 49.72 69.19
O SEP D 895 7.38 50.81 68.81
P SEP D 895 11.04 48.25 68.82
O1P SEP D 895 11.11 47.58 70.18
O2P SEP D 895 11.31 47.30 67.69
O3P SEP D 895 11.88 49.49 68.75
N TPO D 896 6.32 49.51 70.33
CA TPO D 896 6.10 50.60 71.30
CB TPO D 896 4.73 51.23 71.06
CG2 TPO D 896 3.58 50.32 71.40
OG1 TPO D 896 4.64 52.42 71.92
P TPO D 896 4.57 53.92 71.32
O1P TPO D 896 5.80 54.10 70.48
O2P TPO D 896 3.28 53.98 70.52
O3P TPO D 896 4.55 54.83 72.53
C TPO D 896 6.27 50.01 72.71
O TPO D 896 6.50 48.81 72.82
N LYS D 897 6.16 50.84 73.73
CA LYS D 897 6.33 50.36 75.13
C LYS D 897 5.06 50.65 75.91
N THR D 898 4.31 49.60 76.27
CA THR D 898 3.08 49.75 77.07
C THR D 898 3.47 49.77 78.55
N THR D 899 3.99 50.89 79.04
CA THR D 899 4.37 51.06 80.46
C THR D 899 3.92 49.86 81.28
N GLY E 2 -25.27 65.97 45.17
CA GLY E 2 -26.38 66.16 44.25
C GLY E 2 -26.25 67.44 43.44
N ASP E 3 -27.33 68.23 43.42
CA ASP E 3 -27.34 69.49 42.69
C ASP E 3 -26.62 70.55 43.52
N ILE E 4 -25.46 70.98 43.04
CA ILE E 4 -24.68 71.98 43.78
C ILE E 4 -25.49 73.28 43.85
N GLN E 5 -25.80 73.70 45.07
CA GLN E 5 -26.63 74.88 45.27
C GLN E 5 -25.78 76.12 45.07
N MET E 6 -26.07 76.87 44.01
CA MET E 6 -25.32 78.08 43.66
C MET E 6 -26.13 79.28 44.17
N THR E 7 -25.87 79.68 45.40
CA THR E 7 -26.63 80.74 46.04
C THR E 7 -26.10 82.11 45.63
N GLN E 8 -27.00 82.98 45.20
CA GLN E 8 -26.67 84.36 44.84
C GLN E 8 -27.26 85.26 45.92
N SER E 9 -26.38 85.88 46.71
CA SER E 9 -26.83 86.60 47.89
C SER E 9 -27.73 87.81 47.59
N PRO E 10 -27.36 88.75 46.70
CA PRO E 10 -28.19 89.96 46.56
C PRO E 10 -29.40 89.71 45.68
N SER E 11 -30.59 89.81 46.28
CA SER E 11 -31.82 89.66 45.51
C SER E 11 -32.04 90.86 44.60
N SER E 12 -31.77 92.06 45.10
CA SER E 12 -31.93 93.27 44.29
C SER E 12 -30.90 94.30 44.76
N LEU E 13 -30.61 95.27 43.89
CA LEU E 13 -29.64 96.31 44.18
C LEU E 13 -30.16 97.65 43.70
N SER E 14 -29.94 98.69 44.50
CA SER E 14 -30.36 100.03 44.11
C SER E 14 -29.59 100.50 42.88
N ALA E 15 -28.27 100.30 42.87
CA ALA E 15 -27.42 100.45 41.68
C ALA E 15 -27.67 101.78 40.96
N SER E 16 -27.35 102.87 41.65
CA SER E 16 -27.45 104.18 41.03
C SER E 16 -26.44 104.28 39.88
N VAL E 17 -26.81 105.03 38.85
CA VAL E 17 -26.01 105.10 37.63
C VAL E 17 -24.62 105.67 37.94
N GLY E 18 -23.63 105.21 37.19
CA GLY E 18 -22.26 105.67 37.33
C GLY E 18 -21.49 105.05 38.47
N ASP E 19 -22.09 104.16 39.24
CA ASP E 19 -21.44 103.59 40.41
C ASP E 19 -20.84 102.22 40.09
N ARG E 20 -19.97 101.76 40.99
CA ARG E 20 -19.40 100.43 40.92
C ARG E 20 -20.32 99.44 41.63
N VAL E 21 -20.65 98.35 40.96
CA VAL E 21 -21.60 97.37 41.50
C VAL E 21 -20.94 95.99 41.51
N THR E 22 -21.24 95.22 42.55
CA THR E 22 -20.62 93.91 42.77
C THR E 22 -21.72 92.88 43.06
N ILE E 23 -21.61 91.72 42.43
CA ILE E 23 -22.52 90.61 42.66
C ILE E 23 -21.69 89.39 43.03
N THR E 24 -22.13 88.65 44.04
CA THR E 24 -21.40 87.51 44.57
C THR E 24 -22.21 86.24 44.44
N CYS E 25 -21.50 85.12 44.27
CA CYS E 25 -22.07 83.81 44.04
C CYS E 25 -21.30 82.79 44.87
N ARG E 26 -22.03 81.91 45.56
CA ARG E 26 -21.44 80.96 46.49
C ARG E 26 -21.87 79.55 46.11
N ALA E 27 -20.91 78.63 46.08
CA ALA E 27 -21.17 77.25 45.71
C ALA E 27 -21.03 76.34 46.92
N SER E 28 -21.88 75.30 46.98
CA SER E 28 -21.83 74.36 48.09
C SER E 28 -20.53 73.55 48.07
N GLN E 29 -20.07 73.17 46.89
CA GLN E 29 -18.84 72.42 46.72
C GLN E 29 -17.91 73.17 45.77
N SER E 30 -16.72 72.61 45.57
CA SER E 30 -15.73 73.22 44.69
C SER E 30 -16.04 72.88 43.24
N VAL E 31 -16.27 73.90 42.43
CA VAL E 31 -16.52 73.72 41.00
C VAL E 31 -15.31 74.19 40.18
N SER E 32 -14.16 74.32 40.82
CA SER E 32 -12.93 74.81 40.18
C SER E 32 -13.22 76.19 39.60
N SER E 33 -12.75 76.50 38.39
CA SER E 33 -13.01 77.79 37.76
C SER E 33 -14.01 77.68 36.62
N ALA E 34 -14.86 76.65 36.63
CA ALA E 34 -15.87 76.46 35.59
C ALA E 34 -17.15 77.15 36.04
N VAL E 35 -17.16 78.48 35.96
CA VAL E 35 -18.29 79.30 36.34
C VAL E 35 -18.53 80.36 35.28
N ALA E 36 -19.79 80.53 34.90
CA ALA E 36 -20.19 81.47 33.87
C ALA E 36 -21.24 82.43 34.42
N TRP E 37 -21.29 83.62 33.83
CA TRP E 37 -22.24 84.66 34.20
C TRP E 37 -23.11 84.99 32.99
N TYR E 38 -24.40 85.23 33.24
CA TYR E 38 -25.35 85.51 32.18
C TYR E 38 -26.17 86.75 32.52
N GLN E 39 -26.62 87.44 31.48
CA GLN E 39 -27.46 88.63 31.62
C GLN E 39 -28.74 88.43 30.83
N GLN E 40 -29.87 88.70 31.47
CA GLN E 40 -31.19 88.53 30.86
C GLN E 40 -31.96 89.83 30.99
N LYS E 41 -32.20 90.48 29.86
CA LYS E 41 -33.13 91.60 29.82
C LYS E 41 -34.56 91.08 29.99
N PRO E 42 -35.48 91.92 30.45
CA PRO E 42 -36.86 91.47 30.64
C PRO E 42 -37.47 90.95 29.35
N GLY E 43 -38.08 89.78 29.43
CA GLY E 43 -38.75 89.19 28.27
C GLY E 43 -37.85 88.87 27.11
N LYS E 44 -36.62 88.46 27.37
CA LYS E 44 -35.67 88.11 26.32
C LYS E 44 -34.83 86.93 26.77
N ALA E 45 -33.97 86.45 25.87
CA ALA E 45 -33.10 85.32 26.17
C ALA E 45 -31.87 85.77 26.93
N PRO E 46 -31.30 84.90 27.76
CA PRO E 46 -30.05 85.24 28.45
C PRO E 46 -28.90 85.42 27.48
N LYS E 47 -27.93 86.24 27.88
CA LYS E 47 -26.74 86.48 27.09
C LYS E 47 -25.51 86.18 27.94
N LEU E 48 -24.58 85.41 27.38
CA LEU E 48 -23.36 85.07 28.09
C LEU E 48 -22.47 86.30 28.24
N LEU E 49 -21.87 86.47 29.41
CA LEU E 49 -20.96 87.56 29.68
C LEU E 49 -19.54 87.10 29.97
N ILE E 50 -19.37 86.18 30.90
CA ILE E 50 -18.05 85.75 31.37
C ILE E 50 -18.05 84.24 31.49
N TYR E 51 -17.00 83.60 31.00
CA TYR E 51 -16.78 82.18 31.18
C TYR E 51 -15.41 81.95 31.79
N SER E 52 -15.26 80.81 32.44
CA SER E 52 -14.07 80.44 33.21
C SER E 52 -13.81 81.39 34.37
N ALA E 53 -14.78 82.24 34.71
CA ALA E 53 -14.79 83.11 35.88
C ALA E 53 -13.83 84.28 35.76
N SER E 54 -13.02 84.31 34.70
CA SER E 54 -12.14 85.46 34.46
C SER E 54 -12.11 85.92 33.01
N SER E 55 -12.45 85.07 32.04
CA SER E 55 -12.30 85.41 30.63
C SER E 55 -13.56 86.09 30.11
N LEU E 56 -13.40 87.25 29.49
CA LEU E 56 -14.52 87.99 28.91
C LEU E 56 -14.84 87.44 27.53
N TYR E 57 -16.12 87.12 27.32
CA TYR E 57 -16.57 86.65 26.02
C TYR E 57 -16.42 87.74 24.97
N SER E 58 -16.18 87.32 23.72
CA SER E 58 -16.01 88.28 22.64
C SER E 58 -17.27 89.13 22.47
N GLY E 59 -17.06 90.42 22.23
CA GLY E 59 -18.15 91.36 22.11
C GLY E 59 -18.65 91.95 23.41
N VAL E 60 -17.99 91.65 24.53
CA VAL E 60 -18.38 92.17 25.84
C VAL E 60 -17.60 93.45 26.12
N PRO E 61 -18.27 94.55 26.46
CA PRO E 61 -17.54 95.78 26.80
C PRO E 61 -16.59 95.55 27.96
N SER E 62 -15.45 96.25 27.93
CA SER E 62 -14.40 96.01 28.91
C SER E 62 -14.69 96.74 30.21
N ARG E 63 -15.86 96.48 30.79
CA ARG E 63 -16.23 96.97 32.11
C ARG E 63 -16.54 95.84 33.07
N PHE E 64 -17.14 94.75 32.61
CA PHE E 64 -17.41 93.60 33.46
C PHE E 64 -16.12 92.86 33.77
N SER E 65 -15.96 92.45 35.03
CA SER E 65 -14.80 91.68 35.44
C SER E 65 -15.27 90.55 36.35
N GLY E 66 -14.57 89.43 36.29
CA GLY E 66 -14.89 88.29 37.12
C GLY E 66 -13.69 87.85 37.93
N SER E 67 -13.98 87.32 39.11
CA SER E 67 -12.91 86.88 40.00
C SER E 67 -13.39 85.70 40.84
N ARG E 68 -12.44 84.91 41.31
CA ARG E 68 -12.71 83.78 42.18
C ARG E 68 -11.63 83.68 43.24
N SER E 69 -12.03 83.61 44.51
CA SER E 69 -11.09 83.38 45.60
C SER E 69 -11.11 81.94 46.08
N GLY E 70 -12.27 81.48 46.57
CA GLY E 70 -12.46 80.09 46.92
C GLY E 70 -13.58 79.47 46.11
N THR E 71 -14.70 79.21 46.77
CA THR E 71 -15.96 78.93 46.11
C THR E 71 -16.78 80.19 45.87
N ASP E 72 -16.25 81.36 46.24
CA ASP E 72 -16.91 82.62 46.02
C ASP E 72 -16.49 83.21 44.68
N PHE E 73 -17.48 83.58 43.87
CA PHE E 73 -17.24 84.16 42.56
C PHE E 73 -17.87 85.54 42.50
N THR E 74 -17.17 86.48 41.89
CA THR E 74 -17.57 87.89 41.94
C THR E 74 -17.62 88.46 40.53
N LEU E 75 -18.74 89.12 40.22
CA LEU E 75 -18.90 89.89 38.98
C LEU E 75 -18.97 91.36 39.36
N THR E 76 -18.04 92.15 38.83
CA THR E 76 -17.91 93.56 39.17
C THR E 76 -18.07 94.41 37.92
N ILE E 77 -18.95 95.40 37.98
CA ILE E 77 -19.12 96.39 36.93
C ILE E 77 -18.61 97.72 37.48
N SER E 78 -17.50 98.21 36.91
CA SER E 78 -16.89 99.43 37.40
C SER E 78 -17.75 100.66 37.09
N SER E 79 -18.31 100.73 35.89
CA SER E 79 -19.11 101.87 35.46
C SER E 79 -20.47 101.38 35.02
N LEU E 80 -21.52 101.85 35.68
CA LEU E 80 -22.88 101.47 35.35
C LEU E 80 -23.51 102.50 34.42
N GLN E 81 -24.24 102.02 33.44
CA GLN E 81 -24.91 102.84 32.43
C GLN E 81 -26.38 102.43 32.36
N PRO E 82 -27.25 103.32 31.89
CA PRO E 82 -28.68 102.95 31.78
C PRO E 82 -28.93 101.77 30.85
N GLU E 83 -28.03 101.50 29.92
CA GLU E 83 -28.16 100.30 29.09
C GLU E 83 -27.99 99.03 29.92
N ASP E 84 -27.24 99.10 31.02
CA ASP E 84 -26.93 97.93 31.83
C ASP E 84 -27.91 97.84 33.00
N PHE E 85 -29.11 97.35 32.71
CA PHE E 85 -30.14 97.13 33.72
C PHE E 85 -30.89 95.85 33.33
N ALA E 86 -30.58 94.75 34.01
CA ALA E 86 -31.13 93.45 33.67
C ALA E 86 -30.88 92.51 34.86
N THR E 87 -31.20 91.23 34.65
CA THR E 87 -31.00 90.21 35.68
C THR E 87 -29.71 89.45 35.41
N TYR E 88 -28.96 89.16 36.47
CA TYR E 88 -27.66 88.51 36.34
C TYR E 88 -27.68 87.16 37.01
N TYR E 89 -27.29 86.13 36.27
CA TYR E 89 -27.35 84.74 36.72
C TYR E 89 -25.94 84.15 36.78
N CYS E 90 -25.78 83.20 37.71
CA CYS E 90 -24.52 82.52 37.99
C CYS E 90 -24.70 81.04 37.72
N GLN E 91 -23.76 80.44 36.97
CA GLN E 91 -23.86 79.05 36.57
C GLN E 91 -22.50 78.37 36.77
N GLN E 92 -22.54 77.07 37.04
CA GLN E 92 -21.35 76.23 37.03
C GLN E 92 -21.54 75.12 36.01
N TYR E 93 -20.50 74.82 35.25
CA TYR E 93 -20.60 73.80 34.22
C TYR E 93 -19.51 72.74 34.40
N LYS E 94 -19.28 72.32 35.64
CA LYS E 94 -18.33 71.24 35.89
C LYS E 94 -18.99 69.88 36.02
N TYR E 95 -20.24 69.82 36.46
CA TYR E 95 -20.94 68.55 36.67
C TYR E 95 -22.19 68.49 35.82
N VAL E 96 -22.85 67.33 35.84
CA VAL E 96 -23.92 67.07 34.88
C VAL E 96 -25.07 68.06 35.01
N PRO E 97 -25.64 68.32 36.20
CA PRO E 97 -26.61 69.40 36.32
C PRO E 97 -25.89 70.75 36.35
N VAL E 98 -26.27 71.64 35.45
CA VAL E 98 -25.60 72.94 35.37
C VAL E 98 -25.88 73.77 36.63
N THR E 99 -27.08 73.65 37.19
CA THR E 99 -27.44 74.25 38.48
C THR E 99 -27.22 75.77 38.47
N PHE E 100 -28.04 76.44 37.66
CA PHE E 100 -28.06 77.90 37.67
C PHE E 100 -28.40 78.42 39.06
N GLY E 101 -28.16 79.72 39.25
CA GLY E 101 -28.41 80.37 40.52
C GLY E 101 -29.58 81.35 40.44
N CYS E 102 -30.03 81.76 41.63
CA CYS E 102 -31.12 82.72 41.72
C CYS E 102 -30.70 84.06 41.13
N GLY E 103 -31.67 84.75 40.53
CA GLY E 103 -31.35 85.98 39.84
C GLY E 103 -31.05 87.12 40.79
N THR E 104 -30.20 88.04 40.33
CA THR E 104 -29.91 89.28 41.02
C THR E 104 -30.37 90.43 40.13
N LYS E 105 -31.30 91.23 40.62
CA LYS E 105 -31.96 92.24 39.81
C LYS E 105 -31.28 93.59 40.03
N VAL E 106 -30.78 94.17 38.95
CA VAL E 106 -30.19 95.51 38.98
C VAL E 106 -31.26 96.47 38.47
N GLU E 107 -31.87 97.21 39.39
CA GLU E 107 -32.92 98.17 39.05
C GLU E 107 -32.63 99.50 39.72
N ILE E 108 -32.89 100.59 38.99
CA ILE E 108 -32.63 101.93 39.50
C ILE E 108 -33.71 102.31 40.52
N VAL E 136 -54.02 71.88 29.50
CA VAL E 136 -53.59 70.62 28.91
C VAL E 136 -53.42 69.57 29.98
N GLN E 137 -54.21 68.50 29.87
CA GLN E 137 -54.13 67.40 30.81
C GLN E 137 -52.80 66.68 30.66
N PRO E 138 -52.39 65.90 31.68
CA PRO E 138 -51.10 65.19 31.58
C PRO E 138 -50.98 64.30 30.35
N GLY E 139 -52.08 63.71 29.88
CA GLY E 139 -52.04 62.93 28.65
C GLY E 139 -51.66 63.74 27.43
N GLY E 140 -51.86 65.05 27.47
CA GLY E 140 -51.50 65.88 26.33
C GLY E 140 -50.00 65.86 26.08
N SER E 141 -49.64 65.94 24.80
CA SER E 141 -48.24 65.92 24.37
C SER E 141 -48.01 67.03 23.36
N LEU E 142 -46.84 67.65 23.42
CA LEU E 142 -46.49 68.75 22.53
C LEU E 142 -44.99 68.70 22.27
N ARG E 143 -44.59 69.22 21.10
CA ARG E 143 -43.20 69.18 20.68
C ARG E 143 -42.74 70.55 20.21
N LEU E 144 -41.50 70.89 20.55
CA LEU E 144 -40.87 72.14 20.14
C LEU E 144 -39.69 71.85 19.20
N SER E 145 -39.49 72.75 18.25
CA SER E 145 -38.47 72.59 17.22
C SER E 145 -37.53 73.78 17.22
N CYS E 146 -36.24 73.52 17.05
CA CYS E 146 -35.20 74.54 17.03
C CYS E 146 -34.69 74.70 15.59
N ALA E 147 -34.78 75.91 15.06
CA ALA E 147 -34.28 76.20 13.73
C ALA E 147 -32.85 76.72 13.86
N ALA E 148 -31.89 75.83 13.65
CA ALA E 148 -30.47 76.15 13.80
C ALA E 148 -29.83 76.23 12.43
N SER E 149 -29.12 77.33 12.17
CA SER E 149 -28.43 77.53 10.90
C SER E 149 -26.95 77.79 11.16
N GLY E 150 -26.11 77.23 10.30
CA GLY E 150 -24.68 77.39 10.46
C GLY E 150 -24.07 76.61 11.59
N PHE E 151 -24.73 75.55 12.05
CA PHE E 151 -24.25 74.73 13.15
C PHE E 151 -24.22 73.27 12.73
N ASN E 152 -23.35 72.50 13.40
CA ASN E 152 -23.24 71.06 13.15
C ASN E 152 -23.46 70.33 14.46
N VAL E 153 -24.30 69.29 14.41
CA VAL E 153 -24.62 68.52 15.61
C VAL E 153 -23.43 67.77 16.15
N TYR E 154 -22.39 67.54 15.34
CA TYR E 154 -21.22 66.80 15.78
C TYR E 154 -20.14 67.69 16.37
N SER E 155 -20.11 68.97 15.99
CA SER E 155 -19.20 69.94 16.58
C SER E 155 -19.88 70.82 17.61
N SER E 156 -21.11 70.48 18.01
CA SER E 156 -21.85 71.27 18.98
C SER E 156 -22.72 70.36 19.82
N SER E 157 -23.11 70.85 20.99
CA SER E 157 -24.04 70.19 21.88
C SER E 157 -25.29 71.05 22.01
N ILE E 158 -26.46 70.40 22.07
CA ILE E 158 -27.74 71.09 22.07
C ILE E 158 -28.38 70.92 23.44
N HIS E 159 -28.83 72.03 24.02
CA HIS E 159 -29.37 72.06 25.38
C HIS E 159 -30.77 72.63 25.39
N TRP E 160 -31.57 72.15 26.34
CA TRP E 160 -32.93 72.60 26.55
C TRP E 160 -33.09 73.01 28.01
N VAL E 161 -33.52 74.25 28.23
CA VAL E 161 -33.75 74.77 29.57
C VAL E 161 -35.12 75.41 29.62
N ARG E 162 -35.61 75.63 30.84
CA ARG E 162 -36.92 76.24 31.04
C ARG E 162 -36.86 77.21 32.20
N GLN E 163 -37.70 78.24 32.13
CA GLN E 163 -37.81 79.25 33.19
C GLN E 163 -39.27 79.42 33.55
N ALA E 164 -39.62 79.17 34.80
CA ALA E 164 -40.96 79.40 35.30
C ALA E 164 -41.13 80.85 35.72
N PRO E 165 -42.39 81.36 35.76
CA PRO E 165 -42.66 82.73 36.20
C PRO E 165 -42.14 82.95 37.63
N GLY E 166 -41.20 83.89 37.78
CA GLY E 166 -40.65 84.20 39.10
C GLY E 166 -39.77 83.12 39.69
N LYS E 167 -38.97 82.45 38.86
CA LYS E 167 -38.05 81.42 39.34
C LYS E 167 -36.78 81.45 38.51
N CYS E 168 -35.72 80.91 39.08
CA CYS E 168 -34.44 80.85 38.38
C CYS E 168 -34.52 79.84 37.23
N LEU E 169 -33.52 79.92 36.34
CA LEU E 169 -33.49 79.04 35.18
C LEU E 169 -33.33 77.59 35.61
N GLU E 170 -34.04 76.70 34.92
CA GLU E 170 -34.01 75.27 35.19
C GLU E 170 -33.52 74.53 33.96
N TRP E 171 -32.65 73.55 34.17
CA TRP E 171 -32.08 72.77 33.08
C TRP E 171 -32.92 71.53 32.83
N VAL E 172 -33.30 71.31 31.58
CA VAL E 172 -34.17 70.18 31.23
C VAL E 172 -33.32 69.04 30.66
N ALA E 173 -32.61 69.29 29.56
CA ALA E 173 -31.97 68.17 28.87
C ALA E 173 -30.79 68.65 28.04
N SER E 174 -29.98 67.69 27.62
CA SER E 174 -28.80 67.96 26.80
C SER E 174 -28.51 66.78 25.89
N ILE E 175 -27.95 67.07 24.72
CA ILE E 175 -27.57 66.04 23.75
C ILE E 175 -26.23 66.41 23.12
N SER E 176 -25.37 65.40 22.94
CA SER E 176 -24.10 65.53 22.25
C SER E 176 -23.94 64.36 21.29
N SER E 177 -23.87 64.65 20.00
CA SER E 177 -23.94 63.61 18.98
C SER E 177 -22.58 63.07 18.55
N TYR E 178 -21.50 63.81 18.78
CA TYR E 178 -20.17 63.29 18.43
C TYR E 178 -19.84 62.05 19.23
N TYR E 179 -20.14 62.06 20.52
CA TYR E 179 -20.01 60.87 21.36
C TYR E 179 -21.32 60.13 21.54
N GLY E 180 -22.44 60.73 21.17
CA GLY E 180 -23.72 60.03 21.15
C GLY E 180 -24.38 59.84 22.50
N TYR E 181 -24.33 60.84 23.38
CA TYR E 181 -24.91 60.72 24.70
C TYR E 181 -25.92 61.83 24.98
N THR E 182 -26.99 61.47 25.68
CA THR E 182 -28.05 62.40 26.06
C THR E 182 -28.27 62.33 27.56
N TYR E 183 -28.57 63.48 28.15
CA TYR E 183 -28.87 63.59 29.57
C TYR E 183 -30.20 64.28 29.78
N TYR E 184 -30.91 63.87 30.83
CA TYR E 184 -32.18 64.46 31.22
C TYR E 184 -32.18 64.66 32.73
N ALA E 185 -32.98 65.62 33.19
CA ALA E 185 -33.09 65.91 34.60
C ALA E 185 -33.93 64.86 35.31
N ASP E 186 -33.88 64.87 36.64
CA ASP E 186 -34.57 63.86 37.43
C ASP E 186 -36.08 63.93 37.24
N SER E 187 -36.63 65.14 37.21
CA SER E 187 -38.08 65.28 37.11
C SER E 187 -38.60 64.93 35.73
N VAL E 188 -37.80 65.14 34.69
CA VAL E 188 -38.24 64.94 33.31
C VAL E 188 -37.88 63.56 32.78
N LYS E 189 -37.46 62.65 33.65
CA LYS E 189 -37.13 61.30 33.21
C LYS E 189 -38.40 60.57 32.81
N GLY E 190 -38.36 59.91 31.65
CA GLY E 190 -39.48 59.14 31.13
C GLY E 190 -40.48 59.94 30.31
N ARG E 191 -40.72 61.18 30.71
CA ARG E 191 -41.70 62.04 30.04
C ARG E 191 -41.07 63.03 29.09
N PHE E 192 -39.75 63.04 28.98
CA PHE E 192 -39.03 63.97 28.12
C PHE E 192 -37.97 63.21 27.34
N THR E 193 -37.95 63.38 26.03
CA THR E 193 -36.95 62.74 25.16
C THR E 193 -36.61 63.70 24.03
N ILE E 194 -35.39 64.23 24.04
CA ILE E 194 -34.95 65.19 23.03
C ILE E 194 -34.18 64.45 21.95
N SER E 195 -34.26 64.98 20.73
CA SER E 195 -33.59 64.37 19.59
C SER E 195 -33.14 65.47 18.65
N ALA E 196 -32.37 65.07 17.63
CA ALA E 196 -31.85 66.03 16.67
C ALA E 196 -31.86 65.42 15.27
N ASP E 197 -32.37 66.20 14.32
CA ASP E 197 -32.28 65.87 12.90
C ASP E 197 -31.01 66.53 12.36
N THR E 198 -30.03 65.69 12.02
CA THR E 198 -28.76 66.21 11.49
C THR E 198 -28.91 66.76 10.09
N SER E 199 -29.79 66.15 9.29
CA SER E 199 -29.97 66.60 7.91
C SER E 199 -30.60 67.98 7.87
N LYS E 200 -31.67 68.20 8.63
CA LYS E 200 -32.31 69.51 8.70
C LYS E 200 -31.70 70.41 9.75
N ASN E 201 -30.76 69.92 10.54
CA ASN E 201 -30.13 70.68 11.62
C ASN E 201 -31.18 71.27 12.56
N THR E 202 -31.94 70.37 13.18
CA THR E 202 -33.08 70.78 14.00
C THR E 202 -33.06 69.98 15.30
N ALA E 203 -33.59 70.57 16.36
CA ALA E 203 -33.69 69.91 17.65
C ALA E 203 -35.14 69.82 18.10
N TYR E 204 -35.48 68.73 18.78
CA TYR E 204 -36.84 68.46 19.23
C TYR E 204 -36.82 68.06 20.70
N LEU E 205 -37.84 68.51 21.44
CA LEU E 205 -37.99 68.23 22.86
C LEU E 205 -38.98 67.11 23.16
N GLN E 206 -40.11 67.08 22.46
CA GLN E 206 -41.05 65.96 22.49
C GLN E 206 -41.55 65.69 23.91
N MET E 207 -42.30 66.66 24.44
CA MET E 207 -43.03 66.42 25.68
C MET E 207 -44.08 65.35 25.45
N ASN E 208 -44.19 64.42 26.41
CA ASN E 208 -45.20 63.38 26.37
C ASN E 208 -46.23 63.51 27.49
N SER E 209 -45.77 63.56 28.74
CA SER E 209 -46.64 63.75 29.90
C SER E 209 -46.31 65.09 30.54
N LEU E 210 -47.31 65.93 30.69
CA LEU E 210 -47.14 67.30 31.18
C LEU E 210 -47.68 67.39 32.61
N ARG E 211 -46.74 67.54 33.54
CA ARG E 211 -47.11 67.61 34.99
C ARG E 211 -47.36 69.07 35.38
N ALA E 212 -47.46 69.35 36.67
CA ALA E 212 -47.85 70.68 37.15
C ALA E 212 -46.80 71.74 36.82
N GLU E 213 -45.52 71.38 36.89
CA GLU E 213 -44.44 72.37 36.80
C GLU E 213 -43.96 72.59 35.37
N ASP E 214 -44.79 72.28 34.37
CA ASP E 214 -44.39 72.42 32.97
C ASP E 214 -44.84 73.74 32.35
N THR E 215 -45.44 74.64 33.13
CA THR E 215 -45.82 75.96 32.63
C THR E 215 -44.61 76.88 32.75
N ALA E 216 -44.02 77.24 31.61
CA ALA E 216 -42.76 77.96 31.63
C ALA E 216 -42.50 78.57 30.26
N VAL E 217 -41.29 79.12 30.10
CA VAL E 217 -40.75 79.53 28.82
C VAL E 217 -39.55 78.63 28.54
N TYR E 218 -39.52 78.04 27.35
CA TYR E 218 -38.53 77.02 27.01
C TYR E 218 -37.51 77.60 26.06
N TYR E 219 -36.23 77.55 26.48
CA TYR E 219 -35.11 78.07 25.72
C TYR E 219 -34.26 76.95 25.15
N CYS E 220 -33.88 77.13 23.88
CA CYS E 220 -33.03 76.21 23.14
C CYS E 220 -31.65 76.85 23.01
N ALA E 221 -30.60 76.11 23.37
CA ALA E 221 -29.26 76.69 23.40
C ALA E 221 -28.26 75.73 22.77
N ARG E 222 -27.10 76.29 22.44
CA ARG E 222 -26.02 75.57 21.78
C ARG E 222 -24.72 75.81 22.51
N SER E 223 -23.87 74.79 22.58
CA SER E 223 -22.57 74.89 23.23
C SER E 223 -21.52 74.21 22.36
N ARG E 224 -20.26 74.61 22.57
CA ARG E 224 -19.17 74.05 21.80
C ARG E 224 -18.88 72.61 22.22
N GLN E 225 -18.19 71.89 21.35
CA GLN E 225 -17.80 70.50 21.59
C GLN E 225 -16.30 70.43 21.83
N PHE E 226 -15.90 69.51 22.72
CA PHE E 226 -14.53 69.30 23.17
C PHE E 226 -14.10 70.43 24.11
N TRP E 227 -14.96 71.44 24.26
CA TRP E 227 -14.69 72.61 25.08
C TRP E 227 -16.00 73.27 25.45
N TYR E 228 -16.17 73.60 26.72
CA TYR E 228 -17.36 74.29 27.19
C TYR E 228 -16.96 75.69 27.64
N SER E 229 -17.51 76.70 26.97
CA SER E 229 -17.28 78.09 27.32
C SER E 229 -18.60 78.80 27.61
N GLY E 230 -19.55 78.06 28.15
CA GLY E 230 -20.89 78.58 28.38
C GLY E 230 -21.82 78.32 27.22
N LEU E 231 -23.11 78.50 27.49
CA LEU E 231 -24.13 78.37 26.46
C LEU E 231 -24.07 79.63 25.62
N ASP E 232 -23.22 79.61 24.59
CA ASP E 232 -22.91 80.82 23.85
C ASP E 232 -24.14 81.41 23.17
N TYR E 233 -24.86 80.60 22.41
CA TYR E 233 -25.97 81.07 21.60
C TYR E 233 -27.28 80.53 22.16
N TRP E 234 -28.30 81.38 22.19
CA TRP E 234 -29.60 81.05 22.75
C TRP E 234 -30.68 81.25 21.69
N GLY E 235 -31.75 80.46 21.81
CA GLY E 235 -32.87 80.53 20.90
C GLY E 235 -34.05 81.23 21.56
N GLN E 236 -34.92 81.80 20.73
CA GLN E 236 -36.09 82.50 21.23
C GLN E 236 -37.00 81.52 21.97
N GLY E 237 -37.09 81.71 23.29
CA GLY E 237 -37.88 80.79 24.09
C GLY E 237 -39.35 80.85 23.74
N THR E 238 -40.02 79.71 23.85
CA THR E 238 -41.44 79.60 23.55
C THR E 238 -42.23 79.48 24.85
N LEU E 239 -43.37 80.16 24.89
CA LEU E 239 -44.21 80.23 26.08
C LEU E 239 -45.20 79.08 26.05
N VAL E 240 -45.18 78.22 27.07
CA VAL E 240 -46.06 77.07 27.14
C VAL E 240 -46.96 77.23 28.36
N THR E 241 -48.26 77.03 28.17
CA THR E 241 -49.26 77.12 29.24
C THR E 241 -50.07 75.83 29.25
N VAL E 242 -49.69 74.91 30.13
CA VAL E 242 -50.25 73.57 30.17
C VAL E 242 -50.68 73.25 31.59
N SER E 243 -51.01 71.99 31.86
CA SER E 243 -51.36 71.57 33.24
C SER E 243 -52.58 72.35 33.74
N SER E 244 -53.69 72.31 32.99
CA SER E 244 -54.93 72.98 33.39
C SER E 244 -54.69 74.46 33.70
N GLY F 2 26.55 51.92 57.51
CA GLY F 2 27.62 52.13 58.46
C GLY F 2 27.47 51.34 59.74
N ASP F 3 28.59 51.08 60.41
CA ASP F 3 28.55 50.33 61.66
C ASP F 3 27.97 51.18 62.78
N ILE F 4 27.20 50.54 63.66
CA ILE F 4 26.59 51.25 64.77
C ILE F 4 27.67 51.61 65.78
N GLN F 5 27.72 52.88 66.16
CA GLN F 5 28.69 53.35 67.15
C GLN F 5 28.10 53.20 68.54
N MET F 6 28.79 52.46 69.40
CA MET F 6 28.33 52.20 70.76
C MET F 6 29.25 52.96 71.71
N THR F 7 28.69 53.96 72.41
CA THR F 7 29.47 54.86 73.24
C THR F 7 29.14 54.61 74.71
N GLN F 8 30.16 54.28 75.50
CA GLN F 8 30.00 54.10 76.94
C GLN F 8 30.57 55.33 77.64
N SER F 9 29.72 56.01 78.43
CA SER F 9 30.11 57.32 78.96
C SER F 9 31.20 57.21 80.02
N PRO F 10 31.03 56.46 81.11
CA PRO F 10 32.10 56.39 82.11
C PRO F 10 33.22 55.48 81.64
N SER F 11 34.46 55.93 81.86
CA SER F 11 35.64 55.13 81.55
C SER F 11 36.31 54.55 82.80
N SER F 12 36.13 55.18 83.95
CA SER F 12 36.62 54.65 85.21
C SER F 12 35.67 55.08 86.31
N LEU F 13 35.70 54.34 87.42
CA LEU F 13 34.83 54.60 88.55
C LEU F 13 35.59 54.38 89.86
N SER F 14 35.23 55.15 90.87
CA SER F 14 35.80 54.96 92.20
C SER F 14 35.28 53.67 92.84
N ALA F 15 33.96 53.57 92.97
CA ALA F 15 33.28 52.31 93.28
C ALA F 15 33.78 51.69 94.58
N SER F 16 33.53 52.39 95.69
CA SER F 16 33.77 51.82 97.00
C SER F 16 32.83 50.65 97.25
N VAL F 17 33.28 49.69 98.07
CA VAL F 17 32.50 48.49 98.32
C VAL F 17 31.17 48.85 98.97
N GLY F 18 30.08 48.28 98.44
CA GLY F 18 28.74 48.54 98.89
C GLY F 18 28.01 49.59 98.09
N ASP F 19 28.74 50.40 97.32
CA ASP F 19 28.13 51.49 96.56
C ASP F 19 27.25 50.94 95.45
N ARG F 20 26.36 51.79 94.95
CA ARG F 20 25.47 51.48 93.84
C ARG F 20 26.09 52.02 92.56
N VAL F 21 26.34 51.14 91.60
CA VAL F 21 27.07 51.47 90.38
C VAL F 21 26.08 51.47 89.22
N THR F 22 26.13 52.52 88.40
CA THR F 22 25.25 52.66 87.25
C THR F 22 26.10 53.02 86.03
N ILE F 23 26.16 52.12 85.06
CA ILE F 23 26.95 52.31 83.85
C ILE F 23 25.99 52.52 82.68
N THR F 24 26.39 53.36 81.74
CA THR F 24 25.52 53.79 80.65
C THR F 24 26.16 53.47 79.30
N CYS F 25 25.31 53.14 78.33
CA CYS F 25 25.72 52.81 76.97
C CYS F 25 24.75 53.47 76.01
N ARG F 26 25.22 53.92 74.87
CA ARG F 26 24.36 54.61 73.92
C ARG F 26 24.65 54.15 72.50
N ALA F 27 23.59 53.93 71.73
CA ALA F 27 23.71 53.48 70.35
C ALA F 27 23.43 54.64 69.41
N SER F 28 24.23 54.74 68.34
CA SER F 28 24.03 55.81 67.37
C SER F 28 22.73 55.64 66.60
N GLN F 29 22.22 54.42 66.50
CA GLN F 29 20.97 54.13 65.82
C GLN F 29 20.17 53.14 66.64
N SER F 30 18.87 53.09 66.36
CA SER F 30 17.99 52.16 67.07
C SER F 30 18.40 50.72 66.78
N VAL F 31 18.57 49.94 67.83
CA VAL F 31 18.94 48.53 67.73
C VAL F 31 17.93 47.63 68.44
N SER F 32 16.72 48.15 68.66
CA SER F 32 15.66 47.44 69.37
C SER F 32 16.20 47.08 70.75
N SER F 33 16.01 45.85 71.23
CA SER F 33 16.52 45.42 72.53
C SER F 33 17.68 44.44 72.40
N ALA F 34 18.33 44.41 71.24
CA ALA F 34 19.41 43.45 70.97
C ALA F 34 20.72 44.02 71.50
N VAL F 35 20.87 43.97 72.83
CA VAL F 35 22.06 44.48 73.50
C VAL F 35 22.44 43.51 74.61
N ALA F 36 23.74 43.27 74.75
CA ALA F 36 24.28 42.35 75.74
C ALA F 36 25.43 43.03 76.49
N TRP F 37 25.69 42.53 77.69
CA TRP F 37 26.74 43.05 78.56
C TRP F 37 27.72 41.93 78.91
N TYR F 38 29.01 42.27 78.95
CA TYR F 38 30.05 41.30 79.24
C TYR F 38 30.99 41.85 80.32
N GLN F 39 31.56 40.94 81.11
CA GLN F 39 32.52 41.28 82.16
C GLN F 39 33.84 40.56 81.88
N GLN F 40 34.93 41.32 81.93
CA GLN F 40 36.26 40.77 81.68
C GLN F 40 37.22 41.20 82.78
N LYS F 41 38.01 40.24 83.25
CA LYS F 41 39.05 40.44 84.26
C LYS F 41 40.42 40.29 83.62
N PRO F 42 41.45 40.94 84.18
CA PRO F 42 42.75 40.99 83.50
C PRO F 42 43.31 39.60 83.24
N GLY F 43 43.82 39.40 82.02
CA GLY F 43 44.42 38.14 81.65
C GLY F 43 43.45 36.99 81.50
N LYS F 44 42.21 37.27 81.10
CA LYS F 44 41.21 36.23 81.02
C LYS F 44 40.12 36.67 80.04
N ALA F 45 39.33 35.70 79.57
CA ALA F 45 38.29 35.94 78.59
C ALA F 45 37.02 36.50 79.24
N PRO F 46 36.20 37.20 78.47
CA PRO F 46 34.97 37.77 79.02
C PRO F 46 33.94 36.71 79.41
N LYS F 47 32.93 37.15 80.15
CA LYS F 47 31.79 36.33 80.52
C LYS F 47 30.51 37.09 80.22
N LEU F 48 29.50 36.38 79.74
CA LEU F 48 28.20 36.99 79.45
C LEU F 48 27.42 37.21 80.74
N LEU F 49 26.80 38.38 80.86
CA LEU F 49 25.95 38.71 82.00
C LEU F 49 24.49 38.89 81.62
N ILE F 50 24.20 39.76 80.67
CA ILE F 50 22.84 40.15 80.33
C ILE F 50 22.66 40.14 78.82
N TYR F 51 21.56 39.57 78.35
CA TYR F 51 21.17 39.64 76.95
C TYR F 51 19.74 40.14 76.84
N SER F 52 19.39 40.61 75.65
CA SER F 52 18.10 41.23 75.36
C SER F 52 17.87 42.49 76.19
N ALA F 53 18.93 43.02 76.79
CA ALA F 53 18.97 44.30 77.49
C ALA F 53 18.23 44.24 78.83
N SER F 54 17.54 43.15 79.10
CA SER F 54 16.92 42.95 80.41
C SER F 54 17.10 41.56 80.99
N SER F 55 17.36 40.53 80.19
CA SER F 55 17.40 39.16 80.68
C SER F 55 18.76 38.84 81.29
N LEU F 56 18.75 38.06 82.36
CA LEU F 56 19.94 37.68 83.08
C LEU F 56 20.39 36.28 82.66
N TYR F 57 21.68 36.13 82.41
CA TYR F 57 22.23 34.82 82.05
C TYR F 57 22.21 33.89 83.26
N SER F 58 22.17 32.59 82.98
CA SER F 58 22.10 31.60 84.04
C SER F 58 23.36 31.62 84.90
N GLY F 59 23.17 31.58 86.21
CA GLY F 59 24.26 31.61 87.15
C GLY F 59 24.77 32.98 87.51
N VAL F 60 24.21 34.04 86.92
CA VAL F 60 24.63 35.41 87.20
C VAL F 60 23.86 35.93 88.42
N PRO F 61 24.54 36.47 89.43
CA PRO F 61 23.84 36.92 90.63
C PRO F 61 22.82 38.01 90.33
N SER F 62 21.77 38.05 91.16
CA SER F 62 20.67 38.99 90.96
C SER F 62 21.05 40.42 91.30
N ARG F 63 22.30 40.68 91.68
CA ARG F 63 22.76 42.06 91.81
C ARG F 63 22.67 42.78 90.48
N PHE F 64 23.12 42.13 89.41
CA PHE F 64 23.19 42.76 88.11
C PHE F 64 21.80 42.92 87.49
N SER F 65 21.56 44.07 86.87
CA SER F 65 20.31 44.32 86.18
C SER F 65 20.60 45.22 84.98
N GLY F 66 19.74 45.14 83.98
CA GLY F 66 19.88 45.95 82.79
C GLY F 66 18.55 46.56 82.39
N SER F 67 18.63 47.66 81.65
CA SER F 67 17.43 48.37 81.25
C SER F 67 17.66 49.12 79.96
N ARG F 68 16.57 49.39 79.25
CA ARG F 68 16.56 50.17 78.03
C ARG F 68 15.43 51.18 78.09
N SER F 69 15.71 52.42 77.70
CA SER F 69 14.68 53.44 77.62
C SER F 69 14.42 53.90 76.20
N GLY F 70 15.43 54.41 75.51
CA GLY F 70 15.32 54.70 74.09
C GLY F 70 16.35 53.91 73.31
N THR F 71 17.35 54.62 72.79
CA THR F 71 18.59 54.01 72.33
C THR F 71 19.64 53.99 73.43
N ASP F 72 19.26 54.37 74.64
CA ASP F 72 20.17 54.42 75.78
C ASP F 72 19.92 53.22 76.67
N PHE F 73 21.00 52.53 77.05
CA PHE F 73 20.94 51.30 77.82
C PHE F 73 21.74 51.48 79.10
N THR F 74 21.34 50.75 80.14
CA THR F 74 21.91 50.96 81.46
C THR F 74 22.14 49.62 82.15
N LEU F 75 23.26 49.53 82.86
CA LEU F 75 23.60 48.37 83.68
C LEU F 75 23.78 48.82 85.13
N THR F 76 23.33 48.00 86.06
CA THR F 76 23.40 48.31 87.48
C THR F 76 23.85 47.08 88.25
N ILE F 77 24.62 47.30 89.31
CA ILE F 77 25.01 46.25 90.23
C ILE F 77 24.27 46.36 91.56
N SER F 78 24.12 47.58 92.07
CA SER F 78 23.24 47.91 93.20
C SER F 78 23.79 47.39 94.53
N SER F 79 24.84 46.58 94.48
CA SER F 79 25.58 46.20 95.69
C SER F 79 26.95 45.71 95.24
N LEU F 80 27.97 46.51 95.48
CA LEU F 80 29.30 46.14 95.02
C LEU F 80 29.93 45.13 95.96
N GLN F 81 30.73 44.23 95.39
CA GLN F 81 31.43 43.18 96.09
C GLN F 81 32.87 43.14 95.65
N PRO F 82 33.76 42.54 96.44
CA PRO F 82 35.18 42.50 96.06
C PRO F 82 35.46 41.86 94.71
N GLU F 83 34.62 40.93 94.27
CA GLU F 83 34.86 40.19 93.03
C GLU F 83 34.30 40.90 91.80
N ASP F 84 33.79 42.12 91.96
CA ASP F 84 33.16 42.84 90.85
C ASP F 84 34.07 43.89 90.22
N PHE F 85 35.35 43.92 90.58
CA PHE F 85 36.28 44.90 90.04
C PHE F 85 36.82 44.35 88.72
N ALA F 86 36.28 44.83 87.61
CA ALA F 86 36.63 44.33 86.29
C ALA F 86 36.29 45.39 85.26
N THR F 87 36.33 45.01 83.99
CA THR F 87 35.94 45.88 82.88
C THR F 87 34.64 45.37 82.27
N TYR F 88 33.78 46.28 81.86
CA TYR F 88 32.43 45.94 81.41
C TYR F 88 32.21 46.46 80.00
N TYR F 89 31.80 45.57 79.10
CA TYR F 89 31.63 45.88 77.69
C TYR F 89 30.16 45.76 77.29
N CYS F 90 29.73 46.66 76.40
CA CYS F 90 28.37 46.74 75.91
C CYS F 90 28.37 46.42 74.42
N GLN F 91 27.51 45.48 74.01
CA GLN F 91 27.51 44.99 72.63
C GLN F 91 26.10 45.04 72.06
N GLN F 92 25.99 45.39 70.78
CA GLN F 92 24.75 45.25 70.04
C GLN F 92 24.90 44.15 69.00
N TYR F 93 23.81 43.44 68.73
CA TYR F 93 23.89 42.36 67.75
C TYR F 93 22.68 42.35 66.82
N LYS F 94 22.07 43.50 66.57
CA LYS F 94 20.97 43.57 65.62
C LYS F 94 21.46 43.54 64.18
N TYR F 95 22.66 44.03 63.92
CA TYR F 95 23.24 44.08 62.59
C TYR F 95 24.57 43.34 62.57
N VAL F 96 24.99 42.95 61.36
CA VAL F 96 26.08 41.97 61.23
C VAL F 96 27.36 42.44 61.90
N PRO F 97 27.86 43.68 61.67
CA PRO F 97 28.98 44.16 62.50
C PRO F 97 28.50 44.43 63.91
N VAL F 98 28.92 43.60 64.87
CA VAL F 98 28.34 43.67 66.20
C VAL F 98 28.77 44.94 66.93
N THR F 99 30.02 45.35 66.76
CA THR F 99 30.51 46.65 67.25
C THR F 99 30.29 46.79 68.76
N PHE F 100 31.05 45.98 69.50
CA PHE F 100 31.10 46.13 70.94
C PHE F 100 31.40 47.58 71.33
N GLY F 101 30.75 48.04 72.39
CA GLY F 101 31.12 49.32 72.96
C GLY F 101 32.38 49.20 73.77
N CYS F 102 33.04 50.33 73.99
CA CYS F 102 34.38 50.29 74.55
C CYS F 102 34.27 50.30 76.08
N GLY F 103 35.18 49.59 76.73
CA GLY F 103 34.94 49.15 78.09
C GLY F 103 34.95 50.27 79.12
N THR F 104 34.37 49.96 80.27
CA THR F 104 34.37 50.82 81.45
C THR F 104 35.07 50.06 82.58
N LYS F 105 36.18 50.59 83.06
CA LYS F 105 36.99 49.90 84.06
C LYS F 105 36.56 50.34 85.45
N VAL F 106 36.18 49.37 86.29
CA VAL F 106 35.77 49.62 87.66
C VAL F 106 36.94 49.29 88.57
N GLU F 107 37.42 50.27 89.32
CA GLU F 107 38.60 50.14 90.14
C GLU F 107 38.25 50.16 91.62
N ILE F 108 39.18 49.68 92.44
CA ILE F 108 38.97 49.62 93.88
C ILE F 108 39.19 51.00 94.51
N VAL F 136 56.12 36.97 64.08
CA VAL F 136 55.76 36.74 62.69
C VAL F 136 56.08 37.97 61.85
N GLN F 137 56.67 37.74 60.67
CA GLN F 137 57.05 38.82 59.79
C GLN F 137 55.81 39.50 59.22
N PRO F 138 55.93 40.75 58.75
CA PRO F 138 54.76 41.47 58.25
C PRO F 138 54.01 40.73 57.13
N GLY F 139 54.73 40.05 56.24
CA GLY F 139 54.08 39.38 55.14
C GLY F 139 53.85 37.90 55.34
N GLY F 140 53.93 37.44 56.58
CA GLY F 140 53.79 36.04 56.89
C GLY F 140 52.34 35.60 57.03
N SER F 141 52.18 34.31 57.28
CA SER F 141 50.87 33.69 57.46
C SER F 141 50.87 32.87 58.74
N LEU F 142 49.68 32.68 59.30
CA LEU F 142 49.54 31.98 60.57
C LEU F 142 48.19 31.28 60.60
N ARG F 143 48.09 30.27 61.46
CA ARG F 143 46.87 29.48 61.63
C ARG F 143 46.58 29.31 63.12
N LEU F 144 45.32 29.50 63.49
CA LEU F 144 44.86 29.31 64.85
C LEU F 144 43.77 28.24 64.89
N SER F 145 43.78 27.44 65.95
CA SER F 145 42.84 26.34 66.10
C SER F 145 41.96 26.58 67.32
N CYS F 146 40.70 26.16 67.21
CA CYS F 146 39.69 26.36 68.24
C CYS F 146 38.97 25.04 68.43
N ALA F 147 39.29 24.33 69.52
CA ALA F 147 38.75 23.00 69.80
C ALA F 147 37.60 23.14 70.80
N ALA F 148 36.39 22.84 70.35
CA ALA F 148 35.18 22.99 71.16
C ALA F 148 34.57 21.62 71.42
N SER F 149 34.31 21.31 72.68
CA SER F 149 33.74 20.04 73.10
C SER F 149 32.34 20.29 73.64
N GLY F 150 31.37 19.52 73.15
CA GLY F 150 29.99 19.67 73.55
C GLY F 150 29.13 20.50 72.62
N PHE F 151 29.69 21.01 71.53
CA PHE F 151 28.95 21.83 70.58
C PHE F 151 29.07 21.24 69.18
N ASN F 152 28.03 21.44 68.39
CA ASN F 152 28.00 21.02 66.99
C ASN F 152 27.95 22.26 66.09
N VAL F 153 28.48 22.11 64.88
CA VAL F 153 28.58 23.26 63.98
C VAL F 153 27.24 23.62 63.36
N TYR F 154 26.25 22.72 63.39
CA TYR F 154 24.95 22.99 62.80
C TYR F 154 23.93 23.51 63.80
N SER F 155 24.22 23.45 65.10
CA SER F 155 23.39 24.08 66.12
C SER F 155 24.10 25.22 66.81
N SER F 156 25.27 25.63 66.31
CA SER F 156 26.04 26.72 66.88
C SER F 156 26.59 27.58 65.76
N SER F 157 26.94 28.82 66.10
CA SER F 157 27.66 29.72 65.22
C SER F 157 28.98 30.07 65.89
N ILE F 158 30.07 30.03 65.11
CA ILE F 158 31.42 30.14 65.65
C ILE F 158 32.02 31.47 65.19
N HIS F 159 32.55 32.24 66.14
CA HIS F 159 33.06 33.57 65.86
C HIS F 159 34.50 33.70 66.35
N TRP F 160 35.24 34.56 65.68
CA TRP F 160 36.59 34.95 66.05
C TRP F 160 36.60 36.44 66.34
N VAL F 161 37.09 36.80 67.53
CA VAL F 161 37.10 38.16 68.04
C VAL F 161 38.53 38.54 68.41
N ARG F 162 38.82 39.84 68.35
CA ARG F 162 40.17 40.35 68.53
C ARG F 162 40.19 41.38 69.66
N GLN F 163 41.34 41.49 70.32
CA GLN F 163 41.56 42.55 71.30
C GLN F 163 43.02 42.98 71.24
N ALA F 164 43.25 44.24 70.83
CA ALA F 164 44.59 44.76 70.73
C ALA F 164 45.16 45.07 72.10
N PRO F 165 46.49 45.10 72.24
CA PRO F 165 47.09 45.52 73.51
C PRO F 165 46.71 46.94 73.87
N GLY F 166 46.06 47.10 75.01
CA GLY F 166 45.58 48.41 75.43
C GLY F 166 44.51 49.00 74.53
N LYS F 167 43.56 48.18 74.08
CA LYS F 167 42.43 48.68 73.30
C LYS F 167 41.31 47.64 73.41
N CYS F 168 40.08 48.11 73.32
CA CYS F 168 38.89 47.31 73.60
C CYS F 168 38.47 46.48 72.38
N LEU F 169 37.43 45.67 72.56
CA LEU F 169 37.18 44.49 71.73
C LEU F 169 36.77 44.88 70.30
N GLU F 170 36.91 43.90 69.40
CA GLU F 170 36.58 44.06 67.99
C GLU F 170 36.39 42.69 67.37
N TRP F 171 35.26 42.50 66.69
CA TRP F 171 34.91 41.21 66.10
C TRP F 171 35.55 41.06 64.72
N VAL F 172 36.09 39.87 64.46
CA VAL F 172 36.81 39.61 63.22
C VAL F 172 35.93 38.86 62.23
N ALA F 173 35.44 37.69 62.61
CA ALA F 173 34.76 36.87 61.60
C ALA F 173 33.77 35.92 62.26
N SER F 174 32.87 35.37 61.44
CA SER F 174 31.82 34.50 61.94
C SER F 174 31.44 33.47 60.88
N ILE F 175 31.01 32.29 61.33
CA ILE F 175 30.56 31.22 60.45
C ILE F 175 29.33 30.55 61.06
N SER F 176 28.36 30.22 60.19
CA SER F 176 27.15 29.51 60.55
C SER F 176 26.91 28.44 59.50
N SER F 177 27.09 27.17 59.87
CA SER F 177 27.10 26.07 58.91
C SER F 177 25.71 25.50 58.62
N TYR F 178 24.71 25.80 59.44
CA TYR F 178 23.36 25.32 59.14
C TYR F 178 22.82 25.95 57.87
N TYR F 179 23.10 27.24 57.66
CA TYR F 179 22.63 27.96 56.48
C TYR F 179 23.72 28.21 55.45
N GLY F 180 24.98 28.05 55.82
CA GLY F 180 26.09 28.30 54.91
C GLY F 180 26.67 29.70 54.98
N TYR F 181 26.34 30.48 56.00
CA TYR F 181 26.80 31.85 56.09
C TYR F 181 28.24 31.92 56.57
N THR F 182 29.01 32.84 55.98
CA THR F 182 30.33 33.19 56.48
C THR F 182 30.52 34.68 56.30
N TYR F 183 30.99 35.36 57.34
CA TYR F 183 31.12 36.80 57.36
C TYR F 183 32.48 37.20 57.88
N TYR F 184 33.01 38.28 57.32
CA TYR F 184 34.31 38.82 57.71
C TYR F 184 34.20 40.32 57.90
N ALA F 185 35.09 40.87 58.72
CA ALA F 185 35.16 42.31 58.90
C ALA F 185 35.66 42.98 57.63
N ASP F 186 35.16 44.20 57.39
CA ASP F 186 35.61 44.95 56.21
C ASP F 186 37.09 45.21 56.24
N SER F 187 37.67 45.36 57.45
CA SER F 187 39.11 45.59 57.55
C SER F 187 39.91 44.39 57.05
N VAL F 188 39.46 43.16 57.38
CA VAL F 188 40.24 41.97 57.12
C VAL F 188 39.70 41.18 55.92
N LYS F 189 38.78 41.75 55.15
CA LYS F 189 38.25 41.06 53.98
C LYS F 189 39.36 40.79 52.98
N GLY F 190 39.35 39.58 52.42
CA GLY F 190 40.34 39.17 51.44
C GLY F 190 41.60 38.58 52.01
N ARG F 191 41.76 38.56 53.33
CA ARG F 191 42.95 37.99 53.96
C ARG F 191 42.65 36.89 54.96
N PHE F 192 41.43 36.81 55.49
CA PHE F 192 41.06 35.82 56.49
C PHE F 192 39.98 34.91 55.90
N THR F 193 39.92 33.67 56.40
CA THR F 193 38.88 32.74 55.98
C THR F 193 38.65 31.69 57.06
N ILE F 194 37.40 31.55 57.50
CA ILE F 194 37.05 30.56 58.52
C ILE F 194 36.79 29.22 57.86
N SER F 195 37.25 28.15 58.52
CA SER F 195 36.84 26.80 58.19
C SER F 195 36.42 26.10 59.48
N ALA F 196 35.42 25.24 59.36
CA ALA F 196 34.96 24.42 60.48
C ALA F 196 35.03 22.95 60.08
N ASP F 197 35.34 22.10 61.05
CA ASP F 197 35.45 20.66 60.82
C ASP F 197 34.38 19.97 61.64
N THR F 198 33.40 19.37 60.97
CA THR F 198 32.34 18.65 61.67
C THR F 198 32.87 17.37 62.31
N SER F 199 33.83 16.71 61.65
CA SER F 199 34.36 15.46 62.18
C SER F 199 35.11 15.67 63.49
N LYS F 200 35.88 16.76 63.59
CA LYS F 200 36.73 16.99 64.74
C LYS F 200 36.26 18.14 65.63
N ASN F 201 35.22 18.86 65.24
CA ASN F 201 34.70 20.00 66.00
C ASN F 201 35.79 21.04 66.26
N THR F 202 36.55 21.34 65.21
CA THR F 202 37.65 22.29 65.29
C THR F 202 37.44 23.42 64.30
N ALA F 203 37.67 24.65 64.74
CA ALA F 203 37.56 25.84 63.90
C ALA F 203 38.95 26.40 63.62
N TYR F 204 39.11 26.98 62.42
CA TYR F 204 40.37 27.54 61.99
C TYR F 204 40.18 28.96 61.51
N LEU F 205 41.26 29.74 61.52
CA LEU F 205 41.24 31.13 61.07
C LEU F 205 42.10 31.35 59.83
N GLN F 206 43.33 30.84 59.81
CA GLN F 206 44.18 30.85 58.62
C GLN F 206 44.39 32.28 58.10
N MET F 207 45.05 33.07 58.94
CA MET F 207 45.40 34.44 58.60
C MET F 207 46.53 34.45 57.60
N ASN F 208 46.24 34.83 56.36
CA ASN F 208 47.22 34.72 55.27
C ASN F 208 48.02 35.99 55.07
N SER F 209 47.35 37.10 54.78
CA SER F 209 48.01 38.37 54.53
C SER F 209 47.98 39.17 55.82
N LEU F 210 49.15 39.57 56.30
CA LEU F 210 49.28 40.23 57.59
C LEU F 210 49.77 41.67 57.42
N ARG F 211 49.50 42.47 58.44
CA ARG F 211 49.98 43.85 58.51
C ARG F 211 50.61 44.08 59.87
N ALA F 212 50.95 45.34 60.17
CA ALA F 212 51.53 45.69 61.45
C ALA F 212 50.48 45.97 62.53
N GLU F 213 49.20 46.05 62.16
CA GLU F 213 48.13 46.33 63.09
C GLU F 213 47.35 45.09 63.49
N ASP F 214 47.84 43.90 63.12
CA ASP F 214 47.16 42.66 63.41
C ASP F 214 47.75 41.92 64.61
N THR F 215 48.61 42.57 65.39
CA THR F 215 49.13 41.98 66.62
C THR F 215 48.15 42.25 67.75
N ALA F 216 47.65 41.18 68.36
CA ALA F 216 46.56 41.28 69.33
C ALA F 216 46.42 39.95 70.05
N VAL F 217 45.33 39.82 70.80
CA VAL F 217 44.92 38.56 71.43
C VAL F 217 43.61 38.13 70.80
N TYR F 218 43.56 36.88 70.35
CA TYR F 218 42.43 36.35 69.59
C TYR F 218 41.63 35.37 70.43
N TYR F 219 40.32 35.52 70.41
CA TYR F 219 39.40 34.66 71.15
C TYR F 219 38.44 33.98 70.20
N CYS F 220 38.14 32.71 70.48
CA CYS F 220 37.13 31.94 69.78
C CYS F 220 35.89 31.86 70.65
N ALA F 221 34.72 32.13 70.07
CA ALA F 221 33.49 32.20 70.82
C ALA F 221 32.38 31.45 70.09
N ARG F 222 31.36 31.06 70.85
CA ARG F 222 30.25 30.27 70.36
C ARG F 222 28.93 30.96 70.69
N SER F 223 27.97 30.88 69.78
CA SER F 223 26.64 31.38 70.04
C SER F 223 25.60 30.37 69.58
N ARG F 224 24.42 30.41 70.20
CA ARG F 224 23.34 29.52 69.84
C ARG F 224 22.85 29.86 68.44
N GLN F 225 22.91 28.89 67.53
CA GLN F 225 22.74 29.19 66.11
C GLN F 225 21.36 29.76 65.81
N PHE F 226 20.31 29.07 66.25
CA PHE F 226 18.98 29.36 65.70
C PHE F 226 18.48 30.71 66.15
N TRP F 227 18.55 31.00 67.45
CA TRP F 227 18.10 32.28 67.96
C TRP F 227 19.20 32.84 68.85
N TYR F 228 19.78 33.95 68.41
CA TYR F 228 21.03 34.50 68.91
C TYR F 228 20.79 35.23 70.22
N SER F 229 21.21 34.62 71.33
CA SER F 229 21.12 35.29 72.62
C SER F 229 22.38 36.09 72.91
N GLY F 230 23.55 35.46 72.80
CA GLY F 230 24.80 36.13 73.04
C GLY F 230 25.95 35.15 72.91
N LEU F 231 27.15 35.68 73.07
CA LEU F 231 28.37 34.87 73.00
C LEU F 231 28.52 34.14 74.33
N ASP F 232 27.89 32.96 74.41
CA ASP F 232 27.81 32.23 75.67
C ASP F 232 29.17 31.74 76.13
N TYR F 233 29.91 31.08 75.26
CA TYR F 233 31.18 30.45 75.62
C TYR F 233 32.32 31.11 74.85
N TRP F 234 33.42 31.33 75.56
CA TRP F 234 34.64 31.92 75.00
C TRP F 234 35.81 30.99 75.28
N GLY F 235 36.76 30.98 74.35
CA GLY F 235 38.00 30.26 74.53
C GLY F 235 39.12 31.18 74.98
N GLN F 236 40.16 30.59 75.54
CA GLN F 236 41.30 31.37 75.99
C GLN F 236 42.00 32.04 74.80
N GLY F 237 42.60 33.19 75.06
CA GLY F 237 43.16 33.98 73.99
C GLY F 237 44.49 33.44 73.50
N THR F 238 44.79 33.78 72.25
CA THR F 238 46.07 33.47 71.62
C THR F 238 46.75 34.76 71.21
N LEU F 239 47.99 34.95 71.64
CA LEU F 239 48.72 36.19 71.40
C LEU F 239 49.43 36.09 70.05
N VAL F 240 48.97 36.89 69.09
CA VAL F 240 49.59 36.98 67.77
C VAL F 240 50.43 38.25 67.75
N THR F 241 51.75 38.09 67.59
CA THR F 241 52.70 39.18 67.65
C THR F 241 53.36 39.34 66.29
N VAL F 242 53.00 40.41 65.57
CA VAL F 242 53.67 40.80 64.33
C VAL F 242 54.45 42.10 64.51
N SER F 243 53.80 43.14 65.04
CA SER F 243 54.43 44.41 65.40
C SER F 243 55.39 44.89 64.32
N SER F 244 54.90 44.90 63.08
CA SER F 244 55.70 45.31 61.92
C SER F 244 56.99 44.51 61.82
N GLU G . 17.46 -57.48 -62.80
CA GLU G . 17.02 -57.24 -64.16
C GLU G . 15.50 -57.27 -64.25
O GLU G . 14.80 -57.41 -63.25
CB GLU G . 17.61 -58.27 -65.12
CG GLU G . 19.12 -58.21 -65.21
CD GLU G . 19.68 -59.24 -66.16
OE1 GLU G . 18.90 -60.09 -66.65
OE2 GLU G . 20.89 -59.21 -66.43
OXT GLU G . 14.93 -57.16 -65.33
N GLU H . -21.90 -67.75 -50.13
CA GLU H . -21.41 -69.08 -49.79
C GLU H . -19.89 -69.15 -49.92
O GLU H . -19.22 -68.14 -50.10
CB GLU H . -22.06 -70.13 -50.68
CG GLU H . -23.52 -69.89 -50.95
CD GLU H . -24.21 -71.09 -51.55
OE1 GLU H . -23.52 -71.93 -52.17
OE2 GLU H . -25.44 -71.20 -51.41
OXT GLU H . -19.31 -70.23 -49.84
#